data_8P9Y
#
_entry.id   8P9Y
#
_cell.length_a   1.00
_cell.length_b   1.00
_cell.length_c   1.00
_cell.angle_alpha   90.00
_cell.angle_beta   90.00
_cell.angle_gamma   90.00
#
_symmetry.space_group_name_H-M   'P 1'
#
loop_
_entity.id
_entity.type
_entity.pdbx_description
1 polymer 'Spike protein S1,Spike glycoprotein'
2 branched 2-acetamido-2-deoxy-beta-D-glucopyranose-(1-4)-2-acetamido-2-deoxy-beta-D-glucopyranose
3 non-polymer 2-acetamido-2-deoxy-beta-D-glucopyranose
4 non-polymer 'SODIUM ION'
5 non-polymer [(2~{S})-2-[[4-(2-azanylethanoylamino)-7-[[(2~{S})-3-[2-(4-nitrophenyl)sulfanyl-1~{H}-indol-3-yl]-1-oxidanylidene-1-sodiooxy-propan-2-yl]amino]-4-[3-[[(2~{S})-3-[2-(4-nitrophenyl)sulfanyl-1~{H}-indol-3-yl]-1-oxidanylidene-1-sodiooxy-propan-2-yl]amino]-3-oxidanylidene-propyl]-7-oxidanylidene-heptanoyl]amino]-3-[2-(4-nitrophenyl)sulfanyl-1~{H}-indol-3-yl]propanoyl]oxysodium
#
_entity_poly.entity_id   1
_entity_poly.type   'polypeptide(L)'
_entity_poly.pdbx_seq_one_letter_code
;MVSAIVLYVLLAAAAHSAFACVNLTTRTQLPPAYTNSFTRGVYYPDKVFRSSVLHSTQDLFLPFFSNVTWFHAIHVSGTN
GTKRFDNPVLPFNDGVYFASTEKSNIIRGWIFGTTLDSKTQSLLIVNNATNVVIKVCEFQFCNDPFLGVYYHKNNKSWME
SEFRVYSSANNCTFEYVSQPFLMDLEGKQGNFKNLREFVFKNIDGYFKIYSKHTPINLVRDLPQGFSALEPLVDLPIGIN
ITRFQTLLALHRSYLTPGDSSSGWTAGAAAYYVGYLQPRTFLLKYNENGTITDAVDCALDPLSETKCTLKSFTVEKGIYQ
TSNFRVQPTESIVRFPNITNLCPFGEVFNATRFASVYAWNRKRISNCVADYSVLYNSASFSTFKCYGVSPTKLNDLCFTN
VYADSFVIRGDEVRQIAPGQTGKIADYNYKLPDDFTGCVIAWNSNNLDSKVGGNYNYLYRLFRKSNLKPFERDISTEIYQ
AGSTPCNGVEGFNCYFPLQSYGFQPTNGVGYQPYRVVVLSFELLHAPATVCGPKKSTNLVKNKCVNFNFNGLTGTGVLTE
SNKKFLPFQQFGRDIADTTDAVRDPQTLEILDITPCSFGGVSVITPGTNTSNQVAVLYQGVNCTEVPVAIHADQLTPTWR
VYSTGSNVFQTRAGCLIGAEHVNNSYECDIPIGAGICASYQTQTNSPASVASQSIIAYTMSLGAENSVAYSNNSIAIPTN
FTISVTTEILPVSMTKTSVDCTMYICGDSTECSNLLLQYGSFCTQLNRALTGIAVEQDKNTQEVFAQVKQIYKTPPIKDF
GGFNFSQILPDPSKPSKRSFIEDLLFNKVTLADAGFIKQYGDCLGDIAARDLICAQKFNGLTVLPPLLTDEMIAQYTSAL
LAGTITSGWTFGAGAALQIPFAMQMAYRFNGIGVTQNVLYENQKLIANQFNSAIGKIQDSLSSTASALGKLQDVVNQNAQ
ALNTLVKQLSSNFGAISSVLNDILSRLDPPEAEVQIDRLITGRLQSLQTYVTQQLIRAAEIRASANLAATKMSECVLGQS
KRVDFCGKGYHLMSFPQSAPHGVVFLHVTYVPAQEKNFTTAPAICHDGKAHFPREGVFVSNGTHWFVTQRNFYEPQIITT
DNTFVSGNCDVVIGIVNNTVYDPLQPELDSFKEELDKYFKNHTSPDVDLGDISGINASVVNIQKEIDRLNEVAKNLNESL
IDLQELGKYEQYIKWPLVPRGSGYIPEAPRDGQAYVRKDGEWVFLSTFLSPHHHHHHHHHEQKLISEEDL
;
_entity_poly.pdbx_strand_id   A,B,C
#
loop_
_chem_comp.id
_chem_comp.type
_chem_comp.name
_chem_comp.formula
NA non-polymer 'SODIUM ION' 'Na 1'
NAG D-saccharide, beta linking 2-acetamido-2-deoxy-beta-D-glucopyranose 'C8 H15 N O6'
XIO non-polymer [(2~{S})-2-[[4-(2-azanylethanoylamino)-7-[[(2~{S})-3-[2-(4-nitrophenyl)sulfanyl-1~{H}-indol-3-yl]-1-oxidanylidene-1-sodiooxy-propan-2-yl]amino]-4-[3-[[(2~{S})-3-[2-(4-nitrophenyl)sulfanyl-1~{H}-indol-3-yl]-1-oxidanylidene-1-sodiooxy-propan-2-yl]amino]-3-oxidanylidene-propyl]-7-oxidanylidene-heptanoyl]amino]-3-[2-(4-nitrophenyl)sulfanyl-1~{H}-indol-3-yl]propanoyl]oxysodium 'C63 H59 N11 O16 S3'
#
# COMPACT_ATOMS: atom_id res chain seq x y z
N CYS A 21 44.24 -25.41 -54.10
CA CYS A 21 43.81 -26.42 -53.11
C CYS A 21 43.38 -27.73 -53.75
N VAL A 22 43.64 -28.82 -53.04
CA VAL A 22 43.28 -30.15 -53.53
C VAL A 22 41.77 -30.36 -53.48
N ASN A 23 41.25 -31.16 -54.41
CA ASN A 23 39.80 -31.43 -54.46
C ASN A 23 39.50 -32.93 -54.36
N LEU A 24 38.22 -33.28 -54.46
CA LEU A 24 37.75 -34.65 -54.44
C LEU A 24 36.69 -34.79 -55.51
N THR A 25 36.59 -35.99 -56.07
CA THR A 25 35.72 -36.24 -57.24
C THR A 25 34.58 -37.26 -57.01
N THR A 26 33.65 -37.27 -57.98
CA THR A 26 32.48 -38.20 -58.08
C THR A 26 31.43 -38.16 -56.97
N ARG A 27 31.14 -36.97 -56.47
CA ARG A 27 30.19 -36.80 -55.37
C ARG A 27 28.72 -36.86 -55.84
N THR A 28 27.87 -37.40 -54.97
CA THR A 28 26.44 -37.57 -55.24
C THR A 28 25.63 -36.43 -54.62
N GLN A 29 24.82 -35.76 -55.43
CA GLN A 29 23.96 -34.66 -54.99
C GLN A 29 22.54 -35.14 -54.75
N LEU A 30 22.06 -35.02 -53.50
CA LEU A 30 20.70 -35.40 -53.12
C LEU A 30 20.08 -34.37 -52.15
N PRO A 31 18.73 -34.26 -52.12
CA PRO A 31 18.08 -33.42 -51.12
C PRO A 31 18.35 -33.87 -49.67
N PRO A 32 18.52 -32.92 -48.72
CA PRO A 32 18.82 -33.26 -47.33
C PRO A 32 17.75 -34.15 -46.67
N ALA A 33 18.21 -35.24 -46.07
CA ALA A 33 17.36 -36.10 -45.26
C ALA A 33 16.93 -35.33 -44.00
N TYR A 34 15.68 -35.53 -43.57
CA TYR A 34 15.16 -34.88 -42.37
C TYR A 34 14.74 -35.87 -41.30
N THR A 35 14.99 -35.49 -40.05
CA THR A 35 14.46 -36.20 -38.88
C THR A 35 14.00 -35.26 -37.76
N ASN A 36 13.25 -35.78 -36.82
CA ASN A 36 12.75 -34.96 -35.70
C ASN A 36 13.51 -35.30 -34.45
N SER A 37 14.21 -34.33 -33.90
CA SER A 37 14.94 -34.52 -32.65
C SER A 37 14.11 -33.87 -31.57
N PHE A 38 13.80 -34.63 -30.54
CA PHE A 38 12.91 -34.14 -29.47
C PHE A 38 13.59 -34.21 -28.11
N THR A 39 13.47 -33.10 -27.37
CA THR A 39 14.02 -32.98 -26.03
C THR A 39 15.47 -33.45 -25.88
N ARG A 40 16.33 -32.92 -26.74
CA ARG A 40 17.73 -33.28 -26.71
C ARG A 40 18.57 -32.04 -26.47
N GLY A 41 19.80 -32.25 -25.98
CA GLY A 41 20.77 -31.16 -25.82
C GLY A 41 20.35 -30.02 -24.90
N VAL A 42 19.74 -30.35 -23.78
CA VAL A 42 19.43 -29.34 -22.80
C VAL A 42 20.72 -29.18 -22.03
N TYR A 43 21.22 -27.97 -21.91
CA TYR A 43 22.53 -27.77 -21.29
C TYR A 43 22.40 -26.92 -20.04
N TYR A 44 22.97 -27.40 -18.95
CA TYR A 44 22.96 -26.65 -17.69
C TYR A 44 23.15 -25.17 -18.02
N PRO A 45 22.12 -24.34 -17.80
CA PRO A 45 22.14 -22.94 -18.26
C PRO A 45 23.27 -22.11 -17.66
N ASP A 46 23.64 -22.40 -16.42
CA ASP A 46 24.73 -21.69 -15.75
C ASP A 46 25.41 -22.52 -14.67
N LYS A 47 26.11 -21.85 -13.76
CA LYS A 47 27.04 -22.54 -12.87
C LYS A 47 26.39 -23.00 -11.56
N VAL A 48 25.30 -22.36 -11.18
CA VAL A 48 24.60 -22.69 -9.95
C VAL A 48 24.10 -24.12 -9.86
N PHE A 49 24.15 -24.63 -8.64
CA PHE A 49 23.61 -25.94 -8.28
C PHE A 49 22.39 -25.74 -7.38
N ARG A 50 21.34 -26.47 -7.68
CA ARG A 50 20.12 -26.34 -6.92
C ARG A 50 19.57 -27.73 -6.74
N SER A 51 18.95 -28.00 -5.60
CA SER A 51 18.41 -29.33 -5.33
C SER A 51 16.90 -29.26 -5.12
N SER A 52 16.19 -30.13 -5.83
CA SER A 52 14.74 -30.28 -5.73
C SER A 52 13.97 -28.97 -5.94
N VAL A 53 14.44 -28.12 -6.84
CA VAL A 53 13.74 -26.87 -7.14
C VAL A 53 13.52 -26.75 -8.62
N LEU A 54 12.36 -26.24 -9.00
CA LEU A 54 12.02 -26.08 -10.41
C LEU A 54 12.35 -24.66 -10.77
N HIS A 55 13.19 -24.46 -11.78
CA HIS A 55 13.65 -23.13 -12.15
C HIS A 55 13.40 -22.84 -13.62
N SER A 56 13.04 -21.60 -13.94
CA SER A 56 12.78 -21.22 -15.32
C SER A 56 13.83 -20.21 -15.75
N THR A 57 14.59 -20.56 -16.78
CA THR A 57 15.66 -19.70 -17.25
C THR A 57 15.48 -19.40 -18.72
N GLN A 58 15.54 -18.12 -19.07
CA GLN A 58 15.33 -17.71 -20.46
C GLN A 58 16.66 -17.75 -21.22
N ASP A 59 17.15 -18.97 -21.45
CA ASP A 59 18.40 -19.18 -22.15
C ASP A 59 18.22 -19.99 -23.41
N LEU A 60 18.83 -19.56 -24.48
CA LEU A 60 18.73 -20.22 -25.77
C LEU A 60 18.74 -21.76 -25.62
N PHE A 61 17.80 -22.41 -26.30
CA PHE A 61 17.70 -23.86 -26.27
C PHE A 61 17.21 -24.34 -27.63
N LEU A 62 17.61 -25.56 -28.00
CA LEU A 62 17.02 -26.21 -29.14
C LEU A 62 15.54 -26.37 -28.80
N PRO A 63 14.65 -25.92 -29.67
CA PRO A 63 13.21 -26.10 -29.45
C PRO A 63 12.88 -27.58 -29.42
N PHE A 64 12.00 -28.00 -28.54
CA PHE A 64 11.64 -29.40 -28.47
C PHE A 64 10.89 -29.80 -29.72
N PHE A 65 11.20 -30.99 -30.22
CA PHE A 65 10.64 -31.53 -31.45
C PHE A 65 11.03 -30.64 -32.63
N SER A 66 12.18 -29.99 -32.51
CA SER A 66 12.67 -29.12 -33.56
C SER A 66 13.15 -29.94 -34.76
N ASN A 67 13.04 -29.36 -35.95
CA ASN A 67 13.44 -30.07 -37.16
C ASN A 67 14.94 -30.17 -37.21
N VAL A 68 15.43 -31.32 -37.62
CA VAL A 68 16.87 -31.55 -37.62
C VAL A 68 17.28 -32.03 -39.01
N THR A 69 18.31 -31.40 -39.56
CA THR A 69 18.80 -31.74 -40.87
C THR A 69 19.93 -32.73 -40.69
N TRP A 70 19.65 -34.00 -41.00
CA TRP A 70 20.65 -35.08 -40.99
C TRP A 70 21.65 -34.85 -42.15
N PHE A 71 22.86 -35.39 -41.97
CA PHE A 71 23.87 -35.36 -42.99
C PHE A 71 24.58 -36.71 -43.10
N HIS A 72 25.15 -36.96 -44.26
CA HIS A 72 25.83 -38.23 -44.55
C HIS A 72 27.26 -38.02 -45.07
N ALA A 73 28.17 -38.79 -44.48
CA ALA A 73 29.59 -38.76 -44.86
C ALA A 73 30.03 -40.20 -45.15
N ILE A 74 29.12 -40.94 -45.77
CA ILE A 74 29.32 -42.38 -46.01
C ILE A 74 29.36 -42.68 -47.51
N HIS A 75 30.38 -43.43 -47.95
CA HIS A 75 30.52 -43.79 -49.36
C HIS A 75 29.39 -44.69 -49.81
N VAL A 76 28.98 -45.61 -48.94
CA VAL A 76 27.87 -46.52 -49.22
C VAL A 76 26.60 -45.75 -49.58
N THR A 82 26.62 -45.30 -53.54
CA THR A 82 27.98 -45.39 -54.08
C THR A 82 28.59 -44.02 -54.35
N LYS A 83 29.90 -43.90 -54.12
CA LYS A 83 30.66 -42.66 -54.34
C LYS A 83 30.02 -41.45 -53.64
N ARG A 84 29.70 -41.62 -52.37
CA ARG A 84 29.03 -40.57 -51.57
C ARG A 84 29.94 -40.02 -50.46
N PHE A 85 30.17 -38.71 -50.52
CA PHE A 85 31.01 -37.99 -49.56
C PHE A 85 30.67 -36.49 -49.61
N ASP A 86 30.12 -35.98 -48.51
CA ASP A 86 29.64 -34.61 -48.47
C ASP A 86 29.88 -34.05 -47.08
N ASN A 87 30.54 -32.89 -47.05
CA ASN A 87 30.77 -32.18 -45.80
C ASN A 87 30.81 -30.67 -46.04
N PRO A 88 29.74 -30.12 -46.65
CA PRO A 88 29.78 -28.74 -47.09
C PRO A 88 29.50 -27.75 -45.96
N VAL A 89 29.68 -26.47 -46.25
CA VAL A 89 29.45 -25.44 -45.24
C VAL A 89 27.98 -25.40 -44.84
N LEU A 90 27.72 -25.13 -43.56
CA LEU A 90 26.36 -25.03 -43.04
C LEU A 90 26.18 -23.67 -42.40
N PRO A 91 24.97 -23.07 -42.55
CA PRO A 91 24.69 -21.78 -41.92
C PRO A 91 24.72 -21.88 -40.40
N PHE A 92 25.20 -20.84 -39.74
CA PHE A 92 25.26 -20.85 -38.28
C PHE A 92 24.56 -19.66 -37.64
N ASN A 93 23.68 -19.97 -36.70
CA ASN A 93 22.96 -19.00 -35.90
C ASN A 93 23.38 -19.23 -34.46
N ASP A 94 22.62 -18.69 -33.53
CA ASP A 94 22.92 -18.90 -32.12
C ASP A 94 22.88 -20.38 -31.79
N GLY A 95 21.89 -21.10 -32.31
CA GLY A 95 21.83 -22.44 -32.08
C GLY A 95 22.56 -23.40 -32.93
N VAL A 96 23.87 -23.41 -32.73
CA VAL A 96 24.74 -24.34 -33.41
C VAL A 96 24.90 -25.62 -32.59
N TYR A 97 23.87 -26.43 -32.62
CA TYR A 97 23.90 -27.71 -31.93
C TYR A 97 24.37 -28.77 -32.89
N PHE A 98 25.47 -29.43 -32.56
CA PHE A 98 26.04 -30.45 -33.40
C PHE A 98 25.94 -31.78 -32.69
N ALA A 99 25.35 -32.78 -33.33
CA ALA A 99 25.25 -34.10 -32.72
C ALA A 99 25.73 -35.17 -33.69
N SER A 100 27.02 -35.46 -33.63
CA SER A 100 27.59 -36.48 -34.52
C SER A 100 27.40 -37.83 -33.87
N THR A 101 27.34 -38.85 -34.70
CA THR A 101 27.34 -40.21 -34.20
C THR A 101 28.44 -40.94 -34.96
N GLU A 102 29.37 -41.52 -34.20
CA GLU A 102 30.59 -42.11 -34.73
C GLU A 102 30.92 -43.46 -34.07
N LYS A 103 31.58 -44.32 -34.85
CA LYS A 103 32.14 -45.55 -34.27
C LYS A 103 33.61 -45.62 -34.33
N SER A 104 34.13 -45.53 -35.52
CA SER A 104 35.52 -45.64 -35.59
C SER A 104 36.10 -44.25 -35.63
N ASN A 105 35.37 -43.30 -35.03
CA ASN A 105 35.85 -41.92 -34.87
C ASN A 105 36.26 -41.22 -36.19
N ILE A 106 35.28 -40.99 -37.05
CA ILE A 106 35.51 -40.46 -38.41
C ILE A 106 35.33 -38.94 -38.47
N ILE A 107 34.38 -38.40 -37.73
CA ILE A 107 34.23 -36.97 -37.57
C ILE A 107 35.08 -36.50 -36.37
N ARG A 108 35.97 -35.54 -36.62
CA ARG A 108 36.97 -35.13 -35.61
C ARG A 108 36.89 -33.67 -35.17
N GLY A 109 36.92 -32.75 -36.12
CA GLY A 109 37.04 -31.34 -35.82
C GLY A 109 35.89 -30.47 -36.25
N TRP A 110 36.12 -29.17 -36.16
CA TRP A 110 35.16 -28.14 -36.57
C TRP A 110 35.85 -26.88 -37.08
N ILE A 111 35.14 -26.10 -37.89
CA ILE A 111 35.61 -24.79 -38.38
C ILE A 111 34.56 -23.73 -38.08
N PHE A 112 34.99 -22.60 -37.53
CA PHE A 112 34.10 -21.45 -37.32
C PHE A 112 34.69 -20.23 -38.02
N GLY A 113 33.89 -19.20 -38.20
CA GLY A 113 34.39 -18.01 -38.90
C GLY A 113 33.28 -17.21 -39.51
N THR A 114 33.65 -16.13 -40.17
CA THR A 114 32.67 -15.31 -40.89
C THR A 114 32.67 -15.59 -42.41
N THR A 115 33.86 -15.52 -43.00
CA THR A 115 34.03 -15.73 -44.42
C THR A 115 35.21 -16.65 -44.72
N LEU A 116 35.96 -17.05 -43.69
CA LEU A 116 37.11 -17.92 -43.83
C LEU A 116 38.06 -17.37 -44.87
N ASP A 117 38.29 -16.06 -44.81
CA ASP A 117 39.12 -15.38 -45.80
C ASP A 117 40.59 -15.23 -45.38
N SER A 118 40.94 -15.77 -44.20
CA SER A 118 42.23 -15.51 -43.53
C SER A 118 42.49 -14.01 -43.23
N LYS A 119 41.43 -13.20 -43.32
CA LYS A 119 41.47 -11.77 -43.04
C LYS A 119 40.57 -11.35 -41.86
N THR A 120 39.54 -12.16 -41.57
CA THR A 120 38.70 -12.00 -40.37
C THR A 120 39.01 -13.14 -39.36
N GLN A 121 39.08 -12.79 -38.08
CA GLN A 121 39.51 -13.71 -37.03
C GLN A 121 38.55 -14.90 -36.93
N SER A 122 39.12 -16.11 -36.86
CA SER A 122 38.37 -17.35 -36.98
C SER A 122 38.90 -18.41 -36.02
N LEU A 123 38.08 -19.45 -35.83
CA LEU A 123 38.29 -20.48 -34.83
C LEU A 123 38.67 -21.80 -35.53
N LEU A 124 39.46 -22.69 -34.91
CA LEU A 124 39.62 -24.08 -35.50
C LEU A 124 40.21 -25.24 -34.64
N ILE A 125 39.64 -26.44 -34.79
CA ILE A 125 40.09 -27.51 -33.91
C ILE A 125 40.48 -28.84 -34.49
N VAL A 126 41.34 -29.47 -33.71
CA VAL A 126 41.64 -30.84 -33.92
C VAL A 126 41.28 -31.68 -32.70
N ASN A 127 40.71 -32.85 -32.95
CA ASN A 127 40.41 -33.80 -31.91
C ASN A 127 41.47 -34.92 -31.88
N ASN A 128 42.60 -34.62 -31.27
CA ASN A 128 43.71 -35.58 -31.14
C ASN A 128 43.50 -36.36 -29.85
N ALA A 129 44.17 -37.50 -29.76
CA ALA A 129 44.26 -38.29 -28.53
C ALA A 129 44.74 -37.47 -27.32
N THR A 130 45.56 -36.44 -27.55
CA THR A 130 45.99 -35.54 -26.48
C THR A 130 44.84 -34.65 -25.99
N ASN A 131 44.37 -33.75 -26.85
CA ASN A 131 43.34 -32.78 -26.44
C ASN A 131 42.44 -32.40 -27.60
N VAL A 132 41.35 -31.71 -27.30
CA VAL A 132 40.60 -31.03 -28.36
C VAL A 132 41.32 -29.70 -28.57
N VAL A 133 42.35 -29.73 -29.41
CA VAL A 133 43.28 -28.61 -29.58
C VAL A 133 42.63 -27.47 -30.38
N ILE A 134 42.76 -26.28 -29.83
CA ILE A 134 42.10 -25.11 -30.37
C ILE A 134 43.01 -23.96 -30.60
N LYS A 135 42.66 -23.20 -31.61
CA LYS A 135 43.26 -21.94 -31.85
C LYS A 135 42.26 -20.91 -32.33
N VAL A 136 42.60 -19.66 -32.07
CA VAL A 136 42.09 -18.49 -32.80
C VAL A 136 43.19 -17.96 -33.66
N CYS A 137 43.05 -18.08 -34.97
CA CYS A 137 44.12 -17.63 -35.87
C CYS A 137 43.58 -17.35 -37.26
N GLU A 138 44.27 -16.49 -38.00
CA GLU A 138 43.82 -16.00 -39.29
C GLU A 138 44.24 -16.97 -40.36
N PHE A 139 43.64 -18.15 -40.30
CA PHE A 139 44.09 -19.29 -41.08
C PHE A 139 43.50 -19.27 -42.47
N GLN A 140 44.29 -19.71 -43.44
CA GLN A 140 43.82 -19.78 -44.80
C GLN A 140 43.51 -21.22 -45.07
N PHE A 141 42.22 -21.55 -45.00
CA PHE A 141 41.78 -22.92 -45.24
C PHE A 141 41.66 -23.24 -46.73
N CYS A 142 41.84 -24.52 -47.06
CA CYS A 142 41.70 -25.05 -48.44
C CYS A 142 40.23 -25.28 -48.69
N ASN A 143 39.89 -25.55 -49.93
CA ASN A 143 38.48 -25.78 -50.30
C ASN A 143 37.94 -27.11 -49.77
N ASP A 144 38.82 -28.08 -49.56
CA ASP A 144 38.42 -29.40 -49.07
C ASP A 144 39.40 -29.85 -47.98
N PRO A 145 39.28 -29.27 -46.77
CA PRO A 145 40.13 -29.72 -45.67
C PRO A 145 39.66 -31.05 -45.11
N PHE A 146 40.61 -31.80 -44.55
CA PHE A 146 40.31 -33.07 -43.90
C PHE A 146 41.47 -33.54 -43.00
N LEU A 147 41.21 -34.65 -42.33
CA LEU A 147 42.22 -35.39 -41.59
C LEU A 147 42.48 -36.72 -42.35
N GLY A 148 43.76 -37.03 -42.60
CA GLY A 148 44.14 -38.24 -43.37
C GLY A 148 44.79 -39.36 -42.54
N VAL A 149 44.28 -40.58 -42.66
CA VAL A 149 44.89 -41.72 -41.97
C VAL A 149 45.06 -42.89 -42.96
N TYR A 150 46.25 -43.50 -42.90
CA TYR A 150 46.60 -44.61 -43.79
C TYR A 150 46.91 -45.90 -43.03
N TYR A 151 46.53 -47.03 -43.63
CA TYR A 151 46.85 -48.36 -43.11
C TYR A 151 48.12 -48.91 -43.75
N HIS A 152 49.22 -48.85 -43.01
CA HIS A 152 50.53 -49.33 -43.48
C HIS A 152 50.68 -50.83 -43.25
N LYS A 153 51.27 -51.51 -44.22
CA LYS A 153 51.48 -52.97 -44.17
C LYS A 153 52.64 -53.35 -43.24
N ASN A 154 53.67 -52.50 -43.19
CA ASN A 154 54.85 -52.72 -42.34
C ASN A 154 54.56 -52.56 -40.83
N ASN A 155 53.70 -51.60 -40.47
CA ASN A 155 53.27 -51.41 -39.09
C ASN A 155 51.78 -51.01 -39.03
N LYS A 156 51.02 -51.74 -38.19
CA LYS A 156 49.58 -51.54 -38.07
C LYS A 156 49.25 -50.36 -37.15
N SER A 157 49.36 -49.15 -37.71
CA SER A 157 49.05 -47.90 -37.03
C SER A 157 48.62 -46.82 -38.03
N TRP A 158 47.71 -45.95 -37.58
CA TRP A 158 47.10 -44.92 -38.44
C TRP A 158 47.79 -43.56 -38.26
N MET A 159 48.59 -43.17 -39.25
CA MET A 159 49.36 -41.92 -39.21
C MET A 159 48.80 -40.83 -40.13
N GLU A 160 49.06 -39.59 -39.74
CA GLU A 160 48.64 -38.45 -40.54
C GLU A 160 49.49 -38.37 -41.80
N SER A 161 48.82 -38.25 -42.94
CA SER A 161 49.48 -38.22 -44.27
C SER A 161 49.62 -36.82 -44.88
N GLU A 162 48.59 -35.98 -44.74
CA GLU A 162 48.59 -34.61 -45.26
C GLU A 162 47.78 -33.72 -44.32
N PHE A 163 48.50 -33.00 -43.47
CA PHE A 163 47.89 -32.04 -42.53
C PHE A 163 47.93 -30.63 -43.12
N ARG A 164 47.39 -30.49 -44.32
CA ARG A 164 47.35 -29.20 -45.00
C ARG A 164 45.95 -28.59 -44.87
N VAL A 165 45.55 -28.47 -43.61
CA VAL A 165 44.26 -27.92 -43.25
C VAL A 165 44.29 -26.41 -43.51
N TYR A 166 45.44 -25.78 -43.25
CA TYR A 166 45.63 -24.31 -43.47
C TYR A 166 47.06 -23.87 -43.87
N SER A 167 47.17 -22.77 -44.64
CA SER A 167 48.47 -22.25 -45.13
C SER A 167 49.44 -21.63 -44.10
N SER A 168 48.94 -20.65 -43.34
CA SER A 168 49.71 -19.98 -42.30
C SER A 168 48.80 -19.15 -41.39
N ALA A 169 49.30 -18.78 -40.22
CA ALA A 169 48.54 -17.94 -39.30
C ALA A 169 49.30 -16.64 -39.08
N ASN A 170 48.58 -15.55 -39.35
CA ASN A 170 48.98 -14.12 -39.38
C ASN A 170 49.33 -13.51 -38.03
N ASN A 171 48.62 -13.97 -37.02
CA ASN A 171 48.78 -13.66 -35.60
C ASN A 171 47.75 -14.42 -34.75
N CYS A 172 48.06 -14.59 -33.47
CA CYS A 172 47.11 -15.21 -32.55
C CYS A 172 46.78 -14.31 -31.36
N THR A 173 45.49 -14.05 -31.17
CA THR A 173 45.00 -13.24 -30.06
C THR A 173 44.51 -14.14 -28.95
N PHE A 174 44.67 -15.45 -29.16
CA PHE A 174 44.24 -16.47 -28.23
C PHE A 174 44.73 -17.82 -28.73
N GLU A 175 45.42 -18.56 -27.87
CA GLU A 175 45.82 -19.96 -28.14
C GLU A 175 45.60 -20.76 -26.94
N TYR A 176 45.33 -22.02 -27.16
CA TYR A 176 44.66 -22.76 -26.14
C TYR A 176 44.72 -24.27 -26.31
N VAL A 177 44.84 -24.95 -25.18
CA VAL A 177 44.82 -26.39 -25.14
C VAL A 177 43.88 -26.81 -24.01
N SER A 178 43.00 -27.77 -24.30
CA SER A 178 42.01 -28.24 -23.34
C SER A 178 42.57 -29.37 -22.46
N GLN A 179 41.71 -29.95 -21.63
CA GLN A 179 42.08 -31.04 -20.74
C GLN A 179 42.39 -32.32 -21.53
N PRO A 180 43.36 -33.13 -21.04
CA PRO A 180 43.70 -34.42 -21.64
C PRO A 180 42.58 -35.45 -21.57
N PHE A 181 42.50 -36.28 -22.60
CA PHE A 181 41.57 -37.43 -22.71
C PHE A 181 42.17 -38.40 -23.74
N LEU A 182 41.53 -39.56 -23.92
CA LEU A 182 41.99 -40.57 -24.91
C LEU A 182 40.91 -41.05 -25.89
N MET A 183 41.38 -41.45 -27.08
CA MET A 183 40.55 -41.88 -28.22
C MET A 183 40.99 -43.26 -28.74
N ASP A 184 40.03 -44.06 -29.18
CA ASP A 184 40.28 -45.47 -29.58
C ASP A 184 40.95 -45.63 -30.96
N LEU A 185 40.49 -44.85 -31.93
CA LEU A 185 41.09 -44.80 -33.29
C LEU A 185 41.13 -46.15 -34.04
N GLU A 186 40.02 -46.89 -33.96
CA GLU A 186 39.88 -48.21 -34.64
C GLU A 186 39.71 -48.10 -36.16
N GLY A 187 40.17 -49.12 -36.89
CA GLY A 187 40.14 -49.10 -38.36
C GLY A 187 39.19 -50.12 -38.93
N LYS A 188 38.08 -50.35 -38.23
CA LYS A 188 37.15 -51.44 -38.54
C LYS A 188 35.80 -50.91 -39.02
N GLN A 189 34.87 -51.82 -39.30
CA GLN A 189 33.49 -51.44 -39.64
C GLN A 189 32.49 -51.93 -38.59
N GLY A 190 31.46 -51.10 -38.32
CA GLY A 190 30.44 -51.44 -37.31
C GLY A 190 29.39 -50.37 -37.05
N ASN A 191 28.34 -50.76 -36.34
CA ASN A 191 27.33 -49.81 -35.88
C ASN A 191 27.94 -48.81 -34.90
N PHE A 192 27.38 -47.61 -34.84
CA PHE A 192 27.94 -46.56 -34.02
C PHE A 192 27.51 -46.78 -32.58
N LYS A 193 28.39 -47.42 -31.83
CA LYS A 193 28.15 -47.74 -30.45
C LYS A 193 28.06 -46.49 -29.59
N ASN A 194 28.84 -45.48 -29.92
CA ASN A 194 28.86 -44.30 -29.07
C ASN A 194 28.00 -43.14 -29.62
N LEU A 195 28.01 -42.04 -28.86
CA LEU A 195 27.33 -40.80 -29.24
C LEU A 195 28.05 -39.57 -28.66
N ARG A 196 28.05 -38.50 -29.43
CA ARG A 196 28.64 -37.24 -29.00
C ARG A 196 27.73 -36.10 -29.39
N GLU A 197 27.45 -35.24 -28.41
CA GLU A 197 26.65 -34.03 -28.62
C GLU A 197 27.44 -32.80 -28.18
N PHE A 198 27.28 -31.72 -28.93
CA PHE A 198 27.87 -30.43 -28.59
C PHE A 198 26.92 -29.28 -28.87
N VAL A 199 26.96 -28.24 -28.05
CA VAL A 199 26.18 -27.02 -28.30
C VAL A 199 27.17 -25.85 -28.41
N PHE A 200 27.43 -25.33 -29.61
CA PHE A 200 28.30 -24.18 -29.74
C PHE A 200 27.45 -22.94 -29.60
N LYS A 201 27.94 -22.00 -28.82
CA LYS A 201 27.19 -20.79 -28.56
C LYS A 201 28.08 -19.58 -28.47
N ASN A 202 27.57 -18.41 -28.88
CA ASN A 202 28.30 -17.18 -28.73
C ASN A 202 27.48 -16.14 -27.99
N ILE A 203 27.92 -15.80 -26.79
CA ILE A 203 27.21 -14.81 -25.98
C ILE A 203 28.13 -13.84 -25.26
N ASP A 204 27.74 -12.56 -25.29
CA ASP A 204 28.42 -11.45 -24.59
C ASP A 204 29.97 -11.47 -24.64
N GLY A 205 30.52 -11.70 -25.84
CA GLY A 205 31.98 -11.74 -26.04
C GLY A 205 32.65 -13.00 -25.55
N TYR A 206 31.87 -14.04 -25.29
CA TYR A 206 32.40 -15.32 -24.87
C TYR A 206 31.99 -16.43 -25.80
N PHE A 207 32.94 -17.23 -26.26
CA PHE A 207 32.63 -18.45 -26.96
C PHE A 207 32.53 -19.57 -25.95
N LYS A 208 31.48 -20.38 -26.09
CA LYS A 208 31.22 -21.47 -25.16
C LYS A 208 30.85 -22.77 -25.86
N ILE A 209 31.08 -23.88 -25.15
CA ILE A 209 30.83 -25.23 -25.65
C ILE A 209 30.27 -26.11 -24.52
N TYR A 210 29.43 -27.08 -24.89
CA TYR A 210 28.86 -28.04 -23.93
C TYR A 210 28.89 -29.43 -24.52
N SER A 211 29.12 -30.45 -23.67
CA SER A 211 29.29 -31.83 -24.16
C SER A 211 28.72 -32.95 -23.27
N LYS A 212 28.38 -34.07 -23.92
CA LYS A 212 28.08 -35.32 -23.21
C LYS A 212 28.38 -36.53 -24.07
N HIS A 213 28.97 -37.56 -23.46
CA HIS A 213 29.10 -38.82 -24.15
C HIS A 213 27.93 -39.71 -23.74
N THR A 214 27.12 -40.14 -24.72
CA THR A 214 26.05 -41.10 -24.46
C THR A 214 26.35 -42.44 -25.14
N PRO A 215 26.36 -43.54 -24.36
CA PRO A 215 26.55 -44.89 -24.88
C PRO A 215 25.23 -45.50 -25.34
N ILE A 216 24.51 -44.78 -26.19
CA ILE A 216 23.30 -45.31 -26.77
C ILE A 216 23.60 -46.50 -27.67
N ASN A 217 22.67 -47.44 -27.67
CA ASN A 217 22.75 -48.59 -28.56
C ASN A 217 21.68 -48.67 -29.65
N LEU A 218 22.16 -48.85 -30.88
CA LEU A 218 21.38 -49.23 -32.07
C LEU A 218 20.13 -48.41 -32.45
N VAL A 219 20.24 -47.09 -32.39
CA VAL A 219 19.14 -46.21 -32.80
C VAL A 219 19.61 -45.26 -33.90
N ARG A 220 18.96 -45.35 -35.06
CA ARG A 220 19.29 -44.50 -36.21
C ARG A 220 19.00 -43.04 -35.91
N ASP A 221 17.85 -42.78 -35.31
CA ASP A 221 17.41 -41.45 -34.91
C ASP A 221 17.99 -41.08 -33.54
N LEU A 222 17.78 -39.86 -33.10
CA LEU A 222 18.33 -39.41 -31.83
C LEU A 222 17.48 -40.14 -30.78
N PRO A 223 18.11 -40.70 -29.74
CA PRO A 223 17.40 -41.59 -28.80
C PRO A 223 16.29 -40.91 -28.02
N GLN A 224 15.15 -41.58 -27.87
CA GLN A 224 14.17 -41.03 -26.99
C GLN A 224 14.79 -41.05 -25.58
N GLY A 225 14.59 -39.95 -24.88
CA GLY A 225 15.02 -39.82 -23.48
C GLY A 225 15.49 -38.43 -23.11
N PHE A 226 16.00 -38.29 -21.89
CA PHE A 226 16.50 -37.01 -21.41
C PHE A 226 17.92 -37.13 -20.90
N SER A 227 18.82 -36.34 -21.47
CA SER A 227 20.21 -36.26 -21.02
C SER A 227 20.61 -34.81 -21.03
N ALA A 228 21.45 -34.39 -20.09
CA ALA A 228 21.79 -32.99 -19.99
C ALA A 228 23.26 -32.73 -20.28
N LEU A 229 23.53 -31.84 -21.23
CA LEU A 229 24.90 -31.50 -21.58
C LEU A 229 25.56 -30.76 -20.41
N GLU A 230 26.85 -31.02 -20.20
CA GLU A 230 27.60 -30.40 -19.14
C GLU A 230 28.65 -29.51 -19.78
N PRO A 231 28.72 -28.24 -19.38
CA PRO A 231 29.74 -27.36 -20.02
C PRO A 231 31.11 -27.88 -19.86
N LEU A 232 31.90 -27.88 -20.95
CA LEU A 232 33.27 -28.35 -20.90
C LEU A 232 34.27 -27.19 -20.86
N VAL A 233 34.06 -26.19 -21.71
CA VAL A 233 35.04 -25.10 -21.81
C VAL A 233 34.40 -23.75 -22.08
N ASP A 234 35.05 -22.69 -21.60
CA ASP A 234 34.61 -21.35 -21.88
C ASP A 234 35.80 -20.58 -22.39
N LEU A 235 35.64 -19.95 -23.54
CA LEU A 235 36.73 -19.16 -24.10
C LEU A 235 36.24 -17.74 -24.36
N PRO A 236 36.99 -16.74 -23.91
CA PRO A 236 36.59 -15.36 -24.15
C PRO A 236 37.16 -14.87 -25.47
N ILE A 237 36.29 -14.67 -26.44
CA ILE A 237 36.67 -14.35 -27.79
C ILE A 237 35.71 -13.32 -28.35
N GLY A 238 36.23 -12.51 -29.26
CA GLY A 238 35.45 -11.52 -29.95
C GLY A 238 35.07 -11.88 -31.36
N ILE A 239 35.50 -13.03 -31.83
CA ILE A 239 35.25 -13.42 -33.21
C ILE A 239 33.75 -13.49 -33.51
N ASN A 240 33.38 -12.97 -34.67
CA ASN A 240 32.01 -13.08 -35.16
C ASN A 240 31.99 -14.12 -36.27
N ILE A 241 31.18 -15.15 -36.13
CA ILE A 241 31.23 -16.27 -37.07
C ILE A 241 29.86 -16.58 -37.68
N THR A 242 29.70 -16.35 -38.99
CA THR A 242 28.43 -16.55 -39.68
C THR A 242 28.08 -18.02 -39.90
N ARG A 243 29.08 -18.83 -40.26
CA ARG A 243 28.85 -20.25 -40.56
C ARG A 243 29.98 -21.18 -40.13
N PHE A 244 29.70 -22.47 -40.06
CA PHE A 244 30.70 -23.45 -39.61
C PHE A 244 30.74 -24.73 -40.46
N GLN A 245 31.86 -25.45 -40.34
CA GLN A 245 32.10 -26.67 -41.12
C GLN A 245 32.62 -27.78 -40.23
N THR A 246 32.60 -29.02 -40.73
CA THR A 246 33.06 -30.20 -39.98
C THR A 246 34.28 -30.85 -40.64
N LEU A 247 35.07 -31.57 -39.86
CA LEU A 247 36.27 -32.27 -40.33
C LEU A 247 36.06 -33.79 -40.43
N LEU A 248 36.43 -34.38 -41.55
CA LEU A 248 36.35 -35.81 -41.73
C LEU A 248 37.71 -36.48 -41.76
N ALA A 249 37.69 -37.78 -41.43
CA ALA A 249 38.88 -38.62 -41.43
C ALA A 249 38.79 -39.53 -42.65
N LEU A 250 39.66 -39.31 -43.63
CA LEU A 250 39.68 -40.17 -44.82
C LEU A 250 40.45 -41.48 -44.55
N HIS A 251 39.86 -42.62 -44.90
CA HIS A 251 40.37 -43.92 -44.49
C HIS A 251 41.25 -44.51 -45.61
N ARG A 252 42.35 -43.82 -45.90
CA ARG A 252 43.19 -44.16 -47.06
C ARG A 252 43.85 -45.54 -46.89
N SER A 253 43.80 -46.33 -47.97
CA SER A 253 44.30 -47.72 -47.97
C SER A 253 45.10 -48.06 -49.24
N TYR A 254 45.53 -49.32 -49.36
CA TYR A 254 46.28 -49.79 -50.54
C TYR A 254 45.42 -49.96 -51.80
N LEU A 255 44.13 -50.27 -51.60
CA LEU A 255 43.18 -50.48 -52.71
C LEU A 255 42.83 -49.18 -53.47
N THR A 256 42.99 -48.03 -52.81
CA THR A 256 42.73 -46.72 -53.39
C THR A 256 43.77 -46.36 -54.48
N PRO A 257 43.40 -45.51 -55.47
CA PRO A 257 44.31 -45.08 -56.54
C PRO A 257 45.68 -44.57 -56.09
N GLY A 258 45.71 -43.78 -55.02
CA GLY A 258 46.95 -43.28 -54.41
C GLY A 258 47.27 -41.83 -54.73
N ASP A 259 46.25 -40.97 -54.60
CA ASP A 259 46.41 -39.51 -54.79
C ASP A 259 45.42 -38.73 -53.91
N SER A 260 45.62 -37.42 -53.83
CA SER A 260 44.83 -36.53 -52.97
C SER A 260 43.44 -36.19 -53.54
N SER A 261 43.21 -36.45 -54.82
CA SER A 261 41.93 -36.14 -55.50
C SER A 261 40.95 -37.31 -55.61
N SER A 262 41.46 -38.54 -55.69
CA SER A 262 40.62 -39.72 -55.86
C SER A 262 40.92 -40.89 -54.92
N GLY A 263 42.02 -40.83 -54.17
CA GLY A 263 42.47 -42.00 -53.41
C GLY A 263 41.91 -41.97 -52.02
N TRP A 264 40.71 -42.52 -51.83
CA TRP A 264 40.07 -42.49 -50.51
C TRP A 264 38.90 -43.45 -50.46
N THR A 265 38.73 -44.07 -49.29
CA THR A 265 37.63 -44.97 -48.97
C THR A 265 37.17 -44.59 -47.57
N ALA A 266 36.38 -43.53 -47.51
CA ALA A 266 36.06 -42.88 -46.25
C ALA A 266 35.08 -43.71 -45.43
N GLY A 267 34.07 -44.29 -46.09
CA GLY A 267 33.09 -45.16 -45.43
C GLY A 267 32.02 -44.36 -44.70
N ALA A 268 31.36 -45.03 -43.77
CA ALA A 268 30.30 -44.46 -42.95
C ALA A 268 30.67 -43.35 -41.98
N ALA A 269 29.71 -42.44 -41.81
CA ALA A 269 29.76 -41.29 -40.92
C ALA A 269 28.37 -40.64 -40.90
N ALA A 270 27.99 -39.97 -39.82
CA ALA A 270 26.69 -39.33 -39.79
C ALA A 270 26.68 -38.25 -38.75
N TYR A 271 26.13 -37.09 -39.10
CA TYR A 271 26.02 -36.00 -38.15
C TYR A 271 24.81 -35.14 -38.44
N TYR A 272 24.18 -34.64 -37.38
CA TYR A 272 22.95 -33.83 -37.44
C TYR A 272 23.13 -32.42 -36.80
N VAL A 273 22.68 -31.38 -37.49
CA VAL A 273 22.78 -30.01 -36.98
C VAL A 273 21.41 -29.40 -36.70
N GLY A 274 21.23 -28.87 -35.49
CA GLY A 274 20.00 -28.22 -35.09
C GLY A 274 20.28 -26.83 -34.53
N TYR A 275 19.53 -25.84 -35.01
CA TYR A 275 19.67 -24.46 -34.57
C TYR A 275 19.05 -24.18 -33.19
N LEU A 276 19.44 -23.08 -32.63
CA LEU A 276 19.03 -22.69 -31.25
C LEU A 276 18.42 -21.32 -31.28
N GLN A 277 17.24 -21.16 -30.66
CA GLN A 277 16.53 -19.88 -30.59
C GLN A 277 16.17 -19.60 -29.13
N PRO A 278 16.03 -18.32 -28.77
CA PRO A 278 15.67 -18.02 -27.38
C PRO A 278 14.32 -18.64 -27.01
N ARG A 279 14.32 -19.45 -25.95
CA ARG A 279 13.13 -20.10 -25.44
C ARG A 279 13.24 -20.19 -23.93
N THR A 280 12.12 -20.36 -23.25
CA THR A 280 12.13 -20.49 -21.81
C THR A 280 11.94 -21.95 -21.46
N PHE A 281 12.87 -22.51 -20.70
CA PHE A 281 12.76 -23.89 -20.26
C PHE A 281 12.53 -23.96 -18.76
N LEU A 282 11.55 -24.74 -18.34
CA LEU A 282 11.39 -25.01 -16.94
C LEU A 282 12.26 -26.22 -16.72
N LEU A 283 13.32 -26.09 -15.95
CA LEU A 283 14.19 -27.25 -15.76
C LEU A 283 14.05 -27.85 -14.37
N LYS A 284 13.68 -29.11 -14.32
CA LYS A 284 13.57 -29.83 -13.05
C LYS A 284 14.96 -30.12 -12.55
N TYR A 285 15.19 -29.92 -11.26
CA TYR A 285 16.48 -30.24 -10.66
C TYR A 285 16.32 -31.36 -9.65
N ASN A 286 17.15 -32.40 -9.77
CA ASN A 286 17.13 -33.52 -8.84
C ASN A 286 17.84 -33.18 -7.54
N GLU A 287 17.70 -34.04 -6.54
CA GLU A 287 18.35 -33.85 -5.25
C GLU A 287 19.85 -33.66 -5.40
N ASN A 288 20.46 -34.53 -6.18
CA ASN A 288 21.89 -34.41 -6.48
C ASN A 288 22.18 -33.13 -7.26
N GLY A 289 21.30 -32.83 -8.21
CA GLY A 289 21.39 -31.63 -9.02
C GLY A 289 21.41 -31.90 -10.50
N THR A 290 21.54 -33.16 -10.90
CA THR A 290 21.44 -33.50 -12.31
C THR A 290 20.06 -33.07 -12.79
N ILE A 291 19.99 -32.44 -13.96
CA ILE A 291 18.69 -32.04 -14.50
C ILE A 291 18.03 -33.28 -15.10
N THR A 292 17.20 -33.95 -14.31
CA THR A 292 16.62 -35.22 -14.74
C THR A 292 15.58 -35.01 -15.83
N ASP A 293 14.77 -33.98 -15.66
CA ASP A 293 13.75 -33.68 -16.65
C ASP A 293 13.50 -32.19 -16.82
N ALA A 294 13.08 -31.81 -18.01
CA ALA A 294 12.73 -30.43 -18.39
C ALA A 294 11.51 -30.37 -19.31
N VAL A 295 10.65 -29.36 -19.09
CA VAL A 295 9.53 -29.07 -19.99
C VAL A 295 9.70 -27.71 -20.64
N ASP A 296 9.40 -27.64 -21.93
CA ASP A 296 9.47 -26.39 -22.67
C ASP A 296 8.16 -25.65 -22.63
N CYS A 297 8.16 -24.49 -22.02
CA CYS A 297 6.93 -23.77 -21.89
C CYS A 297 6.44 -23.13 -23.19
N ALA A 298 7.35 -22.63 -24.02
CA ALA A 298 6.98 -21.97 -25.28
C ALA A 298 6.30 -22.86 -26.33
N LEU A 299 6.73 -24.12 -26.42
CA LEU A 299 6.24 -25.04 -27.46
C LEU A 299 4.75 -25.44 -27.45
N ASP A 300 4.16 -25.72 -26.28
CA ASP A 300 2.76 -26.17 -26.26
C ASP A 300 1.82 -25.48 -25.28
N PRO A 301 0.50 -25.50 -25.57
CA PRO A 301 -0.52 -24.90 -24.70
C PRO A 301 -0.52 -25.61 -23.35
N LEU A 302 -0.43 -26.93 -23.37
CA LEU A 302 -0.31 -27.72 -22.15
C LEU A 302 0.94 -27.30 -21.37
N SER A 303 2.03 -27.27 -22.12
CA SER A 303 3.34 -26.97 -21.57
C SER A 303 3.39 -25.59 -20.93
N GLU A 304 2.75 -24.61 -21.55
CA GLU A 304 2.73 -23.23 -21.04
C GLU A 304 2.04 -23.18 -19.66
N THR A 305 0.99 -23.99 -19.48
CA THR A 305 0.28 -24.10 -18.21
C THR A 305 1.21 -24.54 -17.10
N LYS A 306 2.08 -25.49 -17.38
CA LYS A 306 3.04 -25.96 -16.39
C LYS A 306 3.94 -24.86 -15.87
N CYS A 307 4.46 -23.99 -16.75
CA CYS A 307 5.29 -22.87 -16.26
C CYS A 307 4.53 -21.96 -15.31
N THR A 308 3.30 -21.63 -15.65
CA THR A 308 2.48 -20.77 -14.80
C THR A 308 2.19 -21.50 -13.49
N LEU A 309 1.91 -22.81 -13.62
CA LEU A 309 1.64 -23.65 -12.47
C LEU A 309 2.87 -23.94 -11.61
N LYS A 310 4.05 -23.87 -12.24
CA LYS A 310 5.35 -24.14 -11.62
C LYS A 310 5.43 -25.53 -10.98
N SER A 311 4.92 -26.51 -11.71
CA SER A 311 4.94 -27.91 -11.29
C SER A 311 4.82 -28.82 -12.51
N PHE A 312 5.48 -29.97 -12.43
CA PHE A 312 5.52 -30.93 -13.53
C PHE A 312 4.19 -31.59 -13.78
N THR A 313 3.45 -31.85 -12.70
CA THR A 313 2.13 -32.47 -12.78
C THR A 313 1.03 -31.46 -12.46
N VAL A 314 0.05 -31.38 -13.35
CA VAL A 314 -1.13 -30.54 -13.21
C VAL A 314 -2.46 -31.24 -13.02
N GLU A 315 -3.18 -30.80 -12.02
CA GLU A 315 -4.51 -31.34 -11.70
C GLU A 315 -5.53 -30.77 -12.68
N LYS A 316 -6.65 -31.48 -12.85
CA LYS A 316 -7.72 -31.03 -13.71
C LYS A 316 -8.30 -29.70 -13.26
N GLY A 317 -8.44 -28.78 -14.19
CA GLY A 317 -9.00 -27.46 -13.89
C GLY A 317 -8.79 -26.50 -15.03
N ILE A 318 -9.06 -25.22 -14.77
CA ILE A 318 -8.85 -24.16 -15.74
C ILE A 318 -7.79 -23.23 -15.21
N TYR A 319 -6.81 -22.92 -16.03
CA TYR A 319 -5.68 -22.09 -15.59
C TYR A 319 -5.43 -21.01 -16.62
N GLN A 320 -5.27 -19.77 -16.19
CA GLN A 320 -4.95 -18.70 -17.13
C GLN A 320 -3.45 -18.49 -17.18
N THR A 321 -2.85 -18.65 -18.35
CA THR A 321 -1.38 -18.58 -18.44
C THR A 321 -0.80 -17.28 -18.99
N SER A 322 -1.32 -16.82 -20.12
CA SER A 322 -0.76 -15.64 -20.78
C SER A 322 -1.80 -14.81 -21.52
N ASN A 323 -1.54 -13.50 -21.60
CA ASN A 323 -2.43 -12.60 -22.32
C ASN A 323 -2.21 -12.75 -23.82
N PHE A 324 -3.25 -12.48 -24.60
CA PHE A 324 -3.15 -12.54 -26.05
C PHE A 324 -3.41 -11.17 -26.62
N ARG A 325 -2.47 -10.69 -27.44
CA ARG A 325 -2.59 -9.39 -28.13
C ARG A 325 -2.28 -9.49 -29.67
N VAL A 326 -3.11 -8.80 -30.46
CA VAL A 326 -2.95 -8.71 -31.95
C VAL A 326 -1.84 -7.72 -32.35
N GLN A 327 -1.35 -7.79 -33.59
CA GLN A 327 -0.33 -6.85 -33.97
C GLN A 327 -0.69 -6.09 -35.22
N PRO A 328 -0.55 -4.76 -35.20
CA PRO A 328 -1.07 -3.94 -36.30
C PRO A 328 -0.41 -4.25 -37.63
N THR A 329 -1.22 -4.41 -38.65
CA THR A 329 -0.74 -4.83 -39.97
C THR A 329 0.13 -3.78 -40.65
N GLU A 330 -0.26 -2.52 -40.57
CA GLU A 330 0.52 -1.45 -41.18
C GLU A 330 0.60 -0.20 -40.29
N SER A 331 1.69 0.55 -40.44
CA SER A 331 1.83 1.82 -39.75
C SER A 331 1.42 2.91 -40.72
N ILE A 332 0.45 3.73 -40.31
CA ILE A 332 -0.09 4.77 -41.17
C ILE A 332 0.19 6.13 -40.56
N VAL A 333 0.86 6.99 -41.32
CA VAL A 333 1.20 8.32 -40.87
C VAL A 333 0.45 9.32 -41.73
N ARG A 334 -0.26 10.24 -41.11
CA ARG A 334 -1.07 11.21 -41.86
C ARG A 334 -0.79 12.61 -41.38
N PHE A 335 0.44 13.04 -41.65
CA PHE A 335 0.92 14.36 -41.29
C PHE A 335 0.27 15.37 -42.22
N PRO A 336 0.34 16.67 -41.88
CA PRO A 336 -0.27 17.68 -42.74
C PRO A 336 0.24 17.59 -44.17
N ASN A 337 -0.69 17.74 -45.11
CA ASN A 337 -0.41 17.58 -46.56
C ASN A 337 0.32 18.78 -47.16
N ILE A 338 0.44 19.87 -46.43
CA ILE A 338 1.06 21.08 -46.95
C ILE A 338 2.51 20.81 -47.37
N THR A 339 2.85 21.36 -48.53
CA THR A 339 4.17 21.25 -49.16
C THR A 339 5.18 22.34 -48.72
N ASN A 340 4.69 23.53 -48.43
CA ASN A 340 5.55 24.66 -48.08
C ASN A 340 6.43 24.32 -46.89
N LEU A 341 7.70 24.69 -46.97
CA LEU A 341 8.62 24.38 -45.91
C LEU A 341 9.02 25.64 -45.12
N CYS A 342 9.00 25.46 -43.80
CA CYS A 342 9.46 26.43 -42.82
C CYS A 342 10.93 26.77 -43.06
N PRO A 343 11.29 28.08 -42.94
CA PRO A 343 12.68 28.47 -43.14
C PRO A 343 13.40 28.87 -41.84
N PHE A 344 14.56 28.28 -41.59
CA PHE A 344 15.35 28.63 -40.40
C PHE A 344 16.59 29.44 -40.74
N GLY A 345 16.87 29.70 -42.02
CA GLY A 345 18.02 30.49 -42.44
C GLY A 345 17.84 31.97 -42.17
N GLU A 346 16.69 32.50 -42.54
CA GLU A 346 16.42 33.94 -42.41
C GLU A 346 16.48 34.39 -40.95
N VAL A 347 16.25 33.46 -40.02
CA VAL A 347 16.37 33.74 -38.59
C VAL A 347 17.77 33.41 -38.08
N PHE A 348 18.39 32.39 -38.65
CA PHE A 348 19.73 31.96 -38.22
C PHE A 348 20.81 32.84 -38.82
N ASN A 349 20.81 32.79 -40.15
CA ASN A 349 21.74 33.38 -41.09
C ASN A 349 21.19 34.76 -41.66
N ALA A 350 21.37 35.91 -40.96
CA ALA A 350 20.81 37.19 -41.37
C ALA A 350 21.84 38.31 -41.24
N THR A 351 21.44 39.50 -41.66
CA THR A 351 22.31 40.68 -41.59
C THR A 351 22.80 40.98 -40.17
N ARG A 352 21.87 41.09 -39.22
CA ARG A 352 22.19 41.46 -37.85
C ARG A 352 20.99 41.25 -36.94
N PHE A 353 21.25 40.81 -35.71
CA PHE A 353 20.21 40.71 -34.69
C PHE A 353 20.10 42.02 -33.91
N ALA A 354 19.30 42.00 -32.85
CA ALA A 354 19.15 43.14 -31.95
C ALA A 354 19.89 42.90 -30.63
N SER A 355 19.78 43.88 -29.73
CA SER A 355 20.42 43.80 -28.41
C SER A 355 19.79 42.70 -27.57
N VAL A 356 20.57 42.20 -26.61
CA VAL A 356 20.14 41.10 -25.75
C VAL A 356 18.96 41.47 -24.84
N TYR A 357 18.73 42.77 -24.63
CA TYR A 357 17.56 43.23 -23.87
C TYR A 357 16.32 43.42 -24.78
N ALA A 358 16.50 43.15 -26.06
CA ALA A 358 15.46 43.27 -27.06
C ALA A 358 15.51 42.04 -27.97
N TRP A 359 14.44 41.27 -28.01
CA TRP A 359 14.32 40.14 -28.93
C TRP A 359 13.18 40.24 -29.90
N ASN A 360 13.30 39.36 -30.88
CA ASN A 360 12.29 39.15 -31.88
C ASN A 360 11.82 37.70 -31.91
N ARG A 361 10.57 37.49 -31.51
CA ARG A 361 9.92 36.20 -31.69
C ARG A 361 9.45 36.07 -33.12
N LYS A 362 10.29 35.47 -33.97
CA LYS A 362 9.89 35.17 -35.34
C LYS A 362 9.09 33.87 -35.30
N ARG A 363 7.78 34.03 -35.17
CA ARG A 363 6.88 32.91 -35.01
C ARG A 363 6.79 32.10 -36.30
N ILE A 364 6.86 30.79 -36.16
CA ILE A 364 6.84 29.89 -37.33
C ILE A 364 5.59 29.04 -37.29
N SER A 365 4.88 29.01 -38.41
CA SER A 365 3.65 28.25 -38.54
C SER A 365 3.35 27.92 -40.00
N ASN A 366 2.54 26.89 -40.18
CA ASN A 366 2.02 26.47 -41.50
C ASN A 366 3.13 26.17 -42.50
N CYS A 367 3.96 25.18 -42.17
CA CYS A 367 4.98 24.69 -43.10
C CYS A 367 5.53 23.33 -42.58
N VAL A 368 6.48 22.74 -43.30
CA VAL A 368 7.08 21.45 -42.93
C VAL A 368 8.56 21.67 -42.69
N ALA A 369 8.99 21.43 -41.45
CA ALA A 369 10.37 21.67 -41.03
C ALA A 369 11.32 20.50 -41.31
N ASP A 370 12.60 20.72 -41.01
CA ASP A 370 13.59 19.65 -40.98
C ASP A 370 14.72 20.07 -40.05
N TYR A 371 15.31 19.08 -39.39
CA TYR A 371 16.34 19.32 -38.40
C TYR A 371 17.66 18.59 -38.58
N SER A 372 17.71 17.56 -39.43
CA SER A 372 18.96 16.86 -39.71
C SER A 372 19.97 17.80 -40.42
N VAL A 373 19.43 18.70 -41.27
CA VAL A 373 20.18 19.80 -41.97
C VAL A 373 20.91 20.69 -40.98
N LEU A 374 20.37 20.81 -39.77
CA LEU A 374 20.91 21.70 -38.76
C LEU A 374 21.94 21.03 -37.84
N TYR A 375 22.55 19.94 -38.31
CA TYR A 375 23.47 19.15 -37.50
C TYR A 375 24.90 19.12 -38.01
N ASN A 376 25.07 19.23 -39.32
CA ASN A 376 26.39 19.13 -39.93
C ASN A 376 26.68 20.30 -40.85
N SER A 377 25.65 21.02 -41.30
CA SER A 377 25.84 22.24 -42.07
C SER A 377 26.65 23.27 -41.28
N ALA A 378 26.30 23.43 -40.00
CA ALA A 378 27.00 24.31 -39.08
C ALA A 378 27.33 23.53 -37.81
N SER A 379 28.62 23.42 -37.53
CA SER A 379 29.08 22.81 -36.27
C SER A 379 28.87 23.79 -35.11
N PHE A 380 27.74 23.66 -34.43
CA PHE A 380 27.41 24.56 -33.32
C PHE A 380 28.27 24.27 -32.09
N SER A 381 28.70 25.33 -31.41
CA SER A 381 29.57 25.18 -30.24
C SER A 381 28.84 24.43 -29.11
N THR A 382 27.58 24.78 -28.89
CA THR A 382 26.76 24.13 -27.88
C THR A 382 25.39 23.79 -28.47
N PHE A 383 24.84 22.66 -28.04
CA PHE A 383 23.56 22.19 -28.54
C PHE A 383 22.93 21.31 -27.48
N LYS A 384 22.09 21.94 -26.66
CA LYS A 384 21.48 21.30 -25.51
C LYS A 384 19.97 21.28 -25.67
N CYS A 385 19.45 20.13 -26.05
CA CYS A 385 18.03 19.95 -26.26
C CYS A 385 17.34 19.57 -24.96
N TYR A 386 16.65 20.55 -24.37
CA TYR A 386 15.93 20.33 -23.12
C TYR A 386 14.52 19.80 -23.35
N GLY A 387 14.07 18.94 -22.43
CA GLY A 387 12.74 18.36 -22.50
C GLY A 387 12.48 17.53 -23.74
N VAL A 388 13.46 17.44 -24.64
CA VAL A 388 13.28 16.71 -25.86
C VAL A 388 14.59 16.05 -26.29
N SER A 389 14.48 14.92 -26.96
CA SER A 389 15.65 14.24 -27.48
C SER A 389 15.80 14.78 -28.87
N PRO A 390 16.92 15.47 -29.15
CA PRO A 390 17.04 16.07 -30.49
C PRO A 390 16.71 15.14 -31.67
N THR A 391 17.43 14.03 -31.81
CA THR A 391 17.28 13.15 -32.97
C THR A 391 15.85 12.76 -33.34
N LYS A 392 14.96 12.77 -32.36
CA LYS A 392 13.56 12.40 -32.57
C LYS A 392 12.65 13.58 -32.89
N LEU A 393 13.20 14.78 -33.01
CA LEU A 393 12.42 15.98 -33.38
C LEU A 393 11.74 15.88 -34.75
N ASN A 394 12.14 14.90 -35.57
CA ASN A 394 11.57 14.74 -36.90
C ASN A 394 10.16 14.16 -36.91
N ASP A 395 9.81 13.33 -35.93
CA ASP A 395 8.61 12.50 -36.01
C ASP A 395 7.52 12.87 -35.01
N LEU A 396 7.25 14.16 -34.84
CA LEU A 396 6.14 14.62 -34.01
C LEU A 396 5.80 16.06 -34.36
N CYS A 397 4.51 16.38 -34.34
CA CYS A 397 4.02 17.70 -34.73
C CYS A 397 3.72 18.56 -33.52
N PHE A 398 4.39 19.71 -33.50
CA PHE A 398 4.36 20.62 -32.36
C PHE A 398 3.23 21.64 -32.55
N THR A 399 3.20 22.64 -31.67
CA THR A 399 2.27 23.74 -31.77
C THR A 399 2.97 25.07 -31.55
N ASN A 400 2.90 25.93 -32.56
CA ASN A 400 3.33 27.31 -32.46
C ASN A 400 4.79 27.46 -32.01
N VAL A 401 5.67 27.04 -32.89
CA VAL A 401 7.11 27.12 -32.65
C VAL A 401 7.54 28.59 -32.61
N TYR A 402 8.35 28.94 -31.60
CA TYR A 402 8.92 30.27 -31.45
C TYR A 402 10.44 30.22 -31.56
N ALA A 403 11.00 31.20 -32.28
CA ALA A 403 12.45 31.39 -32.37
C ALA A 403 12.85 32.71 -31.72
N ASP A 404 14.00 32.69 -31.04
CA ASP A 404 14.54 33.88 -30.38
C ASP A 404 15.97 34.11 -30.84
N SER A 405 16.45 35.35 -30.76
CA SER A 405 17.77 35.69 -31.25
C SER A 405 18.31 36.95 -30.59
N PHE A 406 19.58 36.90 -30.21
CA PHE A 406 20.29 38.06 -29.64
C PHE A 406 21.79 37.77 -29.64
N VAL A 407 22.57 38.67 -29.05
CA VAL A 407 24.02 38.50 -28.94
C VAL A 407 24.43 38.62 -27.48
N ILE A 408 25.29 37.71 -27.04
CA ILE A 408 25.73 37.63 -25.64
C ILE A 408 27.21 37.28 -25.59
N ARG A 409 27.83 37.53 -24.43
CA ARG A 409 29.22 37.13 -24.20
C ARG A 409 29.35 35.61 -24.14
N GLY A 410 30.56 35.12 -24.37
CA GLY A 410 30.82 33.68 -24.43
C GLY A 410 30.64 32.91 -23.14
N ASP A 411 30.82 33.57 -22.00
CA ASP A 411 30.72 32.91 -20.70
C ASP A 411 29.29 32.57 -20.30
N GLU A 412 28.34 33.47 -20.57
CA GLU A 412 26.97 33.28 -20.10
C GLU A 412 26.12 32.39 -21.01
N VAL A 413 26.72 31.72 -21.99
CA VAL A 413 25.98 30.77 -22.82
C VAL A 413 25.57 29.56 -21.99
N ARG A 414 26.41 29.13 -21.06
CA ARG A 414 26.01 28.14 -20.06
C ARG A 414 24.95 28.70 -19.11
N GLN A 415 24.97 30.02 -18.89
CA GLN A 415 24.07 30.67 -17.95
C GLN A 415 22.63 30.69 -18.46
N ILE A 416 22.45 30.72 -19.78
CA ILE A 416 21.12 30.71 -20.36
C ILE A 416 20.60 29.27 -20.42
N ALA A 417 20.08 28.82 -19.29
CA ALA A 417 19.51 27.49 -19.16
C ALA A 417 18.28 27.59 -18.24
N PRO A 418 17.29 26.68 -18.41
CA PRO A 418 16.11 26.75 -17.54
C PRO A 418 16.45 26.52 -16.09
N GLY A 419 15.75 27.24 -15.23
CA GLY A 419 15.94 27.09 -13.79
C GLY A 419 17.10 27.89 -13.21
N GLN A 420 18.32 27.55 -13.57
CA GLN A 420 19.51 28.16 -12.96
C GLN A 420 19.55 29.68 -13.12
N THR A 421 20.03 30.35 -12.07
CA THR A 421 20.01 31.80 -11.99
C THR A 421 21.16 32.42 -12.78
N GLY A 422 21.23 33.75 -12.75
CA GLY A 422 22.25 34.49 -13.45
C GLY A 422 21.86 35.93 -13.65
N LYS A 423 22.86 36.79 -13.84
CA LYS A 423 22.63 38.22 -13.99
C LYS A 423 21.78 38.54 -15.21
N ILE A 424 22.29 38.21 -16.40
CA ILE A 424 21.56 38.41 -17.64
C ILE A 424 20.31 37.52 -17.71
N ALA A 425 20.34 36.38 -17.01
CA ALA A 425 19.19 35.50 -16.94
C ALA A 425 18.09 36.04 -16.01
N ASP A 426 18.43 36.97 -15.12
CA ASP A 426 17.46 37.63 -14.25
C ASP A 426 17.06 39.03 -14.69
N TYR A 427 17.84 39.62 -15.61
CA TYR A 427 17.58 40.98 -16.09
C TYR A 427 17.19 41.10 -17.55
N ASN A 428 17.48 40.07 -18.35
CA ASN A 428 17.23 40.15 -19.79
C ASN A 428 16.30 39.08 -20.34
N TYR A 429 16.53 37.83 -19.98
CA TYR A 429 15.78 36.73 -20.55
C TYR A 429 15.71 35.57 -19.56
N LYS A 430 14.55 35.40 -18.93
CA LYS A 430 14.32 34.35 -17.95
C LYS A 430 13.49 33.22 -18.56
N LEU A 431 14.13 32.07 -18.75
CA LEU A 431 13.44 30.88 -19.26
C LEU A 431 12.55 30.26 -18.18
N PRO A 432 11.48 29.57 -18.57
CA PRO A 432 10.67 28.82 -17.60
C PRO A 432 11.44 27.63 -17.02
N ASP A 433 11.04 27.20 -15.83
CA ASP A 433 11.68 26.07 -15.16
C ASP A 433 11.53 24.73 -15.90
N ASP A 434 10.53 24.63 -16.77
CA ASP A 434 10.27 23.41 -17.54
C ASP A 434 10.24 23.72 -19.04
N PHE A 435 11.15 24.59 -19.48
CA PHE A 435 11.26 24.95 -20.88
C PHE A 435 11.56 23.73 -21.75
N THR A 436 10.92 23.68 -22.91
CA THR A 436 11.14 22.62 -23.90
C THR A 436 11.64 23.24 -25.21
N GLY A 437 12.64 22.60 -25.81
CA GLY A 437 13.27 23.10 -27.03
C GLY A 437 14.77 22.87 -27.01
N CYS A 438 15.44 23.45 -28.00
CA CYS A 438 16.88 23.31 -28.12
C CYS A 438 17.52 24.69 -28.22
N VAL A 439 18.58 24.90 -27.44
CA VAL A 439 19.32 26.15 -27.46
C VAL A 439 20.52 26.00 -28.41
N ILE A 440 20.69 26.98 -29.29
CA ILE A 440 21.74 26.95 -30.31
C ILE A 440 22.55 28.25 -30.19
N ALA A 441 23.87 28.11 -30.13
CA ALA A 441 24.76 29.24 -30.02
C ALA A 441 26.08 28.94 -30.75
N TRP A 442 26.28 29.59 -31.89
CA TRP A 442 27.49 29.42 -32.69
C TRP A 442 28.35 30.68 -32.64
N ASN A 443 29.68 30.52 -32.63
CA ASN A 443 30.61 31.63 -32.42
C ASN A 443 30.45 32.73 -33.45
N SER A 444 30.57 33.97 -32.99
CA SER A 444 30.46 35.13 -33.86
C SER A 444 31.76 35.94 -33.96
N ASN A 445 32.88 35.32 -33.56
CA ASN A 445 34.17 36.00 -33.55
C ASN A 445 34.71 36.28 -34.97
N ASN A 446 34.43 35.36 -35.89
CA ASN A 446 34.92 35.49 -37.26
C ASN A 446 34.40 36.75 -37.98
N LEU A 447 33.12 37.05 -37.79
CA LEU A 447 32.48 38.14 -38.52
C LEU A 447 31.99 39.25 -37.60
N ASP A 448 31.21 38.89 -36.58
CA ASP A 448 30.60 39.89 -35.70
C ASP A 448 31.52 40.26 -34.54
N SER A 449 32.72 40.72 -34.89
CA SER A 449 33.74 41.15 -33.92
C SER A 449 34.70 42.12 -34.59
N LYS A 450 34.15 43.18 -35.17
CA LYS A 450 34.92 44.19 -35.89
C LYS A 450 36.05 44.78 -35.05
N VAL A 451 37.22 44.95 -35.66
CA VAL A 451 38.39 45.54 -34.99
C VAL A 451 38.09 46.90 -34.34
N GLY A 452 37.39 47.77 -35.08
CA GLY A 452 36.99 49.08 -34.57
C GLY A 452 36.24 48.96 -33.27
N GLY A 453 35.30 48.02 -33.22
CA GLY A 453 34.50 47.77 -32.02
C GLY A 453 33.03 47.59 -32.31
N ASN A 454 32.47 46.47 -31.86
CA ASN A 454 31.05 46.21 -31.95
C ASN A 454 30.35 46.71 -30.69
N TYR A 455 29.71 47.87 -30.80
CA TYR A 455 29.05 48.52 -29.66
C TYR A 455 27.53 48.57 -29.82
N ASN A 456 26.98 47.74 -30.70
CA ASN A 456 25.54 47.70 -30.95
C ASN A 456 24.82 46.67 -30.06
N TYR A 457 25.55 46.00 -29.18
CA TYR A 457 24.99 44.93 -28.35
C TYR A 457 24.90 45.41 -26.91
N LEU A 458 23.67 45.48 -26.42
CA LEU A 458 23.40 45.98 -25.07
C LEU A 458 22.84 44.87 -24.17
N TYR A 459 23.31 44.86 -22.92
CA TYR A 459 22.88 43.94 -21.89
C TYR A 459 22.48 44.76 -20.68
N ARG A 460 21.33 44.46 -20.09
CA ARG A 460 20.84 45.23 -18.95
C ARG A 460 21.84 45.14 -17.79
N LEU A 461 22.22 46.32 -17.29
CA LEU A 461 23.09 46.43 -16.13
C LEU A 461 22.33 46.13 -14.85
N PHE A 462 21.12 46.66 -14.74
CA PHE A 462 20.28 46.54 -13.52
C PHE A 462 18.77 46.50 -13.80
N ARG A 463 18.04 45.94 -12.84
CA ARG A 463 16.58 45.87 -12.89
C ARG A 463 15.99 45.95 -11.47
N LYS A 464 14.78 46.50 -11.33
CA LYS A 464 14.15 46.60 -10.01
C LYS A 464 13.86 45.22 -9.42
N SER A 465 13.37 44.33 -10.28
CA SER A 465 13.09 42.94 -9.92
C SER A 465 13.56 41.99 -11.02
N ASN A 466 13.29 40.69 -10.84
CA ASN A 466 13.65 39.68 -11.83
C ASN A 466 12.67 39.65 -12.99
N LEU A 467 12.93 38.77 -13.95
CA LEU A 467 12.07 38.63 -15.13
C LEU A 467 11.09 37.46 -15.00
N LYS A 468 10.35 37.23 -16.08
CA LYS A 468 9.39 36.16 -16.19
C LYS A 468 9.72 35.27 -17.39
N PRO A 469 9.23 34.01 -17.39
CA PRO A 469 9.44 33.13 -18.53
C PRO A 469 8.98 33.73 -19.87
N PHE A 470 9.91 33.81 -20.82
CA PHE A 470 9.69 34.41 -22.15
C PHE A 470 9.14 35.83 -22.03
N GLU A 471 9.93 36.72 -21.43
CA GLU A 471 9.54 38.11 -21.24
C GLU A 471 10.61 39.05 -21.79
N ARG A 472 10.14 40.17 -22.35
CA ARG A 472 11.01 41.17 -22.94
C ARG A 472 10.64 42.57 -22.42
N ASP A 473 11.67 43.36 -22.11
CA ASP A 473 11.50 44.76 -21.75
C ASP A 473 12.33 45.63 -22.68
N ILE A 474 11.73 46.75 -23.09
CA ILE A 474 12.34 47.66 -24.07
C ILE A 474 12.63 49.03 -23.47
N SER A 475 11.70 49.55 -22.67
CA SER A 475 11.76 50.89 -22.07
C SER A 475 12.87 51.10 -21.05
N THR A 476 13.19 52.36 -20.78
CA THR A 476 14.41 52.62 -20.06
C THR A 476 14.27 53.77 -19.09
N GLU A 477 14.74 53.53 -17.88
CA GLU A 477 14.89 54.56 -16.87
C GLU A 477 16.21 54.36 -16.16
N ILE A 478 16.82 55.46 -15.74
CA ILE A 478 18.08 55.37 -15.00
C ILE A 478 17.73 54.76 -13.64
N TYR A 479 18.51 53.77 -13.20
CA TYR A 479 18.17 53.12 -11.95
C TYR A 479 18.26 54.15 -10.81
N GLN A 480 17.20 54.21 -10.02
CA GLN A 480 17.14 55.13 -8.89
C GLN A 480 16.82 54.33 -7.62
N ALA A 481 17.58 54.56 -6.57
CA ALA A 481 17.40 53.83 -5.32
C ALA A 481 16.87 54.76 -4.24
N GLY A 482 15.71 54.42 -3.67
CA GLY A 482 15.08 55.23 -2.63
C GLY A 482 14.80 56.66 -3.05
N SER A 483 15.26 57.62 -2.25
CA SER A 483 15.02 59.05 -2.48
C SER A 483 15.93 59.63 -3.58
N THR A 484 15.68 60.89 -3.92
CA THR A 484 16.49 61.66 -4.90
C THR A 484 16.53 61.06 -6.31
N PRO A 485 15.36 60.65 -6.84
CA PRO A 485 15.30 60.06 -8.17
C PRO A 485 16.20 60.79 -9.19
N CYS A 486 16.94 60.01 -9.96
CA CYS A 486 17.93 60.49 -10.94
C CYS A 486 17.42 61.44 -12.01
N ASN A 487 16.34 61.02 -12.69
CA ASN A 487 15.77 61.73 -13.83
C ASN A 487 16.83 62.03 -14.91
N GLY A 488 17.66 61.01 -15.20
CA GLY A 488 18.73 61.14 -16.18
C GLY A 488 20.02 61.80 -15.71
N VAL A 489 20.10 62.18 -14.43
CA VAL A 489 21.26 62.96 -13.93
C VAL A 489 22.56 62.12 -13.82
N GLU A 490 22.43 60.84 -13.48
CA GLU A 490 23.55 59.90 -13.34
C GLU A 490 24.59 60.35 -12.30
N GLY A 491 24.15 60.99 -11.22
CA GLY A 491 25.02 61.40 -10.13
C GLY A 491 25.06 60.33 -9.06
N PHE A 492 25.38 60.74 -7.83
CA PHE A 492 25.40 59.78 -6.72
C PHE A 492 24.00 59.16 -6.57
N ASN A 493 23.98 57.83 -6.42
CA ASN A 493 22.74 57.02 -6.31
C ASN A 493 21.92 56.94 -7.61
N CYS A 494 22.54 57.35 -8.71
CA CYS A 494 21.99 57.29 -10.04
C CYS A 494 22.90 56.46 -10.90
N TYR A 495 22.39 55.39 -11.48
CA TYR A 495 23.22 54.46 -12.26
C TYR A 495 22.55 54.14 -13.60
N PHE A 496 23.36 53.91 -14.63
CA PHE A 496 22.82 53.79 -15.98
C PHE A 496 22.42 52.35 -16.32
N PRO A 497 21.14 52.12 -16.68
CA PRO A 497 20.61 50.79 -17.01
C PRO A 497 21.26 50.15 -18.24
N LEU A 498 21.46 50.95 -19.28
CA LEU A 498 22.06 50.48 -20.52
C LEU A 498 23.56 50.19 -20.35
N GLN A 499 24.05 49.19 -21.09
CA GLN A 499 25.46 48.78 -21.05
C GLN A 499 26.01 48.53 -22.44
N SER A 500 27.29 48.87 -22.65
CA SER A 500 27.94 48.64 -23.94
C SER A 500 29.09 47.61 -23.91
N TYR A 501 29.12 46.74 -24.92
CA TYR A 501 30.19 45.75 -25.04
C TYR A 501 31.48 46.37 -25.57
N GLY A 502 32.55 45.59 -25.49
CA GLY A 502 33.85 45.96 -26.07
C GLY A 502 34.32 44.92 -27.06
N PHE A 503 33.41 44.44 -27.91
CA PHE A 503 33.72 43.36 -28.84
C PHE A 503 34.70 43.78 -29.91
N GLN A 504 35.80 43.01 -30.00
CA GLN A 504 36.90 43.19 -30.96
C GLN A 504 37.55 41.80 -31.13
N PRO A 505 38.31 41.58 -32.22
CA PRO A 505 38.93 40.25 -32.39
C PRO A 505 39.89 39.82 -31.27
N THR A 506 40.55 40.80 -30.66
CA THR A 506 41.69 40.56 -29.74
C THR A 506 41.33 40.04 -28.34
N ASN A 507 40.14 40.33 -27.85
CA ASN A 507 39.70 39.97 -26.49
C ASN A 507 39.65 38.46 -26.25
N GLY A 508 39.92 38.06 -25.00
CA GLY A 508 39.97 36.65 -24.61
C GLY A 508 38.88 35.79 -25.23
N VAL A 509 39.11 34.48 -25.23
CA VAL A 509 38.19 33.53 -25.88
C VAL A 509 36.80 33.58 -25.22
N GLY A 510 36.78 33.58 -23.88
CA GLY A 510 35.56 33.74 -23.11
C GLY A 510 34.86 35.07 -23.35
N TYR A 511 35.64 36.14 -23.53
CA TYR A 511 35.10 37.47 -23.76
C TYR A 511 34.54 37.70 -25.17
N GLN A 512 34.79 36.76 -26.07
CA GLN A 512 34.28 36.86 -27.44
C GLN A 512 32.75 36.80 -27.44
N PRO A 513 32.10 37.54 -28.36
CA PRO A 513 30.64 37.47 -28.46
C PRO A 513 30.17 36.18 -29.12
N TYR A 514 29.15 35.56 -28.53
CA TYR A 514 28.45 34.45 -29.17
C TYR A 514 27.02 34.86 -29.48
N ARG A 515 26.48 34.22 -30.51
CA ARG A 515 25.16 34.53 -31.04
C ARG A 515 24.26 33.34 -30.75
N VAL A 516 23.24 33.55 -29.91
CA VAL A 516 22.42 32.42 -29.48
C VAL A 516 20.99 32.47 -29.98
N VAL A 517 20.57 31.39 -30.62
CA VAL A 517 19.22 31.27 -31.09
C VAL A 517 18.50 30.22 -30.26
N VAL A 518 17.50 30.67 -29.52
CA VAL A 518 16.64 29.79 -28.72
C VAL A 518 15.42 29.36 -29.54
N LEU A 519 15.05 28.08 -29.41
CA LEU A 519 13.87 27.53 -30.07
C LEU A 519 12.91 27.02 -29.02
N SER A 520 11.69 27.55 -29.02
CA SER A 520 10.66 27.17 -28.07
C SER A 520 9.40 26.75 -28.82
N PHE A 521 8.62 25.88 -28.18
CA PHE A 521 7.33 25.45 -28.72
C PHE A 521 6.44 24.87 -27.64
N GLU A 522 5.13 25.03 -27.83
CA GLU A 522 4.13 24.52 -26.89
C GLU A 522 4.07 23.02 -27.12
N LEU A 523 3.69 22.25 -26.10
CA LEU A 523 3.66 20.78 -26.23
C LEU A 523 2.38 20.19 -26.82
N LEU A 524 2.15 20.44 -28.11
CA LEU A 524 1.03 19.87 -28.89
C LEU A 524 -0.37 19.97 -28.28
N HIS A 525 -0.71 21.12 -27.70
CA HIS A 525 -2.03 21.31 -27.08
C HIS A 525 -3.18 21.28 -28.10
N ALA A 526 -2.93 21.88 -29.27
CA ALA A 526 -3.92 21.98 -30.34
C ALA A 526 -3.40 21.28 -31.60
N PRO A 527 -4.32 20.82 -32.48
CA PRO A 527 -3.90 20.21 -33.76
C PRO A 527 -3.21 21.21 -34.70
N ALA A 528 -1.95 21.55 -34.40
CA ALA A 528 -1.22 22.53 -35.21
C ALA A 528 -0.66 21.88 -36.48
N THR A 529 0.17 22.62 -37.20
CA THR A 529 0.67 22.21 -38.50
C THR A 529 2.16 21.84 -38.55
N VAL A 530 2.98 22.53 -37.75
CA VAL A 530 4.43 22.46 -37.91
C VAL A 530 4.96 21.09 -37.48
N CYS A 531 5.60 20.38 -38.42
CA CYS A 531 6.39 19.17 -38.16
C CYS A 531 7.11 18.70 -39.41
N GLY A 532 7.97 17.71 -39.25
CA GLY A 532 8.96 17.33 -40.26
C GLY A 532 8.48 16.42 -41.37
N PRO A 533 9.42 15.78 -42.08
CA PRO A 533 9.10 15.13 -43.34
C PRO A 533 8.63 13.69 -43.16
N LYS A 534 7.48 13.36 -43.75
CA LYS A 534 6.86 12.06 -43.54
C LYS A 534 6.01 11.68 -44.75
N LYS A 535 5.20 10.61 -44.63
CA LYS A 535 4.47 10.07 -45.77
C LYS A 535 3.08 9.96 -45.42
N SER A 536 2.58 11.03 -45.89
CA SER A 536 1.20 10.90 -45.83
C SER A 536 1.00 9.44 -46.30
N THR A 537 0.17 8.69 -45.57
CA THR A 537 -0.07 7.32 -45.91
C THR A 537 -1.54 7.19 -46.27
N ASN A 538 -1.84 6.44 -47.33
CA ASN A 538 -3.20 6.25 -47.74
C ASN A 538 -3.95 5.58 -46.60
N LEU A 539 -5.11 6.13 -46.28
CA LEU A 539 -5.92 5.61 -45.17
C LEU A 539 -6.26 4.14 -45.33
N VAL A 540 -6.06 3.39 -44.26
CA VAL A 540 -6.49 2.00 -44.21
C VAL A 540 -7.54 1.80 -43.12
N LYS A 541 -8.54 0.99 -43.44
CA LYS A 541 -9.68 0.78 -42.55
C LYS A 541 -10.00 -0.69 -42.36
N ASN A 542 -10.47 -1.04 -41.15
CA ASN A 542 -10.91 -2.38 -40.78
C ASN A 542 -9.75 -3.30 -40.36
N LYS A 543 -8.54 -2.76 -40.32
CA LYS A 543 -7.37 -3.53 -39.93
C LYS A 543 -6.63 -2.79 -38.83
N CYS A 544 -6.28 -3.51 -37.77
CA CYS A 544 -5.46 -2.97 -36.70
C CYS A 544 -4.16 -2.48 -37.32
N VAL A 545 -3.86 -1.20 -37.14
CA VAL A 545 -2.63 -0.61 -37.68
C VAL A 545 -2.19 0.50 -36.73
N ASN A 546 -0.89 0.70 -36.56
CA ASN A 546 -0.40 1.81 -35.74
C ASN A 546 -0.76 3.13 -36.44
N PHE A 547 -1.32 4.09 -35.72
CA PHE A 547 -1.67 5.36 -36.34
C PHE A 547 -1.01 6.55 -35.65
N ASN A 548 -0.46 7.46 -36.45
CA ASN A 548 0.16 8.67 -35.94
C ASN A 548 -0.50 9.89 -36.54
N PHE A 549 -1.06 10.74 -35.70
CA PHE A 549 -1.69 11.96 -36.18
C PHE A 549 -1.08 13.13 -35.42
N ASN A 550 -0.31 13.96 -36.12
CA ASN A 550 0.28 15.17 -35.54
C ASN A 550 1.05 14.94 -34.24
N GLY A 551 1.85 13.88 -34.19
CA GLY A 551 2.62 13.56 -33.00
C GLY A 551 1.84 12.81 -31.94
N LEU A 552 0.61 12.40 -32.27
CA LEU A 552 -0.22 11.61 -31.38
C LEU A 552 -0.23 10.22 -31.97
N THR A 553 0.10 9.22 -31.15
CA THR A 553 0.11 7.84 -31.63
C THR A 553 -0.77 6.89 -30.84
N GLY A 554 -1.54 6.10 -31.57
CA GLY A 554 -2.42 5.11 -30.97
C GLY A 554 -2.51 3.91 -31.88
N THR A 555 -2.99 2.79 -31.35
CA THR A 555 -3.14 1.58 -32.13
C THR A 555 -4.60 1.13 -32.07
N GLY A 556 -5.17 0.83 -33.23
CA GLY A 556 -6.54 0.38 -33.32
C GLY A 556 -6.99 0.10 -34.74
N VAL A 557 -8.28 -0.16 -34.89
CA VAL A 557 -8.90 -0.29 -36.21
C VAL A 557 -9.66 1.00 -36.50
N LEU A 558 -9.44 1.60 -37.66
CA LEU A 558 -10.10 2.88 -37.91
C LEU A 558 -11.22 2.72 -38.90
N THR A 559 -12.44 2.99 -38.45
CA THR A 559 -13.62 2.92 -39.31
C THR A 559 -14.36 4.24 -39.18
N GLU A 560 -15.13 4.59 -40.20
CA GLU A 560 -15.88 5.85 -40.19
C GLU A 560 -16.85 5.86 -39.01
N SER A 561 -16.90 6.98 -38.30
CA SER A 561 -17.75 7.09 -37.12
C SER A 561 -18.95 7.97 -37.45
N ASN A 562 -20.13 7.45 -37.14
CA ASN A 562 -21.40 8.09 -37.48
C ASN A 562 -21.64 9.43 -36.80
N LYS A 563 -21.14 9.59 -35.58
CA LYS A 563 -21.31 10.84 -34.87
C LYS A 563 -20.77 12.00 -35.68
N LYS A 564 -21.53 13.07 -35.76
CA LYS A 564 -21.14 14.24 -36.54
C LYS A 564 -20.50 15.26 -35.62
N PHE A 565 -19.33 15.75 -36.01
CA PHE A 565 -18.58 16.70 -35.17
C PHE A 565 -18.71 18.11 -35.74
N LEU A 566 -18.38 19.10 -34.92
CA LEU A 566 -18.45 20.50 -35.33
C LEU A 566 -17.29 20.86 -36.27
N PRO A 567 -17.43 21.95 -37.05
CA PRO A 567 -16.38 22.37 -37.97
C PRO A 567 -15.03 22.58 -37.29
N PHE A 568 -15.06 23.05 -36.06
CA PHE A 568 -13.83 23.34 -35.32
C PHE A 568 -13.27 22.17 -34.51
N GLN A 569 -14.11 21.22 -34.11
CA GLN A 569 -13.66 20.11 -33.27
C GLN A 569 -12.68 19.20 -34.02
N GLN A 570 -11.62 18.79 -33.33
CA GLN A 570 -10.56 17.94 -33.92
C GLN A 570 -10.49 16.58 -33.26
N PHE A 571 -10.32 16.54 -31.95
CA PHE A 571 -10.14 15.26 -31.26
C PHE A 571 -11.39 14.90 -30.48
N GLY A 572 -11.91 13.69 -30.72
CA GLY A 572 -13.05 13.18 -29.97
C GLY A 572 -12.55 12.23 -28.91
N ARG A 573 -13.03 12.39 -27.68
CA ARG A 573 -12.66 11.49 -26.60
C ARG A 573 -13.82 10.85 -25.88
N ASP A 574 -13.54 9.69 -25.29
CA ASP A 574 -14.53 8.89 -24.59
C ASP A 574 -14.68 9.34 -23.13
N ILE A 575 -15.61 8.70 -22.43
CA ILE A 575 -15.95 8.98 -21.03
C ILE A 575 -14.80 8.64 -20.09
N ALA A 576 -13.95 7.71 -20.53
CA ALA A 576 -12.81 7.23 -19.74
C ALA A 576 -11.51 7.96 -20.11
N ASP A 577 -11.66 9.11 -20.77
CA ASP A 577 -10.55 9.98 -21.19
C ASP A 577 -9.54 9.30 -22.12
N THR A 578 -10.06 8.47 -23.02
CA THR A 578 -9.28 7.82 -24.06
C THR A 578 -9.90 8.31 -25.36
N THR A 579 -9.07 8.77 -26.29
CA THR A 579 -9.58 9.25 -27.58
C THR A 579 -10.32 8.15 -28.35
N ASP A 580 -11.57 8.39 -28.72
CA ASP A 580 -12.35 7.40 -29.45
C ASP A 580 -12.58 7.79 -30.91
N ALA A 581 -12.08 8.96 -31.30
CA ALA A 581 -12.29 9.46 -32.65
C ALA A 581 -11.19 10.43 -33.07
N VAL A 582 -11.05 10.59 -34.38
CA VAL A 582 -10.14 11.57 -34.97
C VAL A 582 -10.75 12.15 -36.25
N ARG A 583 -10.12 13.20 -36.74
CA ARG A 583 -10.45 13.78 -38.02
C ARG A 583 -9.22 13.61 -38.89
N ASP A 584 -9.38 13.06 -40.09
CA ASP A 584 -8.26 12.93 -41.01
C ASP A 584 -7.77 14.35 -41.31
N PRO A 585 -6.50 14.65 -41.01
CA PRO A 585 -6.06 16.00 -41.32
C PRO A 585 -6.14 16.30 -42.83
N GLN A 586 -5.67 15.37 -43.64
CA GLN A 586 -5.64 15.54 -45.09
C GLN A 586 -7.01 15.37 -45.73
N THR A 587 -7.78 14.40 -45.26
CA THR A 587 -9.06 14.06 -45.88
C THR A 587 -10.30 14.65 -45.18
N LEU A 588 -10.12 15.27 -44.01
CA LEU A 588 -11.23 15.85 -43.25
C LEU A 588 -12.40 14.88 -43.05
N GLU A 589 -12.06 13.67 -42.62
CA GLU A 589 -13.07 12.64 -42.38
C GLU A 589 -12.98 12.07 -40.98
N ILE A 590 -14.10 11.54 -40.49
CA ILE A 590 -14.16 11.09 -39.12
C ILE A 590 -13.96 9.59 -39.00
N LEU A 591 -12.98 9.20 -38.20
CA LEU A 591 -12.64 7.80 -37.99
C LEU A 591 -12.79 7.49 -36.52
N ASP A 592 -13.41 6.35 -36.21
CA ASP A 592 -13.57 5.93 -34.83
C ASP A 592 -12.45 4.96 -34.47
N ILE A 593 -11.82 5.17 -33.32
CA ILE A 593 -10.69 4.36 -32.89
C ILE A 593 -11.11 3.41 -31.76
N THR A 594 -10.93 2.11 -31.98
CA THR A 594 -11.12 1.12 -30.96
C THR A 594 -9.88 0.24 -30.91
N PRO A 595 -9.46 -0.15 -29.69
CA PRO A 595 -8.24 -0.92 -29.44
C PRO A 595 -8.32 -2.33 -29.97
N CYS A 596 -7.17 -2.89 -30.31
CA CYS A 596 -7.08 -4.19 -31.03
C CYS A 596 -7.31 -5.49 -30.22
N SER A 597 -8.54 -5.66 -29.72
CA SER A 597 -8.92 -6.84 -28.98
C SER A 597 -7.73 -7.56 -28.35
N PHE A 598 -7.65 -7.50 -27.02
CA PHE A 598 -6.74 -8.34 -26.26
C PHE A 598 -7.51 -9.51 -25.64
N GLY A 599 -6.94 -10.16 -24.66
CA GLY A 599 -7.63 -11.21 -23.94
C GLY A 599 -6.70 -12.13 -23.19
N GLY A 600 -7.17 -12.65 -22.05
CA GLY A 600 -6.40 -13.64 -21.31
C GLY A 600 -6.65 -15.04 -21.87
N VAL A 601 -5.61 -15.90 -21.88
CA VAL A 601 -5.79 -17.30 -22.33
C VAL A 601 -5.79 -18.28 -21.17
N SER A 602 -6.84 -19.08 -21.15
CA SER A 602 -6.96 -20.16 -20.20
C SER A 602 -7.04 -21.50 -20.90
N VAL A 603 -6.27 -22.47 -20.43
CA VAL A 603 -6.24 -23.79 -21.03
C VAL A 603 -6.96 -24.72 -20.08
N ILE A 604 -7.89 -25.49 -20.61
CA ILE A 604 -8.70 -26.39 -19.80
C ILE A 604 -8.05 -27.76 -19.92
N THR A 605 -7.65 -28.31 -18.77
CA THR A 605 -7.01 -29.60 -18.74
C THR A 605 -7.80 -30.56 -17.87
N PRO A 606 -8.07 -31.77 -18.36
CA PRO A 606 -8.73 -32.78 -17.54
C PRO A 606 -7.90 -33.06 -16.34
N GLY A 607 -6.60 -32.96 -16.50
CA GLY A 607 -5.61 -33.19 -15.47
C GLY A 607 -4.44 -33.87 -16.16
N THR A 608 -3.23 -33.51 -15.77
CA THR A 608 -2.02 -34.08 -16.33
C THR A 608 -2.00 -35.60 -16.32
N ASN A 609 -2.40 -36.18 -15.20
CA ASN A 609 -2.32 -37.62 -14.99
C ASN A 609 -3.21 -38.34 -15.99
N THR A 610 -4.44 -37.85 -16.15
CA THR A 610 -5.43 -38.54 -16.98
C THR A 610 -5.11 -38.51 -18.47
N SER A 611 -4.72 -37.34 -18.97
CA SER A 611 -4.45 -37.16 -20.39
C SER A 611 -3.58 -35.94 -20.67
N ASN A 612 -3.15 -35.81 -21.91
CA ASN A 612 -2.36 -34.65 -22.29
C ASN A 612 -3.14 -33.65 -23.14
N GLN A 613 -4.38 -33.98 -23.49
CA GLN A 613 -5.17 -33.13 -24.38
C GLN A 613 -5.59 -31.83 -23.68
N VAL A 614 -5.61 -30.74 -24.42
CA VAL A 614 -5.93 -29.43 -23.85
C VAL A 614 -6.93 -28.69 -24.72
N ALA A 615 -7.67 -27.78 -24.09
CA ALA A 615 -8.61 -26.93 -24.79
C ALA A 615 -8.30 -25.53 -24.34
N VAL A 616 -8.14 -24.60 -25.26
CA VAL A 616 -7.77 -23.26 -24.87
C VAL A 616 -8.92 -22.33 -25.19
N LEU A 617 -9.38 -21.58 -24.20
CA LEU A 617 -10.45 -20.61 -24.40
C LEU A 617 -9.85 -19.23 -24.27
N TYR A 618 -9.77 -18.49 -25.37
CA TYR A 618 -9.32 -17.13 -25.32
C TYR A 618 -10.46 -16.37 -24.64
N GLN A 619 -10.14 -15.47 -23.72
CA GLN A 619 -11.20 -14.80 -22.93
C GLN A 619 -11.69 -13.52 -23.58
N GLY A 620 -12.92 -13.56 -24.08
CA GLY A 620 -13.55 -12.40 -24.71
C GLY A 620 -13.33 -12.24 -26.19
N VAL A 621 -12.17 -12.67 -26.68
CA VAL A 621 -11.84 -12.49 -28.10
C VAL A 621 -12.83 -13.23 -29.00
N ASN A 622 -13.19 -12.60 -30.11
CA ASN A 622 -14.06 -13.23 -31.10
C ASN A 622 -13.42 -14.49 -31.66
N CYS A 623 -14.23 -15.49 -31.95
CA CYS A 623 -13.78 -16.73 -32.56
C CYS A 623 -13.10 -16.65 -33.95
N THR A 624 -13.55 -15.72 -34.78
CA THR A 624 -12.93 -15.53 -36.09
C THR A 624 -11.49 -15.08 -35.90
N GLU A 625 -11.29 -14.17 -34.96
CA GLU A 625 -9.99 -13.65 -34.61
C GLU A 625 -8.82 -14.58 -34.84
N VAL A 626 -7.73 -14.01 -35.38
CA VAL A 626 -6.46 -14.68 -35.71
C VAL A 626 -6.60 -16.03 -36.43
N PRO A 627 -5.90 -17.10 -35.96
CA PRO A 627 -5.90 -18.40 -36.59
C PRO A 627 -6.96 -19.32 -35.97
N TRP A 639 2.82 -24.02 -30.86
CA TRP A 639 1.61 -23.21 -30.75
C TRP A 639 0.97 -22.91 -32.11
N ARG A 640 1.77 -22.93 -33.17
CA ARG A 640 1.26 -22.68 -34.52
C ARG A 640 0.21 -23.72 -34.92
N VAL A 641 0.49 -24.97 -34.60
CA VAL A 641 -0.43 -26.07 -34.89
C VAL A 641 -1.76 -25.94 -34.16
N TYR A 642 -1.73 -25.47 -32.92
CA TYR A 642 -2.94 -25.32 -32.10
C TYR A 642 -3.97 -24.29 -32.60
N SER A 643 -3.48 -23.21 -33.21
CA SER A 643 -4.32 -22.10 -33.76
C SER A 643 -5.64 -22.53 -34.43
N THR A 644 -5.59 -23.13 -35.61
CA THR A 644 -6.80 -23.59 -36.26
C THR A 644 -7.58 -24.44 -35.25
N GLY A 645 -8.90 -24.33 -35.27
CA GLY A 645 -9.69 -25.10 -34.30
C GLY A 645 -10.28 -26.40 -34.84
N SER A 646 -9.61 -27.51 -34.55
CA SER A 646 -10.15 -28.81 -34.90
C SER A 646 -11.66 -28.80 -34.66
N ASN A 647 -12.04 -28.21 -33.53
CA ASN A 647 -13.40 -28.06 -33.16
C ASN A 647 -13.58 -26.62 -32.80
N VAL A 648 -13.33 -25.67 -33.67
CA VAL A 648 -13.58 -24.33 -33.18
C VAL A 648 -15.08 -24.16 -32.87
N PHE A 649 -15.37 -23.53 -31.74
CA PHE A 649 -16.73 -23.28 -31.35
C PHE A 649 -16.74 -21.94 -30.65
N GLN A 650 -17.61 -21.06 -31.07
CA GLN A 650 -17.77 -19.77 -30.44
C GLN A 650 -18.75 -19.77 -29.31
N THR A 651 -18.29 -19.54 -28.09
CA THR A 651 -19.20 -19.51 -26.93
C THR A 651 -19.57 -18.06 -26.66
N ARG A 652 -20.07 -17.81 -25.45
CA ARG A 652 -20.42 -16.48 -25.02
C ARG A 652 -19.39 -15.92 -24.04
N ALA A 653 -18.50 -16.77 -23.55
CA ALA A 653 -17.49 -16.38 -22.58
C ALA A 653 -16.14 -16.08 -23.25
N GLY A 654 -16.02 -16.46 -24.53
CA GLY A 654 -14.85 -16.15 -25.31
C GLY A 654 -14.89 -16.88 -26.64
N CYS A 655 -13.82 -17.63 -26.91
CA CYS A 655 -13.75 -18.38 -28.15
C CYS A 655 -12.95 -19.65 -27.94
N LEU A 656 -13.63 -20.70 -27.48
CA LEU A 656 -13.05 -22.03 -27.27
C LEU A 656 -12.47 -22.60 -28.57
N ILE A 657 -11.34 -23.31 -28.45
CA ILE A 657 -10.67 -23.91 -29.59
C ILE A 657 -9.98 -25.16 -29.09
N GLY A 658 -10.54 -26.32 -29.41
CA GLY A 658 -9.99 -27.60 -28.93
C GLY A 658 -11.01 -28.44 -28.20
N ALA A 659 -12.28 -28.03 -28.24
CA ALA A 659 -13.35 -28.82 -27.72
C ALA A 659 -14.53 -28.90 -28.69
N GLU A 660 -15.34 -29.93 -28.53
CA GLU A 660 -16.45 -30.16 -29.45
C GLU A 660 -17.75 -29.95 -28.66
N HIS A 661 -18.58 -29.03 -29.17
CA HIS A 661 -19.82 -28.66 -28.51
C HIS A 661 -20.86 -29.76 -28.70
N VAL A 662 -21.22 -30.43 -27.61
CA VAL A 662 -22.23 -31.47 -27.67
C VAL A 662 -23.61 -30.84 -27.51
N ASN A 663 -24.65 -31.62 -27.74
CA ASN A 663 -26.01 -31.12 -27.52
C ASN A 663 -26.55 -31.49 -26.15
N ASN A 664 -25.98 -32.52 -25.54
CA ASN A 664 -26.40 -33.00 -24.23
C ASN A 664 -25.84 -32.15 -23.11
N SER A 665 -26.51 -32.26 -21.96
CA SER A 665 -26.17 -31.49 -20.78
C SER A 665 -25.84 -32.40 -19.61
N TYR A 666 -24.68 -32.16 -19.00
CA TYR A 666 -24.21 -32.93 -17.84
C TYR A 666 -23.90 -32.02 -16.64
N GLU A 667 -23.63 -32.64 -15.50
CA GLU A 667 -23.22 -31.88 -14.33
C GLU A 667 -21.95 -31.10 -14.62
N CYS A 668 -21.71 -30.00 -13.89
CA CYS A 668 -20.46 -29.28 -14.14
C CYS A 668 -19.23 -30.08 -13.71
N ASP A 669 -18.17 -29.85 -14.45
CA ASP A 669 -16.90 -30.51 -14.18
C ASP A 669 -15.75 -29.52 -14.13
N ILE A 670 -15.42 -28.96 -15.29
CA ILE A 670 -14.40 -27.95 -15.42
C ILE A 670 -15.11 -26.66 -15.84
N PRO A 671 -15.50 -25.81 -14.87
CA PRO A 671 -16.21 -24.56 -15.16
C PRO A 671 -15.47 -23.64 -16.12
N ILE A 672 -16.21 -22.95 -16.98
CA ILE A 672 -15.63 -22.04 -17.98
C ILE A 672 -16.19 -20.63 -17.77
N GLY A 673 -17.50 -20.48 -17.97
CA GLY A 673 -18.13 -19.16 -17.95
C GLY A 673 -19.41 -19.12 -18.76
N ALA A 674 -20.37 -18.33 -18.27
CA ALA A 674 -21.68 -18.15 -18.91
C ALA A 674 -22.35 -19.45 -19.33
N GLY A 675 -22.34 -20.44 -18.44
CA GLY A 675 -23.03 -21.69 -18.65
C GLY A 675 -22.17 -22.87 -19.01
N ILE A 676 -21.32 -22.68 -20.01
CA ILE A 676 -20.49 -23.72 -20.58
C ILE A 676 -19.50 -24.32 -19.57
N CYS A 677 -19.40 -25.65 -19.59
CA CYS A 677 -18.49 -26.39 -18.75
C CYS A 677 -17.73 -27.37 -19.63
N ALA A 678 -16.53 -27.76 -19.20
CA ALA A 678 -15.71 -28.70 -19.98
C ALA A 678 -15.44 -29.98 -19.21
N SER A 679 -15.65 -31.13 -19.89
CA SER A 679 -15.41 -32.45 -19.30
C SER A 679 -14.56 -33.30 -20.23
N TYR A 680 -13.74 -34.18 -19.66
CA TYR A 680 -12.89 -35.08 -20.45
C TYR A 680 -13.63 -36.35 -20.83
N GLN A 681 -14.90 -36.46 -20.44
CA GLN A 681 -15.70 -37.63 -20.74
C GLN A 681 -16.89 -37.28 -21.62
N THR A 682 -17.06 -38.04 -22.70
CA THR A 682 -18.14 -37.81 -23.66
C THR A 682 -19.50 -38.03 -23.02
N SER A 692 -11.26 -41.42 -29.32
CA SER A 692 -12.01 -42.09 -28.28
C SER A 692 -12.28 -41.18 -27.08
N GLN A 693 -11.34 -40.28 -26.81
CA GLN A 693 -11.42 -39.31 -25.72
C GLN A 693 -11.18 -37.89 -26.25
N SER A 694 -12.00 -36.94 -25.80
CA SER A 694 -11.89 -35.55 -26.24
C SER A 694 -12.64 -34.63 -25.28
N ILE A 695 -12.00 -33.52 -24.94
CA ILE A 695 -12.60 -32.50 -24.08
C ILE A 695 -13.83 -31.92 -24.77
N ILE A 696 -14.96 -32.04 -24.12
CA ILE A 696 -16.26 -31.59 -24.66
C ILE A 696 -16.92 -30.57 -23.74
N ALA A 697 -17.49 -29.52 -24.34
CA ALA A 697 -18.07 -28.42 -23.58
C ALA A 697 -19.60 -28.45 -23.67
N TYR A 698 -20.24 -28.67 -22.53
CA TYR A 698 -21.70 -28.82 -22.41
C TYR A 698 -22.32 -27.53 -21.89
N THR A 699 -23.65 -27.51 -21.85
CA THR A 699 -24.40 -26.30 -21.53
C THR A 699 -24.74 -26.19 -20.03
N MET A 700 -24.33 -27.18 -19.22
CA MET A 700 -24.49 -27.18 -17.76
C MET A 700 -25.93 -27.04 -17.21
N SER A 701 -26.85 -27.83 -17.72
CA SER A 701 -28.17 -27.90 -17.08
C SER A 701 -28.01 -28.30 -15.59
N LEU A 702 -28.83 -27.69 -14.76
CA LEU A 702 -28.64 -27.69 -13.31
C LEU A 702 -28.85 -29.10 -12.66
N GLY A 703 -29.61 -30.00 -13.23
CA GLY A 703 -29.70 -31.32 -12.60
C GLY A 703 -30.97 -31.89 -13.12
N ALA A 704 -31.34 -33.10 -12.69
CA ALA A 704 -32.51 -33.79 -13.21
C ALA A 704 -33.74 -32.98 -12.85
N GLU A 705 -34.64 -32.84 -13.82
CA GLU A 705 -35.89 -32.09 -13.62
C GLU A 705 -37.03 -33.06 -13.40
N ASN A 706 -37.42 -33.23 -12.14
CA ASN A 706 -38.61 -34.01 -11.77
C ASN A 706 -39.51 -33.14 -10.94
N SER A 707 -40.81 -33.24 -11.21
CA SER A 707 -41.80 -32.46 -10.47
C SER A 707 -42.48 -33.36 -9.47
N VAL A 708 -42.44 -32.99 -8.20
CA VAL A 708 -43.09 -33.81 -7.20
C VAL A 708 -44.60 -33.79 -7.47
N ALA A 709 -45.19 -34.98 -7.44
CA ALA A 709 -46.62 -35.13 -7.74
C ALA A 709 -47.48 -34.46 -6.67
N TYR A 710 -48.28 -33.47 -7.07
CA TYR A 710 -49.00 -32.60 -6.15
C TYR A 710 -50.52 -32.68 -6.30
N SER A 711 -51.21 -32.58 -5.17
CA SER A 711 -52.65 -32.57 -5.12
C SER A 711 -53.06 -32.16 -3.72
N ASN A 712 -54.24 -31.55 -3.60
CA ASN A 712 -54.76 -31.16 -2.30
C ASN A 712 -54.96 -32.36 -1.36
N ASN A 713 -55.42 -33.48 -1.90
CA ASN A 713 -55.70 -34.65 -1.09
C ASN A 713 -54.57 -35.68 -1.04
N SER A 714 -53.43 -35.39 -1.67
CA SER A 714 -52.31 -36.35 -1.71
C SER A 714 -51.16 -35.94 -0.78
N ILE A 715 -50.71 -36.88 0.04
CA ILE A 715 -49.57 -36.69 0.93
C ILE A 715 -48.59 -37.85 0.82
N ALA A 716 -47.30 -37.57 1.05
CA ALA A 716 -46.28 -38.62 1.12
C ALA A 716 -45.54 -38.60 2.45
N ILE A 717 -45.46 -39.76 3.09
CA ILE A 717 -44.79 -39.90 4.37
C ILE A 717 -43.77 -41.04 4.25
N PRO A 718 -42.52 -40.82 4.73
CA PRO A 718 -41.46 -41.81 4.69
C PRO A 718 -41.76 -43.08 5.48
N THR A 719 -41.32 -44.22 4.96
CA THR A 719 -41.49 -45.50 5.65
C THR A 719 -40.18 -46.03 6.24
N ASN A 720 -39.06 -45.47 5.82
CA ASN A 720 -37.75 -45.88 6.29
C ASN A 720 -36.84 -44.67 6.37
N PHE A 721 -35.83 -44.74 7.22
CA PHE A 721 -34.89 -43.64 7.39
C PHE A 721 -33.44 -44.10 7.29
N THR A 722 -32.56 -43.21 6.84
CA THR A 722 -31.15 -43.52 6.76
C THR A 722 -30.30 -42.50 7.51
N ILE A 723 -29.37 -43.00 8.31
CA ILE A 723 -28.50 -42.13 9.08
C ILE A 723 -27.19 -42.03 8.30
N SER A 724 -26.75 -40.81 8.07
CA SER A 724 -25.51 -40.61 7.31
C SER A 724 -24.58 -39.63 8.01
N VAL A 725 -23.30 -39.70 7.64
CA VAL A 725 -22.28 -38.84 8.21
C VAL A 725 -21.67 -37.97 7.13
N THR A 726 -21.65 -36.66 7.36
CA THR A 726 -21.09 -35.72 6.39
C THR A 726 -20.03 -34.87 7.06
N THR A 727 -18.93 -34.62 6.36
CA THR A 727 -17.80 -33.90 6.95
C THR A 727 -17.62 -32.52 6.34
N GLU A 728 -17.52 -31.51 7.20
CA GLU A 728 -17.29 -30.13 6.80
C GLU A 728 -15.96 -29.68 7.40
N ILE A 729 -15.12 -29.08 6.59
CA ILE A 729 -13.73 -28.82 6.96
C ILE A 729 -13.45 -27.31 6.98
N LEU A 730 -13.07 -26.76 8.14
CA LEU A 730 -12.91 -25.31 8.31
C LEU A 730 -11.56 -24.97 8.94
N PRO A 731 -10.81 -24.02 8.35
CA PRO A 731 -9.50 -23.68 8.88
C PRO A 731 -9.63 -22.87 10.16
N VAL A 732 -8.76 -23.15 11.12
CA VAL A 732 -8.79 -22.42 12.39
C VAL A 732 -7.58 -21.51 12.59
N SER A 733 -6.45 -21.82 11.96
CA SER A 733 -5.24 -21.04 12.18
C SER A 733 -4.23 -21.12 11.04
N MET A 734 -3.25 -20.22 11.06
CA MET A 734 -2.17 -20.24 10.08
C MET A 734 -0.84 -20.02 10.77
N THR A 735 0.24 -20.34 10.07
CA THR A 735 1.56 -20.22 10.63
C THR A 735 1.76 -18.80 11.12
N LYS A 736 2.02 -18.74 12.42
CA LYS A 736 2.44 -17.53 13.09
C LYS A 736 3.73 -17.21 12.38
N THR A 737 3.85 -16.09 11.73
CA THR A 737 5.09 -15.82 11.05
C THR A 737 5.62 -14.59 11.68
N SER A 738 6.90 -14.51 12.00
CA SER A 738 7.42 -13.25 12.49
C SER A 738 8.48 -12.69 11.58
N VAL A 739 8.44 -11.42 11.26
CA VAL A 739 9.53 -10.88 10.48
C VAL A 739 10.09 -9.66 11.14
N ASP A 740 11.35 -9.70 11.54
CA ASP A 740 12.00 -8.49 12.00
C ASP A 740 12.02 -7.52 10.84
N CYS A 741 11.57 -6.30 11.06
CA CYS A 741 11.55 -5.34 9.97
C CYS A 741 12.97 -4.91 9.65
N THR A 742 13.78 -4.65 10.66
CA THR A 742 15.16 -4.21 10.44
C THR A 742 15.99 -5.22 9.65
N MET A 743 15.90 -6.50 10.01
CA MET A 743 16.78 -7.51 9.43
C MET A 743 16.49 -7.85 7.97
N TYR A 744 15.22 -7.94 7.60
CA TYR A 744 14.85 -8.22 6.23
C TYR A 744 15.06 -7.00 5.33
N ILE A 745 14.54 -5.86 5.78
CA ILE A 745 14.58 -4.65 4.97
C ILE A 745 15.98 -4.05 4.82
N CYS A 746 16.79 -4.03 5.88
CA CYS A 746 18.10 -3.39 5.75
C CYS A 746 19.28 -4.34 5.84
N GLY A 747 19.03 -5.60 6.16
CA GLY A 747 20.09 -6.59 6.26
C GLY A 747 20.98 -6.40 7.48
N ASP A 748 22.10 -7.10 7.47
CA ASP A 748 23.04 -7.09 8.59
C ASP A 748 23.71 -5.73 8.81
N SER A 749 24.03 -5.04 7.72
CA SER A 749 24.80 -3.80 7.81
C SER A 749 24.12 -2.69 8.62
N THR A 750 24.90 -2.09 9.50
CA THR A 750 24.41 -1.06 10.40
C THR A 750 24.15 0.24 9.64
N GLU A 751 24.99 0.52 8.65
CA GLU A 751 24.85 1.69 7.80
C GLU A 751 23.48 1.75 7.12
N CYS A 752 23.07 0.60 6.55
CA CYS A 752 21.81 0.51 5.88
C CYS A 752 20.65 0.68 6.90
N SER A 753 20.81 0.12 8.10
CA SER A 753 19.78 0.20 9.16
C SER A 753 19.47 1.64 9.55
N ASN A 754 20.51 2.48 9.63
CA ASN A 754 20.30 3.88 9.96
C ASN A 754 19.40 4.57 8.95
N LEU A 755 19.59 4.28 7.67
CA LEU A 755 18.72 4.88 6.66
C LEU A 755 17.27 4.51 6.88
N LEU A 756 17.04 3.28 7.32
CA LEU A 756 15.71 2.78 7.62
C LEU A 756 15.02 3.52 8.77
N LEU A 757 15.82 3.98 9.73
CA LEU A 757 15.32 4.70 10.91
C LEU A 757 14.54 5.97 10.55
N GLN A 758 14.94 6.63 9.45
CA GLN A 758 14.31 7.85 9.00
C GLN A 758 12.83 7.64 8.77
N TYR A 759 12.49 6.49 8.20
CA TYR A 759 11.09 6.15 7.98
C TYR A 759 10.33 6.06 9.30
N GLY A 760 10.99 5.59 10.35
CA GLY A 760 10.42 5.52 11.68
C GLY A 760 9.41 4.41 11.91
N SER A 761 8.13 4.77 11.97
CA SER A 761 7.10 3.87 12.45
C SER A 761 6.77 2.71 11.53
N PHE A 762 7.19 2.73 10.26
CA PHE A 762 6.97 1.58 9.37
C PHE A 762 7.37 0.22 9.96
N CYS A 763 8.64 0.13 10.37
CA CYS A 763 9.20 -1.11 10.92
C CYS A 763 8.34 -1.67 12.04
N THR A 764 8.15 -0.81 13.02
CA THR A 764 7.44 -1.13 14.23
C THR A 764 6.01 -1.52 13.90
N GLN A 765 5.36 -0.75 13.03
CA GLN A 765 3.98 -1.03 12.65
C GLN A 765 3.87 -2.41 12.05
N LEU A 766 4.77 -2.75 11.13
CA LEU A 766 4.72 -4.05 10.51
C LEU A 766 4.89 -5.17 11.53
N ASN A 767 5.86 -5.03 12.41
CA ASN A 767 6.09 -6.06 13.40
C ASN A 767 4.85 -6.27 14.30
N ARG A 768 4.24 -5.17 14.72
CA ARG A 768 3.07 -5.23 15.59
C ARG A 768 1.91 -5.94 14.88
N ALA A 769 1.68 -5.64 13.62
CA ALA A 769 0.56 -6.27 12.90
C ALA A 769 0.77 -7.78 12.83
N LEU A 770 1.98 -8.21 12.49
CA LEU A 770 2.27 -9.63 12.45
C LEU A 770 2.14 -10.30 13.81
N THR A 771 2.58 -9.63 14.86
CA THR A 771 2.45 -10.16 16.22
C THR A 771 0.97 -10.32 16.57
N GLY A 772 0.16 -9.34 16.22
CA GLY A 772 -1.27 -9.39 16.44
C GLY A 772 -1.91 -10.56 15.71
N ILE A 773 -1.49 -10.76 14.46
CA ILE A 773 -1.98 -11.89 13.68
C ILE A 773 -1.62 -13.21 14.36
N ALA A 774 -0.40 -13.31 14.86
CA ALA A 774 0.03 -14.53 15.55
C ALA A 774 -0.82 -14.79 16.79
N VAL A 775 -1.09 -13.73 17.55
CA VAL A 775 -1.91 -13.82 18.75
C VAL A 775 -3.32 -14.26 18.38
N GLU A 776 -3.86 -13.71 17.29
CA GLU A 776 -5.17 -14.11 16.78
C GLU A 776 -5.15 -15.61 16.41
N GLN A 777 -4.07 -16.05 15.78
CA GLN A 777 -3.89 -17.44 15.42
C GLN A 777 -3.89 -18.33 16.65
N ASP A 778 -3.19 -17.89 17.70
CA ASP A 778 -3.29 -18.54 18.99
C ASP A 778 -4.71 -18.41 19.60
N LYS A 779 -5.30 -17.21 19.54
CA LYS A 779 -6.63 -16.93 20.10
C LYS A 779 -7.76 -17.70 19.44
N ASN A 780 -7.77 -17.67 18.11
CA ASN A 780 -8.68 -18.47 17.30
C ASN A 780 -8.69 -19.95 17.73
N THR A 781 -7.51 -20.52 18.00
CA THR A 781 -7.46 -21.90 18.46
C THR A 781 -8.09 -22.07 19.85
N GLN A 782 -7.81 -21.14 20.74
CA GLN A 782 -8.35 -21.14 22.10
C GLN A 782 -9.87 -21.11 22.06
N GLU A 783 -10.40 -20.21 21.23
CA GLU A 783 -11.86 -20.04 21.14
C GLU A 783 -12.55 -21.29 20.56
N VAL A 784 -12.00 -21.82 19.48
CA VAL A 784 -12.56 -22.99 18.79
C VAL A 784 -12.48 -24.28 19.60
N PHE A 785 -11.35 -24.53 20.27
CA PHE A 785 -11.14 -25.80 21.01
C PHE A 785 -11.37 -25.74 22.51
N ALA A 786 -10.94 -24.67 23.15
CA ALA A 786 -11.02 -24.57 24.61
C ALA A 786 -12.39 -24.07 25.08
N GLN A 787 -13.41 -24.88 24.89
CA GLN A 787 -14.75 -24.57 25.38
C GLN A 787 -15.08 -25.36 26.64
N VAL A 788 -14.18 -26.23 27.07
CA VAL A 788 -14.42 -27.06 28.25
C VAL A 788 -13.32 -26.88 29.29
N LYS A 789 -13.75 -26.56 30.51
CA LYS A 789 -12.84 -26.47 31.65
C LYS A 789 -12.17 -27.80 32.00
N GLN A 790 -12.93 -28.89 31.90
CA GLN A 790 -12.45 -30.19 32.34
C GLN A 790 -12.30 -31.16 31.17
N ILE A 791 -11.19 -31.89 31.15
CA ILE A 791 -10.95 -32.91 30.14
C ILE A 791 -11.58 -34.21 30.61
N TYR A 792 -12.75 -34.48 30.06
CA TYR A 792 -13.49 -35.69 30.37
C TYR A 792 -12.77 -36.88 29.71
N LYS A 793 -12.75 -38.02 30.39
CA LYS A 793 -12.07 -39.20 29.86
C LYS A 793 -13.08 -40.32 29.67
N THR A 794 -13.07 -40.91 28.48
CA THR A 794 -14.00 -41.98 28.13
C THR A 794 -13.83 -43.19 29.07
N PRO A 795 -14.96 -43.80 29.50
CA PRO A 795 -15.01 -45.04 30.27
C PRO A 795 -14.33 -46.22 29.58
N PRO A 796 -13.68 -47.10 30.36
CA PRO A 796 -13.07 -48.33 29.84
C PRO A 796 -14.10 -49.25 29.21
N ILE A 797 -15.30 -49.28 29.77
CA ILE A 797 -16.38 -50.12 29.27
C ILE A 797 -16.74 -49.68 27.84
N LYS A 798 -16.94 -50.66 26.96
CA LYS A 798 -17.31 -50.40 25.56
C LYS A 798 -18.81 -50.54 25.31
N ASP A 799 -19.61 -50.49 26.37
CA ASP A 799 -21.05 -50.61 26.23
C ASP A 799 -21.67 -49.29 25.77
N PHE A 800 -21.65 -49.08 24.45
CA PHE A 800 -22.20 -47.86 23.84
C PHE A 800 -23.48 -48.14 23.07
N GLY A 801 -24.21 -49.19 23.48
CA GLY A 801 -25.45 -49.56 22.81
C GLY A 801 -25.31 -49.91 21.34
N GLY A 802 -24.22 -50.58 20.98
CA GLY A 802 -24.00 -51.04 19.61
C GLY A 802 -23.34 -50.03 18.67
N PHE A 803 -22.92 -48.89 19.19
CA PHE A 803 -22.25 -47.90 18.37
C PHE A 803 -20.75 -48.09 18.51
N ASN A 804 -20.05 -48.26 17.39
CA ASN A 804 -18.61 -48.45 17.41
C ASN A 804 -17.94 -47.10 17.20
N PHE A 805 -17.29 -46.59 18.24
CA PHE A 805 -16.61 -45.32 18.20
C PHE A 805 -15.11 -45.49 18.29
N SER A 806 -14.63 -46.68 17.97
CA SER A 806 -13.21 -46.99 18.13
C SER A 806 -12.34 -46.06 17.29
N GLN A 807 -12.73 -45.85 16.04
CA GLN A 807 -11.94 -45.01 15.15
C GLN A 807 -11.89 -43.56 15.57
N ILE A 808 -13.03 -42.99 15.98
CA ILE A 808 -13.06 -41.58 16.39
C ILE A 808 -12.34 -41.32 17.72
N LEU A 809 -12.44 -42.26 18.65
CA LEU A 809 -11.82 -42.17 19.96
C LEU A 809 -10.32 -42.44 19.91
N PRO A 810 -9.57 -41.89 20.88
CA PRO A 810 -8.12 -42.08 21.05
C PRO A 810 -7.72 -43.54 21.14
N ASP A 811 -6.53 -43.84 20.66
CA ASP A 811 -5.93 -45.18 20.72
C ASP A 811 -4.72 -45.18 21.68
N PRO A 812 -4.72 -46.04 22.72
CA PRO A 812 -3.62 -46.08 23.68
C PRO A 812 -2.28 -46.59 23.12
N SER A 813 -2.35 -47.45 22.09
CA SER A 813 -1.15 -48.01 21.44
C SER A 813 -0.39 -46.97 20.62
N LYS A 814 -1.13 -46.14 19.88
CA LYS A 814 -0.53 -45.10 19.05
C LYS A 814 -0.09 -43.85 19.87
N PRO A 815 1.04 -43.20 19.46
CA PRO A 815 1.50 -41.98 20.13
C PRO A 815 0.60 -40.77 19.87
N SER A 816 0.74 -39.77 20.74
CA SER A 816 -0.02 -38.49 20.69
C SER A 816 -1.54 -38.58 20.94
N LYS A 817 -2.04 -39.76 21.31
CA LYS A 817 -3.46 -40.00 21.58
C LYS A 817 -4.38 -39.44 20.50
N ARG A 818 -4.05 -39.70 19.25
CA ARG A 818 -4.88 -39.24 18.14
C ARG A 818 -5.68 -40.40 17.57
N SER A 819 -6.95 -40.12 17.30
CA SER A 819 -7.85 -41.13 16.75
C SER A 819 -7.47 -41.55 15.34
N PHE A 820 -7.92 -42.75 14.96
CA PHE A 820 -7.60 -43.34 13.67
C PHE A 820 -8.02 -42.44 12.50
N ILE A 821 -9.23 -41.88 12.60
CA ILE A 821 -9.71 -40.94 11.58
C ILE A 821 -8.83 -39.69 11.55
N GLU A 822 -8.42 -39.22 12.73
CA GLU A 822 -7.55 -38.06 12.87
C GLU A 822 -6.18 -38.31 12.26
N ASP A 823 -5.68 -39.53 12.44
CA ASP A 823 -4.36 -39.92 11.90
C ASP A 823 -4.30 -39.78 10.40
N LEU A 824 -5.37 -40.19 9.74
CA LEU A 824 -5.45 -40.13 8.28
C LEU A 824 -5.42 -38.67 7.83
N LEU A 825 -6.15 -37.81 8.54
CA LEU A 825 -6.20 -36.39 8.22
C LEU A 825 -4.82 -35.74 8.37
N PHE A 826 -4.12 -36.15 9.43
CA PHE A 826 -2.78 -35.63 9.69
C PHE A 826 -1.83 -36.02 8.57
N ASN A 827 -1.93 -37.26 8.13
CA ASN A 827 -1.08 -37.80 7.08
C ASN A 827 -1.33 -37.14 5.75
N LYS A 828 -2.57 -37.13 5.29
CA LYS A 828 -2.86 -36.56 3.98
C LYS A 828 -2.57 -35.07 3.91
N VAL A 829 -2.95 -34.32 4.95
CA VAL A 829 -2.73 -32.89 4.94
C VAL A 829 -1.22 -32.61 4.89
N THR A 830 -0.46 -33.34 5.69
CA THR A 830 0.98 -33.16 5.73
C THR A 830 1.60 -33.51 4.38
N LEU A 831 1.10 -34.58 3.75
CA LEU A 831 1.58 -35.00 2.45
C LEU A 831 1.34 -33.93 1.41
N ALA A 832 0.15 -33.28 1.47
CA ALA A 832 -0.21 -32.24 0.52
C ALA A 832 0.04 -30.88 1.13
N LYS A 857 14.48 -18.63 11.25
CA LYS A 857 15.88 -18.25 11.12
C LYS A 857 16.38 -18.46 9.68
N PHE A 858 15.48 -18.87 8.79
CA PHE A 858 15.84 -19.23 7.43
C PHE A 858 16.44 -18.05 6.66
N ASN A 859 15.77 -16.90 6.71
CA ASN A 859 16.33 -15.69 6.12
C ASN A 859 15.69 -14.46 6.75
N GLY A 860 15.84 -14.37 8.06
CA GLY A 860 15.21 -13.32 8.85
C GLY A 860 13.71 -13.45 9.07
N LEU A 861 13.11 -14.55 8.65
CA LEU A 861 11.68 -14.74 8.88
C LEU A 861 11.55 -15.95 9.79
N THR A 862 10.88 -15.75 10.92
CA THR A 862 10.77 -16.82 11.90
C THR A 862 9.34 -17.26 12.14
N VAL A 863 9.12 -18.57 12.06
CA VAL A 863 7.83 -19.16 12.31
C VAL A 863 7.78 -19.56 13.77
N LEU A 864 7.05 -18.79 14.57
CA LEU A 864 6.93 -19.04 16.00
C LEU A 864 6.18 -20.35 16.21
N PRO A 865 6.46 -21.07 17.32
CA PRO A 865 5.72 -22.29 17.60
C PRO A 865 4.28 -21.97 17.96
N PRO A 866 3.33 -22.88 17.66
CA PRO A 866 1.95 -22.65 18.06
C PRO A 866 1.82 -22.67 19.57
N LEU A 867 0.89 -21.91 20.13
CA LEU A 867 0.77 -21.87 21.59
C LEU A 867 0.33 -23.20 22.15
N LEU A 868 -0.56 -23.86 21.41
CA LEU A 868 -1.02 -25.20 21.75
C LEU A 868 -0.46 -26.20 20.75
N THR A 869 0.13 -27.27 21.26
CA THR A 869 0.76 -28.30 20.47
C THR A 869 -0.32 -29.15 19.84
N ASP A 870 0.05 -29.88 18.80
CA ASP A 870 -0.90 -30.74 18.08
C ASP A 870 -1.48 -31.77 19.02
N GLU A 871 -0.64 -32.33 19.88
CA GLU A 871 -1.04 -33.32 20.86
C GLU A 871 -2.07 -32.72 21.82
N MET A 872 -1.82 -31.49 22.29
CA MET A 872 -2.74 -30.83 23.20
C MET A 872 -4.10 -30.57 22.55
N ILE A 873 -4.11 -30.20 21.28
CA ILE A 873 -5.35 -29.96 20.54
C ILE A 873 -6.18 -31.24 20.45
N ALA A 874 -5.49 -32.36 20.25
CA ALA A 874 -6.15 -33.66 20.17
C ALA A 874 -6.88 -33.99 21.46
N GLN A 875 -6.27 -33.69 22.61
CA GLN A 875 -6.92 -33.93 23.90
C GLN A 875 -8.21 -33.14 24.04
N TYR A 876 -8.20 -31.87 23.65
CA TYR A 876 -9.42 -31.06 23.72
C TYR A 876 -10.50 -31.64 22.84
N THR A 877 -10.12 -32.03 21.61
CA THR A 877 -11.07 -32.62 20.68
C THR A 877 -11.56 -33.95 21.21
N SER A 878 -10.65 -34.74 21.80
CA SER A 878 -10.99 -36.03 22.37
C SER A 878 -11.94 -35.83 23.53
N ALA A 879 -11.67 -34.82 24.36
CA ALA A 879 -12.49 -34.54 25.52
C ALA A 879 -13.91 -34.19 25.14
N LEU A 880 -14.07 -33.33 24.14
CA LEU A 880 -15.39 -32.93 23.69
C LEU A 880 -16.15 -34.14 23.17
N LEU A 881 -15.47 -34.97 22.41
CA LEU A 881 -16.08 -36.17 21.87
C LEU A 881 -16.45 -37.12 23.00
N ALA A 882 -15.53 -37.28 23.96
CA ALA A 882 -15.75 -38.15 25.11
C ALA A 882 -16.94 -37.65 25.91
N GLY A 883 -17.00 -36.33 26.10
CA GLY A 883 -18.07 -35.71 26.84
C GLY A 883 -19.41 -35.93 26.18
N THR A 884 -19.46 -35.81 24.85
CA THR A 884 -20.71 -35.95 24.12
C THR A 884 -21.32 -37.33 24.28
N ILE A 885 -20.51 -38.37 24.15
CA ILE A 885 -21.07 -39.70 24.23
C ILE A 885 -21.54 -40.03 25.65
N THR A 886 -20.69 -39.79 26.62
CA THR A 886 -21.02 -40.11 28.01
C THR A 886 -22.11 -39.22 28.55
N SER A 887 -22.01 -37.92 28.29
CA SER A 887 -22.94 -36.93 28.84
C SER A 887 -23.90 -36.32 27.82
N GLY A 888 -23.91 -36.80 26.60
CA GLY A 888 -24.78 -36.19 25.63
C GLY A 888 -24.48 -34.75 25.37
N TRP A 889 -25.50 -33.94 25.34
CA TRP A 889 -25.36 -32.50 25.13
C TRP A 889 -25.43 -31.69 26.43
N THR A 890 -25.57 -32.36 27.57
CA THR A 890 -25.74 -31.69 28.86
C THR A 890 -24.50 -30.96 29.40
N PHE A 891 -23.30 -31.47 29.16
CA PHE A 891 -22.08 -30.88 29.78
C PHE A 891 -21.75 -29.43 29.38
N GLY A 892 -21.92 -29.08 28.10
CA GLY A 892 -21.64 -27.72 27.64
C GLY A 892 -22.37 -26.70 28.52
N ALA A 893 -23.64 -26.99 28.77
CA ALA A 893 -24.52 -26.19 29.63
C ALA A 893 -24.08 -26.04 31.07
N GLY A 894 -23.65 -27.14 31.66
CA GLY A 894 -23.23 -27.16 33.07
C GLY A 894 -22.48 -28.44 33.37
N ALA A 895 -22.33 -28.75 34.66
CA ALA A 895 -21.67 -29.98 35.09
C ALA A 895 -22.30 -31.21 34.43
N ALA A 896 -21.47 -32.08 33.87
CA ALA A 896 -21.94 -33.25 33.12
C ALA A 896 -22.73 -34.24 33.99
N LEU A 897 -23.77 -34.81 33.37
CA LEU A 897 -24.61 -35.83 33.99
C LEU A 897 -24.52 -37.07 33.10
N GLN A 898 -24.29 -38.23 33.68
CA GLN A 898 -24.18 -39.46 32.90
C GLN A 898 -25.54 -40.05 32.54
N ILE A 899 -25.75 -40.26 31.24
CA ILE A 899 -26.98 -40.83 30.68
C ILE A 899 -26.59 -41.92 29.69
N PRO A 900 -27.44 -42.94 29.49
CA PRO A 900 -27.17 -43.99 28.51
C PRO A 900 -27.12 -43.39 27.10
N PHE A 901 -26.21 -43.87 26.26
CA PHE A 901 -26.08 -43.31 24.92
C PHE A 901 -27.36 -43.55 24.09
N ALA A 902 -27.92 -44.75 24.23
CA ALA A 902 -29.14 -45.11 23.52
C ALA A 902 -30.25 -44.14 23.90
N MET A 903 -30.37 -43.87 25.20
CA MET A 903 -31.38 -42.94 25.67
C MET A 903 -31.06 -41.55 25.16
N GLN A 904 -29.77 -41.22 25.12
CA GLN A 904 -29.32 -39.91 24.63
C GLN A 904 -29.73 -39.68 23.19
N MET A 905 -29.57 -40.72 22.38
CA MET A 905 -29.93 -40.66 20.97
C MET A 905 -31.43 -40.44 20.81
N ALA A 906 -32.21 -41.10 21.65
CA ALA A 906 -33.67 -40.98 21.63
C ALA A 906 -34.12 -39.56 21.89
N TYR A 907 -33.46 -38.90 22.84
CA TYR A 907 -33.79 -37.52 23.15
C TYR A 907 -33.57 -36.62 21.94
N ARG A 908 -32.46 -36.83 21.23
CA ARG A 908 -32.17 -36.08 20.02
C ARG A 908 -33.20 -36.31 18.92
N PHE A 909 -33.67 -37.55 18.80
CA PHE A 909 -34.70 -37.92 17.83
C PHE A 909 -36.01 -37.17 18.07
N ASN A 910 -36.38 -36.98 19.33
CA ASN A 910 -37.59 -36.27 19.66
C ASN A 910 -37.49 -34.84 19.10
N GLY A 911 -36.29 -34.27 19.18
CA GLY A 911 -36.01 -32.96 18.62
C GLY A 911 -36.41 -32.84 17.16
N ILE A 912 -36.19 -33.92 16.42
CA ILE A 912 -36.52 -34.01 15.00
C ILE A 912 -37.97 -34.39 14.74
N GLY A 913 -38.73 -34.64 15.82
CA GLY A 913 -40.15 -34.97 15.71
C GLY A 913 -40.54 -36.44 15.60
N VAL A 914 -39.58 -37.34 15.77
CA VAL A 914 -39.87 -38.78 15.71
C VAL A 914 -39.94 -39.31 17.14
N THR A 915 -40.99 -40.06 17.48
CA THR A 915 -41.12 -40.56 18.84
C THR A 915 -40.00 -41.55 19.18
N GLN A 916 -39.92 -41.90 20.46
CA GLN A 916 -38.80 -42.67 20.96
C GLN A 916 -38.92 -44.13 20.58
N ASN A 917 -40.15 -44.62 20.43
CA ASN A 917 -40.37 -46.00 20.05
C ASN A 917 -39.64 -46.30 18.75
N VAL A 918 -39.58 -45.31 17.85
CA VAL A 918 -38.90 -45.49 16.58
C VAL A 918 -37.41 -45.78 16.75
N LEU A 919 -36.72 -45.03 17.61
CA LEU A 919 -35.29 -45.28 17.80
C LEU A 919 -35.01 -46.63 18.41
N TYR A 920 -35.74 -46.98 19.48
CA TYR A 920 -35.51 -48.25 20.17
C TYR A 920 -35.87 -49.48 19.34
N GLU A 921 -36.98 -49.43 18.62
CA GLU A 921 -37.41 -50.54 17.77
C GLU A 921 -36.41 -50.79 16.64
N ASN A 922 -35.88 -49.71 16.08
CA ASN A 922 -34.91 -49.80 14.98
C ASN A 922 -33.48 -49.63 15.50
N GLN A 923 -33.27 -49.82 16.80
CA GLN A 923 -31.96 -49.60 17.42
C GLN A 923 -30.87 -50.51 16.83
N LYS A 924 -31.19 -51.78 16.65
CA LYS A 924 -30.24 -52.72 16.06
C LYS A 924 -29.77 -52.27 14.68
N LEU A 925 -30.73 -51.87 13.86
CA LEU A 925 -30.44 -51.40 12.50
C LEU A 925 -29.64 -50.11 12.50
N ILE A 926 -29.99 -49.18 13.38
CA ILE A 926 -29.35 -47.87 13.44
C ILE A 926 -27.86 -48.00 13.75
N ALA A 927 -27.52 -48.90 14.66
CA ALA A 927 -26.11 -49.13 15.03
C ALA A 927 -25.32 -49.56 13.80
N ASN A 928 -25.89 -50.48 13.02
CA ASN A 928 -25.23 -50.98 11.82
C ASN A 928 -25.05 -49.86 10.81
N GLN A 929 -26.06 -49.01 10.64
CA GLN A 929 -25.98 -47.91 9.69
C GLN A 929 -24.88 -46.92 10.07
N PHE A 930 -24.80 -46.61 11.36
CA PHE A 930 -23.79 -45.70 11.86
C PHE A 930 -22.40 -46.29 11.65
N ASN A 931 -22.24 -47.57 11.95
CA ASN A 931 -20.95 -48.25 11.80
C ASN A 931 -20.50 -48.33 10.36
N SER A 932 -21.42 -48.73 9.48
CA SER A 932 -21.14 -48.75 8.05
C SER A 932 -20.90 -47.32 7.61
N ALA A 933 -21.70 -46.39 8.14
CA ALA A 933 -21.58 -44.99 7.76
C ALA A 933 -20.22 -44.42 8.14
N ILE A 934 -19.75 -44.75 9.34
CA ILE A 934 -18.44 -44.31 9.78
C ILE A 934 -17.33 -44.97 8.98
N GLY A 935 -17.53 -46.25 8.65
CA GLY A 935 -16.57 -47.00 7.86
C GLY A 935 -16.28 -46.36 6.51
N LYS A 936 -17.35 -45.90 5.84
CA LYS A 936 -17.19 -45.26 4.53
C LYS A 936 -16.32 -44.03 4.63
N ILE A 937 -16.56 -43.22 5.65
CA ILE A 937 -15.81 -42.00 5.82
C ILE A 937 -14.31 -42.27 5.95
N GLN A 938 -13.95 -43.33 6.65
CA GLN A 938 -12.54 -43.72 6.77
C GLN A 938 -11.96 -44.01 5.37
N ASP A 939 -12.73 -44.72 4.55
CA ASP A 939 -12.30 -45.09 3.21
C ASP A 939 -12.17 -43.85 2.34
N SER A 940 -13.14 -42.96 2.43
CA SER A 940 -13.16 -41.71 1.66
C SER A 940 -11.94 -40.85 1.97
N LEU A 941 -11.63 -40.74 3.26
CA LEU A 941 -10.49 -39.92 3.70
C LEU A 941 -9.14 -40.45 3.22
N SER A 942 -8.94 -41.76 3.29
CA SER A 942 -7.71 -42.39 2.84
C SER A 942 -7.55 -42.35 1.31
N SER A 943 -8.65 -42.43 0.56
CA SER A 943 -8.62 -42.46 -0.92
C SER A 943 -8.45 -41.11 -1.62
N THR A 944 -8.58 -39.97 -0.93
CA THR A 944 -8.46 -38.70 -1.64
C THR A 944 -8.06 -37.51 -0.77
N ALA A 945 -7.48 -36.51 -1.40
CA ALA A 945 -7.05 -35.28 -0.71
C ALA A 945 -8.12 -34.19 -0.79
N SER A 946 -9.29 -34.53 -1.34
CA SER A 946 -10.37 -33.59 -1.62
C SER A 946 -11.05 -33.06 -0.37
N ALA A 947 -11.14 -33.88 0.66
CA ALA A 947 -11.67 -33.49 1.97
C ALA A 947 -10.92 -32.30 2.55
N LEU A 948 -9.59 -32.35 2.47
CA LEU A 948 -8.74 -31.29 3.00
C LEU A 948 -8.45 -30.18 1.99
N GLY A 949 -9.01 -30.29 0.78
CA GLY A 949 -8.88 -29.22 -0.19
C GLY A 949 -9.38 -27.85 0.27
N LYS A 950 -10.54 -27.82 0.93
CA LYS A 950 -11.06 -26.57 1.48
C LYS A 950 -10.13 -26.01 2.56
N LEU A 951 -9.60 -26.92 3.40
CA LEU A 951 -8.60 -26.56 4.41
C LEU A 951 -7.22 -26.42 3.81
N GLN A 952 -6.88 -27.33 2.91
CA GLN A 952 -5.56 -27.36 2.30
C GLN A 952 -5.31 -26.16 1.41
N ASP A 953 -6.36 -25.67 0.76
CA ASP A 953 -6.26 -24.50 -0.10
C ASP A 953 -5.74 -23.36 0.75
N VAL A 954 -6.23 -23.29 1.99
CA VAL A 954 -5.75 -22.26 2.90
C VAL A 954 -4.29 -22.47 3.23
N VAL A 955 -3.88 -23.72 3.46
CA VAL A 955 -2.49 -24.03 3.78
C VAL A 955 -1.57 -23.69 2.61
N ASN A 956 -1.96 -24.12 1.41
CA ASN A 956 -1.18 -23.87 0.21
C ASN A 956 -1.14 -22.40 -0.13
N GLN A 957 -2.29 -21.72 -0.01
CA GLN A 957 -2.33 -20.33 -0.39
C GLN A 957 -1.44 -19.49 0.51
N ASN A 958 -1.42 -19.79 1.81
CA ASN A 958 -0.55 -19.08 2.74
C ASN A 958 0.91 -19.36 2.42
N ALA A 959 1.22 -20.61 2.12
CA ALA A 959 2.60 -20.99 1.81
C ALA A 959 3.08 -20.27 0.56
N GLN A 960 2.22 -20.20 -0.45
CA GLN A 960 2.59 -19.56 -1.71
C GLN A 960 2.85 -18.07 -1.52
N ALA A 961 2.03 -17.41 -0.69
CA ALA A 961 2.20 -15.98 -0.45
C ALA A 961 3.53 -15.69 0.21
N LEU A 962 3.90 -16.51 1.19
CA LEU A 962 5.17 -16.32 1.89
C LEU A 962 6.35 -16.55 0.95
N ASN A 963 6.22 -17.55 0.09
CA ASN A 963 7.28 -17.89 -0.85
C ASN A 963 7.56 -16.76 -1.85
N THR A 964 6.50 -16.10 -2.33
CA THR A 964 6.65 -15.01 -3.31
C THR A 964 7.45 -13.84 -2.73
N LEU A 965 7.06 -13.46 -1.51
CA LEU A 965 7.68 -12.38 -0.75
C LEU A 965 9.13 -12.69 -0.47
N VAL A 966 9.39 -13.92 -0.10
CA VAL A 966 10.76 -14.35 0.18
C VAL A 966 11.58 -14.20 -1.09
N LYS A 967 11.01 -14.64 -2.20
CA LYS A 967 11.65 -14.50 -3.49
C LYS A 967 11.85 -13.04 -3.76
N GLN A 968 10.84 -12.23 -3.44
CA GLN A 968 11.00 -10.83 -3.71
C GLN A 968 12.41 -10.43 -3.38
N LEU A 969 12.97 -10.92 -2.29
CA LEU A 969 14.30 -10.45 -1.98
C LEU A 969 15.21 -10.37 -3.21
N SER A 970 15.12 -11.37 -4.09
CA SER A 970 15.94 -11.39 -5.29
C SER A 970 15.74 -10.20 -6.23
N SER A 971 14.51 -9.70 -6.34
CA SER A 971 14.22 -8.62 -7.29
C SER A 971 14.99 -7.34 -6.97
N ASN A 972 15.44 -6.69 -8.04
CA ASN A 972 16.30 -5.50 -7.96
C ASN A 972 15.56 -4.26 -7.45
N PHE A 973 14.29 -4.13 -7.83
CA PHE A 973 13.46 -2.95 -7.54
C PHE A 973 14.08 -1.65 -8.02
N GLY A 974 14.70 -1.70 -9.19
CA GLY A 974 15.35 -0.53 -9.80
C GLY A 974 16.77 -0.30 -9.34
N ALA A 975 17.24 -1.12 -8.41
CA ALA A 975 18.56 -0.96 -7.84
C ALA A 975 19.63 -1.60 -8.73
N ILE A 976 20.88 -1.25 -8.48
CA ILE A 976 22.01 -1.78 -9.25
C ILE A 976 22.10 -3.28 -9.05
N SER A 977 21.96 -3.73 -7.80
CA SER A 977 22.04 -5.16 -7.50
C SER A 977 21.12 -5.58 -6.37
N SER A 978 20.59 -6.80 -6.45
CA SER A 978 19.61 -7.29 -5.50
C SER A 978 20.13 -7.52 -4.07
N VAL A 979 21.28 -8.15 -3.94
CA VAL A 979 21.81 -8.45 -2.62
C VAL A 979 22.16 -7.14 -1.93
N LEU A 980 21.68 -6.95 -0.71
CA LEU A 980 21.92 -5.72 0.01
C LEU A 980 23.39 -5.46 0.32
N ASN A 981 24.10 -6.50 0.75
CA ASN A 981 25.50 -6.33 1.13
C ASN A 981 26.37 -5.96 -0.05
N ASP A 982 26.07 -6.56 -1.20
CA ASP A 982 26.84 -6.31 -2.39
C ASP A 982 26.77 -4.82 -2.77
N ILE A 983 25.57 -4.26 -2.71
CA ILE A 983 25.38 -2.84 -3.01
C ILE A 983 26.21 -1.96 -2.09
N LEU A 984 26.18 -2.26 -0.79
CA LEU A 984 26.91 -1.45 0.21
C LEU A 984 28.43 -1.58 -0.02
N SER A 985 28.90 -2.78 -0.35
CA SER A 985 30.32 -3.03 -0.49
C SER A 985 30.93 -2.23 -1.66
N ARG A 986 30.23 -2.14 -2.78
CA ARG A 986 30.79 -1.45 -3.95
C ARG A 986 30.34 0.01 -4.14
N LEU A 987 29.59 0.57 -3.19
CA LEU A 987 29.18 1.96 -3.32
C LEU A 987 29.56 2.86 -2.16
N ASP A 988 30.03 4.06 -2.50
CA ASP A 988 30.47 5.07 -1.52
C ASP A 988 29.24 5.56 -0.80
N PRO A 989 29.38 6.04 0.45
CA PRO A 989 28.15 6.37 1.24
C PRO A 989 27.06 7.23 0.57
N PRO A 990 27.42 8.34 -0.12
CA PRO A 990 26.31 9.13 -0.66
C PRO A 990 25.51 8.40 -1.73
N GLU A 991 26.21 7.76 -2.66
CA GLU A 991 25.58 6.93 -3.66
C GLU A 991 24.87 5.73 -3.06
N ALA A 992 25.56 5.13 -2.09
CA ALA A 992 25.07 3.99 -1.35
C ALA A 992 23.80 4.43 -0.65
N GLU A 993 23.79 5.69 -0.22
CA GLU A 993 22.59 6.20 0.44
C GLU A 993 21.37 6.08 -0.47
N VAL A 994 21.52 6.56 -1.68
CA VAL A 994 20.41 6.59 -2.63
C VAL A 994 19.92 5.19 -2.97
N GLN A 995 20.86 4.33 -3.31
CA GLN A 995 20.50 2.95 -3.65
C GLN A 995 19.87 2.21 -2.48
N ILE A 996 20.38 2.46 -1.28
CA ILE A 996 19.79 1.88 -0.08
C ILE A 996 18.34 2.33 0.03
N ASP A 997 18.11 3.62 -0.17
CA ASP A 997 16.77 4.14 -0.04
C ASP A 997 15.85 3.45 -1.03
N ARG A 998 16.32 3.31 -2.26
CA ARG A 998 15.51 2.69 -3.29
C ARG A 998 15.12 1.29 -2.86
N LEU A 999 16.09 0.54 -2.37
CA LEU A 999 15.85 -0.83 -1.92
C LEU A 999 14.82 -0.89 -0.82
N ILE A 1000 14.95 0.02 0.13
CA ILE A 1000 14.06 0.10 1.27
C ILE A 1000 12.65 0.40 0.80
N THR A 1001 12.52 1.36 -0.11
CA THR A 1001 11.20 1.69 -0.66
C THR A 1001 10.59 0.46 -1.32
N GLY A 1002 11.38 -0.17 -2.20
CA GLY A 1002 10.99 -1.42 -2.81
C GLY A 1002 10.76 -2.49 -1.77
N ARG A 1003 11.63 -2.55 -0.76
CA ARG A 1003 11.47 -3.62 0.22
C ARG A 1003 10.33 -3.30 1.19
N LEU A 1004 10.17 -2.02 1.54
CA LEU A 1004 9.06 -1.57 2.38
C LEU A 1004 7.74 -1.93 1.75
N GLN A 1005 7.62 -1.69 0.43
CA GLN A 1005 6.41 -1.99 -0.28
C GLN A 1005 6.13 -3.49 -0.24
N SER A 1006 7.17 -4.30 -0.41
CA SER A 1006 7.01 -5.75 -0.37
C SER A 1006 6.46 -6.19 0.97
N LEU A 1007 7.02 -5.64 2.04
CA LEU A 1007 6.58 -5.98 3.38
C LEU A 1007 5.14 -5.56 3.63
N GLN A 1008 4.80 -4.37 3.15
CA GLN A 1008 3.46 -3.82 3.31
C GLN A 1008 2.42 -4.73 2.69
N THR A 1009 2.72 -5.22 1.50
CA THR A 1009 1.83 -6.13 0.80
C THR A 1009 1.63 -7.40 1.60
N TYR A 1010 2.71 -7.93 2.16
CA TYR A 1010 2.64 -9.15 2.94
C TYR A 1010 1.78 -8.97 4.18
N VAL A 1011 2.04 -7.90 4.92
CA VAL A 1011 1.29 -7.62 6.14
C VAL A 1011 -0.18 -7.35 5.81
N THR A 1012 -0.41 -6.57 4.77
CA THR A 1012 -1.77 -6.27 4.34
C THR A 1012 -2.44 -7.56 3.86
N GLN A 1013 -1.74 -8.35 3.08
CA GLN A 1013 -2.30 -9.61 2.64
C GLN A 1013 -2.57 -10.51 3.84
N GLN A 1014 -1.59 -10.58 4.74
CA GLN A 1014 -1.72 -11.46 5.89
C GLN A 1014 -2.94 -11.12 6.73
N LEU A 1015 -3.20 -9.84 6.94
CA LEU A 1015 -4.33 -9.40 7.74
C LEU A 1015 -5.66 -9.87 7.17
N ILE A 1016 -5.81 -9.74 5.86
CA ILE A 1016 -7.05 -10.15 5.22
C ILE A 1016 -7.26 -11.64 5.42
N ARG A 1017 -6.20 -12.42 5.20
CA ARG A 1017 -6.26 -13.86 5.41
C ARG A 1017 -6.51 -14.18 6.87
N ALA A 1018 -5.88 -13.43 7.77
CA ALA A 1018 -6.03 -13.64 9.20
C ALA A 1018 -7.48 -13.41 9.61
N ALA A 1019 -8.07 -12.34 9.07
CA ALA A 1019 -9.45 -12.02 9.35
C ALA A 1019 -10.36 -13.13 8.83
N GLU A 1020 -10.05 -13.63 7.63
CA GLU A 1020 -10.84 -14.70 7.03
C GLU A 1020 -10.77 -15.96 7.89
N ILE A 1021 -9.56 -16.28 8.36
CA ILE A 1021 -9.36 -17.45 9.22
C ILE A 1021 -10.08 -17.27 10.55
N ARG A 1022 -10.06 -16.03 11.06
CA ARG A 1022 -10.70 -15.66 12.32
C ARG A 1022 -12.20 -15.96 12.25
N ALA A 1023 -12.82 -15.62 11.12
CA ALA A 1023 -14.24 -15.85 10.92
C ALA A 1023 -14.55 -17.33 10.98
N SER A 1024 -13.69 -18.14 10.35
CA SER A 1024 -13.85 -19.59 10.35
C SER A 1024 -13.77 -20.14 11.77
N ALA A 1025 -12.83 -19.64 12.55
CA ALA A 1025 -12.66 -20.05 13.94
C ALA A 1025 -13.89 -19.75 14.75
N ASN A 1026 -14.45 -18.56 14.58
CA ASN A 1026 -15.72 -18.22 15.24
C ASN A 1026 -16.79 -19.22 14.82
N LEU A 1027 -16.85 -19.42 13.50
CA LEU A 1027 -17.63 -20.48 12.89
C LEU A 1027 -16.95 -21.78 13.28
N ALA A 1028 -15.63 -21.76 13.23
CA ALA A 1028 -14.86 -22.91 13.66
C ALA A 1028 -15.18 -23.16 15.11
N ALA A 1029 -15.12 -22.13 15.93
CA ALA A 1029 -15.38 -22.26 17.35
C ALA A 1029 -16.83 -22.61 17.55
N THR A 1030 -17.73 -22.03 16.76
CA THR A 1030 -19.17 -22.31 16.82
C THR A 1030 -19.43 -23.78 16.49
N LYS A 1031 -18.80 -24.28 15.43
CA LYS A 1031 -19.03 -25.66 15.01
C LYS A 1031 -18.45 -26.57 16.07
N MET A 1032 -17.32 -26.14 16.65
CA MET A 1032 -16.66 -26.88 17.74
C MET A 1032 -17.61 -27.05 18.90
N SER A 1033 -18.35 -26.01 19.27
CA SER A 1033 -19.29 -26.10 20.36
C SER A 1033 -20.73 -26.41 20.00
N GLU A 1034 -21.35 -25.68 19.07
CA GLU A 1034 -22.78 -25.82 18.80
C GLU A 1034 -23.27 -27.16 18.22
N CYS A 1035 -22.66 -27.69 17.16
CA CYS A 1035 -22.93 -29.08 16.72
C CYS A 1035 -22.61 -30.08 17.86
N VAL A 1036 -21.47 -29.86 18.51
CA VAL A 1036 -21.02 -30.75 19.57
C VAL A 1036 -21.82 -30.64 20.86
N LEU A 1037 -22.16 -29.43 21.29
CA LEU A 1037 -22.87 -29.27 22.56
C LEU A 1037 -24.29 -28.91 22.21
N GLY A 1038 -25.22 -29.81 22.47
CA GLY A 1038 -26.63 -29.61 22.11
C GLY A 1038 -26.89 -30.00 20.67
N GLN A 1039 -28.15 -29.84 20.28
CA GLN A 1039 -28.59 -30.16 18.93
C GLN A 1039 -29.12 -28.88 18.28
N SER A 1040 -28.76 -28.66 17.02
CA SER A 1040 -29.16 -27.45 16.31
C SER A 1040 -30.42 -27.67 15.47
N LYS A 1041 -31.48 -26.93 15.81
CA LYS A 1041 -32.73 -27.03 15.06
C LYS A 1041 -32.63 -26.41 13.67
N ARG A 1042 -31.70 -25.47 13.49
CA ARG A 1042 -31.52 -24.81 12.21
C ARG A 1042 -31.27 -25.82 11.10
N VAL A 1043 -31.98 -25.69 9.99
CA VAL A 1043 -31.86 -26.63 8.88
C VAL A 1043 -30.62 -26.29 8.07
N ASP A 1044 -29.77 -27.32 7.89
CA ASP A 1044 -28.54 -27.28 7.08
C ASP A 1044 -27.34 -26.51 7.69
N PHE A 1045 -27.50 -25.94 8.89
CA PHE A 1045 -26.39 -25.27 9.54
C PHE A 1045 -25.26 -26.25 9.87
N CYS A 1046 -25.65 -27.43 10.34
CA CYS A 1046 -24.72 -28.49 10.57
C CYS A 1046 -25.09 -29.69 9.74
N GLY A 1047 -24.26 -30.01 8.75
CA GLY A 1047 -24.51 -31.13 7.84
C GLY A 1047 -25.72 -30.87 6.98
N LYS A 1048 -26.23 -31.93 6.39
CA LYS A 1048 -27.44 -31.88 5.57
C LYS A 1048 -28.52 -32.69 6.25
N GLY A 1049 -29.68 -32.08 6.44
CA GLY A 1049 -30.81 -32.72 7.12
C GLY A 1049 -30.74 -32.56 8.61
N TYR A 1050 -31.62 -33.25 9.31
CA TYR A 1050 -31.74 -33.07 10.76
C TYR A 1050 -30.45 -33.56 11.41
N HIS A 1051 -29.88 -32.76 12.30
CA HIS A 1051 -28.58 -33.05 12.90
C HIS A 1051 -28.79 -33.67 14.27
N LEU A 1052 -28.64 -34.99 14.35
CA LEU A 1052 -28.79 -35.68 15.62
C LEU A 1052 -27.66 -35.31 16.59
N MET A 1053 -26.42 -35.42 16.12
CA MET A 1053 -25.22 -35.09 16.91
C MET A 1053 -24.04 -34.89 15.99
N SER A 1054 -22.97 -34.30 16.53
CA SER A 1054 -21.76 -34.09 15.76
C SER A 1054 -20.49 -34.37 16.56
N PHE A 1055 -19.44 -34.79 15.87
CA PHE A 1055 -18.14 -35.04 16.49
C PHE A 1055 -17.10 -34.24 15.72
N PRO A 1056 -16.08 -33.72 16.42
CA PRO A 1056 -15.00 -32.97 15.78
C PRO A 1056 -13.64 -33.66 15.82
N GLN A 1057 -12.96 -33.70 14.68
CA GLN A 1057 -11.62 -34.28 14.60
C GLN A 1057 -10.57 -33.26 14.26
N SER A 1058 -9.52 -33.22 15.08
CA SER A 1058 -8.44 -32.24 14.89
C SER A 1058 -7.70 -32.49 13.59
N ALA A 1059 -7.37 -31.40 12.91
CA ALA A 1059 -6.61 -31.44 11.67
C ALA A 1059 -5.48 -30.43 11.75
N PRO A 1060 -4.41 -30.64 10.96
CA PRO A 1060 -3.38 -29.59 10.97
C PRO A 1060 -3.95 -28.26 10.51
N HIS A 1061 -3.83 -27.27 11.38
CA HIS A 1061 -4.33 -25.91 11.15
C HIS A 1061 -5.82 -25.85 10.80
N GLY A 1062 -6.61 -26.77 11.35
CA GLY A 1062 -8.03 -26.79 11.06
C GLY A 1062 -8.80 -27.73 11.96
N VAL A 1063 -10.12 -27.60 11.92
CA VAL A 1063 -11.00 -28.47 12.67
C VAL A 1063 -11.92 -29.15 11.67
N VAL A 1064 -12.04 -30.48 11.77
CA VAL A 1064 -12.95 -31.23 10.93
C VAL A 1064 -14.14 -31.70 11.76
N PHE A 1065 -15.35 -31.46 11.24
CA PHE A 1065 -16.58 -31.87 11.91
C PHE A 1065 -17.26 -32.97 11.15
N LEU A 1066 -17.59 -34.06 11.83
CA LEU A 1066 -18.35 -35.15 11.25
C LEU A 1066 -19.78 -34.95 11.71
N HIS A 1067 -20.71 -34.89 10.77
CA HIS A 1067 -22.12 -34.64 11.12
C HIS A 1067 -22.98 -35.87 10.94
N VAL A 1068 -23.67 -36.31 12.02
CA VAL A 1068 -24.71 -37.34 11.87
C VAL A 1068 -26.06 -36.67 11.69
N THR A 1069 -26.69 -37.03 10.60
CA THR A 1069 -27.97 -36.48 10.24
C THR A 1069 -28.98 -37.55 9.86
N TYR A 1070 -30.26 -37.21 10.06
CA TYR A 1070 -31.36 -38.10 9.75
C TYR A 1070 -31.98 -37.66 8.44
N VAL A 1071 -32.06 -38.58 7.49
CA VAL A 1071 -32.69 -38.29 6.20
C VAL A 1071 -33.72 -39.38 5.92
N PRO A 1072 -34.96 -38.99 5.56
CA PRO A 1072 -35.96 -40.00 5.29
C PRO A 1072 -35.87 -40.55 3.86
N ALA A 1073 -35.48 -41.82 3.77
CA ALA A 1073 -35.22 -42.50 2.48
C ALA A 1073 -36.44 -42.89 1.63
N GLN A 1074 -37.52 -43.38 2.24
CA GLN A 1074 -38.65 -43.94 1.48
C GLN A 1074 -39.99 -43.30 1.79
N GLU A 1075 -40.77 -43.04 0.75
CA GLU A 1075 -42.03 -42.32 0.90
C GLU A 1075 -43.13 -43.09 0.21
N LYS A 1076 -44.27 -43.22 0.90
CA LYS A 1076 -45.42 -43.94 0.37
C LYS A 1076 -46.56 -42.94 0.25
N ASN A 1077 -47.20 -42.89 -0.92
CA ASN A 1077 -48.28 -41.95 -1.15
C ASN A 1077 -49.52 -42.32 -0.35
N PHE A 1078 -50.12 -41.32 0.28
CA PHE A 1078 -51.34 -41.48 1.07
C PHE A 1078 -52.26 -40.30 0.81
N THR A 1079 -53.56 -40.54 0.75
CA THR A 1079 -54.51 -39.44 0.64
C THR A 1079 -54.71 -38.83 2.03
N THR A 1080 -54.79 -37.50 2.11
CA THR A 1080 -54.94 -36.82 3.40
C THR A 1080 -55.97 -35.69 3.42
N ALA A 1081 -56.49 -35.41 4.61
CA ALA A 1081 -57.44 -34.30 4.83
C ALA A 1081 -57.19 -33.66 6.19
N PRO A 1082 -57.41 -32.34 6.29
CA PRO A 1082 -57.14 -31.55 7.50
C PRO A 1082 -57.97 -31.85 8.74
N ALA A 1083 -59.28 -32.03 8.59
CA ALA A 1083 -60.14 -32.24 9.75
C ALA A 1083 -61.15 -33.35 9.53
N ILE A 1084 -61.51 -34.03 10.61
CA ILE A 1084 -62.49 -35.09 10.56
C ILE A 1084 -63.68 -34.64 11.37
N CYS A 1085 -64.86 -34.68 10.77
CA CYS A 1085 -66.10 -34.28 11.40
C CYS A 1085 -66.79 -35.53 11.99
N HIS A 1086 -66.95 -35.61 13.31
CA HIS A 1086 -67.60 -36.77 13.95
C HIS A 1086 -69.07 -36.50 14.33
N ASP A 1087 -69.31 -35.42 15.06
CA ASP A 1087 -70.68 -35.08 15.50
C ASP A 1087 -71.08 -33.69 15.08
N GLY A 1088 -70.51 -33.19 13.99
CA GLY A 1088 -70.69 -31.79 13.64
C GLY A 1088 -69.59 -30.91 14.23
N LYS A 1089 -68.71 -31.52 15.01
CA LYS A 1089 -67.51 -30.91 15.53
C LYS A 1089 -66.35 -31.64 14.84
N ALA A 1090 -65.40 -30.89 14.29
CA ALA A 1090 -64.23 -31.52 13.65
C ALA A 1090 -62.93 -31.50 14.47
N HIS A 1091 -62.37 -32.70 14.64
CA HIS A 1091 -61.09 -32.89 15.33
C HIS A 1091 -59.90 -32.58 14.43
N PHE A 1092 -58.76 -32.26 15.06
CA PHE A 1092 -57.49 -32.07 14.36
C PHE A 1092 -56.44 -32.86 15.12
N PRO A 1093 -55.37 -33.31 14.45
CA PRO A 1093 -54.32 -34.09 15.15
C PRO A 1093 -53.50 -33.28 16.17
N ARG A 1094 -53.14 -33.90 17.30
CA ARG A 1094 -52.41 -33.15 18.32
C ARG A 1094 -51.00 -32.83 17.88
N GLU A 1095 -50.35 -33.81 17.25
CA GLU A 1095 -48.96 -33.65 16.76
C GLU A 1095 -48.69 -34.14 15.32
N GLY A 1096 -49.65 -34.85 14.69
CA GLY A 1096 -49.45 -35.46 13.38
C GLY A 1096 -50.54 -35.22 12.34
N VAL A 1097 -50.14 -35.15 11.08
CA VAL A 1097 -51.09 -35.01 9.96
C VAL A 1097 -51.98 -36.25 9.80
N PHE A 1098 -53.19 -36.06 9.36
CA PHE A 1098 -54.10 -37.17 9.12
C PHE A 1098 -53.69 -37.90 7.84
N VAL A 1099 -53.52 -39.22 7.91
CA VAL A 1099 -53.09 -39.99 6.75
C VAL A 1099 -53.99 -41.19 6.51
N SER A 1100 -54.56 -41.30 5.32
CA SER A 1100 -55.41 -42.45 5.03
C SER A 1100 -54.96 -43.25 3.82
N ASN A 1101 -54.86 -44.56 4.01
CA ASN A 1101 -54.54 -45.47 2.92
C ASN A 1101 -55.63 -45.39 1.87
N GLY A 1102 -56.85 -45.17 2.33
CA GLY A 1102 -58.02 -45.08 1.48
C GLY A 1102 -59.15 -45.97 1.99
N THR A 1103 -58.81 -46.92 2.87
CA THR A 1103 -59.81 -47.76 3.49
C THR A 1103 -60.27 -47.17 4.82
N HIS A 1104 -59.33 -46.69 5.61
CA HIS A 1104 -59.61 -46.10 6.91
C HIS A 1104 -58.65 -44.93 7.15
N TRP A 1105 -59.00 -44.09 8.11
CA TRP A 1105 -58.17 -42.94 8.44
C TRP A 1105 -57.48 -43.16 9.78
N PHE A 1106 -56.17 -43.04 9.75
CA PHE A 1106 -55.29 -43.20 10.91
C PHE A 1106 -54.37 -41.99 10.95
N VAL A 1107 -53.80 -41.70 12.12
CA VAL A 1107 -52.88 -40.57 12.27
C VAL A 1107 -51.44 -41.08 12.49
N THR A 1108 -50.50 -40.60 11.69
CA THR A 1108 -49.09 -40.96 11.83
C THR A 1108 -48.19 -39.74 11.89
N GLN A 1109 -47.07 -39.89 12.58
CA GLN A 1109 -46.08 -38.80 12.63
C GLN A 1109 -45.58 -38.50 11.23
N ARG A 1110 -45.52 -37.22 10.90
CA ARG A 1110 -45.22 -36.80 9.53
C ARG A 1110 -43.89 -37.28 8.97
N ASN A 1111 -42.97 -37.69 9.84
CA ASN A 1111 -41.64 -38.07 9.39
C ASN A 1111 -41.36 -39.56 9.35
N PHE A 1112 -42.12 -40.34 10.10
CA PHE A 1112 -42.05 -41.80 10.00
C PHE A 1112 -43.49 -42.29 9.97
N TYR A 1113 -43.72 -43.40 9.28
CA TYR A 1113 -45.09 -43.87 9.12
C TYR A 1113 -45.51 -44.84 10.23
N GLU A 1114 -46.14 -44.29 11.25
CA GLU A 1114 -46.70 -45.06 12.33
C GLU A 1114 -48.18 -44.78 12.29
N PRO A 1115 -49.01 -45.81 12.13
CA PRO A 1115 -50.44 -45.55 12.10
C PRO A 1115 -51.12 -45.86 13.42
N GLN A 1116 -51.85 -44.89 13.93
CA GLN A 1116 -52.55 -45.08 15.19
C GLN A 1116 -54.02 -44.85 14.93
N ILE A 1117 -54.88 -45.70 15.49
CA ILE A 1117 -56.32 -45.52 15.35
C ILE A 1117 -56.66 -44.17 15.96
N ILE A 1118 -57.40 -43.36 15.23
CA ILE A 1118 -57.71 -42.01 15.70
C ILE A 1118 -58.62 -42.09 16.91
N THR A 1119 -58.32 -41.30 17.92
CA THR A 1119 -59.08 -41.32 19.16
C THR A 1119 -59.07 -39.91 19.75
N THR A 1120 -59.84 -39.73 20.81
CA THR A 1120 -59.91 -38.46 21.53
C THR A 1120 -58.54 -38.04 22.07
N ASP A 1121 -57.78 -39.03 22.53
CA ASP A 1121 -56.43 -38.81 23.01
C ASP A 1121 -55.53 -38.18 21.95
N ASN A 1122 -55.68 -38.54 20.69
CA ASN A 1122 -54.82 -37.91 19.69
C ASN A 1122 -55.45 -36.70 19.03
N THR A 1123 -56.61 -36.27 19.51
CA THR A 1123 -57.31 -35.13 18.90
C THR A 1123 -57.97 -34.19 19.92
N PHE A 1124 -58.45 -33.07 19.39
CA PHE A 1124 -59.07 -32.00 20.15
C PHE A 1124 -60.09 -31.40 19.19
N VAL A 1125 -61.25 -31.01 19.70
CA VAL A 1125 -62.33 -30.52 18.83
C VAL A 1125 -62.60 -29.05 19.11
N SER A 1126 -62.48 -28.22 18.07
CA SER A 1126 -62.79 -26.81 18.20
C SER A 1126 -63.72 -26.37 17.07
N GLY A 1127 -64.81 -25.72 17.44
CA GLY A 1127 -65.78 -25.21 16.47
C GLY A 1127 -66.59 -26.31 15.80
N ASN A 1128 -67.21 -25.96 14.68
CA ASN A 1128 -68.14 -26.83 13.99
C ASN A 1128 -67.56 -27.20 12.64
N CYS A 1129 -67.78 -28.44 12.21
CA CYS A 1129 -67.23 -28.90 10.92
C CYS A 1129 -68.08 -28.49 9.71
N ASP A 1130 -68.21 -27.19 9.52
CA ASP A 1130 -68.82 -26.61 8.33
C ASP A 1130 -67.83 -25.64 7.71
N VAL A 1131 -67.01 -25.03 8.55
CA VAL A 1131 -66.10 -23.97 8.15
C VAL A 1131 -64.84 -24.47 7.42
N VAL A 1132 -64.30 -25.61 7.85
CA VAL A 1132 -63.04 -26.13 7.32
C VAL A 1132 -63.20 -26.50 5.83
N ILE A 1133 -62.23 -26.12 5.01
CA ILE A 1133 -62.26 -26.31 3.56
C ILE A 1133 -62.30 -27.79 3.16
N GLY A 1134 -61.42 -28.58 3.79
CA GLY A 1134 -61.28 -30.00 3.48
C GLY A 1134 -61.56 -30.84 4.71
N ILE A 1135 -62.55 -31.71 4.62
CA ILE A 1135 -62.89 -32.54 5.76
C ILE A 1135 -63.43 -33.88 5.31
N VAL A 1136 -63.15 -34.92 6.08
CA VAL A 1136 -63.62 -36.28 5.76
C VAL A 1136 -64.34 -36.84 6.96
N ASN A 1137 -65.56 -37.32 6.74
CA ASN A 1137 -66.31 -37.99 7.78
C ASN A 1137 -65.53 -39.22 8.22
N ASN A 1138 -65.42 -39.40 9.53
CA ASN A 1138 -64.70 -40.57 10.05
C ASN A 1138 -65.19 -40.89 11.46
N THR A 1139 -64.97 -42.14 11.84
CA THR A 1139 -65.32 -42.62 13.18
C THR A 1139 -64.36 -42.13 14.26
N VAL A 1140 -64.82 -42.20 15.51
CA VAL A 1140 -63.98 -42.01 16.68
C VAL A 1140 -64.14 -43.27 17.52
N TYR A 1141 -63.06 -43.64 18.22
CA TYR A 1141 -63.00 -44.87 19.00
C TYR A 1141 -63.68 -44.77 20.37
N ASP A 1142 -63.46 -43.69 21.12
CA ASP A 1142 -63.95 -43.57 22.51
C ASP A 1142 -63.63 -44.85 23.32
N PRO A 1143 -62.34 -45.09 23.60
CA PRO A 1143 -62.00 -46.34 24.30
C PRO A 1143 -62.63 -46.62 25.64
N LEU A 1144 -63.18 -45.59 26.31
CA LEU A 1144 -63.84 -45.76 27.60
C LEU A 1144 -65.20 -46.44 27.47
N GLN A 1145 -65.87 -46.21 26.34
CA GLN A 1145 -67.20 -46.80 26.08
C GLN A 1145 -67.25 -48.35 25.95
N PRO A 1146 -66.31 -49.01 25.22
CA PRO A 1146 -66.38 -50.48 25.17
C PRO A 1146 -65.99 -51.15 26.48
N GLU A 1147 -65.18 -50.47 27.29
CA GLU A 1147 -64.73 -50.97 28.58
C GLU A 1147 -65.81 -50.84 29.61
N LEU A 1148 -66.54 -49.71 29.61
CA LEU A 1148 -67.61 -49.49 30.56
C LEU A 1148 -68.75 -50.48 30.36
N ASP A 1149 -69.07 -50.76 29.11
CA ASP A 1149 -70.12 -51.71 28.77
C ASP A 1149 -69.63 -53.16 28.83
N CYS B 21 -5.14 65.45 -30.60
CA CYS B 21 -5.99 64.83 -31.68
C CYS B 21 -7.39 65.45 -31.69
N VAL B 22 -8.21 65.07 -32.66
CA VAL B 22 -9.56 65.61 -32.75
C VAL B 22 -10.46 65.08 -31.63
N ASN B 23 -11.38 65.93 -31.18
CA ASN B 23 -12.29 65.58 -30.07
C ASN B 23 -13.75 65.99 -30.29
N LEU B 24 -14.64 65.36 -29.53
CA LEU B 24 -16.07 65.63 -29.61
C LEU B 24 -16.61 66.31 -28.35
N THR B 25 -17.32 67.41 -28.57
CA THR B 25 -17.87 68.24 -27.48
C THR B 25 -19.23 67.78 -26.93
N THR B 26 -19.62 68.38 -25.80
CA THR B 26 -20.94 68.20 -25.14
C THR B 26 -21.27 66.80 -24.61
N ARG B 27 -20.30 66.10 -24.02
CA ARG B 27 -20.56 64.77 -23.45
C ARG B 27 -21.04 64.83 -21.99
N THR B 28 -21.92 63.89 -21.64
CA THR B 28 -22.51 63.81 -20.31
C THR B 28 -21.78 62.77 -19.44
N GLN B 29 -21.32 63.21 -18.27
CA GLN B 29 -20.60 62.35 -17.33
C GLN B 29 -21.53 61.85 -16.22
N LEU B 30 -21.68 60.52 -16.15
CA LEU B 30 -22.51 59.86 -15.13
C LEU B 30 -21.83 58.59 -14.62
N PRO B 31 -22.06 58.22 -13.34
CA PRO B 31 -21.60 56.93 -12.81
C PRO B 31 -22.19 55.75 -13.59
N PRO B 32 -21.38 54.71 -13.86
CA PRO B 32 -21.80 53.57 -14.69
C PRO B 32 -23.01 52.78 -14.18
N ALA B 33 -23.94 52.50 -15.10
CA ALA B 33 -25.10 51.68 -14.80
C ALA B 33 -24.62 50.26 -14.56
N TYR B 34 -25.22 49.60 -13.59
CA TYR B 34 -24.83 48.23 -13.22
C TYR B 34 -25.98 47.25 -13.48
N THR B 35 -25.62 46.07 -14.00
CA THR B 35 -26.56 44.95 -14.12
C THR B 35 -25.92 43.59 -13.81
N ASN B 36 -26.78 42.61 -13.55
CA ASN B 36 -26.36 41.26 -13.17
C ASN B 36 -26.51 40.34 -14.36
N SER B 37 -25.44 39.61 -14.64
CA SER B 37 -25.38 38.67 -15.75
C SER B 37 -25.72 37.29 -15.24
N PHE B 38 -26.64 36.61 -15.90
CA PHE B 38 -27.03 35.27 -15.47
C PHE B 38 -26.61 34.21 -16.48
N THR B 39 -25.73 33.31 -16.05
CA THR B 39 -25.36 32.14 -16.84
C THR B 39 -24.88 32.48 -18.24
N ARG B 40 -24.02 33.47 -18.39
CA ARG B 40 -23.47 33.80 -19.70
C ARG B 40 -21.96 33.84 -19.64
N GLY B 41 -21.34 33.58 -20.78
CA GLY B 41 -19.89 33.54 -20.89
C GLY B 41 -19.27 32.16 -20.80
N VAL B 42 -20.07 31.12 -20.60
CA VAL B 42 -19.55 29.77 -20.62
C VAL B 42 -19.02 29.52 -22.03
N TYR B 43 -17.77 29.10 -22.16
CA TYR B 43 -17.22 28.83 -23.48
C TYR B 43 -16.50 27.49 -23.46
N TYR B 44 -16.30 26.91 -24.65
CA TYR B 44 -15.58 25.65 -24.76
C TYR B 44 -14.12 25.90 -24.38
N PRO B 45 -13.67 25.32 -23.26
CA PRO B 45 -12.31 25.54 -22.76
C PRO B 45 -11.23 24.96 -23.66
N ASP B 46 -11.48 23.78 -24.21
CA ASP B 46 -10.51 23.08 -25.05
C ASP B 46 -11.15 22.52 -26.30
N LYS B 47 -10.32 22.15 -27.26
CA LYS B 47 -10.79 21.63 -28.54
C LYS B 47 -11.48 20.28 -28.40
N VAL B 48 -10.94 19.46 -27.51
CA VAL B 48 -11.52 18.13 -27.25
C VAL B 48 -12.96 18.25 -26.76
N PHE B 49 -13.81 17.37 -27.25
CA PHE B 49 -15.24 17.41 -26.94
C PHE B 49 -15.71 16.12 -26.30
N ARG B 50 -16.46 16.27 -25.21
CA ARG B 50 -17.04 15.12 -24.51
C ARG B 50 -18.53 15.03 -24.73
N SER B 51 -19.01 13.85 -25.09
CA SER B 51 -20.43 13.65 -25.35
C SER B 51 -21.11 12.91 -24.20
N SER B 52 -22.20 13.49 -23.71
CA SER B 52 -23.00 12.90 -22.62
C SER B 52 -22.17 12.63 -21.35
N VAL B 53 -21.25 13.54 -21.05
CA VAL B 53 -20.43 13.42 -19.84
C VAL B 53 -20.24 14.80 -19.24
N LEU B 54 -20.00 14.83 -17.93
CA LEU B 54 -19.84 16.08 -17.20
C LEU B 54 -18.36 16.23 -16.83
N HIS B 55 -17.76 17.37 -17.19
CA HIS B 55 -16.34 17.60 -16.95
C HIS B 55 -16.11 18.87 -16.15
N SER B 56 -15.29 18.80 -15.10
CA SER B 56 -14.97 19.97 -14.31
C SER B 56 -13.60 20.50 -14.75
N THR B 57 -13.57 21.73 -15.24
CA THR B 57 -12.35 22.30 -15.82
C THR B 57 -11.92 23.58 -15.11
N GLN B 58 -10.64 23.63 -14.74
CA GLN B 58 -10.07 24.82 -14.14
C GLN B 58 -9.64 25.75 -15.27
N ASP B 59 -10.60 26.46 -15.84
CA ASP B 59 -10.34 27.39 -16.91
C ASP B 59 -11.00 28.70 -16.56
N LEU B 60 -10.40 29.81 -16.96
CA LEU B 60 -10.96 31.13 -16.65
C LEU B 60 -12.28 31.29 -17.39
N PHE B 61 -13.32 31.66 -16.64
CA PHE B 61 -14.64 31.87 -17.20
C PHE B 61 -15.27 33.02 -16.42
N LEU B 62 -16.18 33.75 -17.05
CA LEU B 62 -16.88 34.80 -16.33
C LEU B 62 -17.68 34.17 -15.21
N PRO B 63 -17.53 34.67 -13.98
CA PRO B 63 -18.23 34.12 -12.82
C PRO B 63 -19.74 34.18 -12.95
N PHE B 64 -20.43 33.12 -12.56
CA PHE B 64 -21.89 33.11 -12.65
C PHE B 64 -22.45 34.18 -11.73
N PHE B 65 -23.44 34.92 -12.21
CA PHE B 65 -24.13 35.96 -11.45
C PHE B 65 -23.28 37.19 -11.19
N SER B 66 -22.15 37.29 -11.87
CA SER B 66 -21.32 38.47 -11.73
C SER B 66 -22.04 39.60 -12.44
N ASN B 67 -22.01 40.79 -11.85
CA ASN B 67 -22.60 41.96 -12.48
C ASN B 67 -21.73 42.42 -13.65
N VAL B 68 -22.34 43.12 -14.59
CA VAL B 68 -21.65 43.59 -15.79
C VAL B 68 -21.79 45.09 -15.83
N THR B 69 -20.70 45.78 -16.12
CA THR B 69 -20.65 47.24 -16.02
C THR B 69 -21.13 47.86 -17.32
N TRP B 70 -22.41 48.25 -17.32
CA TRP B 70 -23.07 48.79 -18.50
C TRP B 70 -22.47 50.11 -18.96
N PHE B 71 -22.35 50.28 -20.28
CA PHE B 71 -21.90 51.53 -20.88
C PHE B 71 -22.82 51.97 -22.03
N HIS B 72 -22.90 53.27 -22.22
CA HIS B 72 -23.74 53.86 -23.28
C HIS B 72 -23.01 54.84 -24.20
N ALA B 73 -23.32 54.74 -25.50
CA ALA B 73 -22.89 55.72 -26.50
C ALA B 73 -24.08 56.43 -27.16
N ILE B 74 -25.29 56.12 -26.70
CA ILE B 74 -26.51 56.74 -27.22
C ILE B 74 -26.58 58.22 -26.84
N HIS B 75 -26.88 59.06 -27.83
CA HIS B 75 -27.01 60.49 -27.62
C HIS B 75 -28.14 60.82 -26.65
N VAL B 76 -29.26 60.13 -26.80
CA VAL B 76 -30.43 60.31 -25.93
C VAL B 76 -30.05 60.17 -24.46
N THR B 82 -29.93 63.53 -23.51
CA THR B 82 -29.50 64.42 -24.58
C THR B 82 -27.96 64.62 -24.57
N LYS B 83 -27.39 64.75 -25.75
CA LYS B 83 -25.95 64.99 -25.94
C LYS B 83 -25.09 63.96 -25.20
N ARG B 84 -25.42 62.67 -25.37
CA ARG B 84 -24.74 61.58 -24.66
C ARG B 84 -23.94 60.68 -25.61
N PHE B 85 -22.63 60.59 -25.35
CA PHE B 85 -21.70 59.80 -26.14
C PHE B 85 -20.43 59.52 -25.32
N ASP B 86 -20.20 58.25 -25.01
CA ASP B 86 -19.11 57.86 -24.14
C ASP B 86 -18.55 56.53 -24.61
N ASN B 87 -17.24 56.49 -24.82
CA ASN B 87 -16.54 55.27 -25.19
C ASN B 87 -15.12 55.31 -24.64
N PRO B 88 -14.97 55.49 -23.32
CA PRO B 88 -13.64 55.72 -22.76
C PRO B 88 -12.88 54.42 -22.57
N VAL B 89 -11.61 54.54 -22.20
CA VAL B 89 -10.70 53.40 -22.03
C VAL B 89 -11.00 52.61 -20.75
N LEU B 90 -10.65 51.32 -20.77
CA LEU B 90 -10.93 50.41 -19.67
C LEU B 90 -9.74 49.47 -19.45
N PRO B 91 -9.61 48.94 -18.21
CA PRO B 91 -8.59 47.97 -17.81
C PRO B 91 -8.93 46.55 -18.24
N PHE B 92 -7.94 45.78 -18.64
CA PHE B 92 -8.13 44.40 -19.04
C PHE B 92 -7.25 43.53 -18.15
N ASN B 93 -7.89 42.71 -17.32
CA ASN B 93 -7.15 41.76 -16.49
C ASN B 93 -7.71 40.35 -16.65
N ASP B 94 -6.85 39.40 -17.06
CA ASP B 94 -7.21 38.00 -17.26
C ASP B 94 -8.44 37.79 -18.16
N GLY B 95 -8.53 38.59 -19.21
CA GLY B 95 -9.57 38.45 -20.22
C GLY B 95 -10.74 39.34 -19.87
N VAL B 96 -11.46 39.77 -20.91
CA VAL B 96 -12.68 40.54 -20.71
C VAL B 96 -13.85 40.02 -21.56
N TYR B 97 -14.96 39.74 -20.92
CA TYR B 97 -16.19 39.42 -21.62
C TYR B 97 -16.83 40.67 -22.26
N PHE B 98 -16.62 40.84 -23.56
CA PHE B 98 -17.27 41.92 -24.29
C PHE B 98 -18.61 41.45 -24.86
N ALA B 99 -19.74 42.00 -24.41
CA ALA B 99 -21.05 41.63 -24.98
C ALA B 99 -21.83 42.84 -25.47
N SER B 100 -21.62 43.20 -26.74
CA SER B 100 -22.31 44.34 -27.33
C SER B 100 -23.67 43.91 -27.82
N THR B 101 -24.60 44.84 -27.88
CA THR B 101 -25.87 44.57 -28.51
C THR B 101 -26.11 45.69 -29.49
N GLU B 102 -26.35 45.33 -30.75
CA GLU B 102 -26.46 46.29 -31.86
C GLU B 102 -27.60 45.98 -32.81
N LYS B 103 -28.14 47.02 -33.45
CA LYS B 103 -29.11 46.81 -34.54
C LYS B 103 -28.64 47.30 -35.85
N SER B 104 -28.31 48.56 -35.89
CA SER B 104 -27.90 49.03 -37.15
C SER B 104 -26.39 49.02 -37.18
N ASN B 105 -25.82 48.08 -36.41
CA ASN B 105 -24.35 47.84 -36.42
C ASN B 105 -23.51 49.10 -36.13
N ILE B 106 -23.60 49.62 -34.90
CA ILE B 106 -22.96 50.87 -34.50
C ILE B 106 -21.61 50.63 -33.82
N ILE B 107 -21.49 49.58 -33.03
CA ILE B 107 -20.21 49.16 -32.47
C ILE B 107 -19.54 48.18 -33.44
N ARG B 108 -18.31 48.50 -33.82
CA ARG B 108 -17.61 47.75 -34.90
C ARG B 108 -16.31 47.09 -34.45
N GLY B 109 -15.40 47.86 -33.89
CA GLY B 109 -14.06 47.36 -33.62
C GLY B 109 -13.65 47.32 -32.16
N TRP B 110 -12.36 47.08 -31.98
CA TRP B 110 -11.74 47.04 -30.65
C TRP B 110 -10.29 47.52 -30.71
N ILE B 111 -9.79 47.95 -29.55
CA ILE B 111 -8.39 48.34 -29.38
C ILE B 111 -7.81 47.60 -28.19
N PHE B 112 -6.62 47.04 -28.38
CA PHE B 112 -5.91 46.39 -27.30
C PHE B 112 -4.51 46.99 -27.16
N GLY B 113 -3.81 46.67 -26.09
CA GLY B 113 -2.44 47.10 -25.87
C GLY B 113 -2.15 47.39 -24.41
N THR B 114 -1.08 48.14 -24.13
CA THR B 114 -0.66 48.39 -22.73
C THR B 114 -0.91 49.84 -22.35
N THR B 115 -0.37 50.73 -23.17
CA THR B 115 -0.57 52.15 -22.99
C THR B 115 -0.95 52.90 -24.26
N LEU B 116 -0.98 52.21 -25.39
CA LEU B 116 -1.28 52.80 -26.71
C LEU B 116 -0.41 54.03 -27.03
N ASP B 117 0.88 53.90 -26.72
CA ASP B 117 1.82 55.01 -26.78
C ASP B 117 2.71 54.93 -28.03
N SER B 118 2.35 54.05 -28.96
CA SER B 118 3.10 53.82 -30.20
C SER B 118 4.55 53.41 -29.97
N LYS B 119 4.78 52.62 -28.92
CA LYS B 119 6.11 52.12 -28.56
C LYS B 119 6.09 50.68 -28.01
N THR B 120 4.94 50.25 -27.48
CA THR B 120 4.69 48.84 -27.10
C THR B 120 3.72 48.17 -28.10
N GLN B 121 4.01 46.92 -28.47
CA GLN B 121 3.26 46.23 -29.53
C GLN B 121 1.80 46.05 -29.12
N SER B 122 0.90 46.35 -30.06
CA SER B 122 -0.53 46.48 -29.76
C SER B 122 -1.39 45.92 -30.90
N LEU B 123 -2.67 45.73 -30.62
CA LEU B 123 -3.60 45.18 -31.62
C LEU B 123 -4.81 46.08 -31.90
N LEU B 124 -5.12 46.28 -33.18
CA LEU B 124 -6.27 47.09 -33.61
C LEU B 124 -7.04 46.42 -34.74
N ILE B 125 -8.38 46.51 -34.74
CA ILE B 125 -9.20 45.85 -35.78
C ILE B 125 -10.42 46.61 -36.29
N VAL B 126 -10.81 46.24 -37.51
CA VAL B 126 -12.00 46.73 -38.16
C VAL B 126 -12.97 45.59 -38.48
N ASN B 127 -14.26 45.85 -38.28
CA ASN B 127 -15.31 44.91 -38.60
C ASN B 127 -15.86 45.27 -39.96
N ASN B 128 -15.85 44.30 -40.87
CA ASN B 128 -16.30 44.52 -42.23
C ASN B 128 -17.05 43.31 -42.78
N ALA B 129 -17.71 43.49 -43.91
CA ALA B 129 -18.14 42.36 -44.75
C ALA B 129 -16.92 41.62 -45.32
N THR B 130 -15.88 42.33 -45.75
CA THR B 130 -14.73 41.65 -46.33
C THR B 130 -14.00 40.72 -45.35
N ASN B 131 -13.68 41.25 -44.16
CA ASN B 131 -12.98 40.49 -43.11
C ASN B 131 -13.04 41.13 -41.73
N VAL B 132 -12.77 40.31 -40.71
CA VAL B 132 -12.64 40.82 -39.36
C VAL B 132 -11.19 41.25 -39.31
N VAL B 133 -10.91 42.35 -40.01
CA VAL B 133 -9.55 42.81 -40.24
C VAL B 133 -8.75 42.93 -38.94
N ILE B 134 -7.52 42.47 -38.97
CA ILE B 134 -6.65 42.60 -37.84
C ILE B 134 -5.24 42.85 -38.15
N LYS B 135 -4.67 43.53 -37.18
CA LYS B 135 -3.34 43.92 -37.23
C LYS B 135 -2.65 43.83 -35.88
N VAL B 136 -1.33 43.63 -35.94
CA VAL B 136 -0.48 43.75 -34.77
C VAL B 136 0.65 44.74 -35.12
N CYS B 137 0.44 46.01 -34.78
CA CYS B 137 1.31 47.09 -35.30
C CYS B 137 1.45 48.21 -34.25
N GLU B 138 2.56 48.95 -34.34
CA GLU B 138 2.90 49.96 -33.33
C GLU B 138 2.23 51.26 -33.66
N PHE B 139 0.91 51.25 -33.56
CA PHE B 139 0.09 52.32 -34.09
C PHE B 139 -0.04 53.46 -33.10
N GLN B 140 -0.09 54.67 -33.62
CA GLN B 140 -0.31 55.83 -32.79
C GLN B 140 -1.75 56.23 -32.94
N PHE B 141 -2.56 55.86 -31.96
CA PHE B 141 -3.98 56.18 -31.98
C PHE B 141 -4.23 57.61 -31.50
N CYS B 142 -5.35 58.16 -32.01
CA CYS B 142 -5.93 59.47 -31.63
C CYS B 142 -6.62 59.31 -30.27
N ASN B 143 -6.93 60.43 -29.63
CA ASN B 143 -7.65 60.35 -28.34
C ASN B 143 -9.11 59.90 -28.48
N ASP B 144 -9.70 60.11 -29.65
CA ASP B 144 -11.08 59.74 -29.92
C ASP B 144 -11.15 59.05 -31.30
N PRO B 145 -10.72 57.78 -31.38
CA PRO B 145 -10.83 57.06 -32.66
C PRO B 145 -12.26 56.61 -32.90
N PHE B 146 -12.63 56.48 -34.17
CA PHE B 146 -13.96 56.00 -34.54
C PHE B 146 -14.04 55.56 -36.00
N LEU B 147 -15.20 55.03 -36.36
CA LEU B 147 -15.57 54.77 -37.77
C LEU B 147 -16.64 55.79 -38.21
N GLY B 148 -16.43 56.43 -39.36
CA GLY B 148 -17.34 57.48 -39.86
C GLY B 148 -18.18 57.08 -41.07
N VAL B 149 -19.50 57.28 -41.00
CA VAL B 149 -20.40 57.00 -42.11
C VAL B 149 -21.33 58.17 -42.34
N TYR B 150 -21.47 58.55 -43.61
CA TYR B 150 -22.30 59.68 -44.02
C TYR B 150 -23.43 59.28 -44.97
N TYR B 151 -24.57 59.95 -44.83
CA TYR B 151 -25.73 59.77 -45.71
C TYR B 151 -25.71 60.83 -46.82
N HIS B 152 -25.29 60.42 -48.02
CA HIS B 152 -25.22 61.31 -49.18
C HIS B 152 -26.57 61.38 -49.90
N LYS B 153 -26.93 62.59 -50.33
CA LYS B 153 -28.21 62.85 -51.02
C LYS B 153 -28.15 62.39 -52.49
N ASN B 154 -26.97 62.53 -53.10
CA ASN B 154 -26.76 62.12 -54.50
C ASN B 154 -26.78 60.60 -54.72
N ASN B 155 -26.26 59.85 -53.76
CA ASN B 155 -26.27 58.38 -53.80
C ASN B 155 -26.57 57.81 -52.40
N LYS B 156 -27.56 56.91 -52.32
CA LYS B 156 -27.92 56.23 -51.05
C LYS B 156 -26.92 55.11 -50.65
N SER B 157 -25.89 55.46 -49.88
CA SER B 157 -24.87 54.50 -49.40
C SER B 157 -24.01 55.14 -48.33
N TRP B 158 -23.58 54.33 -47.36
CA TRP B 158 -22.79 54.79 -46.22
C TRP B 158 -21.29 54.52 -46.45
N MET B 159 -20.54 55.59 -46.73
CA MET B 159 -19.12 55.46 -47.09
C MET B 159 -18.16 55.99 -46.03
N GLU B 160 -16.94 55.45 -46.04
CA GLU B 160 -15.89 55.92 -45.15
C GLU B 160 -15.63 57.39 -45.45
N SER B 161 -15.49 58.18 -44.37
CA SER B 161 -15.26 59.63 -44.48
C SER B 161 -14.03 60.17 -43.73
N GLU B 162 -13.74 59.66 -42.53
CA GLU B 162 -12.49 59.97 -41.84
C GLU B 162 -11.96 58.71 -41.17
N PHE B 163 -11.01 58.05 -41.84
CA PHE B 163 -10.38 56.84 -41.31
C PHE B 163 -9.03 57.21 -40.69
N ARG B 164 -9.08 58.16 -39.75
CA ARG B 164 -7.86 58.62 -39.06
C ARG B 164 -7.75 57.96 -37.69
N VAL B 165 -7.79 56.64 -37.73
CA VAL B 165 -7.76 55.84 -36.52
C VAL B 165 -6.35 55.87 -35.95
N TYR B 166 -5.36 55.92 -36.83
CA TYR B 166 -3.98 55.79 -36.43
C TYR B 166 -3.09 56.70 -37.25
N SER B 167 -1.86 56.92 -36.78
CA SER B 167 -0.89 57.70 -37.54
C SER B 167 -0.13 56.87 -38.60
N SER B 168 0.67 55.92 -38.12
CA SER B 168 1.46 55.03 -38.98
C SER B 168 1.83 53.77 -38.19
N ALA B 169 2.63 52.88 -38.78
CA ALA B 169 3.14 51.68 -38.11
C ALA B 169 4.63 51.48 -38.41
N ASN B 170 5.40 51.10 -37.40
CA ASN B 170 6.88 50.99 -37.48
C ASN B 170 7.35 49.55 -37.61
N ASN B 171 6.89 48.64 -36.75
CA ASN B 171 7.21 47.21 -36.84
C ASN B 171 5.92 46.44 -36.65
N CYS B 172 5.69 45.44 -37.50
CA CYS B 172 4.50 44.61 -37.40
C CYS B 172 4.96 43.16 -37.54
N THR B 173 5.05 42.45 -36.43
CA THR B 173 5.48 41.06 -36.45
C THR B 173 4.44 40.23 -37.19
N PHE B 174 3.17 40.52 -36.95
CA PHE B 174 2.08 39.71 -37.46
C PHE B 174 0.98 40.54 -38.15
N GLU B 175 0.52 40.03 -39.30
CA GLU B 175 -0.57 40.63 -40.05
C GLU B 175 -1.50 39.58 -40.48
N TYR B 176 -2.75 39.96 -40.64
CA TYR B 176 -3.76 38.96 -40.62
C TYR B 176 -5.12 39.35 -41.14
N VAL B 177 -5.75 38.41 -41.82
CA VAL B 177 -7.09 38.58 -42.34
C VAL B 177 -7.88 37.33 -41.99
N SER B 178 -9.10 37.52 -41.44
CA SER B 178 -9.96 36.41 -41.01
C SER B 178 -10.81 35.89 -42.17
N GLN B 179 -11.73 34.98 -41.87
CA GLN B 179 -12.63 34.42 -42.86
C GLN B 179 -13.67 35.46 -43.30
N PRO B 180 -14.10 35.42 -44.57
CA PRO B 180 -15.16 36.31 -45.09
C PRO B 180 -16.52 36.06 -44.45
N PHE B 181 -17.28 37.15 -44.28
CA PHE B 181 -18.67 37.15 -43.80
C PHE B 181 -19.34 38.43 -44.30
N LEU B 182 -20.65 38.59 -44.05
CA LEU B 182 -21.39 39.79 -44.48
C LEU B 182 -22.16 40.51 -43.34
N MET B 183 -22.26 41.84 -43.50
CA MET B 183 -22.94 42.74 -42.56
C MET B 183 -23.99 43.60 -43.29
N ASP B 184 -25.10 43.89 -42.59
CA ASP B 184 -26.27 44.56 -43.19
C ASP B 184 -26.09 46.08 -43.45
N LEU B 185 -25.50 46.79 -42.48
CA LEU B 185 -25.20 48.26 -42.55
C LEU B 185 -26.40 49.21 -42.80
N GLU B 186 -27.52 48.96 -42.11
CA GLU B 186 -28.73 49.80 -42.24
C GLU B 186 -28.61 51.16 -41.52
N GLY B 187 -29.34 52.16 -42.03
CA GLY B 187 -29.25 53.54 -41.53
C GLY B 187 -30.54 53.97 -40.86
N LYS B 188 -31.18 53.03 -40.17
CA LYS B 188 -32.53 53.23 -39.62
C LYS B 188 -32.50 53.22 -38.09
N GLN B 189 -33.67 53.38 -37.47
CA GLN B 189 -33.80 53.27 -36.00
C GLN B 189 -34.66 52.07 -35.59
N GLY B 190 -34.27 51.41 -34.51
CA GLY B 190 -35.00 50.24 -34.01
C GLY B 190 -34.40 49.53 -32.81
N ASN B 191 -35.20 48.64 -32.23
CA ASN B 191 -34.71 47.78 -31.15
C ASN B 191 -33.63 46.83 -31.68
N PHE B 192 -32.68 46.46 -30.83
CA PHE B 192 -31.58 45.59 -31.26
C PHE B 192 -32.05 44.18 -31.62
N LYS B 193 -32.13 43.92 -32.92
CA LYS B 193 -32.64 42.64 -33.40
C LYS B 193 -31.61 41.51 -33.31
N ASN B 194 -30.37 41.80 -32.97
CA ASN B 194 -29.36 40.75 -32.86
C ASN B 194 -28.59 40.86 -31.54
N LEU B 195 -27.60 39.98 -31.40
CA LEU B 195 -26.67 39.98 -30.27
C LEU B 195 -25.31 39.37 -30.64
N ARG B 196 -24.27 39.98 -30.07
CA ARG B 196 -22.89 39.57 -30.24
C ARG B 196 -22.23 39.46 -28.88
N GLU B 197 -21.54 38.34 -28.66
CA GLU B 197 -20.70 38.11 -27.49
C GLU B 197 -19.30 37.71 -27.92
N PHE B 198 -18.31 38.19 -27.18
CA PHE B 198 -16.91 37.83 -27.40
C PHE B 198 -16.16 37.66 -26.09
N VAL B 199 -15.24 36.71 -26.02
CA VAL B 199 -14.37 36.70 -24.84
C VAL B 199 -12.90 36.69 -25.27
N PHE B 200 -12.25 37.83 -25.01
CA PHE B 200 -10.85 38.01 -25.36
C PHE B 200 -10.04 37.47 -24.21
N LYS B 201 -9.07 36.60 -24.47
CA LYS B 201 -8.26 36.10 -23.34
C LYS B 201 -6.84 35.91 -23.76
N ASN B 202 -5.91 36.24 -22.89
CA ASN B 202 -4.49 36.05 -23.19
C ASN B 202 -4.09 34.74 -22.52
N ILE B 203 -3.83 33.70 -23.31
CA ILE B 203 -3.48 32.39 -22.77
C ILE B 203 -2.18 31.85 -23.36
N ASP B 204 -1.30 31.34 -22.50
CA ASP B 204 -0.01 30.73 -22.84
C ASP B 204 0.84 31.55 -23.83
N GLY B 205 0.89 32.85 -23.59
CA GLY B 205 1.66 33.77 -24.42
C GLY B 205 1.00 34.17 -25.73
N TYR B 206 -0.26 33.78 -25.92
CA TYR B 206 -1.00 34.13 -27.12
C TYR B 206 -2.45 34.52 -26.82
N PHE B 207 -3.03 35.27 -27.75
CA PHE B 207 -4.40 35.76 -27.62
C PHE B 207 -5.42 34.77 -28.17
N LYS B 208 -6.62 34.77 -27.59
CA LYS B 208 -7.70 33.88 -28.01
C LYS B 208 -9.01 34.65 -28.14
N ILE B 209 -9.85 34.25 -29.10
CA ILE B 209 -11.16 34.86 -29.30
C ILE B 209 -12.27 33.81 -29.36
N TYR B 210 -13.35 34.07 -28.64
CA TYR B 210 -14.51 33.19 -28.63
C TYR B 210 -15.75 34.01 -28.96
N SER B 211 -16.73 33.39 -29.63
CA SER B 211 -17.92 34.13 -30.07
C SER B 211 -19.19 33.32 -30.25
N LYS B 212 -20.31 34.05 -30.33
CA LYS B 212 -21.62 33.50 -30.63
C LYS B 212 -22.53 34.63 -31.11
N HIS B 213 -23.40 34.31 -32.07
CA HIS B 213 -24.40 35.26 -32.56
C HIS B 213 -25.75 34.66 -32.24
N THR B 214 -26.62 35.45 -31.61
CA THR B 214 -27.94 34.93 -31.26
C THR B 214 -29.07 35.73 -31.90
N PRO B 215 -30.00 35.05 -32.60
CA PRO B 215 -31.18 35.70 -33.10
C PRO B 215 -32.13 35.75 -31.92
N ILE B 216 -31.80 36.63 -30.98
CA ILE B 216 -32.53 36.74 -29.72
C ILE B 216 -33.92 37.39 -29.91
N ASN B 217 -34.94 36.87 -29.22
CA ASN B 217 -36.33 37.37 -29.35
C ASN B 217 -36.57 38.64 -28.53
N LEU B 218 -35.95 38.70 -27.34
CA LEU B 218 -36.13 39.84 -26.45
C LEU B 218 -34.97 40.83 -26.53
N VAL B 219 -35.30 42.07 -26.91
CA VAL B 219 -34.32 43.14 -27.01
C VAL B 219 -33.66 43.58 -25.70
N ARG B 220 -34.46 43.73 -24.65
CA ARG B 220 -33.97 44.27 -23.36
C ARG B 220 -32.93 43.43 -22.60
N ASP B 221 -31.83 44.09 -22.24
CA ASP B 221 -30.74 43.52 -21.42
C ASP B 221 -30.13 42.23 -21.97
N LEU B 222 -29.97 41.23 -21.11
CA LEU B 222 -29.37 39.97 -21.51
C LEU B 222 -30.31 38.87 -21.04
N PRO B 223 -30.62 37.92 -21.94
CA PRO B 223 -31.56 36.85 -21.63
C PRO B 223 -31.02 35.92 -20.55
N GLN B 224 -31.90 35.49 -19.65
CA GLN B 224 -31.53 34.53 -18.63
C GLN B 224 -31.16 33.20 -19.30
N GLY B 225 -31.67 32.98 -20.52
CA GLY B 225 -31.39 31.78 -21.26
C GLY B 225 -29.93 31.57 -21.63
N PHE B 226 -29.56 30.29 -21.72
CA PHE B 226 -28.18 29.87 -21.95
C PHE B 226 -27.59 30.20 -23.33
N SER B 227 -26.31 30.56 -23.33
CA SER B 227 -25.58 30.86 -24.56
C SER B 227 -24.19 30.24 -24.45
N ALA B 228 -23.70 29.64 -25.54
CA ALA B 228 -22.37 29.02 -25.53
C ALA B 228 -21.50 29.62 -26.61
N LEU B 229 -20.22 29.86 -26.27
CA LEU B 229 -19.32 30.55 -27.19
C LEU B 229 -18.33 29.60 -27.83
N GLU B 230 -18.19 29.71 -29.15
CA GLU B 230 -17.32 28.85 -29.92
C GLU B 230 -16.09 29.64 -30.32
N PRO B 231 -14.90 29.06 -30.13
CA PRO B 231 -13.66 29.78 -30.51
C PRO B 231 -13.71 30.20 -31.94
N LEU B 232 -13.33 31.45 -32.20
CA LEU B 232 -13.29 31.95 -33.57
C LEU B 232 -11.87 32.00 -34.14
N VAL B 233 -11.02 32.80 -33.52
CA VAL B 233 -9.67 32.97 -34.04
C VAL B 233 -8.62 32.89 -32.95
N ASP B 234 -7.59 32.10 -33.19
CA ASP B 234 -6.48 31.98 -32.27
C ASP B 234 -5.32 32.64 -32.93
N LEU B 235 -4.83 33.72 -32.34
CA LEU B 235 -3.71 34.44 -32.93
C LEU B 235 -2.57 34.41 -31.96
N PRO B 236 -1.40 33.92 -32.40
CA PRO B 236 -0.34 33.85 -31.41
C PRO B 236 0.54 35.07 -31.39
N ILE B 237 0.36 35.90 -30.38
CA ILE B 237 1.13 37.12 -30.21
C ILE B 237 1.53 37.15 -28.75
N GLY B 238 2.72 37.65 -28.46
CA GLY B 238 3.20 37.75 -27.08
C GLY B 238 2.85 39.05 -26.40
N ILE B 239 2.07 39.89 -27.06
CA ILE B 239 1.71 41.18 -26.53
C ILE B 239 1.01 41.07 -25.18
N ASN B 240 1.36 42.00 -24.30
CA ASN B 240 0.79 42.07 -22.97
C ASN B 240 -0.09 43.30 -22.93
N ILE B 241 -1.38 43.12 -22.68
CA ILE B 241 -2.32 44.25 -22.73
C ILE B 241 -3.01 44.49 -21.40
N THR B 242 -2.90 45.70 -20.87
CA THR B 242 -3.56 46.05 -19.62
C THR B 242 -4.81 46.90 -19.87
N ARG B 243 -5.04 47.32 -21.11
CA ARG B 243 -6.19 48.19 -21.40
C ARG B 243 -6.85 47.87 -22.73
N PHE B 244 -8.16 48.09 -22.82
CA PHE B 244 -8.85 47.88 -24.09
C PHE B 244 -9.81 49.02 -24.39
N GLN B 245 -10.00 49.31 -25.67
CA GLN B 245 -10.87 50.40 -26.09
C GLN B 245 -11.72 49.95 -27.26
N THR B 246 -12.82 50.65 -27.52
CA THR B 246 -13.70 50.25 -28.60
C THR B 246 -14.09 51.35 -29.58
N LEU B 247 -14.42 50.90 -30.79
CA LEU B 247 -14.92 51.69 -31.89
C LEU B 247 -16.44 51.95 -31.88
N LEU B 248 -16.79 53.12 -32.39
CA LEU B 248 -18.16 53.48 -32.65
C LEU B 248 -18.28 53.98 -34.07
N ALA B 249 -19.50 53.90 -34.60
CA ALA B 249 -19.84 54.37 -35.94
C ALA B 249 -20.63 55.66 -35.79
N LEU B 250 -20.04 56.78 -36.19
CA LEU B 250 -20.72 58.06 -36.11
C LEU B 250 -21.67 58.21 -37.27
N HIS B 251 -22.94 58.45 -36.97
CA HIS B 251 -23.97 58.56 -38.01
C HIS B 251 -24.02 60.00 -38.47
N ARG B 252 -23.06 60.37 -39.33
CA ARG B 252 -22.98 61.76 -39.81
C ARG B 252 -24.01 62.03 -40.92
N SER B 253 -24.71 63.17 -40.81
CA SER B 253 -25.79 63.54 -41.73
C SER B 253 -25.71 65.02 -42.14
N TYR B 254 -26.71 65.48 -42.91
CA TYR B 254 -26.79 66.87 -43.36
C TYR B 254 -27.21 67.85 -42.26
N LEU B 255 -28.01 67.37 -41.29
CA LEU B 255 -28.51 68.17 -40.17
C LEU B 255 -27.42 68.58 -39.16
N THR B 256 -26.34 67.80 -39.12
CA THR B 256 -25.19 68.05 -38.23
C THR B 256 -24.41 69.30 -38.66
N PRO B 257 -23.72 69.98 -37.71
CA PRO B 257 -22.92 71.19 -38.01
C PRO B 257 -21.93 71.07 -39.19
N GLY B 258 -21.26 69.93 -39.29
CA GLY B 258 -20.36 69.63 -40.41
C GLY B 258 -18.88 69.77 -40.08
N ASP B 259 -18.48 69.21 -38.93
CA ASP B 259 -17.07 69.19 -38.50
C ASP B 259 -16.78 67.94 -37.65
N SER B 260 -15.49 67.71 -37.40
CA SER B 260 -15.01 66.52 -36.67
C SER B 260 -15.21 66.59 -35.14
N SER B 261 -15.47 67.79 -34.61
CA SER B 261 -15.63 68.01 -33.17
C SER B 261 -17.08 68.03 -32.66
N SER B 262 -18.01 68.46 -33.51
CA SER B 262 -19.42 68.56 -33.13
C SER B 262 -20.43 67.97 -34.11
N GLY B 263 -19.99 67.57 -35.32
CA GLY B 263 -20.93 67.18 -36.35
C GLY B 263 -21.21 65.69 -36.31
N TRP B 264 -22.18 65.28 -35.51
CA TRP B 264 -22.49 63.86 -35.37
C TRP B 264 -23.82 63.67 -34.66
N THR B 265 -24.56 62.64 -35.09
CA THR B 265 -25.81 62.23 -34.47
C THR B 265 -25.79 60.71 -34.53
N ALA B 266 -25.26 60.09 -33.49
CA ALA B 266 -24.91 58.65 -33.49
C ALA B 266 -26.08 57.65 -33.42
N GLY B 267 -27.06 57.96 -32.56
CA GLY B 267 -28.14 57.01 -32.25
C GLY B 267 -27.80 55.97 -31.18
N ALA B 268 -28.60 54.89 -31.14
CA ALA B 268 -28.50 53.86 -30.12
C ALA B 268 -27.23 53.01 -30.24
N ALA B 269 -26.49 52.89 -29.13
CA ALA B 269 -25.27 52.08 -29.07
C ALA B 269 -24.92 51.76 -27.61
N ALA B 270 -24.72 50.47 -27.31
CA ALA B 270 -24.42 50.03 -25.94
C ALA B 270 -23.67 48.71 -25.93
N TYR B 271 -22.90 48.48 -24.89
CA TYR B 271 -22.12 47.24 -24.77
C TYR B 271 -21.89 46.94 -23.31
N TYR B 272 -21.78 45.65 -23.00
CA TYR B 272 -21.60 45.20 -21.62
C TYR B 272 -20.20 44.66 -21.42
N VAL B 273 -19.52 45.10 -20.36
CA VAL B 273 -18.14 44.68 -20.11
C VAL B 273 -18.00 44.04 -18.72
N GLY B 274 -17.34 42.89 -18.67
CA GLY B 274 -17.14 42.13 -17.43
C GLY B 274 -15.72 41.59 -17.33
N TYR B 275 -15.31 41.24 -16.12
CA TYR B 275 -13.94 40.79 -15.86
C TYR B 275 -13.96 39.33 -15.46
N LEU B 276 -13.17 38.52 -16.14
CA LEU B 276 -13.14 37.08 -15.85
C LEU B 276 -12.16 36.85 -14.72
N GLN B 277 -12.40 35.82 -13.93
CA GLN B 277 -11.51 35.43 -12.85
C GLN B 277 -11.32 33.93 -12.90
N PRO B 278 -10.14 33.42 -12.48
CA PRO B 278 -9.99 31.97 -12.54
C PRO B 278 -10.99 31.28 -11.62
N ARG B 279 -11.73 30.33 -12.17
CA ARG B 279 -12.75 29.59 -11.44
C ARG B 279 -12.83 28.18 -11.98
N THR B 280 -13.47 27.30 -11.21
CA THR B 280 -13.69 25.93 -11.64
C THR B 280 -15.15 25.75 -12.02
N PHE B 281 -15.37 25.01 -13.08
CA PHE B 281 -16.72 24.73 -13.57
C PHE B 281 -17.02 23.25 -13.77
N LEU B 282 -18.30 22.96 -13.83
CA LEU B 282 -18.79 21.62 -14.09
C LEU B 282 -19.71 21.66 -15.29
N LEU B 283 -19.10 21.62 -16.46
CA LEU B 283 -19.83 21.66 -17.73
C LEU B 283 -20.53 20.34 -18.03
N LYS B 284 -21.60 20.41 -18.81
CA LYS B 284 -22.34 19.23 -19.23
C LYS B 284 -22.43 19.21 -20.74
N TYR B 285 -22.15 18.04 -21.32
CA TYR B 285 -22.23 17.87 -22.77
C TYR B 285 -23.43 17.00 -23.12
N ASN B 286 -24.25 17.46 -24.08
CA ASN B 286 -25.40 16.69 -24.52
C ASN B 286 -25.01 15.62 -25.52
N GLU B 287 -25.99 14.83 -25.95
CA GLU B 287 -25.76 13.75 -26.88
C GLU B 287 -25.05 14.22 -28.15
N ASN B 288 -25.55 15.30 -28.74
CA ASN B 288 -24.94 15.83 -29.94
C ASN B 288 -23.51 16.32 -29.69
N GLY B 289 -23.29 16.92 -28.53
CA GLY B 289 -21.97 17.45 -28.18
C GLY B 289 -21.98 18.89 -27.71
N THR B 290 -23.09 19.61 -27.90
CA THR B 290 -23.20 21.00 -27.45
C THR B 290 -23.34 21.04 -25.93
N ILE B 291 -22.96 22.17 -25.32
CA ILE B 291 -23.01 22.30 -23.87
C ILE B 291 -24.37 22.78 -23.40
N THR B 292 -25.14 21.90 -22.77
CA THR B 292 -26.48 22.26 -22.32
C THR B 292 -26.46 23.24 -21.15
N ASP B 293 -25.60 22.99 -20.17
CA ASP B 293 -25.57 23.83 -18.98
C ASP B 293 -24.25 23.74 -18.25
N ALA B 294 -23.90 24.79 -17.55
CA ALA B 294 -22.67 24.83 -16.77
C ALA B 294 -23.03 25.22 -15.36
N VAL B 295 -22.52 24.48 -14.38
CA VAL B 295 -22.71 24.86 -12.99
C VAL B 295 -21.41 25.38 -12.44
N ASP B 296 -21.41 26.63 -11.96
CA ASP B 296 -20.25 27.21 -11.33
C ASP B 296 -19.90 26.50 -10.05
N CYS B 297 -18.63 26.14 -9.86
CA CYS B 297 -18.17 25.55 -8.57
C CYS B 297 -18.34 26.38 -7.33
N ALA B 298 -18.01 27.65 -7.42
CA ALA B 298 -18.02 28.55 -6.27
C ALA B 298 -19.19 29.55 -6.22
N LEU B 299 -20.19 29.37 -7.07
CA LEU B 299 -21.31 30.30 -7.09
C LEU B 299 -22.11 30.33 -5.78
N ASP B 300 -22.33 29.16 -5.19
CA ASP B 300 -23.25 29.01 -4.07
C ASP B 300 -22.87 27.85 -3.15
N PRO B 301 -23.37 27.86 -1.90
CA PRO B 301 -23.12 26.74 -1.01
C PRO B 301 -23.70 25.51 -1.66
N LEU B 302 -24.88 25.70 -2.24
CA LEU B 302 -25.54 24.66 -3.01
C LEU B 302 -24.73 24.31 -4.26
N SER B 303 -24.31 25.35 -4.94
CA SER B 303 -23.55 25.24 -6.18
C SER B 303 -22.25 24.49 -5.94
N GLU B 304 -21.59 24.79 -4.82
CA GLU B 304 -20.33 24.15 -4.48
C GLU B 304 -20.48 22.65 -4.27
N THR B 305 -21.59 22.26 -3.67
CA THR B 305 -21.88 20.85 -3.42
C THR B 305 -21.94 20.07 -4.71
N LYS B 306 -22.57 20.65 -5.73
CA LYS B 306 -22.68 20.03 -7.04
C LYS B 306 -21.31 19.80 -7.64
N CYS B 307 -20.44 20.78 -7.51
CA CYS B 307 -19.12 20.69 -8.07
C CYS B 307 -18.35 19.49 -7.52
N THR B 308 -18.41 19.28 -6.21
CA THR B 308 -17.76 18.12 -5.60
C THR B 308 -18.42 16.83 -6.06
N LEU B 309 -19.75 16.80 -6.06
CA LEU B 309 -20.51 15.63 -6.49
C LEU B 309 -20.32 15.31 -7.96
N LYS B 310 -20.15 16.36 -8.76
CA LYS B 310 -19.97 16.29 -10.21
C LYS B 310 -21.22 15.85 -10.96
N SER B 311 -22.37 16.02 -10.32
CA SER B 311 -23.66 15.72 -10.93
C SER B 311 -24.53 16.96 -10.80
N PHE B 312 -25.27 17.30 -11.85
CA PHE B 312 -26.09 18.51 -11.84
C PHE B 312 -27.24 18.47 -10.83
N THR B 313 -27.88 17.32 -10.67
CA THR B 313 -28.96 17.18 -9.71
C THR B 313 -28.43 16.50 -8.47
N VAL B 314 -28.69 17.10 -7.31
CA VAL B 314 -28.22 16.55 -6.03
C VAL B 314 -29.38 16.02 -5.19
N GLU B 315 -29.25 14.74 -4.82
CA GLU B 315 -30.23 14.07 -3.95
C GLU B 315 -30.14 14.56 -2.51
N LYS B 316 -31.20 14.30 -1.75
CA LYS B 316 -31.25 14.65 -0.34
C LYS B 316 -30.10 14.00 0.43
N GLY B 317 -29.55 14.74 1.38
CA GLY B 317 -28.45 14.25 2.22
C GLY B 317 -27.53 15.37 2.67
N ILE B 318 -26.45 14.99 3.32
CA ILE B 318 -25.45 15.94 3.79
C ILE B 318 -24.15 15.61 3.11
N TYR B 319 -23.54 16.61 2.50
CA TYR B 319 -22.28 16.41 1.77
C TYR B 319 -21.24 17.39 2.26
N GLN B 320 -19.97 16.99 2.17
CA GLN B 320 -18.87 17.82 2.59
C GLN B 320 -18.18 18.32 1.34
N THR B 321 -18.28 19.62 1.09
CA THR B 321 -17.64 20.26 -0.08
C THR B 321 -16.12 20.50 0.06
N SER B 322 -15.77 21.17 1.15
CA SER B 322 -14.42 21.71 1.31
C SER B 322 -14.08 21.94 2.77
N ASN B 323 -12.78 21.97 3.04
CA ASN B 323 -12.27 22.12 4.39
C ASN B 323 -11.80 23.55 4.58
N PHE B 324 -12.25 24.15 5.67
CA PHE B 324 -12.08 25.58 5.89
C PHE B 324 -11.13 25.86 7.05
N ARG B 325 -10.22 26.80 6.82
CA ARG B 325 -9.22 27.22 7.79
C ARG B 325 -9.17 28.70 7.77
N VAL B 326 -8.34 29.34 8.50
CA VAL B 326 -8.58 30.73 8.43
C VAL B 326 -7.20 31.10 8.15
N GLN B 327 -6.95 31.84 7.11
CA GLN B 327 -5.58 32.22 6.71
C GLN B 327 -5.13 33.30 7.68
N PRO B 328 -3.84 33.23 8.12
CA PRO B 328 -3.29 34.24 9.04
C PRO B 328 -3.29 35.66 8.50
N THR B 329 -3.76 36.59 9.33
CA THR B 329 -3.92 37.98 8.93
C THR B 329 -2.57 38.69 8.79
N GLU B 330 -1.65 38.39 9.71
CA GLU B 330 -0.32 38.99 9.71
C GLU B 330 0.79 37.99 10.10
N SER B 331 2.03 38.41 9.91
CA SER B 331 3.20 37.67 10.35
C SER B 331 3.94 38.41 11.46
N ILE B 332 4.38 37.68 12.49
CA ILE B 332 5.06 38.28 13.64
C ILE B 332 6.40 37.61 13.97
N VAL B 333 7.35 38.44 14.33
CA VAL B 333 8.68 37.98 14.64
C VAL B 333 9.06 38.41 16.05
N ARG B 334 9.31 37.46 16.96
CA ARG B 334 9.73 37.84 18.31
C ARG B 334 11.22 37.66 18.34
N PHE B 335 11.99 38.75 18.52
CA PHE B 335 13.44 38.68 18.40
C PHE B 335 14.33 39.41 19.43
N PRO B 336 15.62 39.02 19.46
CA PRO B 336 16.66 39.59 20.26
C PRO B 336 17.31 40.70 19.47
N ASN B 337 17.02 41.92 19.86
CA ASN B 337 17.48 43.07 19.08
C ASN B 337 18.97 43.33 19.09
N ILE B 338 19.74 42.82 20.02
CA ILE B 338 21.16 43.15 19.95
C ILE B 338 21.44 43.67 18.52
N THR B 339 20.98 42.91 17.52
CA THR B 339 21.11 43.33 16.10
C THR B 339 22.56 43.69 15.76
N ASN B 340 23.47 42.76 16.05
CA ASN B 340 24.91 43.01 15.86
C ASN B 340 25.46 42.68 14.48
N LEU B 341 26.32 43.56 13.99
CA LEU B 341 26.96 43.42 12.67
C LEU B 341 28.05 42.37 12.69
N CYS B 342 28.40 41.83 11.52
CA CYS B 342 29.40 40.79 11.42
C CYS B 342 30.65 41.30 10.71
N PRO B 343 31.84 41.08 11.30
CA PRO B 343 33.11 41.54 10.74
C PRO B 343 33.41 40.95 9.35
N PHE B 344 32.69 41.47 8.35
CA PHE B 344 32.85 41.07 6.97
C PHE B 344 33.93 41.87 6.24
N GLY B 345 34.50 42.88 6.91
CA GLY B 345 35.55 43.72 6.34
C GLY B 345 36.92 43.09 6.25
N GLU B 346 37.09 41.93 6.91
CA GLU B 346 38.33 41.17 6.85
C GLU B 346 38.24 39.76 6.25
N VAL B 347 37.04 39.30 5.94
CA VAL B 347 36.85 37.91 5.49
C VAL B 347 37.40 37.73 4.06
N PHE B 348 37.16 38.73 3.22
CA PHE B 348 37.53 38.65 1.80
C PHE B 348 38.61 39.64 1.41
N ASN B 349 38.37 40.92 1.64
CA ASN B 349 39.30 41.99 1.26
C ASN B 349 40.42 42.13 2.31
N ALA B 350 41.26 41.10 2.38
CA ALA B 350 42.35 41.02 3.35
C ALA B 350 43.68 40.91 2.61
N THR B 351 44.78 40.77 3.34
CA THR B 351 46.10 40.73 2.73
C THR B 351 46.45 39.32 2.28
N ARG B 352 46.52 38.39 3.23
CA ARG B 352 46.97 37.02 2.98
C ARG B 352 45.98 36.04 3.58
N PHE B 353 45.81 34.89 2.91
CA PHE B 353 45.00 33.80 3.42
C PHE B 353 45.86 32.54 3.61
N ALA B 354 45.40 31.69 4.52
CA ALA B 354 46.11 30.46 4.84
C ALA B 354 46.10 29.45 3.69
N SER B 355 46.96 28.45 3.82
CA SER B 355 47.04 27.36 2.84
C SER B 355 45.87 26.39 3.00
N VAL B 356 45.62 25.59 1.97
CA VAL B 356 44.54 24.61 1.97
C VAL B 356 44.73 23.53 3.05
N TYR B 357 45.96 23.09 3.27
CA TYR B 357 46.24 22.10 4.33
C TYR B 357 46.14 22.69 5.74
N ALA B 358 46.34 24.00 5.88
CA ALA B 358 46.35 24.66 7.17
C ALA B 358 45.39 25.87 7.14
N TRP B 359 44.15 25.61 6.71
CA TRP B 359 43.16 26.66 6.56
C TRP B 359 42.86 27.37 7.89
N ASN B 360 42.31 28.58 7.78
CA ASN B 360 42.01 29.38 8.96
C ASN B 360 40.54 29.23 9.33
N ARG B 361 40.30 28.74 10.54
CA ARG B 361 38.96 28.61 11.10
C ARG B 361 38.66 29.82 11.98
N LYS B 362 37.54 30.47 11.72
CA LYS B 362 37.15 31.69 12.43
C LYS B 362 35.72 31.54 12.97
N ARG B 363 35.24 32.56 13.66
CA ARG B 363 34.00 32.48 14.38
C ARG B 363 33.15 33.69 14.11
N ILE B 364 31.91 33.49 13.66
CA ILE B 364 30.95 34.58 13.54
C ILE B 364 29.86 34.30 14.57
N SER B 365 29.77 35.11 15.61
CA SER B 365 28.79 34.85 16.68
C SER B 365 28.19 36.13 17.21
N ASN B 366 26.87 36.13 17.36
CA ASN B 366 26.08 37.20 17.95
C ASN B 366 26.29 38.51 17.23
N CYS B 367 25.98 38.48 15.93
CA CYS B 367 26.03 39.59 15.01
C CYS B 367 25.18 39.23 13.78
N VAL B 368 25.12 40.13 12.80
CA VAL B 368 24.16 40.04 11.72
C VAL B 368 24.90 40.13 10.40
N ALA B 369 24.66 39.21 9.45
CA ALA B 369 25.44 39.23 8.20
C ALA B 369 24.66 39.64 6.95
N ASP B 370 25.39 40.12 5.95
CA ASP B 370 24.81 40.50 4.68
C ASP B 370 25.41 39.84 3.44
N TYR B 371 24.49 39.43 2.56
CA TYR B 371 24.78 38.69 1.33
C TYR B 371 24.76 39.61 0.10
N SER B 372 23.92 40.65 0.15
CA SER B 372 23.78 41.55 -1.01
C SER B 372 25.01 42.41 -1.34
N VAL B 373 25.69 42.91 -0.32
CA VAL B 373 26.86 43.78 -0.51
C VAL B 373 28.00 43.06 -1.22
N LEU B 374 28.15 41.80 -0.86
CA LEU B 374 29.13 40.90 -1.46
C LEU B 374 28.85 40.82 -2.95
N TYR B 375 27.56 40.78 -3.29
CA TYR B 375 27.16 40.72 -4.69
C TYR B 375 27.60 41.93 -5.52
N ASN B 376 27.51 43.12 -4.96
CA ASN B 376 27.97 44.29 -5.73
C ASN B 376 29.43 44.20 -6.15
N SER B 377 29.71 44.65 -7.37
CA SER B 377 31.03 44.61 -8.05
C SER B 377 32.08 43.61 -7.52
N ALA B 378 31.65 42.64 -6.73
CA ALA B 378 32.53 41.59 -6.24
C ALA B 378 32.97 40.67 -7.38
N SER B 379 31.99 40.23 -8.17
CA SER B 379 32.20 39.46 -9.41
C SER B 379 33.15 38.30 -9.16
N PHE B 380 32.84 37.52 -8.14
CA PHE B 380 33.74 36.46 -7.75
C PHE B 380 33.65 35.29 -8.74
N SER B 381 34.52 34.30 -8.59
CA SER B 381 34.54 33.18 -9.54
C SER B 381 33.23 32.39 -9.50
N THR B 382 32.91 31.82 -8.34
CA THR B 382 31.72 31.00 -8.19
C THR B 382 31.06 31.30 -6.85
N PHE B 383 29.77 31.67 -6.90
CA PHE B 383 28.96 31.87 -5.71
C PHE B 383 27.77 30.93 -5.76
N LYS B 384 27.66 30.05 -4.78
CA LYS B 384 26.59 29.06 -4.75
C LYS B 384 26.38 28.57 -3.32
N CYS B 385 25.21 27.98 -3.09
CA CYS B 385 24.85 27.45 -1.78
C CYS B 385 24.12 26.13 -1.96
N TYR B 386 24.17 25.29 -0.94
CA TYR B 386 23.57 23.96 -0.98
C TYR B 386 22.46 23.86 0.06
N GLY B 387 21.31 23.36 -0.39
CA GLY B 387 20.12 23.26 0.47
C GLY B 387 19.37 24.55 0.73
N VAL B 388 19.79 25.64 0.08
CA VAL B 388 19.10 26.92 0.15
C VAL B 388 19.56 27.82 -0.99
N SER B 389 18.68 28.57 -1.60
CA SER B 389 19.09 29.60 -2.56
C SER B 389 19.92 30.69 -1.87
N PRO B 390 21.11 31.02 -2.43
CA PRO B 390 21.92 32.10 -1.86
C PRO B 390 21.23 33.48 -1.85
N THR B 391 20.23 33.68 -2.69
CA THR B 391 19.53 34.96 -2.74
C THR B 391 18.76 35.27 -1.46
N LYS B 392 18.24 34.22 -0.81
CA LYS B 392 17.41 34.39 0.40
C LYS B 392 18.18 34.05 1.68
N LEU B 393 19.46 34.42 1.72
CA LEU B 393 20.27 34.36 2.95
C LEU B 393 19.69 35.26 4.04
N ASN B 394 18.96 36.30 3.63
CA ASN B 394 18.39 37.26 4.55
C ASN B 394 17.36 36.67 5.50
N ASP B 395 16.39 35.95 4.92
CA ASP B 395 15.25 35.46 5.71
C ASP B 395 15.64 34.31 6.62
N LEU B 396 16.55 33.47 6.15
CA LEU B 396 17.01 32.33 6.95
C LEU B 396 17.77 32.81 8.19
N CYS B 397 17.74 31.98 9.23
CA CYS B 397 18.28 32.35 10.53
C CYS B 397 19.11 31.20 11.09
N PHE B 398 20.43 31.35 11.06
CA PHE B 398 21.36 30.29 11.50
C PHE B 398 21.67 30.39 12.99
N THR B 399 22.67 29.62 13.43
CA THR B 399 23.22 29.68 14.78
C THR B 399 24.69 29.23 14.75
N ASN B 400 25.53 29.95 15.46
CA ASN B 400 26.97 29.69 15.56
C ASN B 400 27.65 29.45 14.19
N VAL B 401 27.74 30.53 13.43
CA VAL B 401 28.36 30.51 12.11
C VAL B 401 29.89 30.50 12.24
N TYR B 402 30.51 29.53 11.60
CA TYR B 402 31.98 29.47 11.46
C TYR B 402 32.43 30.14 10.17
N ALA B 403 33.75 30.36 10.08
CA ALA B 403 34.38 30.91 8.90
C ALA B 403 35.70 30.20 8.66
N ASP B 404 35.76 29.41 7.59
CA ASP B 404 36.97 28.72 7.18
C ASP B 404 37.43 29.22 5.82
N SER B 405 38.70 29.55 5.72
CA SER B 405 39.25 30.17 4.52
C SER B 405 40.64 29.62 4.23
N PHE B 406 40.95 29.51 2.94
CA PHE B 406 42.26 29.08 2.49
C PHE B 406 42.46 29.46 1.03
N VAL B 407 43.62 29.10 0.47
CA VAL B 407 43.95 29.40 -0.93
C VAL B 407 44.40 28.13 -1.64
N ILE B 408 43.86 27.91 -2.83
CA ILE B 408 44.21 26.75 -3.66
C ILE B 408 44.50 27.21 -5.09
N ARG B 409 44.85 26.25 -5.94
CA ARG B 409 44.95 26.48 -7.38
C ARG B 409 43.54 26.53 -7.99
N GLY B 410 43.38 27.34 -9.05
CA GLY B 410 42.11 27.44 -9.77
C GLY B 410 41.67 26.11 -10.38
N ASP B 411 42.63 25.26 -10.75
CA ASP B 411 42.33 23.94 -11.27
C ASP B 411 41.75 23.02 -10.19
N GLU B 412 42.20 23.21 -8.96
CA GLU B 412 41.74 22.39 -7.84
C GLU B 412 40.35 22.83 -7.32
N VAL B 413 39.74 23.84 -7.94
CA VAL B 413 38.41 24.31 -7.53
C VAL B 413 37.37 23.20 -7.66
N ARG B 414 37.42 22.45 -8.76
CA ARG B 414 36.52 21.33 -8.99
C ARG B 414 36.60 20.24 -7.91
N GLN B 415 37.77 20.09 -7.29
CA GLN B 415 37.91 19.18 -6.14
C GLN B 415 37.18 19.72 -4.90
N ILE B 416 36.95 21.03 -4.84
CA ILE B 416 36.28 21.65 -3.70
C ILE B 416 34.79 21.63 -3.99
N ALA B 417 34.16 20.49 -3.70
CA ALA B 417 32.73 20.28 -3.88
C ALA B 417 32.25 19.19 -2.92
N PRO B 418 30.98 19.26 -2.47
CA PRO B 418 30.43 18.22 -1.60
C PRO B 418 30.05 16.95 -2.36
N GLY B 419 31.03 16.05 -2.46
CA GLY B 419 30.93 14.80 -3.22
C GLY B 419 32.13 14.51 -4.12
N GLN B 420 32.96 15.54 -4.37
CA GLN B 420 34.23 15.40 -5.10
C GLN B 420 35.41 14.87 -4.28
N THR B 421 36.45 14.41 -4.98
CA THR B 421 37.62 13.84 -4.33
C THR B 421 38.88 14.43 -4.98
N GLY B 422 40.03 13.87 -4.62
CA GLY B 422 41.32 14.31 -5.13
C GLY B 422 42.33 14.48 -4.01
N LYS B 423 43.56 14.77 -4.42
CA LYS B 423 44.66 14.98 -3.48
C LYS B 423 44.38 16.15 -2.54
N ILE B 424 43.94 17.28 -3.08
CA ILE B 424 43.58 18.44 -2.27
C ILE B 424 42.33 18.14 -1.43
N ALA B 425 41.33 17.53 -2.05
CA ALA B 425 40.04 17.28 -1.39
C ALA B 425 40.11 16.21 -0.30
N ASP B 426 41.18 15.43 -0.27
CA ASP B 426 41.32 14.35 0.72
C ASP B 426 42.53 14.47 1.65
N TYR B 427 43.51 15.32 1.30
CA TYR B 427 44.76 15.42 2.07
C TYR B 427 44.89 16.73 2.83
N ASN B 428 44.79 17.85 2.12
CA ASN B 428 44.87 19.16 2.75
C ASN B 428 43.64 19.47 3.59
N TYR B 429 42.47 19.26 3.01
CA TYR B 429 41.20 19.56 3.66
C TYR B 429 40.09 18.73 3.02
N LYS B 430 39.17 18.25 3.84
CA LYS B 430 38.05 17.45 3.40
C LYS B 430 36.76 18.24 3.55
N LEU B 431 36.02 18.35 2.45
CA LEU B 431 34.70 18.97 2.49
C LEU B 431 33.69 17.93 2.95
N PRO B 432 32.89 18.26 4.00
CA PRO B 432 31.78 17.39 4.38
C PRO B 432 30.83 17.21 3.17
N ASP B 433 30.60 15.97 2.75
CA ASP B 433 29.70 15.71 1.64
C ASP B 433 28.26 16.13 1.93
N ASP B 434 27.88 16.04 3.21
CA ASP B 434 26.57 16.50 3.67
C ASP B 434 26.67 17.94 4.20
N PHE B 435 27.22 18.83 3.38
CA PHE B 435 27.38 20.24 3.76
C PHE B 435 26.24 21.05 3.17
N THR B 436 25.20 21.26 3.98
CA THR B 436 24.06 22.08 3.58
C THR B 436 24.44 23.53 3.86
N GLY B 437 25.37 24.03 3.04
CA GLY B 437 25.92 25.35 3.24
C GLY B 437 26.36 26.03 1.96
N CYS B 438 27.30 26.96 2.10
CA CYS B 438 27.77 27.78 0.98
C CYS B 438 29.28 27.69 0.83
N VAL B 439 29.74 27.59 -0.42
CA VAL B 439 31.17 27.60 -0.73
C VAL B 439 31.44 28.65 -1.82
N ILE B 440 32.43 29.50 -1.57
CA ILE B 440 32.76 30.61 -2.47
C ILE B 440 34.28 30.67 -2.64
N ALA B 441 34.70 30.74 -3.90
CA ALA B 441 36.09 30.96 -4.24
C ALA B 441 36.22 32.05 -5.29
N TRP B 442 37.43 32.57 -5.45
CA TRP B 442 37.69 33.60 -6.44
C TRP B 442 39.16 33.64 -6.80
N ASN B 443 39.42 34.15 -8.00
CA ASN B 443 40.77 34.22 -8.53
C ASN B 443 41.59 35.29 -7.80
N SER B 444 42.87 34.98 -7.61
CA SER B 444 43.84 35.92 -7.07
C SER B 444 45.06 35.94 -7.99
N ASN B 445 44.99 36.77 -9.02
CA ASN B 445 46.02 36.83 -10.06
C ASN B 445 47.09 37.92 -9.81
N ASN B 446 46.85 38.79 -8.85
CA ASN B 446 47.75 39.92 -8.58
C ASN B 446 48.37 39.93 -7.20
N LEU B 447 47.77 39.20 -6.24
CA LEU B 447 48.24 39.21 -4.86
C LEU B 447 48.88 37.87 -4.46
N ASP B 448 48.14 36.78 -4.62
CA ASP B 448 48.68 35.45 -4.35
C ASP B 448 49.57 34.92 -5.48
N SER B 449 49.48 35.53 -6.66
CA SER B 449 50.34 35.15 -7.78
C SER B 449 51.58 36.04 -7.79
N LYS B 450 52.58 35.65 -6.98
CA LYS B 450 53.82 36.39 -6.86
C LYS B 450 54.57 36.38 -8.19
N VAL B 451 55.09 37.54 -8.59
CA VAL B 451 55.84 37.69 -9.85
C VAL B 451 57.05 36.75 -9.90
N GLY B 452 57.77 36.66 -8.78
CA GLY B 452 58.90 35.75 -8.66
C GLY B 452 58.55 34.32 -8.34
N GLY B 453 57.26 34.03 -8.10
CA GLY B 453 56.82 32.68 -7.77
C GLY B 453 56.43 32.55 -6.31
N ASN B 454 55.14 32.42 -6.04
CA ASN B 454 54.63 32.25 -4.69
C ASN B 454 54.80 30.78 -4.28
N TYR B 455 55.83 30.53 -3.49
CA TYR B 455 56.15 29.17 -3.02
C TYR B 455 55.93 28.96 -1.53
N ASN B 456 55.44 29.98 -0.83
CA ASN B 456 55.11 29.84 0.59
C ASN B 456 53.96 28.86 0.80
N TYR B 457 52.94 28.95 -0.06
CA TYR B 457 51.80 28.04 -0.02
C TYR B 457 52.22 26.62 -0.36
N LEU B 458 51.65 25.66 0.39
CA LEU B 458 51.99 24.25 0.24
C LEU B 458 50.74 23.42 0.00
N TYR B 459 50.92 22.30 -0.69
CA TYR B 459 49.85 21.33 -0.91
C TYR B 459 50.31 19.95 -0.45
N ARG B 460 49.48 19.27 0.34
CA ARG B 460 49.77 17.97 0.87
C ARG B 460 49.62 16.89 -0.21
N LEU B 461 50.71 16.58 -0.90
CA LEU B 461 50.70 15.56 -1.95
C LEU B 461 50.66 14.15 -1.38
N PHE B 462 51.22 13.97 -0.17
CA PHE B 462 51.37 12.65 0.43
C PHE B 462 50.60 12.57 1.74
N ARG B 463 49.82 11.51 1.92
CA ARG B 463 49.12 11.24 3.17
C ARG B 463 48.73 9.77 3.22
N LYS B 464 48.78 9.19 4.41
CA LYS B 464 48.48 7.77 4.59
C LYS B 464 47.02 7.45 4.26
N SER B 465 46.11 8.30 4.69
CA SER B 465 44.69 8.14 4.42
C SER B 465 44.05 9.47 4.06
N ASN B 466 42.72 9.53 4.07
CA ASN B 466 41.98 10.77 3.82
C ASN B 466 41.68 11.48 5.15
N LEU B 467 40.89 12.56 5.08
CA LEU B 467 40.50 13.32 6.26
C LEU B 467 39.00 13.19 6.54
N LYS B 468 38.65 13.22 7.81
CA LYS B 468 37.26 13.35 8.23
C LYS B 468 36.70 14.73 7.88
N PRO B 469 35.37 14.85 7.75
CA PRO B 469 34.75 16.16 7.55
C PRO B 469 35.16 17.17 8.63
N PHE B 470 35.54 18.37 8.18
CA PHE B 470 35.97 19.50 8.97
C PHE B 470 37.09 19.26 9.98
N GLU B 471 38.06 18.38 9.69
CA GLU B 471 39.22 18.24 10.56
C GLU B 471 40.52 18.54 9.83
N ARG B 472 41.39 19.33 10.46
CA ARG B 472 42.64 19.77 9.87
C ARG B 472 43.89 19.71 10.73
N ASP B 473 45.03 19.42 10.10
CA ASP B 473 46.33 19.38 10.75
C ASP B 473 47.40 20.16 9.98
N ILE B 474 48.50 20.43 10.68
CA ILE B 474 49.66 21.14 10.07
C ILE B 474 51.01 20.38 10.00
N SER B 475 50.95 19.06 10.03
CA SER B 475 52.16 18.26 9.88
C SER B 475 52.84 18.45 8.53
N THR B 476 54.17 18.48 8.56
CA THR B 476 55.00 18.61 7.36
C THR B 476 55.95 17.43 7.18
N GLU B 477 55.84 16.39 8.00
CA GLU B 477 56.83 15.32 7.94
C GLU B 477 56.72 14.46 6.69
N ILE B 478 57.84 13.84 6.37
CA ILE B 478 57.97 12.83 5.33
C ILE B 478 57.16 11.56 5.60
N TYR B 479 56.64 11.00 4.51
CA TYR B 479 55.85 9.77 4.47
C TYR B 479 56.76 8.54 4.36
N GLN B 480 56.40 7.50 5.10
CA GLN B 480 57.17 6.26 5.13
C GLN B 480 56.26 5.07 4.80
N ALA B 481 56.72 4.22 3.89
CA ALA B 481 55.96 3.02 3.51
C ALA B 481 56.65 1.79 4.10
N GLY B 482 55.93 1.06 4.95
CA GLY B 482 56.43 -0.19 5.54
C GLY B 482 57.65 -0.06 6.44
N SER B 483 58.66 -0.89 6.16
CA SER B 483 59.87 -0.96 7.00
C SER B 483 60.89 0.16 6.76
N THR B 484 61.90 0.21 7.63
CA THR B 484 63.10 1.06 7.48
C THR B 484 62.79 2.57 7.32
N PRO B 485 62.09 3.15 8.31
CA PRO B 485 61.52 4.50 8.17
C PRO B 485 62.57 5.56 7.83
N CYS B 486 62.21 6.43 6.90
CA CYS B 486 63.06 7.48 6.38
C CYS B 486 63.91 8.24 7.41
N ASN B 487 63.28 8.65 8.50
CA ASN B 487 63.97 9.41 9.57
C ASN B 487 64.52 10.75 9.05
N GLY B 488 63.81 11.35 8.10
CA GLY B 488 64.18 12.64 7.54
C GLY B 488 65.24 12.64 6.45
N VAL B 489 65.75 11.47 6.08
CA VAL B 489 66.64 11.32 4.94
C VAL B 489 66.07 11.84 3.61
N GLU B 490 64.79 11.56 3.38
CA GLU B 490 64.04 11.96 2.16
C GLU B 490 64.42 11.12 0.92
N GLY B 491 65.05 9.98 1.14
CA GLY B 491 65.54 9.11 0.09
C GLY B 491 64.51 8.12 -0.45
N PHE B 492 65.01 7.03 -1.04
CA PHE B 492 64.15 6.01 -1.63
C PHE B 492 63.19 5.44 -0.59
N ASN B 493 61.94 5.24 -1.03
CA ASN B 493 60.81 4.84 -0.19
C ASN B 493 60.61 5.88 0.91
N CYS B 494 60.88 7.14 0.56
CA CYS B 494 60.74 8.27 1.44
C CYS B 494 60.11 9.48 0.73
N TYR B 495 59.03 10.04 1.31
CA TYR B 495 58.35 11.20 0.72
C TYR B 495 57.94 12.33 1.70
N PHE B 496 57.75 13.52 1.14
CA PHE B 496 57.25 14.69 1.85
C PHE B 496 55.89 15.21 1.32
N PRO B 497 54.89 15.37 2.21
CA PRO B 497 53.48 15.77 2.03
C PRO B 497 53.13 17.22 1.57
N LEU B 498 53.76 18.26 2.12
CA LEU B 498 53.39 19.63 1.78
C LEU B 498 54.30 20.21 0.69
N GLN B 499 54.11 19.72 -0.53
CA GLN B 499 54.88 20.20 -1.68
C GLN B 499 54.52 21.65 -1.97
N SER B 500 55.54 22.42 -2.37
CA SER B 500 55.38 23.87 -2.53
C SER B 500 54.64 24.21 -3.81
N TYR B 501 53.71 25.16 -3.69
CA TYR B 501 52.96 25.68 -4.84
C TYR B 501 53.87 26.48 -5.77
N GLY B 502 53.63 26.37 -7.07
CA GLY B 502 54.40 27.09 -8.09
C GLY B 502 53.62 28.24 -8.70
N PHE B 503 52.91 29.00 -7.86
CA PHE B 503 52.10 30.11 -8.34
C PHE B 503 52.98 31.22 -8.91
N GLN B 504 52.88 31.40 -10.23
CA GLN B 504 53.67 32.38 -10.97
C GLN B 504 52.75 33.14 -11.93
N PRO B 505 53.16 34.34 -12.38
CA PRO B 505 52.34 35.06 -13.37
C PRO B 505 52.17 34.30 -14.69
N THR B 506 53.12 33.43 -15.02
CA THR B 506 53.09 32.62 -16.23
C THR B 506 51.94 31.61 -16.31
N ASN B 507 51.54 31.05 -15.17
CA ASN B 507 50.52 29.99 -15.11
C ASN B 507 49.10 30.37 -15.57
N GLY B 508 48.41 29.40 -16.15
CA GLY B 508 47.06 29.54 -16.68
C GLY B 508 45.95 29.76 -15.69
N VAL B 509 44.86 30.35 -16.16
CA VAL B 509 43.69 30.66 -15.33
C VAL B 509 43.39 29.55 -14.31
N GLY B 510 43.44 28.30 -14.79
CA GLY B 510 43.35 27.14 -13.92
C GLY B 510 44.53 27.03 -12.97
N TYR B 511 45.71 27.36 -13.47
CA TYR B 511 46.92 27.33 -12.67
C TYR B 511 47.10 28.52 -11.73
N GLN B 512 46.31 29.56 -11.93
CA GLN B 512 46.39 30.74 -11.06
C GLN B 512 45.89 30.42 -9.65
N PRO B 513 46.50 31.04 -8.63
CA PRO B 513 45.99 30.83 -7.26
C PRO B 513 44.61 31.42 -7.06
N TYR B 514 43.79 30.73 -6.26
CA TYR B 514 42.42 31.14 -5.99
C TYR B 514 42.19 31.17 -4.48
N ARG B 515 41.61 32.26 -4.00
CA ARG B 515 41.26 32.41 -2.58
C ARG B 515 39.90 31.77 -2.35
N VAL B 516 39.84 30.85 -1.38
CA VAL B 516 38.64 30.06 -1.12
C VAL B 516 38.15 30.32 0.30
N VAL B 517 36.85 30.57 0.42
CA VAL B 517 36.18 30.76 1.71
C VAL B 517 34.95 29.86 1.76
N VAL B 518 34.81 29.12 2.85
CA VAL B 518 33.62 28.30 3.10
C VAL B 518 33.00 28.75 4.43
N LEU B 519 31.70 28.95 4.42
CA LEU B 519 30.96 29.45 5.58
C LEU B 519 30.22 28.31 6.25
N SER B 520 30.73 27.89 7.40
CA SER B 520 30.13 26.81 8.17
C SER B 520 29.25 27.39 9.28
N PHE B 521 28.30 26.57 9.76
CA PHE B 521 27.35 26.99 10.74
C PHE B 521 26.64 25.65 11.20
N GLU B 522 25.45 25.63 11.67
CA GLU B 522 24.78 24.28 11.93
C GLU B 522 23.39 24.54 11.53
N LEU B 523 22.54 23.53 11.40
CA LEU B 523 21.13 23.74 10.94
C LEU B 523 20.16 24.10 12.07
N LEU B 524 20.34 25.26 12.69
CA LEU B 524 19.46 25.82 13.73
C LEU B 524 19.04 24.88 14.88
N HIS B 525 19.99 24.12 15.40
CA HIS B 525 19.69 23.18 16.50
C HIS B 525 19.31 23.90 17.80
N ALA B 526 19.98 25.01 18.08
CA ALA B 526 19.79 25.78 19.30
C ALA B 526 19.35 27.21 18.95
N PRO B 527 18.64 27.89 19.87
CA PRO B 527 18.17 29.25 19.68
C PRO B 527 19.28 30.27 19.84
N ALA B 528 19.93 30.61 18.73
CA ALA B 528 21.04 31.59 18.77
C ALA B 528 20.54 32.99 18.42
N THR B 529 21.46 33.83 17.96
CA THR B 529 21.13 35.20 17.58
C THR B 529 21.88 35.62 16.32
N VAL B 530 22.50 34.66 15.65
CA VAL B 530 23.28 34.94 14.45
C VAL B 530 22.42 34.81 13.21
N CYS B 531 21.40 35.65 13.11
CA CYS B 531 20.46 35.64 11.96
C CYS B 531 20.58 36.86 11.04
N GLY B 532 19.93 36.76 9.88
CA GLY B 532 19.89 37.82 8.88
C GLY B 532 18.98 38.97 9.29
N PRO B 533 19.08 40.10 8.59
CA PRO B 533 18.29 41.27 8.98
C PRO B 533 16.80 40.98 8.96
N LYS B 534 16.13 41.38 10.04
CA LYS B 534 14.70 41.17 10.20
C LYS B 534 14.03 42.34 10.89
N LYS B 535 12.73 42.52 10.71
CA LYS B 535 11.99 43.56 11.40
C LYS B 535 10.98 42.93 12.34
N SER B 536 10.89 43.47 13.54
CA SER B 536 9.97 42.92 14.53
C SER B 536 8.63 43.64 14.56
N THR B 537 7.58 42.83 14.51
CA THR B 537 6.21 43.32 14.54
C THR B 537 5.68 43.16 15.94
N ASN B 538 4.70 43.97 16.29
CA ASN B 538 4.08 43.88 17.59
C ASN B 538 3.39 42.54 17.75
N LEU B 539 3.60 41.93 18.92
CA LEU B 539 2.96 40.69 19.30
C LEU B 539 1.47 40.76 19.03
N VAL B 540 0.89 39.68 18.54
CA VAL B 540 -0.54 39.71 18.31
C VAL B 540 -1.29 38.65 19.10
N LYS B 541 -2.46 38.99 19.62
CA LYS B 541 -3.26 38.07 20.45
C LYS B 541 -4.65 37.77 19.85
N ASN B 542 -5.05 36.50 19.91
CA ASN B 542 -6.38 36.01 19.50
C ASN B 542 -6.67 36.01 18.00
N LYS B 543 -5.65 36.12 17.19
CA LYS B 543 -5.83 36.13 15.74
C LYS B 543 -4.86 35.19 15.08
N CYS B 544 -5.33 34.49 14.04
CA CYS B 544 -4.46 33.62 13.29
C CYS B 544 -3.32 34.43 12.79
N VAL B 545 -2.12 33.90 12.84
CA VAL B 545 -0.94 34.63 12.38
C VAL B 545 0.17 33.64 12.01
N ASN B 546 1.02 34.00 11.06
CA ASN B 546 2.22 33.23 10.81
C ASN B 546 3.28 33.88 11.67
N PHE B 547 3.91 33.10 12.54
CA PHE B 547 4.89 33.65 13.44
C PHE B 547 6.19 32.88 13.42
N ASN B 548 7.27 33.57 13.75
CA ASN B 548 8.58 32.97 13.88
C ASN B 548 9.12 33.27 15.25
N PHE B 549 9.41 32.24 16.05
CA PHE B 549 9.98 32.45 17.35
C PHE B 549 11.29 31.68 17.43
N ASN B 550 12.40 32.43 17.57
CA ASN B 550 13.76 31.86 17.67
C ASN B 550 14.05 30.77 16.65
N GLY B 551 13.74 31.07 15.40
CA GLY B 551 13.94 30.14 14.27
C GLY B 551 12.91 29.05 14.15
N LEU B 552 11.81 29.15 14.91
CA LEU B 552 10.72 28.19 14.81
C LEU B 552 9.52 28.93 14.24
N THR B 553 9.02 28.53 13.08
CA THR B 553 7.90 29.25 12.52
C THR B 553 6.72 28.44 12.00
N GLY B 554 5.53 28.95 12.30
CA GLY B 554 4.29 28.41 11.81
C GLY B 554 3.22 29.46 11.89
N THR B 555 2.08 29.20 11.29
CA THR B 555 0.98 30.16 11.33
C THR B 555 0.07 29.72 12.48
N GLY B 556 -0.01 30.56 13.51
CA GLY B 556 -0.86 30.27 14.65
C GLY B 556 -1.23 31.55 15.36
N VAL B 557 -2.25 31.48 16.20
CA VAL B 557 -2.70 32.63 16.97
C VAL B 557 -1.86 32.73 18.23
N LEU B 558 -1.13 33.83 18.37
CA LEU B 558 -0.26 33.99 19.53
C LEU B 558 -1.13 34.23 20.75
N THR B 559 -0.84 33.51 21.83
CA THR B 559 -1.56 33.66 23.10
C THR B 559 -0.59 33.64 24.29
N GLU B 560 -1.01 34.23 25.41
CA GLU B 560 -0.16 34.23 26.59
C GLU B 560 0.05 32.78 27.08
N SER B 561 1.27 32.52 27.53
CA SER B 561 1.65 31.20 28.01
C SER B 561 1.73 31.04 29.51
N ASN B 562 0.86 30.20 30.05
CA ASN B 562 0.85 29.90 31.48
C ASN B 562 2.09 29.14 31.91
N LYS B 563 2.55 28.23 31.06
CA LYS B 563 3.68 27.40 31.42
C LYS B 563 4.90 28.19 31.81
N LYS B 564 5.65 27.61 32.72
CA LYS B 564 6.90 28.20 33.22
C LYS B 564 8.05 27.70 32.36
N PHE B 565 9.12 28.47 32.33
CA PHE B 565 10.24 28.15 31.45
C PHE B 565 11.61 28.25 32.10
N LEU B 566 12.49 27.36 31.67
CA LEU B 566 13.86 27.39 32.13
C LEU B 566 14.56 28.49 31.38
N PRO B 567 15.54 29.15 32.03
CA PRO B 567 16.27 30.28 31.43
C PRO B 567 16.93 29.97 30.08
N PHE B 568 17.56 28.82 29.96
CA PHE B 568 18.24 28.41 28.72
C PHE B 568 17.29 28.04 27.58
N GLN B 569 16.19 27.35 27.90
CA GLN B 569 15.23 26.88 26.87
C GLN B 569 14.36 27.99 26.23
N GLN B 570 14.12 27.86 24.93
CA GLN B 570 13.28 28.81 24.18
C GLN B 570 12.06 28.20 23.49
N PHE B 571 12.28 27.15 22.71
CA PHE B 571 11.20 26.48 21.95
C PHE B 571 10.31 25.60 22.85
N GLY B 572 9.08 25.35 22.42
CA GLY B 572 8.13 24.55 23.20
C GLY B 572 7.61 23.43 22.35
N ARG B 573 7.59 22.21 22.88
CA ARG B 573 7.13 21.08 22.08
C ARG B 573 6.21 20.14 22.84
N ASP B 574 5.22 19.63 22.13
CA ASP B 574 4.22 18.72 22.68
C ASP B 574 4.69 17.28 22.56
N ILE B 575 3.80 16.36 22.91
CA ILE B 575 4.02 14.91 22.78
C ILE B 575 4.41 14.45 21.37
N ALA B 576 3.79 15.05 20.36
CA ALA B 576 3.99 14.66 18.97
C ALA B 576 5.10 15.46 18.27
N ASP B 577 5.95 16.14 19.06
CA ASP B 577 7.08 16.93 18.56
C ASP B 577 6.71 18.04 17.59
N THR B 578 5.65 18.78 17.92
CA THR B 578 5.20 19.91 17.14
C THR B 578 5.36 21.15 18.02
N THR B 579 5.91 22.20 17.45
CA THR B 579 6.17 23.43 18.20
C THR B 579 4.84 23.97 18.73
N ASP B 580 4.78 24.23 20.02
CA ASP B 580 3.54 24.73 20.64
C ASP B 580 3.69 26.12 21.25
N ALA B 581 4.71 26.32 22.08
CA ALA B 581 4.88 27.60 22.78
C ALA B 581 6.24 28.20 22.55
N VAL B 582 6.28 29.45 22.08
CA VAL B 582 7.55 30.11 21.73
C VAL B 582 7.75 31.36 22.55
N ARG B 583 8.93 31.53 23.13
CA ARG B 583 9.26 32.74 23.85
C ARG B 583 10.02 33.67 22.95
N ASP B 584 9.40 34.83 22.66
CA ASP B 584 10.04 35.84 21.86
C ASP B 584 11.20 36.46 22.59
N PRO B 585 12.34 36.66 21.90
CA PRO B 585 13.54 37.15 22.58
C PRO B 585 13.37 38.57 23.13
N GLN B 586 12.78 39.45 22.35
CA GLN B 586 12.65 40.85 22.73
C GLN B 586 11.84 41.07 23.99
N THR B 587 10.61 40.54 24.02
CA THR B 587 9.75 40.53 25.17
C THR B 587 10.30 39.54 26.22
N LEU B 588 10.89 38.46 25.70
CA LEU B 588 11.46 37.36 26.46
C LEU B 588 10.40 36.62 27.29
N GLU B 589 9.20 36.51 26.74
CA GLU B 589 8.09 35.80 27.37
C GLU B 589 7.53 34.72 26.44
N ILE B 590 7.32 33.53 26.98
CA ILE B 590 6.82 32.39 26.22
C ILE B 590 5.37 32.70 25.88
N LEU B 591 4.97 32.38 24.65
CA LEU B 591 3.61 32.65 24.21
C LEU B 591 3.00 31.34 23.71
N ASP B 592 1.81 30.98 24.17
CA ASP B 592 1.20 29.75 23.66
C ASP B 592 0.92 29.84 22.16
N ILE B 593 1.02 28.71 21.46
CA ILE B 593 0.77 28.71 20.01
C ILE B 593 -0.30 27.70 19.61
N THR B 594 -1.28 28.17 18.83
CA THR B 594 -2.37 27.35 18.33
C THR B 594 -2.62 27.71 16.87
N PRO B 595 -2.86 26.68 16.02
CA PRO B 595 -3.18 26.87 14.60
C PRO B 595 -4.60 27.38 14.45
N CYS B 596 -4.86 28.10 13.35
CA CYS B 596 -6.16 28.77 13.14
C CYS B 596 -7.24 27.76 12.80
N SER B 597 -8.49 28.09 13.09
CA SER B 597 -9.58 27.10 13.11
C SER B 597 -9.72 26.39 11.80
N PHE B 598 -9.91 25.09 11.89
CA PHE B 598 -9.93 24.38 10.72
C PHE B 598 -10.99 23.31 10.63
N GLY B 599 -12.25 23.74 10.72
CA GLY B 599 -13.40 22.83 10.56
C GLY B 599 -13.83 22.63 9.11
N GLY B 600 -14.23 21.41 8.78
CA GLY B 600 -14.78 21.09 7.47
C GLY B 600 -16.14 21.70 7.26
N VAL B 601 -16.52 21.91 5.99
CA VAL B 601 -17.82 22.48 5.65
C VAL B 601 -18.76 21.41 5.09
N SER B 602 -19.94 21.30 5.71
CA SER B 602 -20.95 20.36 5.28
C SER B 602 -22.19 21.11 4.84
N VAL B 603 -22.64 20.85 3.62
CA VAL B 603 -23.81 21.52 3.08
C VAL B 603 -24.97 20.54 3.16
N ILE B 604 -26.01 20.94 3.85
CA ILE B 604 -27.22 20.13 3.95
C ILE B 604 -28.19 20.72 2.97
N THR B 605 -28.56 19.94 1.97
CA THR B 605 -29.54 20.35 1.00
C THR B 605 -30.70 19.35 1.04
N PRO B 606 -31.95 19.83 1.11
CA PRO B 606 -33.08 18.90 1.00
C PRO B 606 -33.00 18.17 -0.33
N GLY B 607 -32.58 18.90 -1.36
CA GLY B 607 -32.31 18.34 -2.69
C GLY B 607 -32.73 19.29 -3.81
N THR B 608 -32.16 19.07 -4.98
CA THR B 608 -32.49 19.85 -6.18
C THR B 608 -33.95 19.66 -6.59
N ASN B 609 -34.38 18.40 -6.56
CA ASN B 609 -35.73 18.01 -6.95
C ASN B 609 -36.76 18.76 -6.11
N THR B 610 -36.49 18.91 -4.82
CA THR B 610 -37.44 19.52 -3.91
C THR B 610 -37.28 21.03 -3.74
N SER B 611 -36.11 21.49 -3.30
CA SER B 611 -35.92 22.92 -3.01
C SER B 611 -34.48 23.42 -3.07
N ASN B 612 -34.35 24.67 -3.50
CA ASN B 612 -33.04 25.32 -3.61
C ASN B 612 -32.41 25.70 -2.29
N GLN B 613 -33.20 26.05 -1.29
CA GLN B 613 -32.63 26.52 0.00
C GLN B 613 -31.79 25.44 0.64
N VAL B 614 -30.59 25.78 1.11
CA VAL B 614 -29.66 24.80 1.69
C VAL B 614 -28.97 25.39 2.92
N ALA B 615 -28.57 24.53 3.87
CA ALA B 615 -27.94 24.99 5.10
C ALA B 615 -26.50 24.49 5.21
N VAL B 616 -25.58 25.36 5.62
CA VAL B 616 -24.16 24.97 5.76
C VAL B 616 -23.75 24.77 7.21
N LEU B 617 -23.08 23.66 7.46
CA LEU B 617 -22.56 23.30 8.78
C LEU B 617 -21.03 23.37 8.82
N TYR B 618 -20.51 24.07 9.81
CA TYR B 618 -19.09 24.09 10.08
C TYR B 618 -18.83 23.06 11.16
N GLN B 619 -17.98 22.08 10.87
CA GLN B 619 -17.80 20.94 11.78
C GLN B 619 -17.21 21.27 13.15
N GLY B 620 -16.15 22.06 13.20
CA GLY B 620 -15.47 22.33 14.48
C GLY B 620 -15.33 23.80 14.81
N VAL B 621 -16.07 24.66 14.14
CA VAL B 621 -15.88 26.10 14.31
C VAL B 621 -16.97 26.70 15.17
N ASN B 622 -16.56 27.52 16.14
CA ASN B 622 -17.48 28.25 17.01
C ASN B 622 -18.19 29.33 16.18
N CYS B 623 -19.41 29.68 16.56
CA CYS B 623 -20.17 30.66 15.79
C CYS B 623 -19.52 32.06 15.74
N THR B 624 -18.83 32.45 16.80
CA THR B 624 -18.20 33.77 16.83
C THR B 624 -17.03 33.85 15.85
N GLU B 625 -16.29 32.75 15.72
CA GLU B 625 -15.08 32.68 14.90
C GLU B 625 -15.32 32.78 13.39
N VAL B 626 -16.09 31.86 12.79
CA VAL B 626 -16.30 31.90 11.35
C VAL B 626 -17.02 33.19 10.94
N PRO B 627 -16.55 33.82 9.87
CA PRO B 627 -17.17 35.04 9.38
C PRO B 627 -18.43 34.77 8.57
N TRP B 639 -19.67 32.52 -2.55
CA TRP B 639 -20.91 32.74 -1.82
C TRP B 639 -21.34 34.22 -1.95
N ARG B 640 -22.60 34.52 -1.72
CA ARG B 640 -23.04 35.91 -1.89
C ARG B 640 -23.31 36.63 -0.56
N VAL B 641 -24.30 36.15 0.17
CA VAL B 641 -24.63 36.71 1.49
C VAL B 641 -24.48 35.69 2.60
N TYR B 642 -24.08 34.47 2.25
CA TYR B 642 -24.02 33.37 3.20
C TYR B 642 -22.69 33.35 3.94
N SER B 643 -22.52 34.30 4.85
CA SER B 643 -21.34 34.36 5.70
C SER B 643 -21.81 33.96 7.09
N THR B 644 -22.37 34.91 7.83
CA THR B 644 -22.92 34.64 9.15
C THR B 644 -24.17 33.76 9.12
N GLY B 645 -25.05 33.99 8.16
CA GLY B 645 -26.29 33.23 8.03
C GLY B 645 -27.48 33.94 8.66
N SER B 646 -28.68 33.64 8.15
CA SER B 646 -29.92 34.26 8.63
C SER B 646 -30.25 33.85 10.07
N ASN B 647 -30.06 32.57 10.39
CA ASN B 647 -30.32 32.04 11.73
C ASN B 647 -29.12 31.22 12.18
N VAL B 648 -28.08 31.94 12.60
CA VAL B 648 -26.85 31.26 13.02
C VAL B 648 -27.11 30.48 14.31
N PHE B 649 -26.53 29.31 14.34
CA PHE B 649 -26.83 28.35 15.38
C PHE B 649 -25.57 27.65 15.85
N GLN B 650 -25.54 27.21 17.11
CA GLN B 650 -24.42 26.51 17.65
C GLN B 650 -24.87 25.11 18.07
N THR B 651 -24.13 24.11 17.59
CA THR B 651 -24.37 22.71 17.91
C THR B 651 -23.04 22.13 18.39
N ARG B 652 -23.11 21.04 19.15
CA ARG B 652 -21.88 20.43 19.67
C ARG B 652 -20.92 20.04 18.56
N ALA B 653 -21.44 19.42 17.50
CA ALA B 653 -20.61 19.00 16.38
C ALA B 653 -20.01 20.18 15.62
N GLY B 654 -20.83 21.19 15.35
CA GLY B 654 -20.40 22.36 14.60
C GLY B 654 -21.36 23.53 14.58
N CYS B 655 -20.89 24.68 14.10
CA CYS B 655 -21.73 25.86 13.98
C CYS B 655 -22.63 25.71 12.75
N LEU B 656 -23.93 25.52 13.00
CA LEU B 656 -24.91 25.35 11.94
C LEU B 656 -25.59 26.67 11.60
N ILE B 657 -25.66 26.99 10.31
CA ILE B 657 -26.31 28.23 9.84
C ILE B 657 -27.33 27.97 8.75
N GLY B 658 -28.33 28.84 8.69
CA GLY B 658 -29.35 28.81 7.65
C GLY B 658 -30.49 27.85 7.92
N ALA B 659 -30.50 27.22 9.09
CA ALA B 659 -31.56 26.32 9.44
C ALA B 659 -32.34 26.89 10.61
N GLU B 660 -33.65 26.98 10.47
CA GLU B 660 -34.49 27.40 11.56
C GLU B 660 -34.47 26.31 12.60
N HIS B 661 -34.38 26.70 13.87
CA HIS B 661 -34.29 25.73 14.94
C HIS B 661 -35.63 25.55 15.65
N VAL B 662 -36.09 24.31 15.71
CA VAL B 662 -37.37 23.98 16.33
C VAL B 662 -37.19 23.09 17.56
N ASN B 663 -37.90 23.46 18.62
CA ASN B 663 -37.87 22.71 19.89
C ASN B 663 -38.44 21.30 19.75
N ASN B 664 -39.45 21.16 18.91
CA ASN B 664 -40.15 19.88 18.77
C ASN B 664 -39.21 18.82 18.20
N SER B 665 -39.35 17.61 18.70
CA SER B 665 -38.47 16.52 18.29
C SER B 665 -39.18 15.60 17.30
N TYR B 666 -38.57 15.40 16.14
CA TYR B 666 -39.14 14.56 15.09
C TYR B 666 -38.16 13.43 14.79
N GLU B 667 -38.66 12.34 14.20
CA GLU B 667 -37.78 11.27 13.74
C GLU B 667 -36.74 11.83 12.78
N CYS B 668 -35.48 11.47 13.01
CA CYS B 668 -34.37 12.01 12.23
C CYS B 668 -34.60 11.80 10.73
N ASP B 669 -34.48 12.87 9.95
CA ASP B 669 -34.59 12.77 8.51
C ASP B 669 -33.19 12.77 7.89
N ILE B 670 -32.43 13.80 8.22
CA ILE B 670 -31.06 13.96 7.79
C ILE B 670 -30.23 14.05 9.06
N PRO B 671 -29.11 13.32 9.11
CA PRO B 671 -28.33 13.38 10.33
C PRO B 671 -27.22 14.42 10.28
N ILE B 672 -27.28 15.42 11.16
CA ILE B 672 -26.19 16.41 11.28
C ILE B 672 -25.11 15.92 12.24
N GLY B 673 -25.45 14.95 13.08
CA GLY B 673 -24.53 14.43 14.09
C GLY B 673 -24.69 15.10 15.44
N ALA B 674 -24.09 14.47 16.46
CA ALA B 674 -24.15 14.90 17.86
C ALA B 674 -25.57 15.17 18.39
N GLY B 675 -26.52 14.32 17.99
CA GLY B 675 -27.90 14.39 18.45
C GLY B 675 -28.79 15.45 17.84
N ILE B 676 -28.33 16.11 16.78
CA ILE B 676 -29.16 17.11 16.12
C ILE B 676 -29.45 16.69 14.69
N CYS B 677 -30.71 16.66 14.32
CA CYS B 677 -31.08 16.31 12.94
C CYS B 677 -31.58 17.56 12.21
N ALA B 678 -31.75 17.45 10.91
CA ALA B 678 -32.32 18.53 10.11
C ALA B 678 -33.30 17.93 9.11
N SER B 679 -34.33 18.70 8.80
CA SER B 679 -35.32 18.26 7.81
C SER B 679 -36.01 19.46 7.18
N TYR B 680 -36.68 19.23 6.05
CA TYR B 680 -37.40 20.28 5.36
C TYR B 680 -38.89 20.18 5.69
N GLN B 681 -39.42 21.20 6.34
CA GLN B 681 -40.80 21.17 6.81
C GLN B 681 -41.42 22.56 6.74
N THR B 682 -42.74 22.61 6.55
CA THR B 682 -43.48 23.87 6.53
C THR B 682 -43.49 24.52 7.92
N SER B 692 -42.48 29.43 2.69
CA SER B 692 -43.21 28.69 3.71
C SER B 692 -42.38 27.54 4.30
N GLN B 693 -41.78 26.75 3.42
CA GLN B 693 -40.97 25.61 3.83
C GLN B 693 -39.51 26.02 4.02
N SER B 694 -38.97 25.77 5.20
CA SER B 694 -37.56 26.10 5.51
C SER B 694 -36.86 24.93 6.21
N ILE B 695 -35.54 24.85 6.05
CA ILE B 695 -34.74 23.83 6.74
C ILE B 695 -34.77 24.08 8.25
N ILE B 696 -35.02 23.03 9.03
CA ILE B 696 -35.13 23.15 10.49
C ILE B 696 -34.30 22.09 11.19
N ALA B 697 -33.67 22.46 12.31
CA ALA B 697 -32.81 21.53 13.05
C ALA B 697 -33.32 21.31 14.45
N TYR B 698 -33.47 20.04 14.82
CA TYR B 698 -34.06 19.69 16.11
C TYR B 698 -33.32 18.50 16.71
N THR B 699 -33.38 18.38 18.02
CA THR B 699 -32.90 17.19 18.69
C THR B 699 -33.85 16.07 18.29
N MET B 700 -33.31 14.94 17.87
CA MET B 700 -34.15 13.86 17.35
C MET B 700 -34.72 13.00 18.48
N SER B 701 -36.04 13.08 18.67
CA SER B 701 -36.72 12.28 19.66
C SER B 701 -37.01 10.91 19.04
N LEU B 702 -36.88 9.86 19.82
CA LEU B 702 -37.05 8.49 19.32
C LEU B 702 -38.49 8.04 19.47
N GLY B 703 -39.37 8.65 18.67
CA GLY B 703 -40.68 8.10 18.36
C GLY B 703 -41.70 8.32 19.46
N ALA B 704 -42.88 7.76 19.27
CA ALA B 704 -43.96 7.84 20.25
C ALA B 704 -43.53 7.15 21.54
N GLU B 705 -43.90 7.73 22.67
CA GLU B 705 -43.49 7.19 23.96
C GLU B 705 -44.70 6.69 24.73
N ASN B 706 -44.79 5.35 24.85
CA ASN B 706 -45.95 4.72 25.45
C ASN B 706 -45.52 3.90 26.63
N SER B 707 -46.21 4.08 27.74
CA SER B 707 -45.98 3.25 28.91
C SER B 707 -47.12 2.25 29.10
N VAL B 708 -46.77 0.97 29.07
CA VAL B 708 -47.76 -0.08 29.31
C VAL B 708 -48.26 -0.02 30.74
N ALA B 709 -49.55 -0.30 30.90
CA ALA B 709 -50.14 -0.37 32.22
C ALA B 709 -49.84 -1.74 32.78
N TYR B 710 -49.19 -1.79 33.93
CA TYR B 710 -48.71 -3.04 34.47
C TYR B 710 -49.52 -3.44 35.69
N SER B 711 -49.97 -4.68 35.73
CA SER B 711 -50.65 -5.20 36.94
C SER B 711 -50.15 -6.59 37.24
N ASN B 712 -50.27 -6.99 38.51
CA ASN B 712 -49.84 -8.31 38.95
C ASN B 712 -50.69 -9.37 38.28
N ASN B 713 -51.99 -9.10 38.17
CA ASN B 713 -52.93 -10.02 37.57
C ASN B 713 -53.46 -9.60 36.19
N SER B 714 -52.88 -8.56 35.57
CA SER B 714 -53.38 -8.21 34.24
C SER B 714 -52.56 -8.84 33.09
N ILE B 715 -53.26 -9.51 32.16
CA ILE B 715 -52.61 -10.06 30.96
C ILE B 715 -53.33 -9.61 29.70
N ALA B 716 -52.60 -9.48 28.60
CA ALA B 716 -53.19 -9.14 27.29
C ALA B 716 -52.87 -10.17 26.21
N ILE B 717 -53.91 -10.61 25.51
CA ILE B 717 -53.80 -11.59 24.45
C ILE B 717 -54.52 -11.03 23.22
N PRO B 718 -53.95 -11.27 22.03
CA PRO B 718 -54.49 -10.73 20.80
C PRO B 718 -55.48 -11.64 20.08
N THR B 719 -56.67 -11.10 19.88
CA THR B 719 -57.76 -11.82 19.22
C THR B 719 -57.49 -12.03 17.73
N ASN B 720 -56.88 -11.07 17.06
CA ASN B 720 -56.68 -11.15 15.63
C ASN B 720 -55.20 -11.09 15.25
N PHE B 721 -54.85 -11.81 14.19
CA PHE B 721 -53.46 -12.00 13.75
C PHE B 721 -53.35 -11.57 12.30
N THR B 722 -52.37 -10.71 11.99
CA THR B 722 -52.21 -10.19 10.63
C THR B 722 -50.88 -10.58 10.01
N ILE B 723 -50.94 -11.04 8.77
CA ILE B 723 -49.75 -11.37 8.00
C ILE B 723 -49.53 -10.29 6.97
N SER B 724 -48.34 -9.70 6.98
CA SER B 724 -47.96 -8.68 6.03
C SER B 724 -46.66 -9.06 5.33
N VAL B 725 -46.44 -8.53 4.14
CA VAL B 725 -45.23 -8.84 3.38
C VAL B 725 -44.21 -7.71 3.50
N THR B 726 -43.03 -8.05 4.00
CA THR B 726 -41.92 -7.13 4.17
C THR B 726 -40.83 -7.54 3.19
N THR B 727 -40.08 -6.57 2.70
CA THR B 727 -39.05 -6.82 1.68
C THR B 727 -37.65 -6.49 2.16
N GLU B 728 -36.71 -7.41 1.93
CA GLU B 728 -35.30 -7.24 2.28
C GLU B 728 -34.35 -7.66 1.14
N ILE B 729 -33.17 -7.03 1.07
CA ILE B 729 -32.17 -7.34 0.02
C ILE B 729 -30.74 -7.55 0.56
N LEU B 730 -29.95 -8.38 -0.13
CA LEU B 730 -28.50 -8.55 0.12
C LEU B 730 -27.69 -8.69 -1.18
N PRO B 731 -26.39 -8.35 -1.16
CA PRO B 731 -25.61 -8.44 -2.39
C PRO B 731 -24.73 -9.69 -2.42
N VAL B 732 -25.12 -10.65 -3.24
CA VAL B 732 -24.40 -11.93 -3.34
C VAL B 732 -23.02 -11.83 -4.01
N SER B 733 -22.92 -11.07 -5.10
CA SER B 733 -21.67 -11.04 -5.88
C SER B 733 -21.40 -9.68 -6.51
N MET B 734 -20.16 -9.45 -6.93
CA MET B 734 -19.79 -8.24 -7.67
C MET B 734 -19.19 -8.65 -9.01
N THR B 735 -19.24 -7.74 -9.99
CA THR B 735 -18.74 -7.99 -11.34
C THR B 735 -17.32 -8.50 -11.33
N LYS B 736 -17.07 -9.61 -12.03
CA LYS B 736 -15.73 -10.17 -11.99
C LYS B 736 -14.87 -9.24 -12.81
N THR B 737 -13.85 -8.70 -12.16
CA THR B 737 -12.93 -7.83 -12.85
C THR B 737 -11.54 -8.39 -12.72
N SER B 738 -10.91 -8.62 -13.87
CA SER B 738 -9.53 -9.06 -13.90
C SER B 738 -8.75 -8.01 -14.68
N VAL B 739 -7.68 -7.52 -14.09
CA VAL B 739 -6.85 -6.51 -14.73
C VAL B 739 -5.46 -7.10 -14.93
N ASP B 740 -4.97 -7.01 -16.15
CA ASP B 740 -3.67 -7.55 -16.48
C ASP B 740 -2.65 -6.55 -16.08
N CYS B 741 -1.83 -6.94 -15.10
CA CYS B 741 -0.79 -6.08 -14.62
C CYS B 741 0.14 -5.61 -15.73
N THR B 742 0.54 -6.50 -16.64
CA THR B 742 1.47 -6.18 -17.72
C THR B 742 0.95 -5.07 -18.65
N MET B 743 -0.27 -5.24 -19.18
CA MET B 743 -0.78 -4.28 -20.14
C MET B 743 -1.11 -2.89 -19.57
N TYR B 744 -1.66 -2.83 -18.37
CA TYR B 744 -2.05 -1.55 -17.82
C TYR B 744 -0.87 -0.61 -17.53
N ILE B 745 0.11 -1.12 -16.79
CA ILE B 745 1.23 -0.33 -16.29
C ILE B 745 2.21 0.10 -17.38
N CYS B 746 2.70 -0.88 -18.13
CA CYS B 746 3.69 -0.66 -19.18
C CYS B 746 3.00 -0.12 -20.44
N GLY B 747 1.80 -0.61 -20.72
CA GLY B 747 1.12 -0.28 -21.99
C GLY B 747 1.67 -1.14 -23.11
N ASP B 748 1.41 -0.74 -24.35
CA ASP B 748 1.79 -1.52 -25.53
C ASP B 748 3.30 -1.66 -25.75
N SER B 749 4.05 -0.60 -25.45
CA SER B 749 5.49 -0.55 -25.73
C SER B 749 6.32 -1.64 -25.03
N THR B 750 7.21 -2.26 -25.78
CA THR B 750 8.13 -3.27 -25.26
C THR B 750 9.14 -2.72 -24.23
N GLU B 751 9.63 -1.51 -24.45
CA GLU B 751 10.62 -0.90 -23.56
C GLU B 751 10.05 -0.71 -22.16
N CYS B 752 8.76 -0.37 -22.09
CA CYS B 752 8.13 -0.14 -20.81
C CYS B 752 8.04 -1.46 -20.05
N SER B 753 7.82 -2.56 -20.78
CA SER B 753 7.71 -3.90 -20.19
C SER B 753 8.95 -4.33 -19.46
N ASN B 754 10.12 -4.01 -19.99
CA ASN B 754 11.38 -4.43 -19.37
C ASN B 754 11.56 -3.92 -17.94
N LEU B 755 11.18 -2.69 -17.68
CA LEU B 755 11.27 -2.13 -16.33
C LEU B 755 10.36 -2.86 -15.35
N LEU B 756 9.19 -3.27 -15.82
CA LEU B 756 8.24 -4.02 -15.02
C LEU B 756 8.81 -5.37 -14.57
N LEU B 757 9.59 -6.00 -15.45
CA LEU B 757 10.28 -7.25 -15.14
C LEU B 757 11.23 -7.09 -13.96
N GLN B 758 11.92 -5.95 -13.91
CA GLN B 758 12.83 -5.64 -12.81
C GLN B 758 12.12 -5.64 -11.47
N TYR B 759 10.91 -5.09 -11.42
CA TYR B 759 10.18 -5.03 -10.17
C TYR B 759 9.90 -6.38 -9.55
N GLY B 760 9.59 -7.40 -10.33
CA GLY B 760 9.39 -8.77 -9.80
C GLY B 760 8.03 -9.35 -10.06
N SER B 761 7.48 -9.99 -9.03
CA SER B 761 6.25 -10.71 -9.15
C SER B 761 5.08 -9.89 -8.61
N PHE B 762 5.31 -8.60 -8.31
CA PHE B 762 4.20 -7.68 -8.07
C PHE B 762 3.19 -7.68 -9.20
N CYS B 763 3.69 -7.66 -10.42
CA CYS B 763 2.85 -7.76 -11.59
C CYS B 763 2.00 -9.03 -11.53
N THR B 764 2.67 -10.15 -11.35
CA THR B 764 2.04 -11.46 -11.24
C THR B 764 1.14 -11.62 -10.02
N GLN B 765 1.59 -11.12 -8.87
CA GLN B 765 0.84 -11.25 -7.62
C GLN B 765 -0.50 -10.52 -7.67
N LEU B 766 -0.51 -9.32 -8.24
CA LEU B 766 -1.76 -8.56 -8.31
C LEU B 766 -2.83 -9.24 -9.14
N ASN B 767 -2.42 -9.85 -10.24
CA ASN B 767 -3.36 -10.57 -11.10
C ASN B 767 -3.98 -11.74 -10.35
N ARG B 768 -3.16 -12.45 -9.58
CA ARG B 768 -3.63 -13.59 -8.81
C ARG B 768 -4.70 -13.18 -7.80
N ALA B 769 -4.46 -12.07 -7.13
CA ALA B 769 -5.41 -11.61 -6.13
C ALA B 769 -6.75 -11.29 -6.77
N LEU B 770 -6.74 -10.61 -7.92
CA LEU B 770 -7.99 -10.31 -8.60
C LEU B 770 -8.73 -11.55 -9.05
N THR B 771 -7.99 -12.55 -9.52
CA THR B 771 -8.62 -13.79 -9.97
C THR B 771 -9.28 -14.48 -8.78
N GLY B 772 -8.61 -14.48 -7.63
CA GLY B 772 -9.20 -15.03 -6.41
C GLY B 772 -10.54 -14.36 -6.13
N ILE B 773 -10.57 -13.03 -6.27
CA ILE B 773 -11.78 -12.26 -6.07
C ILE B 773 -12.85 -12.67 -7.08
N ALA B 774 -12.44 -12.87 -8.32
CA ALA B 774 -13.36 -13.23 -9.39
C ALA B 774 -14.03 -14.58 -9.12
N VAL B 775 -13.26 -15.54 -8.62
CA VAL B 775 -13.75 -16.88 -8.29
C VAL B 775 -14.77 -16.81 -7.15
N GLU B 776 -14.49 -15.95 -6.17
CA GLU B 776 -15.37 -15.76 -5.03
C GLU B 776 -16.78 -15.29 -5.41
N GLN B 777 -16.85 -14.40 -6.39
CA GLN B 777 -18.09 -13.81 -6.84
C GLN B 777 -18.94 -14.84 -7.55
N ASP B 778 -18.29 -15.69 -8.35
CA ASP B 778 -18.91 -16.89 -8.91
C ASP B 778 -19.17 -17.93 -7.81
N LYS B 779 -18.18 -18.17 -6.94
CA LYS B 779 -18.31 -19.20 -5.91
C LYS B 779 -19.36 -18.83 -4.85
N ASN B 780 -19.28 -17.60 -4.38
CA ASN B 780 -20.32 -16.97 -3.57
C ASN B 780 -21.73 -17.26 -4.11
N THR B 781 -21.87 -17.06 -5.41
CA THR B 781 -23.13 -17.33 -6.10
C THR B 781 -23.47 -18.80 -5.95
N GLN B 782 -22.46 -19.65 -6.12
CA GLN B 782 -22.64 -21.06 -5.99
C GLN B 782 -23.17 -21.46 -4.62
N GLU B 783 -22.58 -20.90 -3.57
CA GLU B 783 -23.00 -21.20 -2.21
C GLU B 783 -24.43 -20.75 -1.95
N VAL B 784 -24.74 -19.53 -2.37
CA VAL B 784 -26.04 -18.91 -2.09
C VAL B 784 -27.20 -19.59 -2.84
N PHE B 785 -27.01 -19.90 -4.12
CA PHE B 785 -28.12 -20.42 -4.93
C PHE B 785 -28.12 -21.93 -5.21
N ALA B 786 -26.95 -22.58 -5.20
CA ALA B 786 -26.92 -24.03 -5.45
C ALA B 786 -27.21 -24.77 -4.15
N GLN B 787 -28.40 -24.55 -3.62
CA GLN B 787 -28.85 -25.18 -2.40
C GLN B 787 -29.61 -26.45 -2.68
N VAL B 788 -29.90 -26.68 -3.95
CA VAL B 788 -30.75 -27.81 -4.35
C VAL B 788 -30.02 -28.74 -5.30
N LYS B 789 -30.20 -30.04 -5.08
CA LYS B 789 -29.52 -31.05 -5.90
C LYS B 789 -30.15 -31.12 -7.29
N GLN B 790 -31.47 -31.04 -7.33
CA GLN B 790 -32.22 -31.18 -8.58
C GLN B 790 -33.30 -30.10 -8.71
N ILE B 791 -33.35 -29.46 -9.88
CA ILE B 791 -34.39 -28.47 -10.16
C ILE B 791 -35.75 -29.16 -10.15
N TYR B 792 -36.71 -28.52 -9.50
CA TYR B 792 -38.07 -29.06 -9.45
C TYR B 792 -38.97 -28.18 -10.31
N LYS B 793 -39.59 -28.77 -11.32
CA LYS B 793 -40.51 -28.01 -12.17
C LYS B 793 -41.70 -27.56 -11.35
N THR B 794 -42.14 -26.33 -11.59
CA THR B 794 -43.32 -25.82 -10.92
C THR B 794 -44.53 -26.65 -11.37
N PRO B 795 -45.35 -27.10 -10.42
CA PRO B 795 -46.53 -27.90 -10.80
C PRO B 795 -47.48 -27.18 -11.77
N PRO B 796 -47.95 -27.91 -12.80
CA PRO B 796 -48.85 -27.26 -13.78
C PRO B 796 -50.13 -26.76 -13.12
N ILE B 797 -50.72 -27.57 -12.26
CA ILE B 797 -51.89 -27.16 -11.50
C ILE B 797 -51.47 -26.00 -10.60
N LYS B 798 -52.26 -24.94 -10.61
CA LYS B 798 -51.97 -23.77 -9.80
C LYS B 798 -52.72 -23.75 -8.48
N ASP B 799 -53.49 -24.77 -8.17
CA ASP B 799 -54.18 -24.76 -6.90
C ASP B 799 -53.17 -24.51 -5.79
N PHE B 800 -53.41 -23.47 -5.00
CA PHE B 800 -52.49 -23.06 -3.96
C PHE B 800 -53.19 -22.99 -2.61
N GLY B 801 -54.32 -23.68 -2.48
CA GLY B 801 -55.11 -23.65 -1.25
C GLY B 801 -55.55 -22.25 -0.87
N GLY B 802 -55.97 -21.47 -1.87
CA GLY B 802 -56.35 -20.08 -1.68
C GLY B 802 -55.21 -19.08 -1.67
N PHE B 803 -54.01 -19.52 -2.03
CA PHE B 803 -52.84 -18.64 -2.04
C PHE B 803 -52.45 -18.35 -3.48
N ASN B 804 -52.32 -17.08 -3.85
CA ASN B 804 -51.96 -16.76 -5.23
C ASN B 804 -50.48 -16.46 -5.32
N PHE B 805 -49.78 -17.25 -6.12
CA PHE B 805 -48.34 -17.15 -6.29
C PHE B 805 -47.94 -16.66 -7.67
N SER B 806 -48.82 -15.96 -8.36
CA SER B 806 -48.50 -15.57 -9.73
C SER B 806 -47.29 -14.63 -9.82
N GLN B 807 -47.18 -13.68 -8.90
CA GLN B 807 -46.02 -12.77 -8.92
C GLN B 807 -44.69 -13.50 -8.72
N ILE B 808 -44.64 -14.35 -7.72
CA ILE B 808 -43.42 -15.08 -7.33
C ILE B 808 -42.91 -16.08 -8.35
N LEU B 809 -43.82 -16.88 -8.90
CA LEU B 809 -43.47 -17.95 -9.80
C LEU B 809 -43.18 -17.49 -11.23
N PRO B 810 -42.32 -18.24 -11.93
CA PRO B 810 -41.92 -17.95 -13.31
C PRO B 810 -43.06 -18.09 -14.31
N ASP B 811 -43.01 -17.27 -15.35
CA ASP B 811 -44.05 -17.25 -16.38
C ASP B 811 -43.48 -17.86 -17.66
N PRO B 812 -44.10 -18.96 -18.13
CA PRO B 812 -43.70 -19.66 -19.35
C PRO B 812 -43.84 -18.80 -20.60
N SER B 813 -44.95 -18.06 -20.69
CA SER B 813 -45.22 -17.19 -21.82
C SER B 813 -44.13 -16.13 -21.98
N LYS B 814 -43.72 -15.54 -20.86
CA LYS B 814 -42.68 -14.53 -20.89
C LYS B 814 -41.33 -15.17 -21.18
N PRO B 815 -40.49 -14.50 -21.99
CA PRO B 815 -39.13 -14.97 -22.27
C PRO B 815 -38.23 -14.81 -21.05
N SER B 816 -37.19 -15.66 -21.00
CA SER B 816 -36.15 -15.68 -19.95
C SER B 816 -36.55 -16.29 -18.58
N LYS B 817 -37.77 -16.79 -18.47
CA LYS B 817 -38.25 -17.51 -17.28
C LYS B 817 -38.04 -16.71 -15.98
N ARG B 818 -38.36 -15.43 -16.04
CA ARG B 818 -38.22 -14.57 -14.88
C ARG B 818 -39.58 -14.21 -14.34
N SER B 819 -39.77 -14.37 -13.04
CA SER B 819 -41.05 -14.07 -12.41
C SER B 819 -41.43 -12.60 -12.49
N PHE B 820 -42.73 -12.34 -12.35
CA PHE B 820 -43.29 -11.00 -12.36
C PHE B 820 -42.45 -10.15 -11.44
N ILE B 821 -42.22 -10.63 -10.24
CA ILE B 821 -41.33 -9.93 -9.33
C ILE B 821 -39.97 -9.94 -10.02
N GLU B 822 -39.54 -11.16 -10.35
CA GLU B 822 -38.23 -11.41 -10.94
C GLU B 822 -38.06 -10.77 -12.32
N ASP B 823 -39.06 -10.91 -13.18
CA ASP B 823 -39.00 -10.28 -14.50
C ASP B 823 -38.91 -8.78 -14.35
N LEU B 824 -39.73 -8.21 -13.48
CA LEU B 824 -39.71 -6.77 -13.32
C LEU B 824 -38.43 -6.28 -12.70
N LEU B 825 -37.83 -7.02 -11.79
CA LEU B 825 -36.64 -6.51 -11.14
C LEU B 825 -35.58 -6.16 -12.16
N PHE B 826 -35.36 -7.04 -13.14
CA PHE B 826 -34.40 -6.67 -14.16
C PHE B 826 -34.89 -5.38 -14.83
N ASN B 827 -36.20 -5.19 -14.81
CA ASN B 827 -36.76 -3.97 -15.32
C ASN B 827 -36.27 -2.86 -14.41
N LYS B 828 -36.51 -3.05 -13.13
CA LYS B 828 -36.13 -2.07 -12.14
C LYS B 828 -34.61 -1.83 -12.14
N VAL B 829 -33.85 -2.91 -12.16
CA VAL B 829 -32.40 -2.78 -12.15
C VAL B 829 -31.90 -2.05 -13.40
N THR B 830 -32.49 -2.36 -14.54
CA THR B 830 -32.10 -1.72 -15.78
C THR B 830 -32.37 -0.21 -15.67
N LEU B 831 -33.53 0.15 -15.14
CA LEU B 831 -33.88 1.55 -14.97
C LEU B 831 -32.88 2.24 -14.05
N ALA B 832 -32.50 1.57 -12.97
CA ALA B 832 -31.53 2.10 -12.01
C ALA B 832 -30.15 2.29 -12.64
N ASP B 833 -29.74 1.33 -13.47
CA ASP B 833 -28.43 1.34 -14.11
C ASP B 833 -28.35 2.38 -15.22
N LYS B 857 -11.22 -5.90 -24.12
CA LYS B 857 -12.21 -5.04 -23.50
C LYS B 857 -12.04 -3.58 -23.93
N PHE B 858 -12.70 -2.67 -23.21
CA PHE B 858 -12.60 -1.25 -23.46
C PHE B 858 -11.17 -0.74 -23.34
N ASN B 859 -10.52 -1.08 -22.23
CA ASN B 859 -9.13 -0.78 -22.02
C ASN B 859 -8.58 -1.59 -20.90
N GLY B 860 -7.29 -1.88 -20.97
CA GLY B 860 -6.60 -2.63 -19.96
C GLY B 860 -7.51 -3.48 -19.06
N LEU B 861 -8.82 -3.41 -19.21
CA LEU B 861 -9.73 -3.95 -18.22
C LEU B 861 -10.61 -4.92 -18.94
N THR B 862 -10.62 -6.18 -18.53
CA THR B 862 -11.64 -7.11 -18.99
C THR B 862 -12.56 -7.43 -17.85
N VAL B 863 -13.85 -7.27 -18.12
CA VAL B 863 -14.87 -7.64 -17.18
C VAL B 863 -15.35 -9.02 -17.59
N LEU B 864 -14.91 -10.03 -16.85
CA LEU B 864 -15.24 -11.40 -17.15
C LEU B 864 -16.70 -11.70 -16.82
N PRO B 865 -17.31 -12.60 -17.59
CA PRO B 865 -18.68 -13.03 -17.35
C PRO B 865 -18.72 -14.06 -16.21
N PRO B 866 -19.83 -14.14 -15.48
CA PRO B 866 -19.95 -15.08 -14.38
C PRO B 866 -20.14 -16.52 -14.84
N LEU B 867 -19.74 -17.45 -13.99
CA LEU B 867 -19.96 -18.87 -14.22
C LEU B 867 -21.43 -19.21 -14.40
N LEU B 868 -22.29 -18.60 -13.61
CA LEU B 868 -23.72 -18.87 -13.73
C LEU B 868 -24.42 -17.77 -14.47
N THR B 869 -25.01 -18.09 -15.62
CA THR B 869 -25.71 -17.10 -16.41
C THR B 869 -26.99 -16.69 -15.72
N ASP B 870 -27.29 -15.40 -15.78
CA ASP B 870 -28.49 -14.88 -15.16
C ASP B 870 -29.69 -15.84 -15.36
N GLU B 871 -29.80 -16.39 -16.56
CA GLU B 871 -30.82 -17.39 -16.85
C GLU B 871 -30.77 -18.59 -15.88
N MET B 872 -29.58 -19.10 -15.62
CA MET B 872 -29.39 -20.23 -14.73
C MET B 872 -29.78 -19.87 -13.31
N ILE B 873 -29.46 -18.65 -12.87
CA ILE B 873 -29.81 -18.17 -11.54
C ILE B 873 -31.32 -18.16 -11.40
N ALA B 874 -32.02 -17.81 -12.47
CA ALA B 874 -33.47 -17.78 -12.46
C ALA B 874 -34.03 -19.18 -12.16
N GLN B 875 -33.44 -20.19 -12.78
CA GLN B 875 -33.87 -21.57 -12.57
C GLN B 875 -33.67 -22.03 -11.13
N TYR B 876 -32.53 -21.66 -10.53
CA TYR B 876 -32.25 -22.01 -9.14
C TYR B 876 -33.30 -21.44 -8.22
N THR B 877 -33.64 -20.17 -8.43
CA THR B 877 -34.62 -19.52 -7.59
C THR B 877 -35.97 -20.18 -7.71
N SER B 878 -36.33 -20.54 -8.94
CA SER B 878 -37.60 -21.21 -9.19
C SER B 878 -37.65 -22.55 -8.48
N ALA B 879 -36.53 -23.26 -8.49
CA ALA B 879 -36.47 -24.57 -7.87
C ALA B 879 -36.75 -24.46 -6.37
N LEU B 880 -36.13 -23.48 -5.71
CA LEU B 880 -36.38 -23.26 -4.29
C LEU B 880 -37.82 -22.89 -4.07
N LEU B 881 -38.36 -22.01 -4.90
CA LEU B 881 -39.75 -21.61 -4.78
C LEU B 881 -40.65 -22.79 -5.00
N ALA B 882 -40.35 -23.57 -6.04
CA ALA B 882 -41.13 -24.75 -6.35
C ALA B 882 -41.00 -25.77 -5.23
N GLY B 883 -39.78 -25.93 -4.72
CA GLY B 883 -39.51 -26.87 -3.63
C GLY B 883 -40.27 -26.53 -2.36
N THR B 884 -40.26 -25.24 -1.99
CA THR B 884 -40.91 -24.79 -0.75
C THR B 884 -42.41 -25.03 -0.78
N ILE B 885 -43.06 -24.68 -1.88
CA ILE B 885 -44.51 -24.81 -2.01
C ILE B 885 -44.95 -26.26 -2.05
N THR B 886 -44.28 -27.07 -2.87
CA THR B 886 -44.68 -28.46 -3.04
C THR B 886 -44.30 -29.36 -1.89
N SER B 887 -43.08 -29.22 -1.38
CA SER B 887 -42.56 -30.16 -0.39
C SER B 887 -42.23 -29.60 0.99
N GLY B 888 -42.59 -28.35 1.27
CA GLY B 888 -42.29 -27.77 2.58
C GLY B 888 -40.80 -27.72 2.84
N TRP B 889 -40.39 -28.17 4.02
CA TRP B 889 -38.98 -28.21 4.41
C TRP B 889 -38.34 -29.57 4.17
N THR B 890 -39.12 -30.50 3.62
CA THR B 890 -38.64 -31.85 3.38
C THR B 890 -37.54 -31.86 2.33
N PHE B 891 -37.67 -31.00 1.32
CA PHE B 891 -36.67 -30.94 0.25
C PHE B 891 -35.29 -30.48 0.74
N GLY B 892 -35.26 -29.64 1.77
CA GLY B 892 -34.00 -29.15 2.32
C GLY B 892 -33.17 -30.28 2.93
N ALA B 893 -33.84 -31.17 3.63
CA ALA B 893 -33.20 -32.24 4.38
C ALA B 893 -33.06 -33.59 3.64
N GLY B 894 -33.58 -33.69 2.41
CA GLY B 894 -33.58 -34.96 1.67
C GLY B 894 -34.49 -34.91 0.47
N ALA B 895 -34.93 -36.09 0.01
CA ALA B 895 -35.89 -36.16 -1.10
C ALA B 895 -37.15 -35.37 -0.75
N ALA B 896 -37.57 -34.48 -1.65
CA ALA B 896 -38.75 -33.63 -1.42
C ALA B 896 -40.00 -34.48 -1.28
N LEU B 897 -40.84 -34.16 -0.29
CA LEU B 897 -42.09 -34.90 -0.09
C LEU B 897 -43.27 -33.99 -0.35
N GLN B 898 -44.11 -34.37 -1.31
CA GLN B 898 -45.34 -33.63 -1.59
C GLN B 898 -46.19 -33.48 -0.34
N ILE B 899 -46.68 -32.27 -0.13
CA ILE B 899 -47.57 -31.97 0.99
C ILE B 899 -48.63 -30.95 0.53
N PRO B 900 -49.84 -30.99 1.10
CA PRO B 900 -50.80 -29.92 0.81
C PRO B 900 -50.31 -28.63 1.39
N PHE B 901 -50.46 -27.56 0.62
CA PHE B 901 -49.99 -26.25 1.05
C PHE B 901 -50.70 -25.79 2.32
N ALA B 902 -52.01 -25.96 2.38
CA ALA B 902 -52.74 -25.60 3.58
C ALA B 902 -52.13 -26.36 4.75
N MET B 903 -51.88 -27.64 4.54
CA MET B 903 -51.30 -28.49 5.57
C MET B 903 -49.90 -28.05 5.99
N GLN B 904 -49.11 -27.60 5.02
CA GLN B 904 -47.76 -27.09 5.29
C GLN B 904 -47.83 -25.88 6.21
N MET B 905 -48.77 -24.99 5.89
CA MET B 905 -48.98 -23.77 6.65
C MET B 905 -49.40 -24.11 8.05
N ALA B 906 -50.16 -25.20 8.18
CA ALA B 906 -50.61 -25.67 9.49
C ALA B 906 -49.43 -25.99 10.39
N TYR B 907 -48.42 -26.63 9.81
CA TYR B 907 -47.21 -26.94 10.53
C TYR B 907 -46.46 -25.69 10.95
N ARG B 908 -46.47 -24.70 10.08
CA ARG B 908 -45.80 -23.42 10.32
C ARG B 908 -46.38 -22.72 11.55
N PHE B 909 -47.71 -22.72 11.66
CA PHE B 909 -48.37 -22.11 12.82
C PHE B 909 -47.98 -22.78 14.13
N ASN B 910 -47.87 -24.11 14.08
CA ASN B 910 -47.51 -24.90 15.24
C ASN B 910 -46.12 -24.53 15.76
N GLY B 911 -45.19 -24.29 14.86
CA GLY B 911 -43.84 -23.90 15.22
C GLY B 911 -43.78 -22.58 15.96
N ILE B 912 -44.63 -21.63 15.56
CA ILE B 912 -44.66 -20.31 16.22
C ILE B 912 -45.62 -20.26 17.41
N GLY B 913 -46.26 -21.38 17.73
CA GLY B 913 -47.13 -21.50 18.90
C GLY B 913 -48.61 -21.19 18.72
N VAL B 914 -49.03 -20.92 17.48
CA VAL B 914 -50.42 -20.70 17.19
C VAL B 914 -50.87 -22.05 16.68
N THR B 915 -51.94 -22.56 17.25
CA THR B 915 -52.45 -23.88 16.93
C THR B 915 -52.96 -23.96 15.50
N GLN B 916 -52.75 -25.13 14.90
CA GLN B 916 -53.08 -25.33 13.49
C GLN B 916 -54.54 -25.09 13.20
N ASN B 917 -55.42 -25.52 14.11
CA ASN B 917 -56.84 -25.31 13.92
C ASN B 917 -57.08 -23.87 13.52
N VAL B 918 -56.30 -22.97 14.10
CA VAL B 918 -56.50 -21.56 13.86
C VAL B 918 -56.36 -21.25 12.37
N LEU B 919 -55.34 -21.80 11.72
CA LEU B 919 -55.19 -21.58 10.29
C LEU B 919 -56.39 -22.09 9.51
N TYR B 920 -56.79 -23.31 9.82
CA TYR B 920 -57.89 -23.94 9.10
C TYR B 920 -59.22 -23.24 9.29
N GLU B 921 -59.48 -22.73 10.49
CA GLU B 921 -60.74 -22.05 10.75
C GLU B 921 -60.96 -20.84 9.86
N ASN B 922 -59.91 -20.09 9.58
CA ASN B 922 -60.06 -18.91 8.75
C ASN B 922 -58.95 -18.87 7.73
N GLN B 923 -58.90 -19.91 6.90
CA GLN B 923 -57.91 -20.03 5.83
C GLN B 923 -58.15 -18.94 4.80
N LYS B 924 -59.42 -18.73 4.48
CA LYS B 924 -59.86 -17.72 3.50
C LYS B 924 -59.42 -16.31 3.88
N LEU B 925 -59.60 -15.98 5.15
CA LEU B 925 -59.17 -14.69 5.67
C LEU B 925 -57.65 -14.57 5.55
N ILE B 926 -56.95 -15.67 5.83
CA ILE B 926 -55.49 -15.67 5.80
C ILE B 926 -55.00 -15.58 4.36
N ALA B 927 -55.64 -16.34 3.47
CA ALA B 927 -55.26 -16.35 2.07
C ALA B 927 -55.39 -14.94 1.46
N ASN B 928 -56.51 -14.28 1.75
CA ASN B 928 -56.74 -12.93 1.21
C ASN B 928 -55.68 -11.94 1.68
N GLN B 929 -55.34 -12.00 2.97
CA GLN B 929 -54.33 -11.09 3.53
C GLN B 929 -52.98 -11.34 2.85
N PHE B 930 -52.65 -12.61 2.67
CA PHE B 930 -51.39 -12.97 2.04
C PHE B 930 -51.36 -12.48 0.60
N ASN B 931 -52.45 -12.71 -0.12
CA ASN B 931 -52.55 -12.30 -1.51
C ASN B 931 -52.46 -10.79 -1.60
N SER B 932 -53.19 -10.10 -0.72
CA SER B 932 -53.18 -8.65 -0.69
C SER B 932 -51.78 -8.13 -0.35
N ALA B 933 -51.13 -8.79 0.60
CA ALA B 933 -49.78 -8.38 1.02
C ALA B 933 -48.78 -8.50 -0.13
N ILE B 934 -48.87 -9.59 -0.89
CA ILE B 934 -47.96 -9.80 -2.02
C ILE B 934 -48.18 -8.73 -3.09
N GLY B 935 -49.44 -8.38 -3.34
CA GLY B 935 -49.77 -7.32 -4.29
C GLY B 935 -49.20 -5.99 -3.85
N LYS B 936 -49.27 -5.72 -2.55
CA LYS B 936 -48.73 -4.51 -1.97
C LYS B 936 -47.23 -4.44 -2.23
N ILE B 937 -46.55 -5.56 -2.05
CA ILE B 937 -45.12 -5.62 -2.27
C ILE B 937 -44.74 -5.33 -3.71
N GLN B 938 -45.49 -5.87 -4.67
CA GLN B 938 -45.22 -5.62 -6.08
C GLN B 938 -45.30 -4.14 -6.37
N ASP B 939 -46.35 -3.50 -5.86
CA ASP B 939 -46.54 -2.09 -6.07
C ASP B 939 -45.44 -1.28 -5.41
N SER B 940 -45.05 -1.70 -4.20
CA SER B 940 -44.02 -0.99 -3.45
C SER B 940 -42.69 -0.95 -4.18
N LEU B 941 -42.25 -2.07 -4.76
CA LEU B 941 -40.98 -2.09 -5.47
C LEU B 941 -40.97 -1.13 -6.66
N SER B 942 -42.04 -1.16 -7.45
CA SER B 942 -42.16 -0.28 -8.61
C SER B 942 -42.31 1.20 -8.24
N SER B 943 -43.17 1.48 -7.27
CA SER B 943 -43.46 2.86 -6.84
C SER B 943 -42.27 3.59 -6.20
N THR B 944 -41.49 2.89 -5.37
CA THR B 944 -40.36 3.53 -4.72
C THR B 944 -39.27 3.83 -5.75
N ALA B 945 -38.73 5.04 -5.73
CA ALA B 945 -37.53 5.35 -6.50
C ALA B 945 -36.34 4.55 -6.01
N SER B 946 -36.18 4.46 -4.69
CA SER B 946 -34.98 3.89 -4.08
C SER B 946 -35.29 3.02 -2.88
N ALA B 947 -35.89 1.85 -3.10
CA ALA B 947 -36.14 0.89 -2.00
C ALA B 947 -34.97 -0.06 -1.85
N LEU B 948 -34.42 -0.51 -2.97
CA LEU B 948 -33.29 -1.45 -2.99
C LEU B 948 -32.07 -0.93 -2.24
N GLY B 949 -32.02 0.40 -2.07
CA GLY B 949 -30.98 1.07 -1.28
C GLY B 949 -29.61 0.40 -1.24
N LYS B 950 -29.48 -0.58 -0.34
CA LYS B 950 -28.22 -1.25 -0.10
C LYS B 950 -27.64 -1.94 -1.35
N LEU B 951 -28.49 -2.58 -2.13
CA LEU B 951 -28.00 -3.22 -3.34
C LEU B 951 -27.43 -2.24 -4.33
N GLN B 952 -28.09 -1.09 -4.47
CA GLN B 952 -27.64 -0.04 -5.37
C GLN B 952 -26.26 0.47 -5.02
N ASP B 953 -25.98 0.64 -3.73
CA ASP B 953 -24.69 1.19 -3.32
C ASP B 953 -23.52 0.27 -3.69
N VAL B 954 -23.74 -1.04 -3.64
CA VAL B 954 -22.69 -2.01 -3.98
C VAL B 954 -22.24 -1.81 -5.41
N VAL B 955 -23.20 -1.59 -6.30
CA VAL B 955 -22.93 -1.39 -7.72
C VAL B 955 -22.30 -0.01 -7.91
N ASN B 956 -22.86 1.01 -7.29
CA ASN B 956 -22.29 2.34 -7.45
C ASN B 956 -20.87 2.44 -6.93
N GLN B 957 -20.60 1.84 -5.78
CA GLN B 957 -19.27 1.90 -5.19
C GLN B 957 -18.23 1.24 -6.10
N ASN B 958 -18.57 0.08 -6.66
CA ASN B 958 -17.64 -0.61 -7.55
C ASN B 958 -17.37 0.21 -8.79
N ALA B 959 -18.42 0.83 -9.32
CA ALA B 959 -18.30 1.66 -10.51
C ALA B 959 -17.41 2.87 -10.25
N GLN B 960 -17.56 3.47 -9.07
CA GLN B 960 -16.74 4.63 -8.73
C GLN B 960 -15.27 4.28 -8.67
N ALA B 961 -14.94 3.11 -8.12
CA ALA B 961 -13.54 2.70 -8.03
C ALA B 961 -12.94 2.58 -9.42
N LEU B 962 -13.70 1.99 -10.34
CA LEU B 962 -13.19 1.80 -11.69
C LEU B 962 -13.01 3.12 -12.41
N ASN B 963 -13.96 4.02 -12.25
CA ASN B 963 -13.84 5.31 -12.89
C ASN B 963 -12.66 6.07 -12.36
N THR B 964 -12.50 5.99 -11.04
CA THR B 964 -11.48 6.63 -10.28
C THR B 964 -10.27 6.01 -10.80
N LEU B 965 -10.27 4.70 -10.90
CA LEU B 965 -9.15 4.02 -11.48
C LEU B 965 -8.92 4.40 -12.93
N VAL B 966 -9.96 4.32 -13.74
CA VAL B 966 -9.83 4.63 -15.16
C VAL B 966 -9.33 6.07 -15.26
N LYS B 967 -9.85 6.90 -14.37
CA LYS B 967 -9.44 8.31 -14.26
C LYS B 967 -7.98 8.43 -13.78
N GLN B 968 -7.55 7.47 -12.98
CA GLN B 968 -6.22 7.42 -12.40
C GLN B 968 -5.09 7.35 -13.40
N LEU B 969 -5.31 6.65 -14.51
CA LEU B 969 -4.31 6.54 -15.57
C LEU B 969 -3.92 7.90 -16.15
N SER B 970 -4.92 8.77 -16.32
CA SER B 970 -4.68 10.10 -16.84
C SER B 970 -3.75 10.92 -15.95
N SER B 971 -3.89 10.79 -14.63
CA SER B 971 -3.03 11.56 -13.71
C SER B 971 -1.54 11.50 -14.05
N ASN B 972 -0.88 12.65 -13.88
CA ASN B 972 0.52 12.82 -14.21
C ASN B 972 1.50 12.05 -13.34
N PHE B 973 1.16 11.91 -12.05
CA PHE B 973 2.02 11.29 -11.02
C PHE B 973 3.45 11.83 -11.02
N GLY B 974 3.57 13.15 -11.09
CA GLY B 974 4.87 13.83 -11.09
C GLY B 974 5.76 13.43 -12.25
N ALA B 975 5.16 13.25 -13.42
CA ALA B 975 5.90 12.95 -14.65
C ALA B 975 5.54 14.00 -15.69
N ILE B 976 6.45 14.25 -16.62
CA ILE B 976 6.20 15.26 -17.65
C ILE B 976 4.97 15.00 -18.50
N SER B 977 4.70 13.74 -18.83
CA SER B 977 3.47 13.40 -19.54
C SER B 977 2.77 12.24 -18.86
N SER B 978 1.46 12.15 -19.05
CA SER B 978 0.66 11.08 -18.48
C SER B 978 0.55 9.87 -19.41
N VAL B 979 1.17 9.91 -20.59
CA VAL B 979 1.03 8.81 -21.54
C VAL B 979 2.36 8.10 -21.80
N LEU B 980 2.35 6.78 -21.63
CA LEU B 980 3.56 5.99 -21.90
C LEU B 980 4.03 6.07 -23.33
N ASN B 981 3.12 6.03 -24.29
CA ASN B 981 3.52 6.19 -25.67
C ASN B 981 4.11 7.57 -25.91
N ASP B 982 3.44 8.58 -25.37
CA ASP B 982 3.89 9.94 -25.53
C ASP B 982 5.23 10.16 -24.84
N ILE B 983 5.37 9.70 -23.61
CA ILE B 983 6.63 9.92 -22.91
C ILE B 983 7.78 9.20 -23.58
N LEU B 984 7.53 7.97 -24.03
CA LEU B 984 8.59 7.17 -24.65
C LEU B 984 9.10 7.81 -25.95
N SER B 985 8.20 8.30 -26.79
CA SER B 985 8.65 8.90 -28.05
C SER B 985 9.51 10.12 -27.78
N ARG B 986 9.06 10.95 -26.84
CA ARG B 986 9.81 12.16 -26.52
C ARG B 986 11.15 11.90 -25.87
N LEU B 987 11.26 10.84 -25.07
CA LEU B 987 12.52 10.59 -24.35
C LEU B 987 13.24 9.31 -24.68
N ASP B 988 14.57 9.39 -24.65
CA ASP B 988 15.46 8.25 -24.92
C ASP B 988 15.53 7.36 -23.70
N PRO B 989 15.94 6.10 -23.85
CA PRO B 989 16.02 5.20 -22.69
C PRO B 989 17.03 5.66 -21.66
N PRO B 990 18.18 6.16 -22.10
CA PRO B 990 19.26 6.37 -21.15
C PRO B 990 18.93 7.30 -20.00
N GLU B 991 18.39 8.48 -20.32
CA GLU B 991 17.86 9.41 -19.35
C GLU B 991 16.35 9.23 -19.28
N ALA B 992 15.82 8.30 -20.08
CA ALA B 992 14.37 7.99 -20.10
C ALA B 992 13.85 7.45 -18.80
N GLU B 993 14.71 6.68 -18.14
CA GLU B 993 14.33 5.87 -17.02
C GLU B 993 13.76 6.71 -15.90
N VAL B 994 14.34 7.84 -15.60
CA VAL B 994 13.89 8.64 -14.47
C VAL B 994 12.41 8.99 -14.51
N GLN B 995 11.91 9.37 -15.68
CA GLN B 995 10.49 9.57 -15.84
C GLN B 995 9.77 8.24 -16.06
N ILE B 996 10.34 7.35 -16.87
CA ILE B 996 9.75 6.02 -17.10
C ILE B 996 9.69 5.22 -15.82
N ASP B 997 10.74 5.34 -15.02
CA ASP B 997 10.74 4.62 -13.77
C ASP B 997 9.61 5.13 -12.93
N ARG B 998 9.55 6.44 -12.70
CA ARG B 998 8.50 6.95 -11.78
C ARG B 998 7.09 6.65 -12.23
N LEU B 999 6.65 7.13 -13.39
CA LEU B 999 5.29 6.78 -13.78
C LEU B 999 4.91 5.35 -13.39
N ILE B 1000 5.84 4.43 -13.57
CA ILE B 1000 5.63 3.03 -13.23
C ILE B 1000 5.37 2.87 -11.73
N THR B 1001 6.16 3.56 -10.92
CA THR B 1001 6.01 3.48 -9.47
C THR B 1001 4.64 4.02 -9.07
N GLY B 1002 4.25 5.14 -9.65
CA GLY B 1002 2.99 5.77 -9.35
C GLY B 1002 1.81 4.92 -9.76
N ARG B 1003 1.87 4.36 -10.95
CA ARG B 1003 0.81 3.51 -11.47
C ARG B 1003 0.67 2.25 -10.64
N LEU B 1004 1.80 1.69 -10.22
CA LEU B 1004 1.78 0.49 -9.37
C LEU B 1004 0.94 0.78 -8.15
N GLN B 1005 1.08 2.00 -7.64
CA GLN B 1005 0.33 2.43 -6.48
C GLN B 1005 -1.16 2.39 -6.71
N SER B 1006 -1.57 2.83 -7.90
CA SER B 1006 -2.97 2.83 -8.24
C SER B 1006 -3.53 1.43 -8.20
N LEU B 1007 -2.79 0.49 -8.77
CA LEU B 1007 -3.22 -0.90 -8.79
C LEU B 1007 -3.33 -1.50 -7.42
N GLN B 1008 -2.32 -1.26 -6.59
CA GLN B 1008 -2.31 -1.83 -5.24
C GLN B 1008 -3.48 -1.31 -4.43
N THR B 1009 -3.77 -0.02 -4.54
CA THR B 1009 -4.89 0.54 -3.83
C THR B 1009 -6.17 -0.12 -4.32
N TYR B 1010 -6.29 -0.22 -5.64
CA TYR B 1010 -7.46 -0.85 -6.22
C TYR B 1010 -7.54 -2.32 -5.88
N VAL B 1011 -6.41 -3.01 -5.92
CA VAL B 1011 -6.41 -4.43 -5.62
C VAL B 1011 -6.74 -4.64 -4.14
N THR B 1012 -6.14 -3.84 -3.26
CA THR B 1012 -6.39 -3.94 -1.84
C THR B 1012 -7.85 -3.60 -1.56
N GLN B 1013 -8.36 -2.56 -2.22
CA GLN B 1013 -9.74 -2.13 -2.05
C GLN B 1013 -10.73 -3.24 -2.43
N GLN B 1014 -10.44 -3.90 -3.54
CA GLN B 1014 -11.27 -4.98 -4.00
C GLN B 1014 -11.38 -6.11 -3.01
N LEU B 1015 -10.26 -6.46 -2.39
CA LEU B 1015 -10.26 -7.53 -1.42
C LEU B 1015 -11.15 -7.21 -0.22
N ILE B 1016 -11.05 -5.98 0.28
CA ILE B 1016 -11.87 -5.57 1.41
C ILE B 1016 -13.35 -5.63 0.99
N ARG B 1017 -13.63 -5.15 -0.21
CA ARG B 1017 -14.98 -5.16 -0.74
C ARG B 1017 -15.47 -6.59 -0.95
N ALA B 1018 -14.58 -7.45 -1.45
CA ALA B 1018 -14.90 -8.85 -1.68
C ALA B 1018 -15.22 -9.54 -0.35
N ALA B 1019 -14.43 -9.23 0.66
CA ALA B 1019 -14.62 -9.80 1.99
C ALA B 1019 -15.98 -9.41 2.55
N GLU B 1020 -16.36 -8.15 2.36
CA GLU B 1020 -17.64 -7.67 2.82
C GLU B 1020 -18.78 -8.41 2.09
N ILE B 1021 -18.63 -8.57 0.79
CA ILE B 1021 -19.62 -9.28 -0.03
C ILE B 1021 -19.70 -10.75 0.37
N ARG B 1022 -18.55 -11.35 0.69
CA ARG B 1022 -18.50 -12.75 1.08
C ARG B 1022 -19.29 -12.98 2.37
N ALA B 1023 -19.13 -12.07 3.33
CA ALA B 1023 -19.86 -12.16 4.58
C ALA B 1023 -21.35 -12.03 4.28
N SER B 1024 -21.67 -11.09 3.40
CA SER B 1024 -23.05 -10.87 2.98
C SER B 1024 -23.59 -12.08 2.25
N ALA B 1025 -22.75 -12.66 1.39
CA ALA B 1025 -23.13 -13.85 0.63
C ALA B 1025 -23.43 -15.03 1.55
N ASN B 1026 -22.58 -15.18 2.56
CA ASN B 1026 -22.67 -16.23 3.55
C ASN B 1026 -23.84 -15.96 4.47
N LEU B 1027 -24.07 -14.69 4.83
CA LEU B 1027 -25.24 -14.32 5.60
C LEU B 1027 -26.50 -14.60 4.76
N ALA B 1028 -26.43 -14.18 3.50
CA ALA B 1028 -27.50 -14.36 2.54
C ALA B 1028 -27.71 -15.83 2.26
N ALA B 1029 -26.62 -16.59 2.16
CA ALA B 1029 -26.71 -18.05 2.01
C ALA B 1029 -27.36 -18.67 3.24
N THR B 1030 -26.98 -18.17 4.42
CA THR B 1030 -27.55 -18.67 5.67
C THR B 1030 -29.07 -18.46 5.68
N LYS B 1031 -29.51 -17.29 5.25
CA LYS B 1031 -30.92 -16.93 5.25
C LYS B 1031 -31.60 -17.84 4.28
N MET B 1032 -30.95 -18.07 3.13
CA MET B 1032 -31.49 -18.93 2.10
C MET B 1032 -31.60 -20.34 2.60
N SER B 1033 -30.58 -20.80 3.32
CA SER B 1033 -30.66 -22.15 3.85
C SER B 1033 -31.52 -22.12 5.11
N GLU B 1034 -31.26 -21.13 5.96
CA GLU B 1034 -31.92 -21.04 7.25
C GLU B 1034 -33.41 -20.67 7.16
N CYS B 1035 -33.78 -19.78 6.25
CA CYS B 1035 -35.20 -19.34 6.15
C CYS B 1035 -36.02 -20.06 5.03
N VAL B 1036 -35.47 -20.21 3.83
CA VAL B 1036 -36.25 -20.81 2.72
C VAL B 1036 -36.55 -22.30 2.97
N LEU B 1037 -35.55 -23.05 3.41
CA LEU B 1037 -35.68 -24.50 3.56
C LEU B 1037 -36.56 -24.90 4.74
N GLY B 1038 -36.43 -24.19 5.86
CA GLY B 1038 -37.21 -24.48 7.06
C GLY B 1038 -37.45 -23.21 7.88
N GLN B 1039 -38.45 -23.29 8.76
CA GLN B 1039 -38.82 -22.17 9.61
C GLN B 1039 -37.71 -21.87 10.59
N SER B 1040 -37.42 -20.59 10.81
CA SER B 1040 -36.36 -20.23 11.74
C SER B 1040 -36.91 -19.77 13.08
N LYS B 1041 -36.51 -20.49 14.13
CA LYS B 1041 -36.90 -20.14 15.50
C LYS B 1041 -36.32 -18.81 16.00
N ARG B 1042 -35.11 -18.45 15.58
CA ARG B 1042 -34.43 -17.22 15.99
C ARG B 1042 -35.32 -16.03 15.66
N VAL B 1043 -35.53 -15.16 16.64
CA VAL B 1043 -36.44 -14.02 16.49
C VAL B 1043 -35.69 -12.93 15.74
N ASP B 1044 -36.36 -12.32 14.75
CA ASP B 1044 -35.79 -11.24 13.93
C ASP B 1044 -34.63 -11.67 13.04
N PHE B 1045 -34.44 -12.98 12.90
CA PHE B 1045 -33.60 -13.50 11.83
C PHE B 1045 -34.26 -13.23 10.46
N CYS B 1046 -35.49 -13.68 10.28
CA CYS B 1046 -36.21 -13.45 9.02
C CYS B 1046 -37.18 -12.30 9.23
N GLY B 1047 -36.87 -11.18 8.60
CA GLY B 1047 -37.70 -9.98 8.65
C GLY B 1047 -37.95 -9.49 10.07
N LYS B 1048 -39.21 -9.26 10.39
CA LYS B 1048 -39.64 -8.75 11.68
C LYS B 1048 -40.76 -9.65 12.17
N GLY B 1049 -40.81 -9.92 13.46
CA GLY B 1049 -41.91 -10.70 14.03
C GLY B 1049 -41.72 -12.18 13.91
N TYR B 1050 -42.78 -12.92 14.22
CA TYR B 1050 -42.75 -14.38 14.07
C TYR B 1050 -42.63 -14.76 12.59
N HIS B 1051 -41.82 -15.77 12.28
CA HIS B 1051 -41.59 -16.14 10.87
C HIS B 1051 -42.19 -17.48 10.43
N LEU B 1052 -42.94 -17.44 9.33
CA LEU B 1052 -43.60 -18.64 8.79
C LEU B 1052 -42.84 -19.27 7.62
N MET B 1053 -42.31 -18.45 6.72
CA MET B 1053 -41.57 -18.96 5.55
C MET B 1053 -41.04 -17.79 4.73
N SER B 1054 -40.07 -18.08 3.87
CA SER B 1054 -39.49 -17.05 3.01
C SER B 1054 -39.35 -17.53 1.59
N PHE B 1055 -39.56 -16.62 0.64
CA PHE B 1055 -39.43 -16.94 -0.77
C PHE B 1055 -38.25 -16.18 -1.37
N PRO B 1056 -37.27 -16.93 -1.92
CA PRO B 1056 -36.06 -16.35 -2.50
C PRO B 1056 -36.37 -15.63 -3.84
N GLN B 1057 -35.66 -14.56 -4.14
CA GLN B 1057 -35.79 -13.86 -5.41
C GLN B 1057 -34.42 -13.52 -5.96
N SER B 1058 -34.32 -13.32 -7.27
CA SER B 1058 -33.01 -13.02 -7.89
C SER B 1058 -32.94 -11.65 -8.52
N ALA B 1059 -31.89 -10.92 -8.21
CA ALA B 1059 -31.56 -9.63 -8.83
C ALA B 1059 -30.10 -9.66 -9.31
N PRO B 1060 -29.72 -8.69 -10.17
CA PRO B 1060 -28.32 -8.70 -10.54
C PRO B 1060 -27.45 -8.42 -9.33
N HIS B 1061 -26.50 -9.33 -9.13
CA HIS B 1061 -25.54 -9.29 -8.03
C HIS B 1061 -26.21 -9.22 -6.65
N GLY B 1062 -27.35 -9.88 -6.47
CA GLY B 1062 -28.05 -9.81 -5.19
C GLY B 1062 -29.18 -10.81 -5.06
N VAL B 1063 -29.67 -10.94 -3.84
CA VAL B 1063 -30.78 -11.84 -3.56
C VAL B 1063 -31.81 -11.06 -2.76
N VAL B 1064 -33.06 -11.09 -3.21
CA VAL B 1064 -34.12 -10.38 -2.51
C VAL B 1064 -35.00 -11.43 -1.85
N PHE B 1065 -35.18 -11.29 -0.55
CA PHE B 1065 -35.97 -12.25 0.21
C PHE B 1065 -37.31 -11.66 0.60
N LEU B 1066 -38.37 -12.45 0.39
CA LEU B 1066 -39.70 -12.05 0.80
C LEU B 1066 -40.00 -12.88 2.03
N HIS B 1067 -40.31 -12.21 3.13
CA HIS B 1067 -40.55 -12.92 4.40
C HIS B 1067 -42.01 -12.88 4.81
N VAL B 1068 -42.54 -14.03 5.20
CA VAL B 1068 -43.93 -14.14 5.63
C VAL B 1068 -43.88 -14.26 7.13
N THR B 1069 -44.55 -13.32 7.81
CA THR B 1069 -44.46 -13.24 9.26
C THR B 1069 -45.83 -13.03 9.89
N TYR B 1070 -45.96 -13.52 11.11
CA TYR B 1070 -47.20 -13.44 11.86
C TYR B 1070 -47.09 -12.42 12.97
N VAL B 1071 -48.01 -11.47 12.96
CA VAL B 1071 -48.06 -10.43 13.98
C VAL B 1071 -49.45 -10.39 14.63
N PRO B 1072 -49.52 -10.20 15.96
CA PRO B 1072 -50.82 -10.11 16.62
C PRO B 1072 -51.39 -8.69 16.56
N ALA B 1073 -52.47 -8.54 15.80
CA ALA B 1073 -53.12 -7.25 15.53
C ALA B 1073 -53.83 -6.55 16.72
N GLN B 1074 -54.62 -7.29 17.48
CA GLN B 1074 -55.57 -6.68 18.42
C GLN B 1074 -55.53 -7.33 19.80
N GLU B 1075 -55.77 -6.54 20.84
CA GLU B 1075 -55.57 -7.02 22.22
C GLU B 1075 -56.74 -6.66 23.11
N LYS B 1076 -57.18 -7.61 23.91
CA LYS B 1076 -58.21 -7.38 24.92
C LYS B 1076 -57.67 -7.75 26.28
N ASN B 1077 -57.77 -6.84 27.24
CA ASN B 1077 -57.28 -7.09 28.60
C ASN B 1077 -58.07 -8.18 29.32
N PHE B 1078 -57.34 -9.01 30.08
CA PHE B 1078 -57.93 -10.11 30.84
C PHE B 1078 -57.21 -10.31 32.18
N THR B 1079 -57.83 -11.04 33.10
CA THR B 1079 -57.26 -11.27 34.42
C THR B 1079 -56.71 -12.69 34.49
N THR B 1080 -55.45 -12.81 34.90
CA THR B 1080 -54.79 -14.12 34.95
C THR B 1080 -54.25 -14.46 36.35
N ALA B 1081 -54.43 -15.70 36.76
CA ALA B 1081 -53.90 -16.19 38.02
C ALA B 1081 -53.00 -17.37 37.67
N PRO B 1082 -51.82 -17.45 38.30
CA PRO B 1082 -50.91 -18.54 37.96
C PRO B 1082 -51.44 -19.93 38.26
N ALA B 1083 -52.11 -20.10 39.40
CA ALA B 1083 -52.52 -21.45 39.81
C ALA B 1083 -53.95 -21.54 40.32
N ILE B 1084 -54.58 -22.68 40.07
CA ILE B 1084 -55.97 -22.87 40.46
C ILE B 1084 -56.07 -24.17 41.24
N CYS B 1085 -56.65 -24.09 42.43
CA CYS B 1085 -56.81 -25.24 43.29
C CYS B 1085 -58.25 -25.65 43.28
N HIS B 1086 -58.54 -26.76 42.62
CA HIS B 1086 -59.92 -27.28 42.61
C HIS B 1086 -60.27 -28.05 43.88
N ASP B 1087 -59.35 -28.91 44.30
CA ASP B 1087 -59.56 -29.76 45.47
C ASP B 1087 -58.56 -29.49 46.58
N GLY B 1088 -57.99 -28.29 46.61
CA GLY B 1088 -56.94 -27.93 47.55
C GLY B 1088 -55.56 -28.37 47.08
N LYS B 1089 -55.51 -28.77 45.81
CA LYS B 1089 -54.29 -29.16 45.15
C LYS B 1089 -54.07 -28.13 44.07
N ALA B 1090 -52.88 -27.58 43.98
CA ALA B 1090 -52.56 -26.58 42.96
C ALA B 1090 -52.75 -27.14 41.53
N HIS B 1091 -53.30 -26.30 40.66
CA HIS B 1091 -53.47 -26.61 39.24
C HIS B 1091 -52.78 -25.58 38.38
N PHE B 1092 -52.08 -26.06 37.36
CA PHE B 1092 -51.31 -25.22 36.47
C PHE B 1092 -51.62 -25.61 35.03
N PRO B 1093 -51.58 -24.64 34.11
CA PRO B 1093 -51.82 -24.95 32.70
C PRO B 1093 -50.74 -25.88 32.11
N ARG B 1094 -51.16 -26.85 31.27
CA ARG B 1094 -50.19 -27.72 30.61
C ARG B 1094 -49.33 -26.93 29.61
N GLU B 1095 -49.99 -26.14 28.77
CA GLU B 1095 -49.31 -25.34 27.76
C GLU B 1095 -49.68 -23.87 27.69
N GLY B 1096 -50.74 -23.47 28.42
CA GLY B 1096 -51.26 -22.10 28.33
C GLY B 1096 -51.64 -21.40 29.62
N VAL B 1097 -51.54 -20.07 29.62
CA VAL B 1097 -51.97 -19.23 30.75
C VAL B 1097 -53.48 -19.24 30.97
N PHE B 1098 -53.89 -19.07 32.23
CA PHE B 1098 -55.29 -19.02 32.61
C PHE B 1098 -55.85 -17.60 32.44
N VAL B 1099 -57.06 -17.50 31.90
CA VAL B 1099 -57.71 -16.21 31.66
C VAL B 1099 -59.17 -16.27 32.06
N SER B 1100 -59.65 -15.20 32.68
CA SER B 1100 -61.02 -15.09 33.15
C SER B 1100 -61.57 -13.74 32.71
N ASN B 1101 -62.53 -13.74 31.81
CA ASN B 1101 -63.14 -12.50 31.33
C ASN B 1101 -63.92 -11.82 32.46
N GLY B 1102 -64.68 -12.63 33.20
CA GLY B 1102 -65.29 -12.23 34.46
C GLY B 1102 -65.10 -13.32 35.50
N THR B 1103 -66.21 -13.77 36.08
CA THR B 1103 -66.20 -14.82 37.10
C THR B 1103 -65.72 -16.14 36.52
N HIS B 1104 -66.15 -16.44 35.31
CA HIS B 1104 -65.75 -17.66 34.62
C HIS B 1104 -64.25 -17.63 34.33
N TRP B 1105 -63.59 -18.78 34.45
CA TRP B 1105 -62.15 -18.87 34.23
C TRP B 1105 -61.88 -19.87 33.12
N PHE B 1106 -61.15 -19.44 32.09
CA PHE B 1106 -60.77 -20.29 30.95
C PHE B 1106 -59.28 -20.27 30.66
N VAL B 1107 -58.78 -21.32 30.01
CA VAL B 1107 -57.34 -21.47 29.73
C VAL B 1107 -57.07 -21.37 28.22
N THR B 1108 -56.23 -20.42 27.80
CA THR B 1108 -55.94 -20.20 26.38
C THR B 1108 -54.46 -19.95 26.08
N GLN B 1109 -54.08 -20.24 24.85
CA GLN B 1109 -52.73 -19.98 24.37
C GLN B 1109 -52.49 -18.48 24.22
N ARG B 1110 -51.25 -18.05 24.47
CA ARG B 1110 -50.88 -16.63 24.44
C ARG B 1110 -50.99 -15.94 23.05
N ASN B 1111 -50.58 -16.64 22.00
CA ASN B 1111 -50.54 -16.04 20.65
C ASN B 1111 -51.90 -15.63 20.08
N PHE B 1112 -52.91 -16.45 20.27
CA PHE B 1112 -54.26 -16.17 19.76
C PHE B 1112 -55.25 -16.54 20.85
N TYR B 1113 -56.37 -15.83 20.96
CA TYR B 1113 -57.33 -16.13 22.02
C TYR B 1113 -58.30 -17.26 21.67
N GLU B 1114 -58.26 -18.32 22.48
CA GLU B 1114 -59.16 -19.44 22.38
C GLU B 1114 -59.54 -19.79 23.81
N PRO B 1115 -60.83 -19.90 24.10
CA PRO B 1115 -61.23 -20.29 25.46
C PRO B 1115 -61.69 -21.75 25.50
N GLN B 1116 -61.09 -22.53 26.39
CA GLN B 1116 -61.43 -23.94 26.55
C GLN B 1116 -61.77 -24.21 28.01
N ILE B 1117 -62.80 -25.00 28.24
CA ILE B 1117 -63.21 -25.30 29.60
C ILE B 1117 -62.07 -26.10 30.22
N ILE B 1118 -61.72 -25.76 31.44
CA ILE B 1118 -60.65 -26.44 32.16
C ILE B 1118 -61.00 -27.90 32.41
N THR B 1119 -60.00 -28.76 32.25
CA THR B 1119 -60.16 -30.20 32.31
C THR B 1119 -58.81 -30.78 32.69
N THR B 1120 -58.79 -32.08 32.99
CA THR B 1120 -57.56 -32.77 33.36
C THR B 1120 -56.49 -32.68 32.28
N ASP B 1121 -56.91 -32.83 31.03
CA ASP B 1121 -55.99 -32.72 29.90
C ASP B 1121 -55.40 -31.32 29.86
N ASN B 1122 -56.20 -30.31 30.17
CA ASN B 1122 -55.75 -28.93 30.05
C ASN B 1122 -54.71 -28.50 31.07
N THR B 1123 -54.82 -28.92 32.33
CA THR B 1123 -53.84 -28.50 33.34
C THR B 1123 -53.36 -29.66 34.21
N PHE B 1124 -52.04 -29.80 34.36
CA PHE B 1124 -51.50 -30.83 35.24
C PHE B 1124 -51.70 -30.37 36.68
N VAL B 1125 -51.83 -31.32 37.60
CA VAL B 1125 -52.20 -31.00 38.98
C VAL B 1125 -51.04 -31.05 40.01
N SER B 1126 -49.80 -30.92 39.54
CA SER B 1126 -48.64 -30.99 40.44
C SER B 1126 -48.67 -29.96 41.57
N GLY B 1127 -48.26 -30.40 42.76
CA GLY B 1127 -48.17 -29.53 43.93
C GLY B 1127 -49.44 -29.41 44.76
N ASN B 1128 -49.33 -28.67 45.85
CA ASN B 1128 -50.45 -28.42 46.79
C ASN B 1128 -50.70 -26.93 46.80
N CYS B 1129 -51.91 -26.49 47.14
CA CYS B 1129 -52.12 -25.05 47.19
C CYS B 1129 -51.59 -24.43 48.50
N ASP B 1130 -50.28 -24.58 48.72
CA ASP B 1130 -49.60 -23.93 49.86
C ASP B 1130 -48.27 -23.23 49.53
N VAL B 1131 -47.92 -23.14 48.24
CA VAL B 1131 -46.65 -22.51 47.82
C VAL B 1131 -46.78 -21.35 46.81
N VAL B 1132 -47.74 -21.44 45.89
CA VAL B 1132 -47.86 -20.45 44.80
C VAL B 1132 -48.18 -19.04 45.33
N ILE B 1133 -47.48 -18.04 44.81
CA ILE B 1133 -47.64 -16.66 45.31
C ILE B 1133 -48.99 -16.02 44.92
N GLY B 1134 -49.46 -16.24 43.69
CA GLY B 1134 -50.73 -15.69 43.24
C GLY B 1134 -51.65 -16.82 42.85
N ILE B 1135 -52.85 -16.87 43.43
CA ILE B 1135 -53.80 -17.98 43.17
C ILE B 1135 -55.31 -17.67 43.20
N VAL B 1136 -56.11 -18.56 42.58
CA VAL B 1136 -57.60 -18.45 42.51
C VAL B 1136 -58.34 -19.80 42.66
N ASN B 1137 -59.64 -19.77 42.93
CA ASN B 1137 -60.41 -20.98 43.13
C ASN B 1137 -61.50 -21.15 42.05
N ASN B 1138 -61.42 -22.29 41.35
CA ASN B 1138 -62.32 -22.67 40.27
C ASN B 1138 -62.23 -24.20 40.18
N THR B 1139 -63.20 -24.84 39.55
CA THR B 1139 -63.20 -26.29 39.54
C THR B 1139 -62.79 -26.86 38.19
N VAL B 1140 -61.70 -27.63 38.19
CA VAL B 1140 -61.22 -28.30 37.00
C VAL B 1140 -62.21 -29.40 36.72
N TYR B 1141 -62.80 -29.34 35.52
CA TYR B 1141 -63.93 -30.23 35.12
C TYR B 1141 -63.70 -31.77 35.01
N ASP B 1142 -62.54 -32.22 34.52
CA ASP B 1142 -62.24 -33.67 34.38
C ASP B 1142 -63.41 -34.53 33.82
N PRO B 1143 -63.87 -34.19 32.60
CA PRO B 1143 -65.02 -34.70 31.84
C PRO B 1143 -65.30 -36.20 31.92
N LEU B 1144 -64.31 -36.98 32.34
CA LEU B 1144 -64.46 -38.43 32.56
C LEU B 1144 -65.54 -38.81 33.55
N GLN B 1145 -65.77 -38.02 34.60
CA GLN B 1145 -66.80 -38.33 35.58
C GLN B 1145 -68.12 -38.47 34.84
N PRO B 1146 -68.39 -37.53 33.91
CA PRO B 1146 -69.53 -37.63 33.01
C PRO B 1146 -69.51 -38.90 32.17
N GLU B 1147 -68.33 -39.22 31.65
CA GLU B 1147 -68.14 -40.45 30.86
C GLU B 1147 -68.41 -41.71 31.63
N LEU B 1148 -67.99 -41.75 32.89
CA LEU B 1148 -68.14 -42.91 33.74
C LEU B 1148 -69.63 -43.17 33.98
N ASP B 1149 -70.38 -42.12 34.27
CA ASP B 1149 -71.83 -42.23 34.52
C ASP B 1149 -72.61 -42.18 33.22
N CYS C 21 60.17 22.15 39.12
CA CYS C 21 59.08 22.93 39.76
C CYS C 21 58.74 22.36 41.14
N VAL C 22 57.91 23.11 41.87
CA VAL C 22 57.61 22.82 43.25
C VAL C 22 56.82 21.51 43.33
N ASN C 23 57.10 20.72 44.37
CA ASN C 23 56.47 19.41 44.55
C ASN C 23 55.84 19.30 45.93
N LEU C 24 55.33 18.11 46.25
CA LEU C 24 54.88 17.80 47.61
C LEU C 24 55.46 16.46 48.08
N THR C 25 55.52 16.28 49.40
CA THR C 25 56.15 15.08 49.99
C THR C 25 55.22 14.26 50.91
N THR C 26 55.66 13.02 51.14
CA THR C 26 55.01 12.04 52.04
C THR C 26 53.60 11.62 51.60
N ARG C 27 53.41 11.43 50.30
CA ARG C 27 52.13 10.95 49.76
C ARG C 27 51.99 9.44 49.93
N THR C 28 50.75 8.97 50.08
CA THR C 28 50.46 7.54 50.28
C THR C 28 49.70 6.99 49.09
N GLN C 29 50.13 5.83 48.59
CA GLN C 29 49.48 5.16 47.47
C GLN C 29 48.59 4.02 47.96
N LEU C 30 47.33 4.03 47.55
CA LEU C 30 46.37 2.99 47.88
C LEU C 30 45.59 2.60 46.62
N PRO C 31 45.06 1.36 46.55
CA PRO C 31 44.19 1.00 45.44
C PRO C 31 42.94 1.90 45.41
N PRO C 32 42.46 2.28 44.20
CA PRO C 32 41.31 3.16 44.10
C PRO C 32 40.06 2.56 44.73
N ALA C 33 39.54 3.23 45.76
CA ALA C 33 38.28 2.85 46.39
C ALA C 33 37.13 2.86 45.39
N TYR C 34 36.21 1.92 45.54
CA TYR C 34 35.10 1.75 44.60
C TYR C 34 33.77 1.91 45.32
N THR C 35 32.83 2.56 44.62
CA THR C 35 31.47 2.77 45.08
C THR C 35 30.54 2.74 43.87
N ASN C 36 29.31 2.29 44.08
CA ASN C 36 28.34 2.14 43.00
C ASN C 36 27.40 3.32 43.00
N SER C 37 27.30 3.99 41.86
CA SER C 37 26.45 5.17 41.73
C SER C 37 25.17 4.76 41.05
N PHE C 38 24.06 5.08 41.68
CA PHE C 38 22.74 4.68 41.17
C PHE C 38 21.84 5.89 40.90
N THR C 39 21.35 6.02 39.68
CA THR C 39 20.41 7.07 39.36
C THR C 39 20.93 8.45 39.55
N ARG C 40 22.17 8.66 39.12
CA ARG C 40 22.83 9.96 39.34
C ARG C 40 23.31 10.62 38.04
N GLY C 41 23.18 11.94 37.98
CA GLY C 41 23.60 12.70 36.79
C GLY C 41 22.64 12.97 35.64
N VAL C 42 21.38 12.58 35.73
CA VAL C 42 20.47 12.84 34.63
C VAL C 42 20.40 14.35 34.37
N TYR C 43 20.54 14.75 33.15
CA TYR C 43 20.56 16.16 32.77
C TYR C 43 19.69 16.30 31.51
N TYR C 44 19.16 17.51 31.29
CA TYR C 44 18.30 17.78 30.14
C TYR C 44 19.04 17.51 28.82
N PRO C 45 18.55 16.56 28.03
CA PRO C 45 19.16 16.16 26.75
C PRO C 45 19.08 17.26 25.68
N ASP C 46 17.96 17.98 25.64
CA ASP C 46 17.76 19.00 24.63
C ASP C 46 17.09 20.22 25.25
N LYS C 47 17.20 21.34 24.54
CA LYS C 47 16.61 22.59 25.00
C LYS C 47 15.09 22.52 25.04
N VAL C 48 14.48 21.79 24.12
CA VAL C 48 13.03 21.70 24.08
C VAL C 48 12.47 21.08 25.36
N PHE C 49 11.33 21.61 25.79
CA PHE C 49 10.68 21.12 26.98
C PHE C 49 9.40 20.38 26.60
N ARG C 50 9.21 19.21 27.17
CA ARG C 50 7.95 18.49 27.04
C ARG C 50 7.30 18.37 28.42
N SER C 51 6.00 18.62 28.49
CA SER C 51 5.29 18.50 29.77
C SER C 51 4.40 17.27 29.85
N SER C 52 4.57 16.54 30.95
CA SER C 52 3.76 15.35 31.27
C SER C 52 3.80 14.28 30.20
N VAL C 53 4.95 14.11 29.54
CA VAL C 53 5.11 13.08 28.53
C VAL C 53 6.46 12.41 28.69
N LEU C 54 6.56 11.20 28.19
CA LEU C 54 7.74 10.38 28.38
C LEU C 54 8.40 10.35 27.04
N HIS C 55 9.64 10.84 26.94
CA HIS C 55 10.35 10.87 25.67
C HIS C 55 11.63 10.07 25.78
N SER C 56 11.86 9.16 24.85
CA SER C 56 13.08 8.33 24.87
C SER C 56 14.07 8.83 23.82
N THR C 57 15.30 9.07 24.24
CA THR C 57 16.34 9.61 23.36
C THR C 57 17.67 8.89 23.50
N GLN C 58 18.50 8.98 22.47
CA GLN C 58 19.81 8.37 22.46
C GLN C 58 20.89 9.44 22.53
N ASP C 59 21.70 9.37 23.58
CA ASP C 59 22.81 10.29 23.79
C ASP C 59 23.78 9.68 24.80
N LEU C 60 24.95 10.26 24.95
CA LEU C 60 25.90 9.76 25.94
C LEU C 60 25.32 10.00 27.34
N PHE C 61 25.51 9.02 28.23
CA PHE C 61 24.98 9.10 29.58
C PHE C 61 25.73 8.27 30.61
N LEU C 62 25.39 8.51 31.87
CA LEU C 62 25.97 7.78 32.98
C LEU C 62 25.10 6.56 33.16
N PRO C 63 25.64 5.36 32.91
CA PRO C 63 24.77 4.21 33.05
C PRO C 63 24.25 4.10 34.47
N PHE C 64 22.99 3.72 34.64
CA PHE C 64 22.46 3.58 35.98
C PHE C 64 23.17 2.44 36.71
N PHE C 65 23.49 2.68 37.98
CA PHE C 65 24.23 1.75 38.83
C PHE C 65 25.62 1.40 38.28
N SER C 66 26.30 2.36 37.66
CA SER C 66 27.62 2.13 37.08
C SER C 66 28.70 2.29 38.15
N ASN C 67 29.71 1.43 38.09
CA ASN C 67 30.81 1.54 39.03
C ASN C 67 31.50 2.88 38.84
N VAL C 68 31.78 3.55 39.94
CA VAL C 68 32.44 4.85 39.92
C VAL C 68 33.64 4.84 40.89
N THR C 69 34.75 5.43 40.45
CA THR C 69 36.01 5.34 41.17
C THR C 69 36.14 6.49 42.17
N TRP C 70 36.26 6.13 43.45
CA TRP C 70 36.46 7.11 44.50
C TRP C 70 37.87 7.70 44.41
N PHE C 71 38.00 8.96 44.82
CA PHE C 71 39.30 9.59 45.02
C PHE C 71 39.29 10.45 46.27
N HIS C 72 40.46 10.58 46.87
CA HIS C 72 40.64 11.36 48.10
C HIS C 72 41.85 12.28 48.02
N ALA C 73 41.72 13.45 48.64
CA ALA C 73 42.83 14.35 48.90
C ALA C 73 43.00 14.69 50.39
N ILE C 74 42.21 14.04 51.24
CA ILE C 74 42.27 14.25 52.68
C ILE C 74 43.57 13.70 53.26
N HIS C 75 44.22 14.49 54.11
CA HIS C 75 45.47 14.07 54.76
C HIS C 75 45.27 12.84 55.63
N VAL C 76 44.17 12.80 56.37
CA VAL C 76 43.83 11.68 57.23
C VAL C 76 43.79 10.35 56.46
N THR C 82 47.56 8.75 57.79
CA THR C 82 48.07 10.12 57.76
C THR C 82 48.89 10.40 56.50
N LYS C 83 49.21 11.67 56.30
CA LYS C 83 50.01 12.16 55.18
C LYS C 83 49.42 11.74 53.83
N ARG C 84 48.11 11.92 53.69
CA ARG C 84 47.39 11.50 52.49
C ARG C 84 46.95 12.72 51.68
N PHE C 85 47.38 12.79 50.43
CA PHE C 85 47.00 13.88 49.53
C PHE C 85 47.24 13.43 48.09
N ASP C 86 46.15 13.34 47.33
CA ASP C 86 46.21 12.80 45.98
C ASP C 86 45.20 13.51 45.08
N ASN C 87 45.68 13.92 43.91
CA ASN C 87 44.85 14.50 42.84
C ASN C 87 45.58 14.32 41.50
N PRO C 88 45.84 13.07 41.11
CA PRO C 88 46.63 12.81 39.92
C PRO C 88 45.79 12.93 38.66
N VAL C 89 46.43 12.78 37.50
CA VAL C 89 45.77 12.95 36.19
C VAL C 89 44.81 11.78 35.87
N LEU C 90 43.71 12.07 35.18
CA LEU C 90 42.77 11.07 34.73
C LEU C 90 42.44 11.21 33.24
N PRO C 91 42.05 10.09 32.59
CA PRO C 91 41.64 10.02 31.18
C PRO C 91 40.31 10.69 30.91
N PHE C 92 40.14 11.16 29.69
CA PHE C 92 38.94 11.87 29.33
C PHE C 92 38.37 11.24 28.07
N ASN C 93 37.49 10.28 28.30
CA ASN C 93 36.71 9.63 27.25
C ASN C 93 35.56 10.58 26.89
N ASP C 94 34.87 10.29 25.79
CA ASP C 94 33.71 11.11 25.45
C ASP C 94 32.66 10.89 26.53
N GLY C 95 32.24 11.99 27.16
CA GLY C 95 31.36 11.92 28.31
C GLY C 95 32.08 11.57 29.59
N VAL C 96 32.17 12.52 30.52
CA VAL C 96 32.83 12.31 31.82
C VAL C 96 31.94 12.83 32.94
N TYR C 97 31.82 12.10 34.04
CA TYR C 97 30.97 12.52 35.14
C TYR C 97 31.84 12.83 36.33
N PHE C 98 31.76 14.06 36.83
CA PHE C 98 32.55 14.44 38.00
C PHE C 98 31.67 15.00 39.09
N ALA C 99 31.76 14.42 40.28
CA ALA C 99 31.02 14.92 41.42
C ALA C 99 31.96 15.03 42.59
N SER C 100 31.92 16.17 43.27
CA SER C 100 32.73 16.36 44.46
C SER C 100 31.90 17.04 45.52
N THR C 101 32.18 16.74 46.77
CA THR C 101 31.47 17.38 47.86
C THR C 101 32.47 18.04 48.78
N GLU C 102 32.36 19.35 48.96
CA GLU C 102 33.28 20.03 49.85
C GLU C 102 32.58 21.08 50.71
N LYS C 103 32.54 20.85 52.01
CA LYS C 103 31.94 21.78 52.95
C LYS C 103 32.80 23.05 53.04
N SER C 104 34.12 22.85 53.08
CA SER C 104 35.08 23.95 53.17
C SER C 104 35.52 24.47 51.81
N ASN C 105 34.99 23.85 50.75
CA ASN C 105 35.22 24.22 49.36
C ASN C 105 36.70 24.18 48.95
N ILE C 106 37.45 23.21 49.47
CA ILE C 106 38.86 23.04 49.10
C ILE C 106 38.98 22.76 47.61
N ILE C 107 38.08 21.94 47.09
CA ILE C 107 38.04 21.66 45.68
C ILE C 107 37.53 22.93 45.05
N ARG C 108 38.17 23.33 43.95
CA ARG C 108 37.82 24.58 43.26
C ARG C 108 37.67 24.49 41.73
N GLY C 109 38.65 23.91 41.04
CA GLY C 109 38.70 24.02 39.58
C GLY C 109 39.10 22.80 38.77
N TRP C 110 38.73 22.81 37.48
CA TRP C 110 38.94 21.69 36.56
C TRP C 110 39.76 22.15 35.35
N ILE C 111 40.57 21.24 34.83
CA ILE C 111 41.45 21.53 33.69
C ILE C 111 41.21 20.49 32.60
N PHE C 112 41.18 20.94 31.34
CA PHE C 112 40.96 20.03 30.21
C PHE C 112 41.96 20.27 29.06
N GLY C 113 42.30 19.20 28.35
CA GLY C 113 43.21 19.28 27.22
C GLY C 113 43.64 17.89 26.76
N THR C 114 44.70 17.85 25.97
CA THR C 114 45.19 16.61 25.36
C THR C 114 46.45 16.10 26.06
N THR C 115 47.47 16.95 26.16
CA THR C 115 48.72 16.60 26.83
C THR C 115 49.21 17.67 27.81
N LEU C 116 48.53 18.80 27.90
CA LEU C 116 48.92 19.92 28.77
C LEU C 116 50.36 20.37 28.52
N ASP C 117 50.72 20.43 27.25
CA ASP C 117 52.09 20.73 26.83
C ASP C 117 52.33 22.23 26.53
N SER C 118 51.28 23.04 26.70
CA SER C 118 51.25 24.44 26.26
C SER C 118 51.50 24.59 24.76
N LYS C 119 51.32 23.50 24.02
CA LYS C 119 51.44 23.49 22.56
C LYS C 119 50.14 23.08 21.85
N THR C 120 49.30 22.29 22.53
CA THR C 120 47.97 21.95 22.02
C THR C 120 46.92 22.67 22.87
N GLN C 121 45.98 23.31 22.20
CA GLN C 121 44.99 24.17 22.86
C GLN C 121 44.21 23.44 23.95
N SER C 122 44.12 24.08 25.13
CA SER C 122 43.60 23.44 26.33
C SER C 122 42.71 24.42 27.11
N LEU C 123 41.88 23.89 28.02
CA LEU C 123 40.98 24.72 28.83
C LEU C 123 41.20 24.54 30.34
N LEU C 124 41.32 25.65 31.07
CA LEU C 124 41.53 25.62 32.53
C LEU C 124 40.74 26.72 33.25
N ILE C 125 40.26 26.44 34.47
CA ILE C 125 39.40 27.40 35.21
C ILE C 125 39.58 27.48 36.73
N VAL C 126 39.20 28.64 37.25
CA VAL C 126 39.13 28.91 38.67
C VAL C 126 37.68 29.10 39.10
N ASN C 127 37.37 28.64 40.31
CA ASN C 127 36.06 28.88 40.93
C ASN C 127 36.21 29.97 41.99
N ASN C 128 36.13 31.22 41.51
CA ASN C 128 36.27 32.39 42.37
C ASN C 128 34.90 32.85 42.86
N ALA C 129 34.91 33.67 43.92
CA ALA C 129 33.72 34.34 44.41
C ALA C 129 33.01 35.14 43.32
N THR C 130 33.77 35.64 42.34
CA THR C 130 33.18 36.38 41.22
C THR C 130 32.46 35.45 40.24
N ASN C 131 33.21 34.57 39.59
CA ASN C 131 32.64 33.70 38.54
C ASN C 131 33.41 32.39 38.48
N VAL C 132 32.88 31.46 37.71
CA VAL C 132 33.61 30.24 37.37
C VAL C 132 34.45 30.53 36.12
N VAL C 133 35.63 31.09 36.31
CA VAL C 133 36.46 31.48 35.16
C VAL C 133 36.94 30.35 34.30
N ILE C 134 36.76 30.48 32.99
CA ILE C 134 37.19 29.54 31.98
C ILE C 134 38.01 30.17 30.92
N LYS C 135 39.20 29.62 30.63
CA LYS C 135 40.09 30.22 29.62
C LYS C 135 40.60 29.18 28.63
N VAL C 136 40.55 29.50 27.34
CA VAL C 136 41.06 28.59 26.32
C VAL C 136 42.41 29.15 25.87
N CYS C 137 43.47 28.69 26.53
CA CYS C 137 44.80 29.26 26.33
C CYS C 137 45.84 28.16 26.40
N GLU C 138 46.93 28.35 25.67
CA GLU C 138 48.05 27.41 25.66
C GLU C 138 48.87 27.59 26.94
N PHE C 139 48.26 27.29 28.08
CA PHE C 139 48.89 27.48 29.36
C PHE C 139 49.91 26.40 29.66
N GLN C 140 50.98 26.79 30.34
CA GLN C 140 52.02 25.85 30.74
C GLN C 140 51.89 25.52 32.23
N PHE C 141 51.28 24.39 32.52
CA PHE C 141 51.05 23.97 33.91
C PHE C 141 52.24 23.22 34.48
N CYS C 142 52.43 23.38 35.78
CA CYS C 142 53.41 22.59 36.52
C CYS C 142 52.88 21.16 36.79
N ASN C 143 53.74 20.30 37.33
CA ASN C 143 53.37 18.95 37.70
C ASN C 143 52.34 19.03 38.81
N ASP C 144 52.49 20.00 39.69
CA ASP C 144 51.72 20.05 40.94
C ASP C 144 51.05 21.41 41.20
N PRO C 145 50.02 21.72 40.40
CA PRO C 145 49.20 22.94 40.58
C PRO C 145 48.19 22.82 41.72
N PHE C 146 47.78 23.96 42.26
CA PHE C 146 46.81 24.02 43.35
C PHE C 146 46.38 25.47 43.56
N LEU C 147 45.50 25.66 44.55
CA LEU C 147 45.06 26.97 45.00
C LEU C 147 45.44 27.10 46.48
N GLY C 148 46.07 28.22 46.83
CA GLY C 148 46.65 28.42 48.17
C GLY C 148 45.88 29.46 48.98
N VAL C 149 45.58 29.10 50.23
CA VAL C 149 44.89 30.00 51.17
C VAL C 149 45.55 29.90 52.54
N TYR C 150 45.69 31.05 53.22
CA TYR C 150 46.39 31.13 54.50
C TYR C 150 45.53 31.82 55.57
N TYR C 151 45.62 31.30 56.80
CA TYR C 151 44.98 31.90 57.96
C TYR C 151 45.93 32.88 58.68
N HIS C 152 45.87 34.15 58.29
CA HIS C 152 46.69 35.20 58.91
C HIS C 152 46.10 35.62 60.25
N LYS C 153 46.96 35.79 61.25
CA LYS C 153 46.55 36.12 62.61
C LYS C 153 46.09 37.57 62.73
N ASN C 154 46.74 38.46 61.98
CA ASN C 154 46.41 39.89 61.96
C ASN C 154 45.03 40.18 61.33
N ASN C 155 44.67 39.45 60.26
CA ASN C 155 43.34 39.57 59.66
C ASN C 155 42.77 38.19 59.35
N LYS C 156 41.65 37.84 59.99
CA LYS C 156 41.02 36.52 59.80
C LYS C 156 40.30 36.37 58.45
N SER C 157 41.09 36.14 57.41
CA SER C 157 40.60 35.95 56.04
C SER C 157 41.59 35.09 55.23
N TRP C 158 41.12 34.56 54.10
CA TRP C 158 41.87 33.55 53.31
C TRP C 158 42.26 34.11 51.93
N MET C 159 43.50 34.56 51.81
CA MET C 159 44.01 35.17 50.57
C MET C 159 44.87 34.18 49.79
N GLU C 160 44.98 34.41 48.48
CA GLU C 160 45.82 33.58 47.64
C GLU C 160 47.29 33.79 47.96
N SER C 161 48.04 32.70 48.08
CA SER C 161 49.46 32.73 48.42
C SER C 161 50.37 32.58 47.19
N GLU C 162 50.08 31.61 46.34
CA GLU C 162 50.86 31.38 45.13
C GLU C 162 49.93 30.90 44.02
N PHE C 163 49.53 31.85 43.17
CA PHE C 163 48.71 31.54 41.99
C PHE C 163 49.61 31.26 40.77
N ARG C 164 50.58 30.36 40.92
CA ARG C 164 51.45 29.99 39.79
C ARG C 164 50.95 28.66 39.17
N VAL C 165 49.69 28.67 38.76
CA VAL C 165 49.09 27.49 38.14
C VAL C 165 49.71 27.27 36.75
N TYR C 166 50.04 28.37 36.09
CA TYR C 166 50.52 28.36 34.71
C TYR C 166 51.67 29.32 34.54
N SER C 167 52.39 29.17 33.43
CA SER C 167 53.49 30.08 33.10
C SER C 167 52.97 31.34 32.40
N SER C 168 52.35 31.17 31.23
CA SER C 168 51.79 32.28 30.43
C SER C 168 50.85 31.71 29.37
N ALA C 169 50.35 32.55 28.46
CA ALA C 169 49.49 32.09 27.36
C ALA C 169 49.99 32.59 26.00
N ASN C 170 50.32 31.66 25.11
CA ASN C 170 50.87 31.99 23.78
C ASN C 170 49.84 32.61 22.81
N ASN C 171 48.64 32.04 22.78
CA ASN C 171 47.54 32.51 21.93
C ASN C 171 46.22 32.10 22.59
N CYS C 172 45.08 32.65 22.18
CA CYS C 172 43.85 32.30 22.88
C CYS C 172 42.64 32.55 22.00
N THR C 173 42.09 31.47 21.45
CA THR C 173 40.97 31.52 20.49
C THR C 173 39.61 31.77 21.13
N PHE C 174 39.56 31.76 22.46
CA PHE C 174 38.31 31.94 23.20
C PHE C 174 38.64 32.34 24.62
N GLU C 175 37.92 33.36 25.10
CA GLU C 175 38.01 33.78 26.48
C GLU C 175 36.68 34.09 27.02
N TYR C 176 36.61 34.01 28.32
CA TYR C 176 35.32 33.81 28.84
C TYR C 176 35.18 34.00 30.33
N VAL C 177 34.05 34.61 30.69
CA VAL C 177 33.63 34.79 32.07
C VAL C 177 32.16 34.40 32.16
N SER C 178 31.80 33.62 33.18
CA SER C 178 30.43 33.16 33.37
C SER C 178 29.66 34.13 34.26
N GLN C 179 28.47 33.71 34.70
CA GLN C 179 27.60 34.57 35.49
C GLN C 179 28.12 34.75 36.92
N PRO C 180 27.82 35.91 37.55
CA PRO C 180 28.24 36.09 38.94
C PRO C 180 27.43 35.23 39.90
N PHE C 181 28.11 34.86 40.99
CA PHE C 181 27.59 34.07 42.12
C PHE C 181 28.57 34.24 43.29
N LEU C 182 28.24 33.71 44.47
CA LEU C 182 29.09 33.89 45.65
C LEU C 182 29.46 32.59 46.38
N MET C 183 30.54 32.66 47.16
CA MET C 183 31.13 31.52 47.85
C MET C 183 31.24 31.79 49.35
N ASP C 184 31.24 30.72 50.15
CA ASP C 184 31.26 30.82 51.61
C ASP C 184 32.65 31.18 52.18
N LEU C 185 33.70 30.59 51.61
CA LEU C 185 35.11 30.84 51.99
C LEU C 185 35.45 30.56 53.47
N GLU C 186 34.91 29.47 53.99
CA GLU C 186 35.10 29.09 55.39
C GLU C 186 35.94 27.81 55.53
N GLY C 187 36.96 27.89 56.39
CA GLY C 187 37.85 26.77 56.68
C GLY C 187 37.46 25.87 57.82
N LYS C 188 36.29 26.10 58.42
CA LYS C 188 35.90 25.34 59.61
C LYS C 188 35.65 23.87 59.27
N GLN C 189 36.09 22.99 60.17
CA GLN C 189 35.95 21.54 59.97
C GLN C 189 34.52 21.02 60.11
N GLY C 190 34.21 19.95 59.36
CA GLY C 190 32.88 19.35 59.37
C GLY C 190 32.51 18.47 58.20
N ASN C 191 31.36 17.82 58.36
CA ASN C 191 30.76 17.03 57.29
C ASN C 191 30.36 17.93 56.12
N PHE C 192 30.38 17.34 54.93
CA PHE C 192 30.06 18.06 53.71
C PHE C 192 28.58 18.45 53.67
N LYS C 193 28.31 19.71 53.98
CA LYS C 193 26.95 20.23 54.08
C LYS C 193 26.26 20.41 52.73
N ASN C 194 27.03 20.38 51.63
CA ASN C 194 26.50 20.62 50.30
C ASN C 194 26.90 19.50 49.33
N LEU C 195 26.51 19.64 48.07
CA LEU C 195 26.89 18.70 47.04
C LEU C 195 26.95 19.41 45.69
N ARG C 196 27.89 18.98 44.84
CA ARG C 196 28.06 19.56 43.52
C ARG C 196 28.26 18.44 42.49
N GLU C 197 27.57 18.56 41.36
CA GLU C 197 27.70 17.60 40.26
C GLU C 197 27.97 18.35 38.97
N PHE C 198 28.78 17.74 38.10
CA PHE C 198 29.09 18.31 36.79
C PHE C 198 29.23 17.19 35.77
N VAL C 199 28.75 17.45 34.55
CA VAL C 199 28.92 16.53 33.43
C VAL C 199 29.60 17.31 32.30
N PHE C 200 30.92 17.17 32.19
CA PHE C 200 31.66 17.75 31.09
C PHE C 200 31.49 16.86 29.86
N LYS C 201 31.33 17.46 28.70
CA LYS C 201 31.20 16.65 27.49
C LYS C 201 31.54 17.44 26.27
N ASN C 202 31.96 16.73 25.23
CA ASN C 202 32.27 17.35 23.97
C ASN C 202 31.54 16.59 22.86
N ILE C 203 30.65 17.28 22.15
CA ILE C 203 29.91 16.68 21.05
C ILE C 203 30.05 17.53 19.82
N ASP C 204 30.39 16.89 18.70
CA ASP C 204 30.51 17.54 17.38
C ASP C 204 31.24 18.90 17.38
N GLY C 205 32.34 18.95 18.12
CA GLY C 205 33.20 20.13 18.18
C GLY C 205 32.75 21.26 19.10
N TYR C 206 31.72 21.06 19.90
CA TYR C 206 31.28 22.09 20.85
C TYR C 206 31.35 21.59 22.27
N PHE C 207 32.04 22.34 23.14
CA PHE C 207 32.06 21.97 24.54
C PHE C 207 30.77 22.36 25.25
N LYS C 208 30.46 21.64 26.32
CA LYS C 208 29.24 21.89 27.13
C LYS C 208 29.51 21.42 28.57
N ILE C 209 28.76 21.98 29.52
CA ILE C 209 28.86 21.56 30.92
C ILE C 209 27.45 21.61 31.56
N TYR C 210 27.21 20.73 32.51
CA TYR C 210 25.94 20.70 33.24
C TYR C 210 26.23 20.64 34.73
N SER C 211 25.30 21.14 35.54
CA SER C 211 25.50 21.18 37.00
C SER C 211 24.23 21.15 37.82
N LYS C 212 24.39 20.86 39.11
CA LYS C 212 23.27 20.94 40.04
C LYS C 212 23.82 21.04 41.44
N HIS C 213 23.12 21.77 42.30
CA HIS C 213 23.53 21.90 43.69
C HIS C 213 22.50 21.18 44.54
N THR C 214 22.96 20.19 45.31
CA THR C 214 22.06 19.39 46.12
C THR C 214 22.34 19.61 47.61
N PRO C 215 21.30 20.01 48.37
CA PRO C 215 21.33 20.45 49.78
C PRO C 215 21.70 19.40 50.85
N ILE C 216 21.30 18.16 50.70
CA ILE C 216 21.49 17.16 51.75
C ILE C 216 22.73 16.30 51.47
N ASN C 217 23.74 16.45 52.31
CA ASN C 217 24.96 15.63 52.25
C ASN C 217 24.70 14.18 52.70
N LEU C 218 24.14 14.04 53.89
CA LEU C 218 23.92 12.74 54.57
C LEU C 218 25.19 11.89 54.63
N VAL C 219 25.06 10.64 54.21
CA VAL C 219 26.17 9.68 54.10
C VAL C 219 27.24 10.04 53.07
N ARG C 220 28.42 9.44 53.28
CA ARG C 220 29.61 9.74 52.49
C ARG C 220 29.38 9.47 51.00
N ASP C 221 28.76 8.34 50.70
CA ASP C 221 28.42 8.00 49.33
C ASP C 221 27.31 8.89 48.79
N LEU C 222 27.32 9.07 47.48
CA LEU C 222 26.32 9.85 46.80
C LEU C 222 24.90 9.33 47.09
N PRO C 223 23.96 10.24 47.35
CA PRO C 223 22.57 9.89 47.68
C PRO C 223 21.84 9.16 46.58
N GLN C 224 20.93 8.29 47.00
CA GLN C 224 20.06 7.55 46.11
C GLN C 224 18.75 8.29 45.93
N GLY C 225 18.43 8.59 44.68
CA GLY C 225 17.22 9.30 44.31
C GLY C 225 17.40 9.96 42.96
N PHE C 226 16.55 10.93 42.65
CA PHE C 226 16.63 11.62 41.37
C PHE C 226 17.22 13.00 41.46
N SER C 227 18.26 13.24 40.66
CA SER C 227 18.93 14.52 40.60
C SER C 227 18.75 15.04 39.17
N ALA C 228 18.29 16.27 39.05
CA ALA C 228 18.07 16.87 37.75
C ALA C 228 18.97 18.07 37.61
N LEU C 229 19.59 18.20 36.45
CA LEU C 229 20.62 19.23 36.24
C LEU C 229 20.40 20.05 34.96
N GLU C 230 20.30 21.36 35.13
CA GLU C 230 20.16 22.31 34.03
C GLU C 230 21.53 22.47 33.43
N PRO C 231 21.63 22.74 32.11
CA PRO C 231 22.93 22.99 31.54
C PRO C 231 23.35 24.44 31.74
N LEU C 232 24.29 24.65 32.66
CA LEU C 232 24.73 26.01 33.05
C LEU C 232 25.50 26.78 31.96
N VAL C 233 26.48 26.14 31.35
CA VAL C 233 27.26 26.85 30.33
C VAL C 233 27.45 26.02 29.07
N ASP C 234 27.35 26.70 27.94
CA ASP C 234 27.54 26.05 26.63
C ASP C 234 28.66 26.73 25.88
N LEU C 235 29.56 25.90 25.35
CA LEU C 235 30.72 26.41 24.65
C LEU C 235 30.87 25.84 23.25
N PRO C 236 31.15 26.73 22.29
CA PRO C 236 31.28 26.44 20.90
C PRO C 236 32.67 26.18 20.41
N ILE C 237 33.60 26.20 21.34
CA ILE C 237 35.03 26.19 21.06
C ILE C 237 35.37 24.76 20.64
N GLY C 238 36.22 24.62 19.62
CA GLY C 238 36.63 23.32 19.09
C GLY C 238 37.99 22.88 19.65
N ILE C 239 38.01 21.72 20.30
CA ILE C 239 39.20 21.26 21.01
C ILE C 239 39.25 19.72 21.10
N ASN C 240 40.44 19.15 21.13
CA ASN C 240 40.62 17.72 21.37
C ASN C 240 41.03 17.54 22.82
N ILE C 241 40.31 16.69 23.55
CA ILE C 241 40.63 16.45 24.97
C ILE C 241 40.91 14.98 25.26
N THR C 242 42.06 14.69 25.88
CA THR C 242 42.45 13.31 26.20
C THR C 242 42.60 12.99 27.70
N ARG C 243 42.79 14.00 28.54
CA ARG C 243 42.97 13.78 29.99
C ARG C 243 42.56 15.01 30.80
N PHE C 244 42.33 14.83 32.10
CA PHE C 244 41.92 15.96 32.93
C PHE C 244 42.48 15.89 34.35
N GLN C 245 42.31 16.98 35.10
CA GLN C 245 42.83 17.07 36.47
C GLN C 245 41.96 18.03 37.29
N THR C 246 41.99 17.89 38.62
CA THR C 246 41.18 18.73 39.51
C THR C 246 42.01 19.45 40.58
N LEU C 247 41.67 20.71 40.83
CA LEU C 247 42.44 21.55 41.76
C LEU C 247 41.98 21.35 43.20
N LEU C 248 42.86 21.76 44.13
CA LEU C 248 42.61 21.65 45.56
C LEU C 248 43.03 22.95 46.25
N ALA C 249 42.38 23.27 47.36
CA ALA C 249 42.75 24.35 48.24
C ALA C 249 43.60 23.87 49.41
N LEU C 250 44.89 24.22 49.39
CA LEU C 250 45.79 23.93 50.50
C LEU C 250 45.51 24.90 51.65
N HIS C 251 45.26 24.34 52.83
CA HIS C 251 44.74 25.08 53.96
C HIS C 251 45.90 25.50 54.87
N ARG C 252 46.83 26.24 54.27
CA ARG C 252 48.11 26.56 54.89
C ARG C 252 47.91 27.40 56.15
N SER C 253 48.66 27.06 57.20
CA SER C 253 48.53 27.70 58.50
C SER C 253 49.91 27.91 59.16
N TYR C 254 49.88 28.37 60.40
CA TYR C 254 51.09 28.66 61.16
C TYR C 254 51.80 27.39 61.64
N LEU C 255 51.03 26.32 61.87
CA LEU C 255 51.57 25.04 62.32
C LEU C 255 52.43 24.36 61.26
N THR C 256 52.15 24.63 60.00
CA THR C 256 52.89 24.04 58.89
C THR C 256 54.33 24.59 58.84
N PRO C 257 55.29 23.79 58.31
CA PRO C 257 56.69 24.22 58.14
C PRO C 257 56.89 25.60 57.49
N GLY C 258 56.08 25.91 56.47
CA GLY C 258 56.11 27.23 55.82
C GLY C 258 56.90 27.26 54.53
N ASP C 259 56.64 26.26 53.68
CA ASP C 259 57.21 26.19 52.34
C ASP C 259 56.24 25.50 51.38
N SER C 260 56.53 25.58 50.09
CA SER C 260 55.66 25.04 49.03
C SER C 260 55.77 23.52 48.85
N SER C 261 56.76 22.90 49.47
CA SER C 261 56.99 21.47 49.34
C SER C 261 56.49 20.64 50.53
N SER C 262 56.49 21.21 51.72
CA SER C 262 56.11 20.50 52.95
C SER C 262 55.14 21.23 53.85
N GLY C 263 54.97 22.54 53.66
CA GLY C 263 54.06 23.32 54.50
C GLY C 263 52.62 23.31 54.00
N TRP C 264 51.80 22.40 54.51
CA TRP C 264 50.39 22.29 54.09
C TRP C 264 49.64 21.33 54.99
N THR C 265 48.41 21.70 55.34
CA THR C 265 47.48 20.84 56.06
C THR C 265 46.08 21.12 55.50
N ALA C 266 45.72 20.37 54.46
CA ALA C 266 44.50 20.64 53.66
C ALA C 266 43.16 20.36 54.36
N GLY C 267 43.08 19.23 55.07
CA GLY C 267 41.81 18.74 55.63
C GLY C 267 41.04 17.85 54.65
N ALA C 268 39.75 17.63 54.95
CA ALA C 268 38.91 16.68 54.19
C ALA C 268 38.54 17.18 52.79
N ALA C 269 38.54 16.22 51.84
CA ALA C 269 38.13 16.44 50.46
C ALA C 269 37.67 15.09 49.91
N ALA C 270 36.78 15.10 48.92
CA ALA C 270 36.28 13.86 48.30
C ALA C 270 35.57 14.18 46.99
N TYR C 271 35.86 13.38 45.96
CA TYR C 271 35.24 13.54 44.65
C TYR C 271 35.33 12.25 43.85
N TYR C 272 34.30 11.98 43.03
CA TYR C 272 34.24 10.75 42.23
C TYR C 272 34.16 11.08 40.74
N VAL C 273 34.94 10.39 39.92
CA VAL C 273 34.94 10.62 38.47
C VAL C 273 34.44 9.40 37.72
N GLY C 274 33.38 9.56 36.94
CA GLY C 274 32.79 8.48 36.16
C GLY C 274 32.52 8.77 34.69
N TYR C 275 32.74 7.79 33.83
CA TYR C 275 32.61 7.97 32.37
C TYR C 275 31.18 7.70 31.89
N LEU C 276 30.89 8.10 30.65
CA LEU C 276 29.54 7.93 30.07
C LEU C 276 29.65 7.29 28.70
N GLN C 277 28.64 6.49 28.34
CA GLN C 277 28.61 5.78 27.06
C GLN C 277 27.23 5.97 26.45
N PRO C 278 27.11 5.78 25.12
CA PRO C 278 25.79 5.93 24.49
C PRO C 278 24.78 4.91 25.03
N ARG C 279 23.63 5.41 25.45
CA ARG C 279 22.52 4.60 25.95
C ARG C 279 21.23 5.37 25.69
N THR C 280 20.11 4.67 25.73
CA THR C 280 18.81 5.32 25.54
C THR C 280 18.13 5.40 26.89
N PHE C 281 17.78 6.59 27.34
CA PHE C 281 17.11 6.71 28.63
C PHE C 281 15.71 7.29 28.50
N LEU C 282 14.73 6.56 29.01
CA LEU C 282 13.36 7.06 29.01
C LEU C 282 13.32 8.22 29.98
N LEU C 283 12.72 9.33 29.57
CA LEU C 283 12.65 10.50 30.43
C LEU C 283 11.21 10.87 30.70
N LYS C 284 10.86 11.01 31.98
CA LYS C 284 9.51 11.42 32.35
C LYS C 284 9.49 12.90 32.62
N TYR C 285 8.49 13.57 32.03
CA TYR C 285 8.32 15.01 32.22
C TYR C 285 7.06 15.36 33.02
N ASN C 286 7.23 16.21 34.01
CA ASN C 286 6.10 16.68 34.84
C ASN C 286 5.38 17.85 34.20
N GLU C 287 4.36 18.37 34.87
CA GLU C 287 3.59 19.48 34.36
C GLU C 287 4.45 20.71 34.18
N ASN C 288 5.29 20.90 35.17
CA ASN C 288 6.23 21.99 35.23
C ASN C 288 7.29 21.89 34.15
N GLY C 289 7.71 20.66 33.87
CA GLY C 289 8.74 20.34 32.89
C GLY C 289 10.08 19.86 33.42
N THR C 290 10.26 19.72 34.74
CA THR C 290 11.51 19.12 35.22
C THR C 290 11.52 17.63 34.92
N ILE C 291 12.72 17.07 34.74
CA ILE C 291 12.84 15.64 34.45
C ILE C 291 12.77 14.88 35.76
N THR C 292 11.56 14.60 36.20
CA THR C 292 11.37 14.02 37.55
C THR C 292 11.83 12.56 37.67
N ASP C 293 11.51 11.73 36.67
CA ASP C 293 11.81 10.32 36.77
C ASP C 293 12.60 9.77 35.57
N ALA C 294 13.54 8.87 35.79
CA ALA C 294 14.39 8.34 34.71
C ALA C 294 14.33 6.83 34.73
N VAL C 295 14.19 6.26 33.53
CA VAL C 295 14.26 4.83 33.30
C VAL C 295 15.39 4.57 32.33
N ASP C 296 16.18 3.54 32.60
CA ASP C 296 17.27 3.16 31.70
C ASP C 296 16.96 1.91 30.89
N CYS C 297 17.09 2.04 29.57
CA CYS C 297 16.78 0.97 28.64
C CYS C 297 17.77 -0.19 28.71
N ALA C 298 19.06 0.10 28.89
CA ALA C 298 20.07 -0.96 28.89
C ALA C 298 20.42 -1.50 30.27
N LEU C 299 19.82 -0.97 31.34
CA LEU C 299 20.13 -1.45 32.66
C LEU C 299 19.84 -2.94 32.84
N ASP C 300 18.74 -3.44 32.23
CA ASP C 300 18.33 -4.80 32.37
C ASP C 300 17.40 -5.22 31.24
N PRO C 301 17.11 -6.53 31.17
CA PRO C 301 16.14 -7.02 30.20
C PRO C 301 14.77 -6.38 30.37
N LEU C 302 14.38 -6.17 31.62
CA LEU C 302 13.15 -5.46 31.95
C LEU C 302 13.17 -4.04 31.42
N SER C 303 14.31 -3.37 31.53
CA SER C 303 14.43 -2.02 30.99
C SER C 303 14.07 -1.96 29.51
N GLU C 304 14.52 -2.97 28.77
CA GLU C 304 14.25 -3.04 27.34
C GLU C 304 12.75 -3.09 27.04
N THR C 305 12.01 -3.82 27.84
CA THR C 305 10.56 -3.93 27.64
C THR C 305 9.89 -2.58 27.82
N LYS C 306 10.33 -1.85 28.84
CA LYS C 306 9.76 -0.56 29.17
C LYS C 306 9.90 0.42 28.02
N CYS C 307 11.08 0.41 27.39
CA CYS C 307 11.38 1.23 26.20
C CYS C 307 10.31 1.08 25.15
N THR C 308 10.07 -0.19 24.81
CA THR C 308 9.13 -0.51 23.78
C THR C 308 7.73 -0.08 24.18
N LEU C 309 7.40 -0.31 25.44
CA LEU C 309 6.08 0.02 25.99
C LEU C 309 5.77 1.49 26.13
N LYS C 310 6.79 2.35 26.14
CA LYS C 310 6.58 3.77 26.33
C LYS C 310 5.76 3.97 27.59
N SER C 311 6.04 3.13 28.58
CA SER C 311 5.37 3.22 29.86
C SER C 311 6.36 2.90 30.99
N PHE C 312 6.10 3.45 32.17
CA PHE C 312 6.96 3.20 33.32
C PHE C 312 6.48 1.99 34.11
N THR C 313 5.35 1.42 33.72
CA THR C 313 4.78 0.26 34.40
C THR C 313 4.40 -0.76 33.36
N VAL C 314 4.61 -2.03 33.67
CA VAL C 314 4.35 -3.10 32.69
C VAL C 314 3.36 -4.13 33.20
N GLU C 315 2.34 -4.41 32.40
CA GLU C 315 1.38 -5.43 32.74
C GLU C 315 1.94 -6.82 32.62
N LYS C 316 1.34 -7.76 33.32
CA LYS C 316 1.77 -9.16 33.25
C LYS C 316 1.65 -9.67 31.81
N GLY C 317 2.63 -10.44 31.38
CA GLY C 317 2.63 -11.03 30.04
C GLY C 317 4.02 -11.12 29.48
N ILE C 318 4.11 -11.52 28.21
CA ILE C 318 5.38 -11.68 27.52
C ILE C 318 5.42 -10.69 26.36
N TYR C 319 6.51 -9.94 26.29
CA TYR C 319 6.70 -8.92 25.27
C TYR C 319 7.95 -9.27 24.48
N GLN C 320 7.91 -9.08 23.17
CA GLN C 320 9.09 -9.34 22.34
C GLN C 320 9.76 -8.05 21.92
N THR C 321 11.05 -7.98 22.18
CA THR C 321 11.84 -6.77 21.95
C THR C 321 13.30 -7.16 21.67
N SER C 322 14.04 -6.30 20.97
CA SER C 322 15.48 -6.48 20.71
C SER C 322 15.91 -7.83 20.10
N ASN C 323 15.50 -8.12 18.88
CA ASN C 323 15.86 -9.38 18.26
C ASN C 323 17.36 -9.51 18.12
N PHE C 324 17.89 -10.71 18.42
CA PHE C 324 19.35 -10.90 18.44
C PHE C 324 19.84 -11.92 17.40
N ARG C 325 20.94 -11.57 16.75
CA ARG C 325 21.63 -12.41 15.76
C ARG C 325 23.02 -12.77 16.39
N VAL C 326 23.65 -13.96 16.13
CA VAL C 326 24.90 -14.48 16.76
C VAL C 326 26.07 -13.69 16.21
N GLN C 327 26.92 -13.19 17.08
CA GLN C 327 28.08 -12.41 16.67
C GLN C 327 29.17 -13.27 16.03
N PRO C 328 29.60 -12.91 14.83
CA PRO C 328 30.64 -13.68 14.16
C PRO C 328 31.97 -13.49 14.88
N THR C 329 32.51 -14.57 15.41
CA THR C 329 33.71 -14.50 16.22
C THR C 329 34.97 -14.08 15.44
N GLU C 330 35.13 -14.60 14.23
CA GLU C 330 36.32 -14.27 13.42
C GLU C 330 35.99 -14.11 11.96
N SER C 331 36.83 -13.40 11.22
CA SER C 331 36.65 -13.21 9.79
C SER C 331 37.71 -13.96 9.02
N ILE C 332 37.29 -14.78 8.06
CA ILE C 332 38.21 -15.53 7.22
C ILE C 332 38.01 -15.20 5.77
N VAL C 333 39.07 -14.84 5.09
CA VAL C 333 39.03 -14.57 3.66
C VAL C 333 39.82 -15.58 2.87
N ARG C 334 39.15 -16.18 1.90
CA ARG C 334 39.80 -17.12 1.00
C ARG C 334 39.76 -16.58 -0.41
N PHE C 335 40.90 -16.67 -1.09
CA PHE C 335 41.02 -16.23 -2.47
C PHE C 335 41.67 -17.31 -3.33
N PRO C 336 41.46 -17.25 -4.66
CA PRO C 336 42.24 -18.20 -5.52
C PRO C 336 43.85 -17.88 -5.57
N ASN C 337 44.87 -18.69 -6.06
CA ASN C 337 46.37 -18.45 -5.75
C ASN C 337 47.28 -18.07 -6.93
N ILE C 338 47.09 -16.89 -7.48
CA ILE C 338 47.79 -16.47 -8.67
C ILE C 338 48.58 -15.23 -8.31
N THR C 339 49.89 -15.29 -8.50
CA THR C 339 50.77 -14.18 -8.12
C THR C 339 51.32 -13.37 -9.31
N ASN C 340 50.83 -13.65 -10.51
CA ASN C 340 51.37 -12.99 -11.70
C ASN C 340 50.65 -11.67 -11.87
N LEU C 341 51.35 -10.55 -11.70
CA LEU C 341 50.71 -9.25 -11.80
C LEU C 341 50.20 -9.05 -13.21
N CYS C 342 48.94 -8.66 -13.32
CA CYS C 342 48.37 -8.25 -14.60
C CYS C 342 49.15 -7.09 -15.16
N PRO C 343 49.38 -7.08 -16.47
CA PRO C 343 50.15 -6.00 -17.07
C PRO C 343 49.29 -4.78 -17.42
N PHE C 344 48.68 -4.16 -16.42
CA PHE C 344 47.92 -2.93 -16.69
C PHE C 344 48.88 -1.82 -17.13
N GLY C 345 50.05 -1.76 -16.49
CA GLY C 345 51.08 -0.80 -16.83
C GLY C 345 51.49 -0.79 -18.28
N GLU C 346 51.66 -1.97 -18.88
CA GLU C 346 52.09 -2.03 -20.28
C GLU C 346 51.02 -1.41 -21.18
N VAL C 347 49.76 -1.68 -20.91
CA VAL C 347 48.66 -1.13 -21.71
C VAL C 347 48.64 0.40 -21.57
N PHE C 348 48.83 0.88 -20.36
CA PHE C 348 48.82 2.31 -20.12
C PHE C 348 49.91 3.06 -20.87
N ASN C 349 51.10 2.49 -20.93
CA ASN C 349 52.17 3.12 -21.66
C ASN C 349 52.38 2.32 -22.92
N ALA C 350 52.09 2.92 -24.07
CA ALA C 350 52.28 2.29 -25.37
C ALA C 350 52.71 3.35 -26.35
N THR C 351 53.60 2.99 -27.26
CA THR C 351 54.02 3.89 -28.33
C THR C 351 52.85 4.41 -29.17
N ARG C 352 51.90 3.54 -29.52
CA ARG C 352 50.80 3.91 -30.41
C ARG C 352 49.45 3.54 -29.83
N PHE C 353 48.52 4.48 -29.88
CA PHE C 353 47.16 4.26 -29.41
C PHE C 353 46.23 4.33 -30.61
N ALA C 354 45.44 3.29 -30.79
CA ALA C 354 44.56 3.19 -31.96
C ALA C 354 43.57 4.34 -31.99
N SER C 355 43.30 4.83 -33.20
CA SER C 355 42.33 5.90 -33.41
C SER C 355 40.89 5.42 -33.25
N VAL C 356 39.99 6.38 -33.12
CA VAL C 356 38.60 6.08 -32.79
C VAL C 356 37.92 5.16 -33.81
N TYR C 357 38.24 5.32 -35.09
CA TYR C 357 37.62 4.45 -36.10
C TYR C 357 37.89 2.95 -35.86
N ALA C 358 39.11 2.60 -35.48
CA ALA C 358 39.45 1.20 -35.21
C ALA C 358 40.18 1.08 -33.88
N TRP C 359 39.44 1.33 -32.81
CA TRP C 359 40.00 1.34 -31.46
C TRP C 359 40.62 0.02 -31.05
N ASN C 360 41.69 0.11 -30.28
CA ASN C 360 42.41 -1.06 -29.79
C ASN C 360 41.82 -1.52 -28.46
N ARG C 361 41.52 -2.81 -28.39
CA ARG C 361 40.92 -3.44 -27.23
C ARG C 361 41.76 -4.62 -26.75
N LYS C 362 42.04 -4.67 -25.44
CA LYS C 362 42.81 -5.78 -24.89
C LYS C 362 42.08 -6.40 -23.72
N ARG C 363 42.14 -7.72 -23.63
CA ARG C 363 41.42 -8.43 -22.60
C ARG C 363 42.40 -8.90 -21.56
N ILE C 364 42.19 -8.42 -20.34
CA ILE C 364 43.09 -8.73 -19.26
C ILE C 364 42.37 -9.58 -18.25
N SER C 365 43.00 -10.69 -17.90
CA SER C 365 42.43 -11.72 -17.01
C SER C 365 43.52 -12.65 -16.48
N ASN C 366 43.16 -13.53 -15.58
CA ASN C 366 44.11 -14.52 -15.05
C ASN C 366 45.32 -13.84 -14.48
N CYS C 367 45.11 -12.78 -13.72
CA CYS C 367 46.26 -12.16 -13.11
C CYS C 367 45.80 -11.19 -12.03
N VAL C 368 46.77 -10.63 -11.31
CA VAL C 368 46.46 -9.83 -10.16
C VAL C 368 46.85 -8.43 -10.53
N ALA C 369 45.90 -7.50 -10.50
CA ALA C 369 46.22 -6.10 -10.75
C ALA C 369 45.96 -5.23 -9.56
N ASP C 370 46.89 -4.32 -9.30
CA ASP C 370 46.71 -3.35 -8.25
C ASP C 370 46.32 -2.03 -8.88
N TYR C 371 45.18 -1.50 -8.45
CA TYR C 371 44.66 -0.25 -9.01
C TYR C 371 45.15 0.97 -8.23
N SER C 372 45.88 0.73 -7.14
CA SER C 372 46.35 1.83 -6.27
C SER C 372 47.28 2.73 -7.04
N VAL C 373 48.18 2.16 -7.80
CA VAL C 373 49.10 2.95 -8.61
C VAL C 373 48.36 3.87 -9.58
N LEU C 374 47.30 3.37 -10.21
CA LEU C 374 46.51 4.15 -11.14
C LEU C 374 45.80 5.27 -10.36
N TYR C 375 45.12 4.87 -9.29
CA TYR C 375 44.45 5.81 -8.42
C TYR C 375 45.51 6.60 -7.66
N ASN C 376 46.52 5.88 -7.18
CA ASN C 376 47.59 6.45 -6.38
C ASN C 376 48.46 7.43 -7.14
N SER C 377 48.83 7.08 -8.37
CA SER C 377 49.75 7.94 -9.15
C SER C 377 49.19 9.34 -9.42
N ALA C 378 47.90 9.42 -9.77
CA ALA C 378 47.19 10.69 -10.01
C ALA C 378 47.93 11.63 -10.98
N SER C 379 48.49 11.04 -12.05
CA SER C 379 49.12 11.81 -13.10
C SER C 379 48.16 12.02 -14.27
N PHE C 380 46.90 11.63 -14.10
CA PHE C 380 45.92 11.65 -15.18
C PHE C 380 44.89 12.74 -14.92
N SER C 381 44.55 13.47 -15.97
CA SER C 381 43.63 14.60 -15.84
C SER C 381 42.24 14.17 -15.37
N THR C 382 41.70 13.09 -15.92
CA THR C 382 40.34 12.67 -15.57
C THR C 382 40.28 11.20 -15.20
N PHE C 383 39.70 10.88 -14.03
CA PHE C 383 39.54 9.50 -13.64
C PHE C 383 38.11 9.25 -13.15
N LYS C 384 37.19 9.39 -14.09
CA LYS C 384 35.77 9.24 -13.81
C LYS C 384 35.45 7.76 -13.63
N CYS C 385 34.61 7.48 -12.65
CA CYS C 385 34.31 6.10 -12.30
C CYS C 385 32.82 5.87 -12.20
N TYR C 386 32.31 4.81 -12.83
CA TYR C 386 30.89 4.48 -12.78
C TYR C 386 30.63 3.13 -12.16
N GLY C 387 29.73 3.12 -11.19
CA GLY C 387 29.40 1.92 -10.46
C GLY C 387 30.50 1.32 -9.62
N VAL C 388 31.71 1.92 -9.58
CA VAL C 388 32.78 1.37 -8.75
C VAL C 388 33.46 2.49 -8.00
N SER C 389 33.65 2.35 -6.70
CA SER C 389 34.38 3.37 -5.96
C SER C 389 35.85 3.25 -6.32
N PRO C 390 36.47 4.36 -6.75
CA PRO C 390 37.89 4.32 -7.06
C PRO C 390 38.75 3.87 -5.90
N THR C 391 38.49 4.39 -4.71
CA THR C 391 39.23 4.00 -3.52
C THR C 391 38.98 2.52 -3.18
N LYS C 392 37.75 2.07 -3.41
CA LYS C 392 37.31 0.73 -3.04
C LYS C 392 37.58 -0.35 -4.09
N LEU C 393 38.29 0.01 -5.14
CA LEU C 393 38.57 -0.90 -6.25
C LEU C 393 39.27 -2.22 -5.89
N ASN C 394 40.25 -2.15 -5.00
CA ASN C 394 41.06 -3.33 -4.65
C ASN C 394 40.24 -4.40 -3.95
N ASP C 395 39.41 -3.97 -3.01
CA ASP C 395 38.62 -4.92 -2.24
C ASP C 395 37.67 -5.72 -3.12
N LEU C 396 37.03 -5.05 -4.08
CA LEU C 396 36.11 -5.71 -4.98
C LEU C 396 36.91 -6.60 -5.94
N CYS C 397 36.31 -7.72 -6.35
CA CYS C 397 36.93 -8.63 -7.33
C CYS C 397 36.05 -8.84 -8.58
N PHE C 398 36.68 -8.83 -9.77
CA PHE C 398 35.96 -8.88 -11.05
C PHE C 398 36.54 -9.82 -12.12
N THR C 399 35.69 -10.17 -13.09
CA THR C 399 36.08 -11.00 -14.22
C THR C 399 35.92 -10.21 -15.51
N ASN C 400 36.60 -10.66 -16.55
CA ASN C 400 36.33 -10.26 -17.96
C ASN C 400 36.65 -8.79 -18.20
N VAL C 401 37.77 -8.32 -17.67
CA VAL C 401 38.10 -6.89 -17.72
C VAL C 401 38.57 -6.62 -19.14
N TYR C 402 38.23 -5.45 -19.68
CA TYR C 402 38.62 -5.06 -21.03
C TYR C 402 39.30 -3.71 -20.96
N ALA C 403 40.17 -3.45 -21.94
CA ALA C 403 40.89 -2.18 -22.04
C ALA C 403 40.59 -1.50 -23.38
N ASP C 404 40.31 -0.20 -23.34
CA ASP C 404 40.02 0.57 -24.55
C ASP C 404 41.11 1.59 -24.82
N SER C 405 41.62 1.61 -26.05
CA SER C 405 42.69 2.53 -26.44
C SER C 405 42.31 3.45 -27.61
N PHE C 406 42.59 4.75 -27.43
CA PHE C 406 42.34 5.76 -28.45
C PHE C 406 42.68 7.14 -27.91
N VAL C 407 42.85 8.10 -28.82
CA VAL C 407 43.13 9.50 -28.47
C VAL C 407 42.13 10.41 -29.16
N ILE C 408 41.50 11.27 -28.37
CA ILE C 408 40.57 12.28 -28.84
C ILE C 408 40.93 13.60 -28.18
N ARG C 409 40.41 14.68 -28.73
CA ARG C 409 40.69 16.01 -28.20
C ARG C 409 39.99 16.24 -26.86
N GLY C 410 40.54 17.17 -26.07
CA GLY C 410 40.00 17.48 -24.76
C GLY C 410 38.55 17.88 -24.73
N ASP C 411 38.09 18.62 -25.74
CA ASP C 411 36.70 19.04 -25.81
C ASP C 411 35.74 17.85 -25.89
N GLU C 412 36.12 16.80 -26.58
CA GLU C 412 35.25 15.63 -26.75
C GLU C 412 35.39 14.58 -25.65
N VAL C 413 36.23 14.84 -24.64
CA VAL C 413 36.39 13.88 -23.53
C VAL C 413 35.06 13.62 -22.79
N ARG C 414 34.23 14.66 -22.64
CA ARG C 414 32.92 14.53 -22.02
C ARG C 414 32.00 13.59 -22.80
N GLN C 415 32.12 13.61 -24.12
CA GLN C 415 31.29 12.80 -24.99
C GLN C 415 31.47 11.30 -24.77
N ILE C 416 32.68 10.86 -24.42
CA ILE C 416 32.91 9.43 -24.18
C ILE C 416 32.52 9.07 -22.74
N ALA C 417 31.21 8.97 -22.55
CA ALA C 417 30.64 8.63 -21.24
C ALA C 417 29.28 7.99 -21.48
N PRO C 418 28.73 7.27 -20.49
CA PRO C 418 27.44 6.64 -20.68
C PRO C 418 26.34 7.69 -20.89
N GLY C 419 25.42 7.40 -21.81
CA GLY C 419 24.28 8.29 -22.10
C GLY C 419 24.65 9.72 -22.50
N GLN C 420 25.64 9.87 -23.36
CA GLN C 420 26.05 11.17 -23.86
C GLN C 420 26.09 11.19 -25.36
N THR C 421 26.03 12.38 -25.93
CA THR C 421 26.00 12.53 -27.40
C THR C 421 27.20 13.32 -27.93
N GLY C 422 27.90 12.74 -28.90
CA GLY C 422 28.94 13.43 -29.68
C GLY C 422 29.11 12.77 -31.02
N LYS C 423 29.67 13.50 -31.99
CA LYS C 423 29.89 12.93 -33.31
C LYS C 423 30.61 11.58 -33.19
N ILE C 424 31.74 11.59 -32.50
CA ILE C 424 32.53 10.38 -32.31
C ILE C 424 31.83 9.35 -31.44
N ALA C 425 31.15 9.80 -30.38
CA ALA C 425 30.47 8.88 -29.47
C ALA C 425 29.34 8.14 -30.19
N ASP C 426 28.57 8.86 -31.02
CA ASP C 426 27.45 8.27 -31.75
C ASP C 426 27.83 7.71 -33.12
N TYR C 427 29.07 7.88 -33.53
CA TYR C 427 29.52 7.44 -34.86
C TYR C 427 30.78 6.58 -34.88
N ASN C 428 31.54 6.57 -33.79
CA ASN C 428 32.79 5.82 -33.75
C ASN C 428 32.85 4.81 -32.59
N TYR C 429 32.45 5.22 -31.38
CA TYR C 429 32.53 4.36 -30.19
C TYR C 429 31.49 4.77 -29.17
N LYS C 430 30.51 3.91 -28.90
CA LYS C 430 29.46 4.26 -27.96
C LYS C 430 29.43 3.33 -26.75
N LEU C 431 29.48 3.94 -25.58
CA LEU C 431 29.48 3.22 -24.33
C LEU C 431 28.06 2.75 -24.06
N PRO C 432 27.89 1.53 -23.52
CA PRO C 432 26.59 0.99 -23.14
C PRO C 432 26.02 1.72 -21.93
N ASP C 433 24.69 1.74 -21.84
CA ASP C 433 23.98 2.37 -20.72
C ASP C 433 24.30 1.73 -19.36
N ASP C 434 24.50 0.41 -19.35
CA ASP C 434 24.75 -0.34 -18.12
C ASP C 434 26.24 -0.49 -17.81
N PHE C 435 27.08 0.29 -18.48
CA PHE C 435 28.52 0.19 -18.29
C PHE C 435 28.92 0.38 -16.82
N THR C 436 29.84 -0.46 -16.38
CA THR C 436 30.35 -0.40 -15.05
C THR C 436 31.83 -0.43 -15.23
N GLY C 437 32.35 0.65 -15.70
CA GLY C 437 33.77 0.74 -15.91
C GLY C 437 34.27 2.14 -15.64
N CYS C 438 35.56 2.27 -15.51
CA CYS C 438 36.21 3.55 -15.19
C CYS C 438 37.12 3.95 -16.37
N VAL C 439 36.99 5.19 -16.80
CA VAL C 439 37.74 5.69 -17.95
C VAL C 439 38.76 6.72 -17.47
N ILE C 440 40.01 6.55 -17.91
CA ILE C 440 41.10 7.43 -17.49
C ILE C 440 41.62 8.26 -18.66
N ALA C 441 41.71 9.57 -18.45
CA ALA C 441 42.22 10.50 -19.46
C ALA C 441 43.43 11.28 -18.93
N TRP C 442 44.36 11.59 -19.82
CA TRP C 442 45.55 12.36 -19.46
C TRP C 442 46.28 12.81 -20.71
N ASN C 443 46.64 14.09 -20.74
CA ASN C 443 47.33 14.67 -21.88
C ASN C 443 48.72 14.07 -22.09
N SER C 444 49.09 13.89 -23.36
CA SER C 444 50.47 13.67 -23.76
C SER C 444 50.71 14.61 -24.93
N ASN C 445 50.87 15.89 -24.60
CA ASN C 445 51.15 16.92 -25.60
C ASN C 445 52.52 16.74 -26.25
N ASN C 446 53.53 16.42 -25.45
CA ASN C 446 54.91 16.31 -25.94
C ASN C 446 55.05 15.18 -26.95
N LEU C 447 54.40 14.06 -26.66
CA LEU C 447 54.42 12.91 -27.56
C LEU C 447 53.66 13.18 -28.87
N ASP C 448 52.62 14.01 -28.80
CA ASP C 448 51.79 14.33 -29.97
C ASP C 448 52.25 15.56 -30.73
N SER C 449 53.38 16.15 -30.32
CA SER C 449 53.93 17.28 -31.03
C SER C 449 55.13 16.83 -31.85
N LYS C 450 55.04 17.02 -33.17
CA LYS C 450 56.14 16.68 -34.08
C LYS C 450 56.41 17.87 -34.99
N VAL C 451 57.67 18.06 -35.35
CA VAL C 451 58.06 19.13 -36.27
C VAL C 451 57.36 18.97 -37.62
N GLY C 452 57.34 17.74 -38.12
CA GLY C 452 56.65 17.42 -39.34
C GLY C 452 55.15 17.50 -39.16
N GLY C 453 54.69 17.12 -37.97
CA GLY C 453 53.28 17.12 -37.60
C GLY C 453 52.79 15.69 -37.59
N ASN C 454 51.73 15.45 -36.82
CA ASN C 454 51.14 14.13 -36.74
C ASN C 454 49.73 14.15 -37.28
N TYR C 455 49.43 13.17 -38.14
CA TYR C 455 48.11 12.99 -38.74
C TYR C 455 47.78 11.53 -39.07
N ASN C 456 48.30 10.59 -38.26
CA ASN C 456 47.90 9.18 -38.39
C ASN C 456 46.71 8.85 -37.47
N TYR C 457 46.29 9.83 -36.67
CA TYR C 457 45.12 9.67 -35.81
C TYR C 457 43.87 10.15 -36.56
N LEU C 458 42.92 9.26 -36.82
CA LEU C 458 41.70 9.68 -37.52
C LEU C 458 40.36 9.39 -36.82
N TYR C 459 39.35 10.26 -37.03
CA TYR C 459 37.98 10.06 -36.53
C TYR C 459 36.94 10.19 -37.65
N ARG C 460 35.92 9.33 -37.66
CA ARG C 460 34.89 9.37 -38.70
C ARG C 460 33.99 10.62 -38.60
N LEU C 461 33.66 11.18 -39.77
CA LEU C 461 32.76 12.34 -39.86
C LEU C 461 31.32 11.91 -40.09
N PHE C 462 31.14 11.03 -41.09
CA PHE C 462 29.81 10.63 -41.55
C PHE C 462 29.66 9.10 -41.55
N ARG C 463 28.44 8.67 -41.26
CA ARG C 463 28.03 7.25 -41.29
C ARG C 463 26.50 7.21 -41.39
N LYS C 464 26.00 6.25 -42.16
CA LYS C 464 24.55 6.18 -42.47
C LYS C 464 23.72 5.96 -41.23
N SER C 465 24.19 5.08 -40.34
CA SER C 465 23.47 4.75 -39.11
C SER C 465 24.42 4.78 -37.93
N ASN C 466 23.86 4.92 -36.73
CA ASN C 466 24.63 5.03 -35.50
C ASN C 466 25.36 3.70 -35.19
N LEU C 467 26.59 3.84 -34.73
CA LEU C 467 27.43 2.70 -34.39
C LEU C 467 26.88 2.06 -33.10
N LYS C 468 26.87 0.74 -33.07
CA LYS C 468 26.44 0.00 -31.89
C LYS C 468 27.38 0.08 -30.72
N PRO C 469 26.86 -0.11 -29.48
CA PRO C 469 27.70 -0.05 -28.30
C PRO C 469 28.68 -1.21 -28.27
N PHE C 470 29.89 -0.96 -27.75
CA PHE C 470 30.98 -1.94 -27.71
C PHE C 470 31.24 -2.67 -29.04
N GLU C 471 31.23 -1.92 -30.14
CA GLU C 471 31.49 -2.45 -31.48
C GLU C 471 32.36 -1.44 -32.23
N ARG C 472 33.16 -1.93 -33.17
CA ARG C 472 34.04 -1.08 -33.97
C ARG C 472 33.75 -1.31 -35.46
N ASP C 473 33.67 -0.24 -36.23
CA ASP C 473 33.44 -0.36 -37.66
C ASP C 473 34.79 -0.41 -38.36
N ILE C 474 35.15 -1.59 -38.86
CA ILE C 474 36.42 -1.77 -39.57
C ILE C 474 36.29 -1.50 -41.06
N SER C 475 35.06 -1.34 -41.55
CA SER C 475 34.84 -1.13 -42.98
C SER C 475 35.43 0.20 -43.43
N THR C 476 36.11 0.18 -44.57
CA THR C 476 36.67 1.39 -45.14
C THR C 476 35.86 1.77 -46.37
N GLU C 477 35.14 2.88 -46.26
CA GLU C 477 34.33 3.38 -47.36
C GLU C 477 34.00 4.85 -47.15
N ILE C 478 33.60 5.52 -48.22
CA ILE C 478 33.26 6.92 -48.16
C ILE C 478 31.74 7.01 -47.96
N TYR C 479 31.31 7.76 -46.96
CA TYR C 479 29.90 7.88 -46.65
C TYR C 479 29.18 8.49 -47.85
N GLN C 480 28.02 7.97 -48.19
CA GLN C 480 27.23 8.43 -49.34
C GLN C 480 25.90 8.96 -48.82
N ALA C 481 25.44 10.10 -49.32
CA ALA C 481 24.15 10.66 -48.88
C ALA C 481 23.19 10.78 -50.06
N GLY C 482 22.06 10.08 -49.97
CA GLY C 482 20.99 10.16 -50.99
C GLY C 482 21.41 9.87 -52.42
N SER C 483 21.12 10.81 -53.33
CA SER C 483 21.36 10.66 -54.78
C SER C 483 22.80 10.99 -55.22
N THR C 484 23.07 10.87 -56.52
CA THR C 484 24.38 11.20 -57.12
C THR C 484 25.53 10.39 -56.50
N PRO C 485 25.36 9.06 -56.43
CA PRO C 485 26.29 8.17 -55.74
C PRO C 485 27.70 8.28 -56.29
N CYS C 486 28.65 8.24 -55.39
CA CYS C 486 30.00 8.61 -55.74
C CYS C 486 30.73 7.47 -56.42
N ASN C 487 30.62 6.24 -55.89
CA ASN C 487 31.41 5.10 -56.37
C ASN C 487 32.90 5.44 -56.35
N GLY C 488 33.33 6.09 -55.28
CA GLY C 488 34.71 6.55 -55.15
C GLY C 488 34.97 7.90 -55.79
N VAL C 489 33.94 8.58 -56.31
CA VAL C 489 34.17 9.92 -56.91
C VAL C 489 34.53 11.01 -55.88
N GLU C 490 33.93 10.97 -54.69
CA GLU C 490 34.28 11.82 -53.52
C GLU C 490 34.37 13.33 -53.85
N GLY C 491 33.32 13.85 -54.48
CA GLY C 491 33.26 15.26 -54.86
C GLY C 491 32.48 16.08 -53.83
N PHE C 492 31.27 16.47 -54.21
CA PHE C 492 30.39 17.29 -53.37
C PHE C 492 29.22 16.41 -52.95
N ASN C 493 28.95 16.43 -51.63
CA ASN C 493 27.89 15.67 -50.92
C ASN C 493 28.20 14.16 -50.72
N CYS C 494 29.40 13.75 -51.11
CA CYS C 494 29.88 12.43 -50.91
C CYS C 494 31.21 12.59 -50.17
N TYR C 495 31.37 11.90 -49.03
CA TYR C 495 32.60 12.07 -48.25
C TYR C 495 33.34 10.80 -47.88
N PHE C 496 34.67 10.83 -48.09
CA PHE C 496 35.56 9.77 -47.67
C PHE C 496 35.42 9.47 -46.19
N PRO C 497 35.54 8.18 -45.81
CA PRO C 497 35.39 7.78 -44.40
C PRO C 497 36.38 8.41 -43.41
N LEU C 498 37.65 8.50 -43.78
CA LEU C 498 38.67 9.02 -42.88
C LEU C 498 38.68 10.55 -42.75
N GLN C 499 39.09 10.98 -41.56
CA GLN C 499 39.29 12.38 -41.23
C GLN C 499 40.42 12.43 -40.23
N SER C 500 41.41 13.27 -40.48
CA SER C 500 42.58 13.33 -39.59
C SER C 500 42.38 14.31 -38.43
N TYR C 501 43.46 14.54 -37.69
CA TYR C 501 43.46 15.44 -36.53
C TYR C 501 44.29 16.69 -36.80
N GLY C 502 44.38 17.56 -35.80
CA GLY C 502 45.19 18.77 -35.91
C GLY C 502 46.17 18.95 -34.78
N PHE C 503 46.57 17.87 -34.11
CA PHE C 503 47.43 18.03 -32.94
C PHE C 503 48.75 18.70 -33.36
N GLN C 504 49.00 19.86 -32.79
CA GLN C 504 50.24 20.59 -33.03
C GLN C 504 50.71 21.21 -31.70
N PRO C 505 52.04 21.37 -31.54
CA PRO C 505 52.60 21.97 -30.32
C PRO C 505 52.08 23.39 -30.13
N THR C 506 52.03 24.13 -31.23
CA THR C 506 51.55 25.51 -31.25
C THR C 506 50.07 25.59 -30.84
N ASN C 507 49.30 24.59 -31.27
CA ASN C 507 47.87 24.52 -30.99
C ASN C 507 47.59 24.53 -29.49
N GLY C 508 46.50 25.21 -29.14
CA GLY C 508 46.10 25.42 -27.75
C GLY C 508 45.76 24.17 -26.96
N VAL C 509 45.99 24.25 -25.66
CA VAL C 509 45.73 23.20 -24.69
C VAL C 509 44.32 22.68 -24.70
N GLY C 510 43.37 23.61 -24.81
CA GLY C 510 41.95 23.30 -24.82
C GLY C 510 41.58 22.24 -25.85
N TYR C 511 42.09 22.38 -27.06
CA TYR C 511 41.84 21.38 -28.07
C TYR C 511 43.01 20.43 -28.25
N GLN C 512 44.00 20.52 -27.35
CA GLN C 512 45.16 19.64 -27.43
C GLN C 512 44.78 18.17 -27.18
N PRO C 513 45.54 17.22 -27.76
CA PRO C 513 45.23 15.81 -27.57
C PRO C 513 45.13 15.37 -26.12
N TYR C 514 44.14 14.53 -25.82
CA TYR C 514 44.09 13.78 -24.57
C TYR C 514 44.21 12.29 -24.89
N ARG C 515 44.96 11.57 -24.07
CA ARG C 515 45.06 10.12 -24.15
C ARG C 515 44.02 9.51 -23.21
N VAL C 516 43.11 8.73 -23.77
CA VAL C 516 41.95 8.22 -23.04
C VAL C 516 41.99 6.70 -23.06
N VAL C 517 41.88 6.11 -21.88
CA VAL C 517 41.76 4.67 -21.72
C VAL C 517 40.48 4.38 -20.94
N VAL C 518 39.71 3.42 -21.44
CA VAL C 518 38.46 3.02 -20.83
C VAL C 518 38.62 1.66 -20.20
N LEU C 519 38.33 1.56 -18.90
CA LEU C 519 38.40 0.29 -18.22
C LEU C 519 36.99 -0.21 -17.96
N SER C 520 36.68 -1.39 -18.52
CA SER C 520 35.35 -1.98 -18.36
C SER C 520 35.43 -3.41 -17.82
N PHE C 521 34.61 -3.69 -16.81
CA PHE C 521 34.58 -5.03 -16.20
C PHE C 521 33.16 -5.46 -15.81
N GLU C 522 32.94 -6.76 -15.83
CA GLU C 522 31.68 -7.39 -15.45
C GLU C 522 31.95 -8.33 -14.29
N LEU C 523 31.14 -8.28 -13.26
CA LEU C 523 31.41 -9.14 -12.06
C LEU C 523 30.29 -10.09 -11.68
N LEU C 524 30.68 -11.15 -10.96
CA LEU C 524 29.78 -12.23 -10.46
C LEU C 524 29.06 -12.98 -11.60
N HIS C 525 29.88 -13.63 -12.42
CA HIS C 525 29.39 -14.51 -13.49
C HIS C 525 30.06 -15.88 -13.45
N ALA C 526 31.38 -15.85 -13.25
CA ALA C 526 32.25 -17.04 -13.19
C ALA C 526 33.28 -16.88 -12.07
N PRO C 527 34.05 -17.94 -11.76
CA PRO C 527 35.10 -17.67 -10.79
C PRO C 527 35.99 -16.56 -11.36
N ALA C 528 36.38 -15.60 -10.53
CA ALA C 528 37.15 -14.45 -11.00
C ALA C 528 38.62 -14.48 -10.61
N THR C 529 39.48 -14.41 -11.60
CA THR C 529 40.94 -14.35 -11.38
C THR C 529 41.47 -12.92 -11.42
N VAL C 530 40.61 -11.94 -11.72
CA VAL C 530 41.05 -10.56 -11.80
C VAL C 530 41.12 -9.98 -10.40
N CYS C 531 41.20 -10.85 -9.39
CA CYS C 531 41.17 -10.39 -8.01
C CYS C 531 42.33 -9.49 -7.56
N GLY C 532 42.07 -8.68 -6.53
CA GLY C 532 43.04 -7.74 -6.09
C GLY C 532 44.09 -8.32 -5.17
N PRO C 533 44.84 -7.44 -4.52
CA PRO C 533 46.02 -7.36 -3.66
C PRO C 533 46.01 -8.20 -2.38
N LYS C 534 44.85 -8.60 -1.90
CA LYS C 534 44.78 -9.20 -0.58
C LYS C 534 45.46 -10.56 -0.48
N LYS C 535 45.84 -10.90 0.76
CA LYS C 535 46.40 -12.23 1.06
C LYS C 535 45.25 -13.24 1.27
N SER C 536 45.33 -14.13 2.28
CA SER C 536 44.28 -15.14 2.57
C SER C 536 44.38 -15.74 4.00
N THR C 537 43.52 -16.70 4.39
CA THR C 537 43.65 -17.25 5.74
C THR C 537 43.18 -18.70 5.81
N ASN C 538 43.60 -19.41 6.83
CA ASN C 538 43.21 -20.81 6.97
C ASN C 538 41.71 -20.90 7.24
N LEU C 539 41.06 -21.89 6.63
CA LEU C 539 39.62 -22.12 6.78
C LEU C 539 39.26 -22.47 8.22
N VAL C 540 38.12 -21.98 8.68
CA VAL C 540 37.64 -22.25 10.03
C VAL C 540 36.28 -22.95 9.92
N LYS C 541 36.10 -24.03 10.68
CA LYS C 541 34.88 -24.83 10.58
C LYS C 541 34.13 -25.02 11.88
N ASN C 542 32.79 -25.13 11.75
CA ASN C 542 31.83 -25.35 12.86
C ASN C 542 31.64 -24.18 13.83
N LYS C 543 32.12 -22.99 13.46
CA LYS C 543 32.03 -21.83 14.33
C LYS C 543 31.50 -20.66 13.54
N CYS C 544 30.48 -19.99 14.07
CA CYS C 544 29.95 -18.76 13.47
C CYS C 544 31.13 -17.80 13.25
N VAL C 545 31.39 -17.44 12.00
CA VAL C 545 32.44 -16.47 11.64
C VAL C 545 32.18 -15.83 10.27
N ASN C 546 32.61 -14.58 10.10
CA ASN C 546 32.51 -13.88 8.80
C ASN C 546 33.44 -14.52 7.78
N PHE C 547 32.99 -14.61 6.53
CA PHE C 547 33.83 -15.22 5.49
C PHE C 547 33.68 -14.56 4.12
N ASN C 548 34.76 -14.58 3.36
CA ASN C 548 34.74 -14.11 1.99
C ASN C 548 35.44 -15.13 1.10
N PHE C 549 34.80 -15.51 0.01
CA PHE C 549 35.38 -16.45 -0.93
C PHE C 549 35.43 -15.86 -2.31
N ASN C 550 36.62 -15.57 -2.83
CA ASN C 550 36.80 -15.02 -4.19
C ASN C 550 35.86 -13.84 -4.50
N GLY C 551 35.77 -12.89 -3.59
CA GLY C 551 34.91 -11.72 -3.75
C GLY C 551 33.44 -11.94 -3.45
N LEU C 552 33.10 -13.08 -2.86
CA LEU C 552 31.74 -13.39 -2.44
C LEU C 552 31.71 -13.33 -0.93
N THR C 553 30.81 -12.54 -0.37
CA THR C 553 30.75 -12.39 1.08
C THR C 553 29.43 -12.85 1.68
N GLY C 554 29.53 -13.74 2.67
CA GLY C 554 28.33 -14.23 3.37
C GLY C 554 28.46 -14.31 4.88
N THR C 555 27.41 -13.95 5.60
CA THR C 555 27.41 -14.03 7.05
C THR C 555 26.81 -15.34 7.56
N GLY C 556 27.57 -16.43 7.55
CA GLY C 556 27.10 -17.64 8.23
C GLY C 556 28.17 -18.63 8.62
N VAL C 557 27.71 -19.65 9.32
CA VAL C 557 28.58 -20.71 9.78
C VAL C 557 29.12 -21.42 8.57
N LEU C 558 30.37 -21.84 8.65
CA LEU C 558 30.96 -22.63 7.57
C LEU C 558 31.26 -24.02 8.11
N THR C 559 30.77 -25.03 7.41
CA THR C 559 30.93 -26.42 7.81
C THR C 559 31.17 -27.25 6.58
N GLU C 560 31.77 -28.41 6.74
CA GLU C 560 32.02 -29.33 5.64
C GLU C 560 30.66 -29.70 5.03
N SER C 561 30.53 -29.60 3.72
CA SER C 561 29.23 -29.86 3.07
C SER C 561 29.14 -31.25 2.43
N ASN C 562 28.07 -31.96 2.81
CA ASN C 562 27.74 -33.28 2.27
C ASN C 562 27.49 -33.23 0.77
N LYS C 563 26.88 -32.14 0.32
CA LYS C 563 26.50 -31.96 -1.07
C LYS C 563 27.72 -32.10 -1.96
N LYS C 564 27.57 -32.84 -3.04
CA LYS C 564 28.66 -33.15 -3.94
C LYS C 564 28.52 -32.28 -5.18
N PHE C 565 29.58 -31.58 -5.51
CA PHE C 565 29.58 -30.65 -6.63
C PHE C 565 30.31 -31.21 -7.83
N LEU C 566 29.70 -31.02 -8.99
CA LEU C 566 30.28 -31.42 -10.26
C LEU C 566 31.36 -30.41 -10.62
N PRO C 567 32.35 -30.80 -11.43
CA PRO C 567 33.50 -29.95 -11.73
C PRO C 567 33.20 -28.51 -12.17
N PHE C 568 32.23 -28.32 -13.06
CA PHE C 568 31.94 -26.98 -13.55
C PHE C 568 31.39 -26.00 -12.51
N GLN C 569 30.54 -26.48 -11.62
CA GLN C 569 29.84 -25.62 -10.64
C GLN C 569 30.75 -25.00 -9.57
N GLN C 570 30.49 -23.74 -9.24
CA GLN C 570 31.22 -23.02 -8.20
C GLN C 570 30.38 -22.45 -7.07
N PHE C 571 29.06 -22.54 -7.16
CA PHE C 571 28.16 -21.99 -6.14
C PHE C 571 26.99 -22.92 -5.97
N GLY C 572 26.34 -22.83 -4.82
CA GLY C 572 25.10 -23.57 -4.56
C GLY C 572 24.05 -22.58 -4.09
N ARG C 573 22.78 -22.87 -4.40
CA ARG C 573 21.69 -22.04 -3.90
C ARG C 573 20.46 -22.82 -3.45
N ASP C 574 19.69 -22.18 -2.57
CA ASP C 574 18.48 -22.76 -1.99
C ASP C 574 17.25 -22.30 -2.80
N ILE C 575 16.06 -22.56 -2.27
CA ILE C 575 14.80 -22.21 -2.91
C ILE C 575 14.60 -20.70 -3.05
N ALA C 576 15.15 -19.95 -2.11
CA ALA C 576 15.02 -18.49 -2.09
C ALA C 576 16.16 -17.77 -2.84
N ASP C 577 16.94 -18.52 -3.61
CA ASP C 577 18.05 -17.99 -4.40
C ASP C 577 19.05 -17.19 -3.55
N THR C 578 19.41 -17.75 -2.40
CA THR C 578 20.38 -17.16 -1.49
C THR C 578 21.56 -18.12 -1.44
N THR C 579 22.75 -17.62 -1.16
CA THR C 579 23.93 -18.49 -1.13
C THR C 579 23.74 -19.60 -0.10
N ASP C 580 23.97 -20.83 -0.54
CA ASP C 580 23.85 -21.99 0.33
C ASP C 580 25.16 -22.74 0.48
N ALA C 581 25.99 -22.74 -0.56
CA ALA C 581 27.30 -23.38 -0.47
C ALA C 581 28.34 -22.71 -1.35
N VAL C 582 29.61 -22.89 -0.99
CA VAL C 582 30.71 -22.26 -1.73
C VAL C 582 31.91 -23.17 -1.69
N ARG C 583 32.81 -23.01 -2.67
CA ARG C 583 34.03 -23.77 -2.71
C ARG C 583 35.21 -22.85 -2.56
N ASP C 584 36.05 -23.11 -1.55
CA ASP C 584 37.22 -22.29 -1.38
C ASP C 584 38.08 -22.63 -2.58
N PRO C 585 38.51 -21.59 -3.32
CA PRO C 585 39.30 -21.88 -4.49
C PRO C 585 40.63 -22.60 -4.19
N GLN C 586 41.37 -22.17 -3.18
CA GLN C 586 42.66 -22.80 -2.92
C GLN C 586 42.48 -24.22 -2.43
N THR C 587 41.53 -24.41 -1.51
CA THR C 587 41.34 -25.71 -0.86
C THR C 587 40.71 -26.81 -1.72
N LEU C 588 39.73 -26.44 -2.54
CA LEU C 588 38.98 -27.38 -3.39
C LEU C 588 37.79 -28.01 -2.67
N GLU C 589 37.60 -27.64 -1.41
CA GLU C 589 36.49 -28.19 -0.61
C GLU C 589 35.14 -27.47 -0.83
N ILE C 590 34.07 -28.13 -0.41
CA ILE C 590 32.71 -27.61 -0.51
C ILE C 590 32.12 -27.44 0.88
N LEU C 591 31.53 -26.29 1.16
CA LEU C 591 31.04 -25.98 2.51
C LEU C 591 29.68 -25.31 2.53
N ASP C 592 28.93 -25.48 3.64
CA ASP C 592 27.61 -24.90 3.73
C ASP C 592 27.60 -23.74 4.68
N ILE C 593 27.04 -22.58 4.26
CA ILE C 593 26.95 -21.40 5.14
C ILE C 593 25.51 -21.11 5.54
N THR C 594 25.26 -21.04 6.84
CA THR C 594 23.96 -20.65 7.38
C THR C 594 24.24 -19.80 8.61
N PRO C 595 23.34 -18.85 8.93
CA PRO C 595 23.56 -18.13 10.19
C PRO C 595 23.47 -19.13 11.33
N CYS C 596 24.37 -19.01 12.33
CA CYS C 596 24.36 -19.90 13.48
C CYS C 596 23.03 -19.82 14.24
N SER C 597 22.57 -18.61 14.54
CA SER C 597 21.27 -18.48 15.20
C SER C 597 20.71 -17.08 15.03
N PHE C 598 19.41 -16.99 15.23
CA PHE C 598 18.68 -15.71 15.10
C PHE C 598 17.78 -15.66 16.33
N GLY C 599 17.38 -14.44 16.71
CA GLY C 599 16.67 -14.25 17.95
C GLY C 599 15.59 -13.23 18.10
N GLY C 600 14.37 -13.71 18.32
CA GLY C 600 13.31 -12.90 18.90
C GLY C 600 13.54 -13.01 20.39
N VAL C 601 13.82 -11.89 21.04
CA VAL C 601 14.00 -11.88 22.47
C VAL C 601 12.69 -11.44 23.09
N SER C 602 12.16 -12.29 23.97
CA SER C 602 10.90 -11.98 24.60
C SER C 602 11.11 -11.91 26.10
N VAL C 603 10.64 -10.84 26.71
CA VAL C 603 10.80 -10.67 28.14
C VAL C 603 9.50 -11.01 28.82
N ILE C 604 9.56 -11.92 29.78
CA ILE C 604 8.42 -12.27 30.58
C ILE C 604 8.53 -11.62 31.94
N THR C 605 7.51 -10.85 32.29
CA THR C 605 7.45 -10.22 33.59
C THR C 605 6.05 -10.24 34.20
N PRO C 606 5.96 -10.53 35.51
CA PRO C 606 4.66 -10.49 36.18
C PRO C 606 4.05 -9.09 36.18
N GLY C 607 4.87 -8.08 36.44
CA GLY C 607 4.40 -6.70 36.48
C GLY C 607 5.37 -5.82 37.24
N THR C 608 5.31 -4.52 37.00
CA THR C 608 6.13 -3.56 37.72
C THR C 608 5.60 -3.33 39.13
N ASN C 609 4.27 -3.28 39.24
CA ASN C 609 3.58 -3.19 40.53
C ASN C 609 3.95 -4.39 41.38
N THR C 610 3.83 -5.57 40.78
CA THR C 610 4.07 -6.85 41.47
C THR C 610 5.55 -7.18 41.78
N SER C 611 6.44 -7.03 40.78
CA SER C 611 7.85 -7.45 40.92
C SER C 611 8.80 -6.73 39.96
N ASN C 612 10.08 -6.77 40.29
CA ASN C 612 11.12 -6.17 39.45
C ASN C 612 12.01 -7.21 38.77
N GLN C 613 11.60 -8.47 38.83
CA GLN C 613 12.38 -9.58 38.31
C GLN C 613 11.66 -10.17 37.10
N VAL C 614 12.42 -10.45 36.05
CA VAL C 614 11.86 -10.91 34.78
C VAL C 614 12.65 -12.06 34.17
N ALA C 615 11.97 -12.86 33.36
CA ALA C 615 12.59 -13.98 32.67
C ALA C 615 12.72 -13.68 31.18
N VAL C 616 13.91 -13.85 30.62
CA VAL C 616 14.14 -13.58 29.19
C VAL C 616 14.20 -14.86 28.40
N LEU C 617 13.47 -14.94 27.30
CA LEU C 617 13.49 -16.11 26.42
C LEU C 617 13.90 -15.79 24.98
N TYR C 618 14.75 -16.63 24.40
CA TYR C 618 15.11 -16.49 23.00
C TYR C 618 14.53 -17.66 22.24
N GLN C 619 13.69 -17.35 21.26
CA GLN C 619 12.97 -18.39 20.51
C GLN C 619 13.89 -19.26 19.66
N GLY C 620 14.79 -18.64 18.91
CA GLY C 620 15.70 -19.40 18.04
C GLY C 620 16.82 -20.11 18.77
N VAL C 621 17.05 -19.72 20.02
CA VAL C 621 18.21 -20.21 20.77
C VAL C 621 18.19 -21.72 21.01
N ASN C 622 19.37 -22.34 20.96
CA ASN C 622 19.51 -23.77 21.22
C ASN C 622 20.16 -24.02 22.58
N CYS C 623 20.26 -22.95 23.37
CA CYS C 623 20.80 -22.93 24.76
C CYS C 623 22.33 -23.05 24.89
N THR C 624 22.99 -23.03 23.76
CA THR C 624 24.44 -23.05 23.69
C THR C 624 24.90 -21.80 22.99
N GLU C 625 24.08 -21.31 22.06
CA GLU C 625 24.40 -20.10 21.31
C GLU C 625 24.45 -18.89 22.23
N VAL C 626 23.55 -18.83 23.20
CA VAL C 626 23.54 -17.71 24.12
C VAL C 626 24.86 -17.68 24.90
N PRO C 627 25.44 -16.48 25.04
CA PRO C 627 26.64 -16.30 25.85
C PRO C 627 26.31 -15.79 27.25
N ASN C 647 18.35 -21.75 36.14
CA ASN C 647 18.53 -20.60 35.26
C ASN C 647 18.33 -21.00 33.81
N VAL C 648 19.36 -21.54 33.17
CA VAL C 648 19.20 -22.00 31.81
C VAL C 648 18.21 -23.15 31.77
N PHE C 649 17.36 -23.14 30.77
CA PHE C 649 16.32 -24.14 30.62
C PHE C 649 16.17 -24.44 29.14
N GLN C 650 15.69 -25.62 28.81
CA GLN C 650 15.43 -25.91 27.42
C GLN C 650 13.96 -26.20 27.20
N THR C 651 13.35 -25.44 26.31
CA THR C 651 11.93 -25.63 25.99
C THR C 651 11.82 -25.73 24.50
N ARG C 652 10.78 -26.39 24.03
CA ARG C 652 10.59 -26.57 22.60
C ARG C 652 10.45 -25.21 21.91
N ALA C 653 9.71 -24.30 22.52
CA ALA C 653 9.52 -22.96 21.96
C ALA C 653 10.81 -22.17 21.90
N GLY C 654 11.55 -22.14 23.01
CA GLY C 654 12.80 -21.38 23.06
C GLY C 654 13.66 -21.63 24.27
N CYS C 655 14.93 -21.26 24.19
CA CYS C 655 15.80 -21.34 25.35
C CYS C 655 15.30 -20.33 26.34
N LEU C 656 15.20 -20.75 27.59
CA LEU C 656 14.61 -19.91 28.62
C LEU C 656 15.54 -19.67 29.80
N ILE C 657 15.61 -18.43 30.26
CA ILE C 657 16.47 -18.06 31.37
C ILE C 657 15.66 -17.33 32.41
N GLY C 658 16.13 -17.35 33.65
CA GLY C 658 15.49 -16.66 34.75
C GLY C 658 14.24 -17.32 35.30
N ALA C 659 13.95 -18.53 34.86
CA ALA C 659 12.76 -19.24 35.33
C ALA C 659 13.11 -20.67 35.68
N GLU C 660 12.74 -21.09 36.87
CA GLU C 660 12.97 -22.46 37.31
C GLU C 660 11.65 -23.17 37.12
N HIS C 661 11.67 -24.17 36.25
CA HIS C 661 10.43 -24.86 35.91
C HIS C 661 9.99 -25.88 36.99
N VAL C 662 8.68 -26.12 37.07
CA VAL C 662 8.09 -27.05 38.02
C VAL C 662 7.39 -28.18 37.28
N ASN C 663 7.47 -29.38 37.83
CA ASN C 663 6.93 -30.57 37.15
C ASN C 663 5.41 -30.57 36.95
N ASN C 664 4.68 -30.16 37.97
CA ASN C 664 3.21 -30.18 37.91
C ASN C 664 2.65 -29.10 36.99
N SER C 665 1.42 -29.34 36.52
CA SER C 665 0.77 -28.45 35.58
C SER C 665 -0.23 -27.51 36.25
N TYR C 666 -0.24 -26.27 35.83
CA TYR C 666 -1.06 -25.19 36.39
C TYR C 666 -1.68 -24.46 35.21
N GLU C 667 -2.78 -23.74 35.45
CA GLU C 667 -3.42 -22.92 34.43
C GLU C 667 -2.48 -21.88 33.87
N CYS C 668 -2.57 -21.62 32.57
CA CYS C 668 -1.59 -20.74 31.92
C CYS C 668 -1.86 -19.27 32.11
N ASP C 669 -1.12 -18.69 33.05
CA ASP C 669 -1.19 -17.25 33.33
C ASP C 669 -0.62 -16.45 32.17
N ILE C 670 0.52 -16.93 31.64
CA ILE C 670 1.23 -16.30 30.52
C ILE C 670 1.48 -17.38 29.49
N PRO C 671 1.36 -17.06 28.19
CA PRO C 671 1.58 -18.14 27.23
C PRO C 671 2.90 -18.03 26.51
N ILE C 672 3.79 -18.99 26.70
CA ILE C 672 5.14 -18.92 26.14
C ILE C 672 5.21 -19.59 24.79
N GLY C 673 4.19 -20.36 24.45
CA GLY C 673 4.22 -21.13 23.21
C GLY C 673 4.68 -22.53 23.50
N ALA C 674 4.44 -23.43 22.54
CA ALA C 674 4.81 -24.86 22.62
C ALA C 674 4.43 -25.50 23.96
N GLY C 675 3.18 -25.28 24.35
CA GLY C 675 2.62 -25.81 25.58
C GLY C 675 3.40 -25.49 26.85
N ILE C 676 3.89 -24.26 26.95
CA ILE C 676 4.57 -23.82 28.15
C ILE C 676 3.99 -22.51 28.66
N CYS C 677 3.77 -22.46 29.97
CA CYS C 677 3.22 -21.26 30.60
C CYS C 677 4.07 -20.89 31.80
N ALA C 678 4.36 -19.59 31.94
CA ALA C 678 5.19 -19.09 33.03
C ALA C 678 4.36 -18.23 33.99
N SER C 679 4.38 -18.53 35.29
CA SER C 679 3.64 -17.74 36.26
C SER C 679 4.50 -17.46 37.48
N TYR C 680 4.11 -16.44 38.24
CA TYR C 680 4.82 -16.07 39.43
C TYR C 680 4.18 -16.76 40.61
N GLN C 681 4.93 -17.62 41.28
CA GLN C 681 4.40 -18.43 42.38
C GLN C 681 5.31 -18.34 43.59
N THR C 682 4.71 -18.25 44.78
CA THR C 682 5.46 -18.16 46.03
C THR C 682 4.86 -19.10 47.07
N SER C 692 11.92 -17.86 47.64
CA SER C 692 10.49 -17.75 47.94
C SER C 692 9.68 -17.23 46.75
N GLN C 693 10.21 -16.23 46.06
CA GLN C 693 9.50 -15.64 44.93
C GLN C 693 10.35 -15.69 43.67
N SER C 694 9.86 -16.38 42.64
CA SER C 694 10.56 -16.49 41.35
C SER C 694 9.60 -16.92 40.25
N ILE C 695 9.97 -16.67 39.01
CA ILE C 695 9.13 -17.02 37.86
C ILE C 695 9.29 -18.51 37.63
N ILE C 696 8.20 -19.18 37.28
CA ILE C 696 8.22 -20.63 37.07
C ILE C 696 7.64 -20.99 35.70
N ALA C 697 8.26 -21.96 35.04
CA ALA C 697 7.80 -22.43 33.73
C ALA C 697 7.39 -23.88 33.80
N TYR C 698 6.21 -24.19 33.27
CA TYR C 698 5.65 -25.54 33.40
C TYR C 698 4.75 -25.81 32.22
N THR C 699 4.59 -27.09 31.89
CA THR C 699 3.67 -27.49 30.83
C THR C 699 2.27 -27.18 31.31
N MET C 700 1.47 -26.50 30.49
CA MET C 700 0.08 -26.24 30.82
C MET C 700 -0.74 -27.47 31.02
N SER C 701 -1.70 -27.38 31.93
CA SER C 701 -2.70 -28.43 32.08
C SER C 701 -3.97 -27.78 31.64
N LEU C 702 -4.59 -28.32 30.62
CA LEU C 702 -5.82 -27.84 30.06
C LEU C 702 -6.95 -27.86 31.08
N GLY C 703 -7.12 -28.97 31.76
CA GLY C 703 -8.01 -29.04 32.91
C GLY C 703 -7.70 -30.18 33.85
N ALA C 704 -8.27 -30.10 35.04
CA ALA C 704 -8.19 -31.21 36.00
C ALA C 704 -8.96 -32.39 35.42
N GLU C 705 -8.38 -33.57 35.50
CA GLU C 705 -8.98 -34.74 34.85
C GLU C 705 -9.83 -35.55 35.82
N ASN C 706 -11.12 -35.62 35.51
CA ASN C 706 -12.07 -36.44 36.25
C ASN C 706 -12.83 -37.23 35.21
N SER C 707 -13.06 -38.51 35.50
CA SER C 707 -13.77 -39.37 34.57
C SER C 707 -15.14 -39.74 35.14
N VAL C 708 -16.18 -39.45 34.36
CA VAL C 708 -17.53 -39.76 34.76
C VAL C 708 -17.72 -41.28 34.75
N ALA C 709 -18.49 -41.77 35.72
CA ALA C 709 -18.80 -43.19 35.80
C ALA C 709 -20.05 -43.41 34.99
N TYR C 710 -19.91 -44.19 33.92
CA TYR C 710 -20.98 -44.35 32.95
C TYR C 710 -21.37 -45.81 32.79
N SER C 711 -22.67 -46.06 32.80
CA SER C 711 -23.20 -47.40 32.69
C SER C 711 -24.50 -47.36 31.92
N ASN C 712 -24.91 -48.49 31.38
CA ASN C 712 -26.16 -48.56 30.60
C ASN C 712 -27.43 -48.20 31.39
N ASN C 713 -27.52 -48.62 32.65
CA ASN C 713 -28.72 -48.38 33.48
C ASN C 713 -28.64 -47.19 34.44
N SER C 714 -27.59 -46.38 34.36
CA SER C 714 -27.46 -45.23 35.28
C SER C 714 -27.61 -43.85 34.63
N ILE C 715 -28.44 -43.01 35.25
CA ILE C 715 -28.67 -41.64 34.79
C ILE C 715 -28.64 -40.71 35.97
N ALA C 716 -28.06 -39.52 35.80
CA ALA C 716 -28.06 -38.53 36.87
C ALA C 716 -29.00 -37.39 36.57
N ILE C 717 -29.91 -37.12 37.51
CA ILE C 717 -30.87 -36.05 37.37
C ILE C 717 -30.64 -35.05 38.49
N PRO C 718 -30.48 -33.76 38.14
CA PRO C 718 -30.20 -32.70 39.11
C PRO C 718 -31.36 -32.41 40.05
N THR C 719 -31.08 -32.21 41.33
CA THR C 719 -32.10 -31.89 42.31
C THR C 719 -32.11 -30.41 42.72
N ASN C 720 -31.16 -29.63 42.25
CA ASN C 720 -31.13 -28.20 42.56
C ASN C 720 -30.60 -27.45 41.36
N PHE C 721 -30.93 -26.16 41.28
CA PHE C 721 -30.50 -25.33 40.16
C PHE C 721 -29.91 -24.01 40.68
N THR C 722 -28.97 -23.46 39.92
CA THR C 722 -28.39 -22.17 40.25
C THR C 722 -28.53 -21.22 39.07
N ILE C 723 -28.93 -19.99 39.36
CA ILE C 723 -29.07 -18.98 38.32
C ILE C 723 -27.83 -18.12 38.38
N SER C 724 -27.18 -17.94 37.24
CA SER C 724 -25.97 -17.14 37.18
C SER C 724 -26.08 -16.07 36.10
N VAL C 725 -25.38 -14.97 36.34
CA VAL C 725 -25.32 -13.89 35.38
C VAL C 725 -23.89 -13.75 34.91
N THR C 726 -23.71 -13.71 33.60
CA THR C 726 -22.39 -13.58 33.00
C THR C 726 -22.41 -12.37 32.09
N THR C 727 -21.25 -11.76 31.92
CA THR C 727 -21.14 -10.55 31.12
C THR C 727 -20.39 -10.81 29.83
N GLU C 728 -20.99 -10.40 28.71
CA GLU C 728 -20.37 -10.54 27.40
C GLU C 728 -20.22 -9.17 26.81
N ILE C 729 -19.06 -8.93 26.21
CA ILE C 729 -18.68 -7.59 25.83
C ILE C 729 -18.37 -7.52 24.34
N LEU C 730 -19.10 -6.71 23.57
CA LEU C 730 -18.84 -6.54 22.13
C LEU C 730 -18.74 -5.06 21.83
N PRO C 731 -17.79 -4.67 20.99
CA PRO C 731 -17.71 -3.25 20.69
C PRO C 731 -18.48 -2.95 19.43
N VAL C 732 -19.53 -2.13 19.52
CA VAL C 732 -20.47 -1.92 18.42
C VAL C 732 -19.88 -1.03 17.31
N SER C 733 -19.19 0.05 17.68
CA SER C 733 -18.66 0.96 16.69
C SER C 733 -17.43 1.68 17.17
N MET C 734 -16.65 2.19 16.24
CA MET C 734 -15.43 2.90 16.58
C MET C 734 -15.57 4.37 16.24
N THR C 735 -14.76 5.19 16.89
CA THR C 735 -14.85 6.65 16.74
C THR C 735 -14.75 7.04 15.28
N LYS C 736 -15.72 7.82 14.81
CA LYS C 736 -15.74 8.25 13.42
C LYS C 736 -14.51 9.10 13.31
N THR C 737 -13.56 8.70 12.51
CA THR C 737 -12.41 9.58 12.37
C THR C 737 -12.44 10.22 11.03
N SER C 738 -12.65 11.51 10.97
CA SER C 738 -12.49 12.13 9.67
C SER C 738 -11.28 13.02 9.65
N VAL C 739 -10.37 12.74 8.72
CA VAL C 739 -9.14 13.50 8.58
C VAL C 739 -9.04 13.95 7.12
N ASP C 740 -8.89 15.23 6.96
CA ASP C 740 -8.72 15.81 5.65
C ASP C 740 -7.33 15.53 5.15
N CYS C 741 -7.19 14.96 3.97
CA CYS C 741 -5.88 14.61 3.53
C CYS C 741 -5.11 15.81 2.99
N THR C 742 -5.73 16.83 2.40
CA THR C 742 -4.96 17.97 1.92
C THR C 742 -4.28 18.70 3.07
N MET C 743 -5.00 18.97 4.16
CA MET C 743 -4.39 19.69 5.28
C MET C 743 -3.26 18.90 5.94
N TYR C 744 -3.46 17.61 6.15
CA TYR C 744 -2.42 16.80 6.77
C TYR C 744 -1.16 16.77 5.90
N ILE C 745 -1.33 16.55 4.59
CA ILE C 745 -0.20 16.41 3.68
C ILE C 745 0.52 17.72 3.50
N CYS C 746 -0.22 18.79 3.35
CA CYS C 746 0.28 20.11 3.06
C CYS C 746 -0.27 21.09 4.07
N GLY C 747 0.56 21.67 4.94
CA GLY C 747 0.09 22.64 5.92
C GLY C 747 0.23 24.05 5.41
N ASP C 748 -0.87 24.63 4.92
CA ASP C 748 -0.92 26.03 4.45
C ASP C 748 0.19 26.40 3.47
N SER C 749 0.47 25.52 2.51
CA SER C 749 1.52 25.81 1.51
C SER C 749 1.01 25.74 0.09
N THR C 750 1.32 26.79 -0.68
CA THR C 750 0.95 26.88 -2.07
C THR C 750 1.67 25.80 -2.87
N GLU C 751 2.93 25.58 -2.52
CA GLU C 751 3.77 24.60 -3.22
C GLU C 751 3.19 23.20 -3.06
N CYS C 752 2.77 22.90 -1.83
CA CYS C 752 2.31 21.56 -1.51
C CYS C 752 1.00 21.18 -2.22
N SER C 753 0.08 22.12 -2.38
CA SER C 753 -1.22 21.86 -2.99
C SER C 753 -1.15 21.47 -4.46
N ASN C 754 -0.33 22.15 -5.25
CA ASN C 754 -0.27 21.83 -6.68
C ASN C 754 0.29 20.44 -6.92
N LEU C 755 1.34 20.10 -6.20
CA LEU C 755 1.94 18.78 -6.35
C LEU C 755 0.98 17.66 -5.90
N LEU C 756 0.24 17.92 -4.82
CA LEU C 756 -0.73 16.97 -4.34
C LEU C 756 -1.86 16.73 -5.36
N LEU C 757 -2.25 17.77 -6.07
CA LEU C 757 -3.27 17.71 -7.11
C LEU C 757 -2.84 16.75 -8.24
N GLN C 758 -1.53 16.71 -8.50
CA GLN C 758 -0.97 15.86 -9.53
C GLN C 758 -1.22 14.37 -9.32
N TYR C 759 -1.22 13.90 -8.06
CA TYR C 759 -1.41 12.48 -7.80
C TYR C 759 -2.80 12.01 -8.23
N GLY C 760 -3.82 12.85 -8.04
CA GLY C 760 -5.15 12.55 -8.57
C GLY C 760 -6.06 11.83 -7.60
N SER C 761 -6.71 12.63 -6.75
CA SER C 761 -7.73 12.16 -5.81
C SER C 761 -7.25 11.14 -4.79
N PHE C 762 -5.95 11.10 -4.51
CA PHE C 762 -5.45 10.24 -3.46
C PHE C 762 -6.10 10.68 -2.18
N CYS C 763 -6.13 12.01 -2.00
CA CYS C 763 -6.81 12.67 -0.92
C CYS C 763 -8.30 12.27 -0.90
N THR C 764 -8.89 12.39 -2.08
CA THR C 764 -10.31 12.12 -2.28
C THR C 764 -10.73 10.69 -1.97
N GLN C 765 -9.93 9.72 -2.38
CA GLN C 765 -10.24 8.32 -2.13
C GLN C 765 -10.24 8.01 -0.65
N LEU C 766 -9.28 8.58 0.07
CA LEU C 766 -9.15 8.36 1.51
C LEU C 766 -10.35 8.84 2.30
N ASN C 767 -10.89 9.99 1.92
CA ASN C 767 -12.02 10.56 2.64
C ASN C 767 -13.24 9.66 2.59
N ARG C 768 -13.50 9.05 1.45
CA ARG C 768 -14.63 8.16 1.31
C ARG C 768 -14.51 6.98 2.27
N ALA C 769 -13.31 6.42 2.36
CA ALA C 769 -13.11 5.28 3.24
C ALA C 769 -13.37 5.68 4.68
N LEU C 770 -12.82 6.82 5.08
CA LEU C 770 -13.02 7.32 6.44
C LEU C 770 -14.46 7.73 6.68
N THR C 771 -15.07 8.40 5.71
CA THR C 771 -16.46 8.82 5.88
C THR C 771 -17.39 7.60 5.91
N GLY C 772 -17.07 6.58 5.10
CA GLY C 772 -17.84 5.35 5.07
C GLY C 772 -17.74 4.67 6.41
N ILE C 773 -16.55 4.67 6.99
CA ILE C 773 -16.35 4.08 8.30
C ILE C 773 -17.15 4.83 9.34
N ALA C 774 -17.14 6.15 9.26
CA ALA C 774 -17.86 6.97 10.24
C ALA C 774 -19.36 6.67 10.22
N VAL C 775 -19.91 6.57 9.01
CA VAL C 775 -21.34 6.29 8.84
C VAL C 775 -21.67 4.92 9.39
N GLU C 776 -20.80 3.96 9.12
CA GLU C 776 -20.99 2.58 9.58
C GLU C 776 -21.00 2.50 11.10
N GLN C 777 -20.14 3.27 11.76
CA GLN C 777 -20.08 3.21 13.21
C GLN C 777 -21.39 3.59 13.86
N ASP C 778 -22.02 4.63 13.31
CA ASP C 778 -23.37 5.06 13.68
C ASP C 778 -24.39 4.09 13.10
N LYS C 779 -24.17 3.63 11.88
CA LYS C 779 -25.10 2.68 11.23
C LYS C 779 -25.16 1.37 12.03
N ASN C 780 -23.99 0.95 12.45
CA ASN C 780 -23.83 -0.14 13.40
C ASN C 780 -24.58 0.13 14.69
N THR C 781 -24.51 1.36 15.19
CA THR C 781 -25.19 1.70 16.43
C THR C 781 -26.69 1.59 16.26
N GLN C 782 -27.18 2.11 15.13
CA GLN C 782 -28.58 2.11 14.82
C GLN C 782 -29.13 0.68 14.70
N GLU C 783 -28.41 -0.20 14.03
CA GLU C 783 -28.90 -1.58 13.89
C GLU C 783 -28.90 -2.34 15.25
N VAL C 784 -27.85 -2.18 16.05
CA VAL C 784 -27.74 -2.86 17.33
C VAL C 784 -28.63 -2.30 18.43
N PHE C 785 -28.70 -0.99 18.56
CA PHE C 785 -29.45 -0.34 19.65
C PHE C 785 -30.84 0.15 19.28
N ALA C 786 -31.27 -0.01 18.03
CA ALA C 786 -32.61 0.47 17.66
C ALA C 786 -33.42 -0.60 16.97
N GLN C 787 -33.71 -1.66 17.70
CA GLN C 787 -34.58 -2.75 17.24
C GLN C 787 -36.00 -2.55 17.74
N VAL C 788 -36.23 -1.48 18.49
CA VAL C 788 -37.53 -1.23 19.09
C VAL C 788 -38.17 0.00 18.48
N LYS C 789 -39.40 -0.16 18.04
CA LYS C 789 -40.11 0.90 17.33
C LYS C 789 -40.50 2.03 18.28
N GLN C 790 -40.95 1.67 19.48
CA GLN C 790 -41.49 2.64 20.42
C GLN C 790 -40.84 2.54 21.80
N ILE C 791 -40.50 3.69 22.37
CA ILE C 791 -39.78 3.72 23.65
C ILE C 791 -40.76 3.31 24.73
N TYR C 792 -40.29 2.50 25.69
CA TYR C 792 -41.14 2.02 26.78
C TYR C 792 -40.63 2.52 28.11
N LYS C 793 -41.55 2.86 29.01
CA LYS C 793 -41.17 3.33 30.34
C LYS C 793 -41.66 2.38 31.43
N THR C 794 -40.82 2.20 32.45
CA THR C 794 -41.14 1.30 33.54
C THR C 794 -42.37 1.83 34.29
N PRO C 795 -43.23 0.93 34.81
CA PRO C 795 -44.39 1.35 35.60
C PRO C 795 -43.94 2.15 36.81
N PRO C 796 -44.64 3.24 37.15
CA PRO C 796 -44.10 4.03 38.25
C PRO C 796 -43.84 3.20 39.50
N ILE C 797 -44.74 2.27 39.83
CA ILE C 797 -44.57 1.40 40.98
C ILE C 797 -44.22 0.03 40.44
N LYS C 798 -43.13 -0.54 40.94
CA LYS C 798 -42.63 -1.80 40.40
C LYS C 798 -42.72 -2.97 41.37
N ASP C 799 -43.51 -3.98 41.01
CA ASP C 799 -43.60 -5.20 41.79
C ASP C 799 -43.18 -6.29 40.83
N PHE C 800 -42.12 -7.00 41.15
CA PHE C 800 -41.59 -8.02 40.24
C PHE C 800 -41.50 -9.43 40.79
N GLY C 801 -42.35 -9.78 41.75
CA GLY C 801 -42.29 -11.10 42.37
C GLY C 801 -40.90 -11.40 42.93
N GLY C 802 -40.31 -10.40 43.58
CA GLY C 802 -39.05 -10.55 44.30
C GLY C 802 -37.78 -10.33 43.52
N PHE C 803 -37.87 -9.93 42.27
CA PHE C 803 -36.69 -9.63 41.46
C PHE C 803 -36.36 -8.16 41.63
N ASN C 804 -35.12 -7.85 42.00
CA ASN C 804 -34.73 -6.47 42.16
C ASN C 804 -33.90 -6.00 40.99
N PHE C 805 -34.43 -5.03 40.24
CA PHE C 805 -33.78 -4.50 39.06
C PHE C 805 -33.34 -3.05 39.25
N SER C 806 -33.21 -2.61 40.48
CA SER C 806 -32.84 -1.23 40.76
C SER C 806 -31.53 -0.85 40.10
N GLN C 807 -30.56 -1.77 40.12
CA GLN C 807 -29.27 -1.49 39.51
C GLN C 807 -29.36 -1.37 37.98
N ILE C 808 -30.11 -2.28 37.37
CA ILE C 808 -30.24 -2.38 35.90
C ILE C 808 -30.99 -1.24 35.24
N LEU C 809 -32.10 -0.82 35.83
CA LEU C 809 -32.91 0.25 35.26
C LEU C 809 -32.40 1.65 35.55
N PRO C 810 -32.77 2.62 34.68
CA PRO C 810 -32.39 4.01 34.90
C PRO C 810 -33.01 4.57 36.17
N ASP C 811 -32.26 5.41 36.87
CA ASP C 811 -32.74 6.05 38.08
C ASP C 811 -33.01 7.53 37.78
N PRO C 812 -34.21 8.02 38.14
CA PRO C 812 -34.60 9.41 37.88
C PRO C 812 -33.71 10.45 38.55
N SER C 813 -33.31 10.20 39.80
CA SER C 813 -32.46 11.11 40.55
C SER C 813 -31.15 11.44 39.84
N LYS C 814 -30.48 10.41 39.31
CA LYS C 814 -29.22 10.61 38.62
C LYS C 814 -29.44 11.39 37.31
N PRO C 815 -28.52 12.30 36.97
CA PRO C 815 -28.57 13.05 35.72
C PRO C 815 -28.21 12.17 34.53
N SER C 816 -28.70 12.57 33.36
CA SER C 816 -28.51 11.90 32.05
C SER C 816 -29.17 10.53 31.88
N LYS C 817 -30.07 10.15 32.79
CA LYS C 817 -30.87 8.91 32.69
C LYS C 817 -30.06 7.64 32.37
N ARG C 818 -29.02 7.40 33.16
CA ARG C 818 -28.21 6.20 32.95
C ARG C 818 -28.25 5.26 34.16
N SER C 819 -28.27 3.96 33.85
CA SER C 819 -28.35 2.91 34.88
C SER C 819 -27.08 2.84 35.71
N PHE C 820 -27.20 2.35 36.93
CA PHE C 820 -26.06 2.28 37.83
C PHE C 820 -24.90 1.49 37.24
N ILE C 821 -25.20 0.35 36.63
CA ILE C 821 -24.17 -0.49 36.03
C ILE C 821 -23.48 0.25 34.89
N GLU C 822 -24.26 0.96 34.09
CA GLU C 822 -23.70 1.70 32.98
C GLU C 822 -22.76 2.79 33.46
N ASP C 823 -23.16 3.50 34.51
CA ASP C 823 -22.32 4.57 35.04
C ASP C 823 -20.99 4.03 35.53
N LEU C 824 -21.07 2.91 36.25
CA LEU C 824 -19.89 2.25 36.76
C LEU C 824 -19.03 1.79 35.59
N LEU C 825 -19.70 1.21 34.59
CA LEU C 825 -19.03 0.72 33.40
C LEU C 825 -18.40 1.86 32.63
N PHE C 826 -19.11 2.97 32.51
CA PHE C 826 -18.63 4.12 31.77
C PHE C 826 -17.40 4.72 32.44
N ASN C 827 -17.43 4.81 33.76
CA ASN C 827 -16.29 5.36 34.49
C ASN C 827 -15.06 4.50 34.27
N LYS C 828 -15.28 3.19 34.20
CA LYS C 828 -14.22 2.21 34.02
C LYS C 828 -13.40 2.39 32.77
N VAL C 829 -14.03 2.73 31.64
CA VAL C 829 -13.18 2.86 30.44
C VAL C 829 -12.64 4.29 30.25
N THR C 830 -11.62 4.55 31.06
CA THR C 830 -10.90 5.81 31.03
C THR C 830 -10.13 5.92 29.73
N LEU C 831 -10.05 7.13 29.19
CA LEU C 831 -9.36 7.35 27.92
C LEU C 831 -8.12 8.23 28.12
N ALA C 832 -6.96 7.69 27.72
CA ALA C 832 -5.69 8.41 27.84
C ALA C 832 -5.54 9.42 26.70
N ASP C 833 -5.86 10.68 26.99
CA ASP C 833 -5.79 11.74 25.98
C ASP C 833 -4.36 11.96 25.46
N CYS C 854 -12.97 22.38 22.38
CA CYS C 854 -11.64 21.79 22.36
C CYS C 854 -11.52 20.73 21.27
N ALA C 855 -11.05 21.18 20.10
CA ALA C 855 -10.89 20.29 18.95
C ALA C 855 -9.86 19.18 19.20
N GLN C 856 -8.76 19.53 19.88
CA GLN C 856 -7.63 18.61 20.10
C GLN C 856 -7.10 18.00 18.79
N LYS C 857 -7.04 18.83 17.76
CA LYS C 857 -6.68 18.39 16.42
C LYS C 857 -5.41 19.10 15.96
N PHE C 858 -4.29 18.43 16.08
CA PHE C 858 -3.02 19.05 15.68
C PHE C 858 -2.88 19.28 14.18
N ASN C 859 -3.25 18.31 13.34
CA ASN C 859 -2.94 18.39 11.89
C ASN C 859 -3.90 17.72 10.92
N GLY C 860 -5.03 18.36 10.64
CA GLY C 860 -6.02 17.85 9.68
C GLY C 860 -6.78 16.58 10.03
N LEU C 861 -6.73 16.19 11.29
CA LEU C 861 -7.47 15.02 11.76
C LEU C 861 -8.59 15.54 12.64
N THR C 862 -9.82 15.20 12.30
CA THR C 862 -11.00 15.63 13.04
C THR C 862 -11.89 14.45 13.37
N VAL C 863 -12.29 14.38 14.62
CA VAL C 863 -13.18 13.33 15.07
C VAL C 863 -14.59 13.87 15.10
N LEU C 864 -15.44 13.36 14.23
CA LEU C 864 -16.81 13.85 14.17
C LEU C 864 -17.59 13.08 15.22
N PRO C 865 -18.58 13.72 15.85
CA PRO C 865 -19.36 13.03 16.87
C PRO C 865 -20.29 12.00 16.27
N PRO C 866 -20.66 10.99 17.06
CA PRO C 866 -21.57 9.96 16.58
C PRO C 866 -22.97 10.52 16.38
N LEU C 867 -23.70 9.92 15.45
CA LEU C 867 -25.08 10.32 15.18
C LEU C 867 -25.94 10.20 16.44
N LEU C 868 -25.78 9.11 17.17
CA LEU C 868 -26.50 8.90 18.40
C LEU C 868 -25.58 9.25 19.54
N THR C 869 -26.01 10.16 20.40
CA THR C 869 -25.23 10.58 21.55
C THR C 869 -25.31 9.52 22.63
N ASP C 870 -24.39 9.62 23.59
CA ASP C 870 -24.33 8.65 24.69
C ASP C 870 -25.68 8.62 25.41
N GLU C 871 -26.25 9.81 25.62
CA GLU C 871 -27.53 9.91 26.27
C GLU C 871 -28.62 9.18 25.48
N MET C 872 -28.65 9.40 24.17
CA MET C 872 -29.63 8.77 23.31
C MET C 872 -29.47 7.25 23.30
N ILE C 873 -28.23 6.78 23.23
CA ILE C 873 -27.97 5.34 23.22
C ILE C 873 -28.48 4.71 24.52
N ALA C 874 -28.23 5.39 25.63
CA ALA C 874 -28.67 4.92 26.93
C ALA C 874 -30.18 4.79 26.99
N GLN C 875 -30.89 5.77 26.42
CA GLN C 875 -32.34 5.73 26.40
C GLN C 875 -32.85 4.52 25.61
N TYR C 876 -32.22 4.25 24.48
CA TYR C 876 -32.61 3.08 23.68
C TYR C 876 -32.39 1.81 24.48
N THR C 877 -31.22 1.73 25.10
CA THR C 877 -30.88 0.56 25.90
C THR C 877 -31.82 0.44 27.10
N SER C 878 -32.14 1.57 27.71
CA SER C 878 -33.03 1.59 28.85
C SER C 878 -34.43 1.15 28.45
N ALA C 879 -34.85 1.58 27.26
CA ALA C 879 -36.16 1.23 26.72
C ALA C 879 -36.27 -0.26 26.49
N LEU C 880 -35.20 -0.87 26.01
CA LEU C 880 -35.20 -2.32 25.77
C LEU C 880 -35.40 -3.10 27.05
N LEU C 881 -34.76 -2.69 28.14
CA LEU C 881 -34.92 -3.38 29.42
C LEU C 881 -36.36 -3.31 29.87
N ALA C 882 -36.96 -2.13 29.73
CA ALA C 882 -38.33 -1.92 30.17
C ALA C 882 -39.29 -2.80 29.38
N GLY C 883 -39.06 -2.91 28.07
CA GLY C 883 -39.88 -3.75 27.23
C GLY C 883 -39.78 -5.19 27.66
N THR C 884 -38.56 -5.64 27.96
CA THR C 884 -38.34 -7.03 28.34
C THR C 884 -39.02 -7.41 29.65
N ILE C 885 -38.86 -6.59 30.67
CA ILE C 885 -39.49 -6.92 31.96
C ILE C 885 -41.02 -6.91 31.90
N THR C 886 -41.58 -5.89 31.28
CA THR C 886 -43.04 -5.71 31.21
C THR C 886 -43.77 -6.62 30.22
N SER C 887 -43.23 -6.79 29.01
CA SER C 887 -43.94 -7.53 27.96
C SER C 887 -43.26 -8.82 27.50
N GLY C 888 -42.24 -9.29 28.21
CA GLY C 888 -41.52 -10.49 27.79
C GLY C 888 -40.94 -10.34 26.40
N TRP C 889 -41.17 -11.33 25.55
CA TRP C 889 -40.63 -11.31 24.19
C TRP C 889 -41.63 -10.81 23.15
N THR C 890 -42.81 -10.42 23.60
CA THR C 890 -43.86 -10.00 22.69
C THR C 890 -43.48 -8.73 21.93
N PHE C 891 -42.78 -7.80 22.59
CA PHE C 891 -42.41 -6.53 21.95
C PHE C 891 -41.49 -6.67 20.75
N GLY C 892 -40.61 -7.68 20.76
CA GLY C 892 -39.70 -7.92 19.64
C GLY C 892 -40.43 -8.30 18.37
N ALA C 893 -41.46 -9.12 18.52
CA ALA C 893 -42.20 -9.68 17.40
C ALA C 893 -43.48 -8.93 16.97
N GLY C 894 -43.82 -7.85 17.66
CA GLY C 894 -45.03 -7.09 17.33
C GLY C 894 -45.38 -6.11 18.41
N ALA C 895 -46.60 -5.57 18.38
CA ALA C 895 -47.08 -4.68 19.43
C ALA C 895 -46.98 -5.41 20.78
N ALA C 896 -46.38 -4.76 21.77
CA ALA C 896 -46.12 -5.40 23.06
C ALA C 896 -47.40 -5.83 23.79
N LEU C 897 -47.37 -7.05 24.28
CA LEU C 897 -48.47 -7.59 25.07
C LEU C 897 -47.91 -7.69 26.47
N GLN C 898 -48.51 -6.94 27.39
CA GLN C 898 -48.11 -6.89 28.79
C GLN C 898 -48.34 -8.26 29.43
N ILE C 899 -47.37 -8.71 30.23
CA ILE C 899 -47.45 -9.97 30.93
C ILE C 899 -46.76 -9.75 32.27
N PRO C 900 -47.21 -10.44 33.33
CA PRO C 900 -46.56 -10.42 34.63
C PRO C 900 -45.19 -11.10 34.56
N PHE C 901 -44.23 -10.57 35.30
CA PHE C 901 -42.86 -11.07 35.24
C PHE C 901 -42.74 -12.53 35.65
N ALA C 902 -43.44 -12.90 36.73
CA ALA C 902 -43.41 -14.26 37.24
C ALA C 902 -43.97 -15.21 36.19
N MET C 903 -45.08 -14.80 35.59
CA MET C 903 -45.70 -15.57 34.55
C MET C 903 -44.75 -15.64 33.37
N GLN C 904 -44.09 -14.51 33.11
CA GLN C 904 -43.13 -14.41 32.03
C GLN C 904 -41.97 -15.35 32.25
N MET C 905 -41.49 -15.37 33.50
CA MET C 905 -40.41 -16.21 33.93
C MET C 905 -40.71 -17.69 33.70
N ALA C 906 -41.94 -18.08 34.00
CA ALA C 906 -42.37 -19.46 33.87
C ALA C 906 -42.29 -19.90 32.42
N TYR C 907 -42.69 -19.02 31.51
CA TYR C 907 -42.65 -19.33 30.08
C TYR C 907 -41.22 -19.56 29.60
N ARG C 908 -40.28 -18.77 30.10
CA ARG C 908 -38.88 -18.95 29.74
C ARG C 908 -38.34 -20.28 30.25
N PHE C 909 -38.75 -20.67 31.45
CA PHE C 909 -38.38 -21.99 32.00
C PHE C 909 -38.90 -23.15 31.14
N ASN C 910 -40.09 -23.01 30.59
CA ASN C 910 -40.70 -24.05 29.75
C ASN C 910 -39.84 -24.38 28.53
N GLY C 911 -39.23 -23.37 27.93
CA GLY C 911 -38.36 -23.57 26.79
C GLY C 911 -37.15 -24.43 27.06
N ILE C 912 -36.58 -24.34 28.26
CA ILE C 912 -35.41 -25.14 28.60
C ILE C 912 -35.73 -26.55 29.10
N GLY C 913 -37.00 -26.90 29.21
CA GLY C 913 -37.42 -28.24 29.62
C GLY C 913 -37.64 -28.42 31.11
N VAL C 914 -37.66 -27.33 31.86
CA VAL C 914 -38.04 -27.37 33.26
C VAL C 914 -39.51 -26.98 33.30
N THR C 915 -40.33 -27.74 34.03
CA THR C 915 -41.75 -27.44 34.11
C THR C 915 -42.03 -26.09 34.76
N GLN C 916 -43.17 -25.52 34.39
CA GLN C 916 -43.56 -24.17 34.81
C GLN C 916 -43.66 -24.05 36.33
N ASN C 917 -44.12 -25.12 36.98
CA ASN C 917 -44.35 -25.11 38.42
C ASN C 917 -43.09 -24.91 39.25
N VAL C 918 -41.92 -25.28 38.73
CA VAL C 918 -40.69 -25.18 39.50
C VAL C 918 -40.37 -23.74 39.90
N LEU C 919 -40.56 -22.81 38.98
CA LEU C 919 -40.31 -21.40 39.27
C LEU C 919 -41.23 -20.87 40.37
N TYR C 920 -42.50 -21.25 40.31
CA TYR C 920 -43.50 -20.82 41.28
C TYR C 920 -43.21 -21.35 42.69
N GLU C 921 -42.79 -22.61 42.76
CA GLU C 921 -42.50 -23.26 44.03
C GLU C 921 -41.23 -22.68 44.65
N ASN C 922 -40.24 -22.40 43.80
CA ASN C 922 -38.96 -21.89 44.25
C ASN C 922 -38.78 -20.42 43.91
N GLN C 923 -39.88 -19.70 43.73
CA GLN C 923 -39.78 -18.30 43.31
C GLN C 923 -38.98 -17.43 44.28
N LYS C 924 -39.24 -17.58 45.56
CA LYS C 924 -38.47 -16.85 46.55
C LYS C 924 -36.99 -17.12 46.45
N LEU C 925 -36.63 -18.39 46.37
CA LEU C 925 -35.24 -18.79 46.27
C LEU C 925 -34.65 -18.28 44.95
N ILE C 926 -35.41 -18.40 43.86
CA ILE C 926 -34.95 -17.96 42.55
C ILE C 926 -34.75 -16.45 42.56
N ALA C 927 -35.67 -15.73 43.19
CA ALA C 927 -35.59 -14.27 43.26
C ALA C 927 -34.33 -13.82 43.99
N ASN C 928 -34.00 -14.49 45.09
CA ASN C 928 -32.82 -14.14 45.87
C ASN C 928 -31.54 -14.36 45.08
N GLN C 929 -31.46 -15.47 44.35
CA GLN C 929 -30.27 -15.79 43.58
C GLN C 929 -30.02 -14.75 42.51
N PHE C 930 -31.09 -14.31 41.85
CA PHE C 930 -30.95 -13.32 40.79
C PHE C 930 -30.39 -12.03 41.37
N ASN C 931 -30.91 -11.60 42.50
CA ASN C 931 -30.43 -10.37 43.13
C ASN C 931 -28.99 -10.49 43.55
N SER C 932 -28.64 -11.64 44.13
CA SER C 932 -27.27 -11.87 44.56
C SER C 932 -26.34 -11.89 43.34
N ALA C 933 -26.80 -12.54 42.27
CA ALA C 933 -26.02 -12.65 41.04
C ALA C 933 -25.80 -11.26 40.43
N ILE C 934 -26.85 -10.44 40.42
CA ILE C 934 -26.76 -9.10 39.89
C ILE C 934 -25.78 -8.26 40.68
N GLY C 935 -25.83 -8.40 42.00
CA GLY C 935 -24.94 -7.66 42.87
C GLY C 935 -23.49 -8.05 42.60
N LYS C 936 -23.25 -9.36 42.44
CA LYS C 936 -21.90 -9.85 42.18
C LYS C 936 -21.37 -9.29 40.87
N ILE C 937 -22.23 -9.25 39.86
CA ILE C 937 -21.83 -8.74 38.56
C ILE C 937 -21.38 -7.29 38.66
N GLN C 938 -22.15 -6.50 39.40
CA GLN C 938 -21.82 -5.10 39.56
C GLN C 938 -20.47 -4.95 40.23
N ASP C 939 -20.24 -5.75 41.27
CA ASP C 939 -18.99 -5.70 42.02
C ASP C 939 -17.80 -6.12 41.15
N SER C 940 -17.97 -7.18 40.39
CA SER C 940 -16.90 -7.69 39.53
C SER C 940 -16.47 -6.64 38.50
N LEU C 941 -17.44 -5.97 37.90
CA LEU C 941 -17.12 -4.94 36.91
C LEU C 941 -16.33 -3.79 37.51
N SER C 942 -16.79 -3.29 38.65
CA SER C 942 -16.13 -2.19 39.32
C SER C 942 -14.73 -2.62 39.75
N SER C 943 -14.63 -3.81 40.32
CA SER C 943 -13.35 -4.33 40.78
C SER C 943 -12.36 -4.54 39.64
N THR C 944 -12.85 -5.06 38.51
CA THR C 944 -11.96 -5.55 37.46
C THR C 944 -12.26 -4.95 36.09
N ALA C 945 -11.20 -4.44 35.44
CA ALA C 945 -11.32 -3.92 34.08
C ALA C 945 -10.86 -4.92 33.07
N SER C 946 -10.48 -6.12 33.50
CA SER C 946 -9.93 -7.12 32.59
C SER C 946 -10.96 -7.74 31.69
N ALA C 947 -12.07 -8.08 32.26
CA ALA C 947 -13.09 -8.61 31.39
C ALA C 947 -13.37 -7.67 30.23
N LEU C 948 -13.35 -6.39 30.53
CA LEU C 948 -13.56 -5.36 29.55
C LEU C 948 -12.32 -5.26 28.67
N GLY C 949 -11.23 -5.94 29.05
CA GLY C 949 -9.96 -5.73 28.33
C GLY C 949 -10.12 -5.63 26.82
N LYS C 950 -10.93 -6.52 26.24
CA LYS C 950 -11.24 -6.51 24.81
C LYS C 950 -11.69 -5.14 24.31
N LEU C 951 -12.67 -4.57 24.98
CA LEU C 951 -13.19 -3.25 24.62
C LEU C 951 -12.12 -2.20 24.79
N GLN C 952 -11.38 -2.32 25.90
CA GLN C 952 -10.31 -1.42 26.22
C GLN C 952 -9.19 -1.47 25.18
N ASP C 953 -8.88 -2.68 24.73
CA ASP C 953 -7.88 -2.88 23.71
C ASP C 953 -8.24 -2.19 22.39
N VAL C 954 -9.51 -2.25 22.00
CA VAL C 954 -9.96 -1.62 20.77
C VAL C 954 -9.71 -0.11 20.81
N VAL C 955 -10.01 0.50 21.95
CA VAL C 955 -9.81 1.93 22.12
C VAL C 955 -8.32 2.27 22.05
N ASN C 956 -7.50 1.42 22.67
CA ASN C 956 -6.07 1.64 22.70
C ASN C 956 -5.43 1.63 21.33
N GLN C 957 -5.88 0.74 20.46
CA GLN C 957 -5.30 0.65 19.12
C GLN C 957 -5.48 1.94 18.32
N ASN C 958 -6.67 2.53 18.39
CA ASN C 958 -6.92 3.76 17.65
C ASN C 958 -6.04 4.89 18.17
N ALA C 959 -5.95 5.01 19.48
CA ALA C 959 -5.15 6.08 20.09
C ALA C 959 -3.68 5.91 19.71
N GLN C 960 -3.18 4.69 19.81
CA GLN C 960 -1.79 4.43 19.42
C GLN C 960 -1.58 4.63 17.94
N ALA C 961 -2.49 4.11 17.12
CA ALA C 961 -2.36 4.22 15.67
C ALA C 961 -2.48 5.67 15.21
N LEU C 962 -3.48 6.34 15.75
CA LEU C 962 -3.75 7.70 15.40
C LEU C 962 -2.63 8.48 15.98
N ASN C 963 -2.28 8.12 17.21
CA ASN C 963 -1.17 8.78 17.89
C ASN C 963 0.12 8.56 17.11
N THR C 964 0.32 7.35 16.63
CA THR C 964 1.51 7.01 15.85
C THR C 964 1.58 7.86 14.58
N LEU C 965 0.43 7.98 13.91
CA LEU C 965 0.29 8.81 12.73
C LEU C 965 0.53 10.27 13.06
N VAL C 966 0.02 10.74 14.19
CA VAL C 966 0.36 12.08 14.67
C VAL C 966 1.91 12.28 14.86
N LYS C 967 2.67 11.43 15.55
CA LYS C 967 4.15 11.55 15.64
C LYS C 967 4.86 11.46 14.28
N GLN C 968 4.23 10.84 13.30
CA GLN C 968 4.79 10.71 11.96
C GLN C 968 5.11 12.00 11.23
N LEU C 969 4.36 13.06 11.48
CA LEU C 969 4.64 14.36 10.88
C LEU C 969 6.06 14.83 11.19
N SER C 970 6.49 14.64 12.43
CA SER C 970 7.84 15.03 12.85
C SER C 970 8.92 14.25 12.09
N SER C 971 8.62 13.00 11.74
CA SER C 971 9.58 12.20 11.02
C SER C 971 9.90 12.77 9.63
N ASN C 972 11.18 12.82 9.30
CA ASN C 972 11.60 13.27 7.99
C ASN C 972 11.91 11.98 7.26
N PHE C 973 11.00 11.55 6.40
CA PHE C 973 11.11 10.22 5.78
C PHE C 973 12.29 10.12 4.81
N GLY C 974 12.46 11.17 4.05
CA GLY C 974 13.56 11.31 3.09
C GLY C 974 13.60 12.77 2.68
N ALA C 975 14.21 13.59 3.52
CA ALA C 975 13.97 15.02 3.39
C ALA C 975 14.99 15.78 4.20
N ILE C 976 15.29 16.99 3.77
CA ILE C 976 16.21 17.86 4.52
C ILE C 976 15.71 18.11 5.95
N SER C 977 14.42 18.42 6.08
CA SER C 977 13.82 18.63 7.39
C SER C 977 12.33 18.34 7.35
N SER C 978 11.80 17.93 8.50
CA SER C 978 10.40 17.55 8.63
C SER C 978 9.38 18.66 8.40
N VAL C 979 9.61 19.85 8.95
CA VAL C 979 8.60 20.90 8.86
C VAL C 979 8.48 21.41 7.44
N LEU C 980 7.26 21.43 6.90
CA LEU C 980 7.07 21.88 5.53
C LEU C 980 7.43 23.34 5.31
N ASN C 981 7.08 24.19 6.25
CA ASN C 981 7.33 25.61 6.12
C ASN C 981 8.82 25.88 6.05
N ASP C 982 9.60 25.17 6.87
CA ASP C 982 11.05 25.35 6.88
C ASP C 982 11.63 25.00 5.51
N ILE C 983 11.17 23.92 4.93
CA ILE C 983 11.69 23.50 3.63
C ILE C 983 11.40 24.51 2.56
N LEU C 984 10.21 25.06 2.57
CA LEU C 984 9.83 26.07 1.58
C LEU C 984 10.69 27.30 1.67
N SER C 985 10.88 27.79 2.90
CA SER C 985 11.66 29.02 3.12
C SER C 985 13.13 28.79 2.79
N ARG C 986 13.65 27.66 3.21
CA ARG C 986 15.04 27.28 3.00
C ARG C 986 15.42 27.02 1.56
N LEU C 987 14.52 26.47 0.76
CA LEU C 987 14.87 26.07 -0.61
C LEU C 987 14.00 26.71 -1.71
N ASP C 988 14.60 26.79 -2.90
CA ASP C 988 13.97 27.36 -4.08
C ASP C 988 12.83 26.46 -4.57
N PRO C 989 11.85 27.04 -5.29
CA PRO C 989 10.68 26.31 -5.77
C PRO C 989 10.98 25.13 -6.68
N PRO C 990 11.93 25.27 -7.61
CA PRO C 990 12.19 24.09 -8.44
C PRO C 990 12.70 22.93 -7.60
N GLU C 991 13.64 23.25 -6.72
CA GLU C 991 14.29 22.32 -5.83
C GLU C 991 13.36 21.71 -4.82
N ALA C 992 12.50 22.54 -4.23
CA ALA C 992 11.59 21.99 -3.22
C ALA C 992 10.89 20.91 -4.00
N GLU C 993 10.86 21.12 -5.32
CA GLU C 993 10.16 20.15 -6.08
C GLU C 993 10.87 18.83 -6.08
N VAL C 994 12.19 18.84 -6.19
CA VAL C 994 12.93 17.61 -6.24
C VAL C 994 12.79 16.85 -4.92
N GLN C 995 12.99 17.56 -3.82
CA GLN C 995 12.84 16.97 -2.50
C GLN C 995 11.36 16.81 -2.17
N ILE C 996 10.56 17.81 -2.53
CA ILE C 996 9.17 17.85 -2.12
C ILE C 996 8.45 16.59 -2.46
N ASP C 997 8.79 15.99 -3.60
CA ASP C 997 8.21 14.73 -4.01
C ASP C 997 8.50 13.64 -2.98
N ARG C 998 9.73 13.61 -2.48
CA ARG C 998 10.09 12.61 -1.47
C ARG C 998 9.18 12.70 -0.24
N LEU C 999 8.98 13.91 0.26
CA LEU C 999 8.14 14.08 1.45
C LEU C 999 6.72 13.70 1.14
N ILE C 1000 6.22 14.15 -0.01
CA ILE C 1000 4.86 13.86 -0.40
C ILE C 1000 4.66 12.38 -0.52
N THR C 1001 5.60 11.68 -1.13
CA THR C 1001 5.46 10.24 -1.29
C THR C 1001 5.47 9.56 0.06
N GLY C 1002 6.41 9.99 0.91
CA GLY C 1002 6.53 9.40 2.24
C GLY C 1002 5.29 9.59 3.08
N ARG C 1003 4.80 10.83 3.09
CA ARG C 1003 3.62 11.19 3.87
C ARG C 1003 2.41 10.45 3.39
N LEU C 1004 2.26 10.30 2.08
CA LEU C 1004 1.12 9.63 1.49
C LEU C 1004 1.04 8.22 2.00
N GLN C 1005 2.16 7.52 2.06
CA GLN C 1005 2.18 6.14 2.44
C GLN C 1005 1.65 5.91 3.83
N SER C 1006 2.09 6.76 4.75
CA SER C 1006 1.68 6.71 6.14
C SER C 1006 0.20 6.90 6.26
N LEU C 1007 -0.32 7.90 5.53
CA LEU C 1007 -1.72 8.19 5.57
C LEU C 1007 -2.48 7.01 5.01
N GLN C 1008 -2.00 6.44 3.90
CA GLN C 1008 -2.69 5.33 3.27
C GLN C 1008 -2.68 4.06 4.12
N THR C 1009 -1.57 3.79 4.80
CA THR C 1009 -1.45 2.60 5.64
C THR C 1009 -2.48 2.67 6.77
N TYR C 1010 -2.62 3.84 7.35
CA TYR C 1010 -3.60 4.05 8.41
C TYR C 1010 -5.02 3.86 7.92
N VAL C 1011 -5.34 4.38 6.74
CA VAL C 1011 -6.68 4.24 6.19
C VAL C 1011 -6.99 2.77 5.96
N THR C 1012 -6.03 2.02 5.43
CA THR C 1012 -6.21 0.59 5.19
C THR C 1012 -6.40 -0.13 6.51
N GLN C 1013 -5.64 0.27 7.52
CA GLN C 1013 -5.75 -0.30 8.86
C GLN C 1013 -7.11 -0.06 9.48
N GLN C 1014 -7.63 1.14 9.26
CA GLN C 1014 -8.92 1.51 9.79
C GLN C 1014 -10.03 0.64 9.23
N LEU C 1015 -9.93 0.34 7.94
CA LEU C 1015 -10.95 -0.46 7.26
C LEU C 1015 -10.94 -1.87 7.74
N ILE C 1016 -9.77 -2.45 8.01
CA ILE C 1016 -9.75 -3.80 8.55
C ILE C 1016 -10.43 -3.81 9.92
N ARG C 1017 -10.07 -2.83 10.74
CA ARG C 1017 -10.64 -2.69 12.08
C ARG C 1017 -12.08 -2.31 12.00
N ALA C 1018 -12.46 -1.49 11.02
CA ALA C 1018 -13.88 -1.13 10.83
C ALA C 1018 -14.71 -2.36 10.50
N ALA C 1019 -14.18 -3.13 9.56
CA ALA C 1019 -14.79 -4.38 9.14
C ALA C 1019 -14.82 -5.36 10.29
N GLU C 1020 -13.75 -5.42 11.07
CA GLU C 1020 -13.71 -6.31 12.24
C GLU C 1020 -14.75 -5.84 13.26
N ILE C 1021 -14.75 -4.54 13.49
CA ILE C 1021 -15.74 -3.84 14.29
C ILE C 1021 -17.13 -4.05 13.74
N ARG C 1022 -17.27 -4.01 12.41
CA ARG C 1022 -18.57 -4.18 11.77
C ARG C 1022 -19.15 -5.55 12.11
N ALA C 1023 -18.27 -6.55 11.95
CA ALA C 1023 -18.63 -7.92 12.17
C ALA C 1023 -19.02 -8.06 13.63
N SER C 1024 -18.25 -7.41 14.51
CA SER C 1024 -18.53 -7.44 15.94
C SER C 1024 -19.86 -6.78 16.21
N ALA C 1025 -20.11 -5.66 15.56
CA ALA C 1025 -21.36 -4.94 15.75
C ALA C 1025 -22.54 -5.72 15.26
N ASN C 1026 -22.43 -6.35 14.12
CA ASN C 1026 -23.49 -7.14 13.60
C ASN C 1026 -23.84 -8.19 14.63
N LEU C 1027 -22.82 -8.85 15.20
CA LEU C 1027 -23.05 -9.93 16.11
C LEU C 1027 -23.77 -9.41 17.36
N ALA C 1028 -23.32 -8.28 17.84
CA ALA C 1028 -23.94 -7.66 19.01
C ALA C 1028 -25.38 -7.30 18.74
N ALA C 1029 -25.60 -6.75 17.55
CA ALA C 1029 -26.94 -6.33 17.12
C ALA C 1029 -27.84 -7.54 17.05
N THR C 1030 -27.33 -8.63 16.50
CA THR C 1030 -28.08 -9.89 16.47
C THR C 1030 -28.38 -10.30 17.91
N LYS C 1031 -27.43 -10.14 18.81
CA LYS C 1031 -27.70 -10.54 20.19
C LYS C 1031 -28.90 -9.81 20.74
N MET C 1032 -28.95 -8.50 20.45
CA MET C 1032 -30.10 -7.75 20.81
C MET C 1032 -31.31 -8.33 20.17
N SER C 1033 -31.19 -9.19 19.18
CA SER C 1033 -32.45 -9.72 18.70
C SER C 1033 -32.81 -11.05 19.31
N GLU C 1034 -31.86 -11.98 19.25
CA GLU C 1034 -32.04 -13.33 19.74
C GLU C 1034 -32.06 -13.42 21.26
N CYS C 1035 -31.18 -12.69 21.95
CA CYS C 1035 -31.10 -12.87 23.39
C CYS C 1035 -31.85 -11.87 24.23
N VAL C 1036 -31.79 -10.60 23.87
CA VAL C 1036 -32.60 -9.61 24.59
C VAL C 1036 -34.07 -9.81 24.28
N LEU C 1037 -34.39 -9.91 23.00
CA LEU C 1037 -35.79 -10.00 22.55
C LEU C 1037 -36.47 -11.31 22.86
N GLY C 1038 -35.76 -12.42 22.66
CA GLY C 1038 -36.35 -13.74 22.81
C GLY C 1038 -35.36 -14.76 23.33
N GLN C 1039 -35.89 -15.83 23.90
CA GLN C 1039 -35.04 -16.88 24.43
C GLN C 1039 -34.34 -17.55 23.27
N SER C 1040 -33.06 -17.88 23.43
CA SER C 1040 -32.30 -18.48 22.35
C SER C 1040 -32.06 -19.96 22.59
N LYS C 1041 -32.58 -20.78 21.69
CA LYS C 1041 -32.45 -22.24 21.77
C LYS C 1041 -31.01 -22.68 21.56
N ARG C 1042 -30.25 -21.94 20.77
CA ARG C 1042 -28.88 -22.32 20.43
C ARG C 1042 -28.06 -22.41 21.71
N VAL C 1043 -27.32 -23.50 21.86
CA VAL C 1043 -26.52 -23.70 23.07
C VAL C 1043 -25.27 -22.84 23.00
N ASP C 1044 -25.04 -22.10 24.09
CA ASP C 1044 -23.87 -21.25 24.31
C ASP C 1044 -23.81 -19.94 23.49
N PHE C 1045 -24.85 -19.64 22.70
CA PHE C 1045 -24.89 -18.35 22.02
C PHE C 1045 -25.00 -17.24 23.07
N CYS C 1046 -25.82 -17.48 24.09
CA CYS C 1046 -25.97 -16.59 25.22
C CYS C 1046 -25.62 -17.32 26.49
N GLY C 1047 -24.71 -16.72 27.26
CA GLY C 1047 -24.27 -17.26 28.55
C GLY C 1047 -23.69 -18.65 28.53
N LYS C 1048 -24.12 -19.48 29.50
CA LYS C 1048 -23.74 -20.89 29.50
C LYS C 1048 -24.95 -21.80 29.47
N GLY C 1049 -24.96 -22.72 28.50
CA GLY C 1049 -25.99 -23.74 28.42
C GLY C 1049 -27.37 -23.19 28.26
N TYR C 1050 -28.28 -23.62 29.14
CA TYR C 1050 -29.67 -23.18 29.05
C TYR C 1050 -29.72 -21.70 29.39
N HIS C 1051 -30.54 -20.92 28.68
CA HIS C 1051 -30.54 -19.47 28.91
C HIS C 1051 -31.93 -18.82 29.07
N LEU C 1052 -32.14 -18.17 30.23
CA LEU C 1052 -33.42 -17.52 30.58
C LEU C 1052 -33.76 -16.16 29.92
N MET C 1053 -32.79 -15.24 29.85
CA MET C 1053 -33.02 -13.90 29.27
C MET C 1053 -31.73 -13.07 29.28
N SER C 1054 -31.72 -11.99 28.51
CA SER C 1054 -30.56 -11.12 28.45
C SER C 1054 -30.94 -9.65 28.67
N PHE C 1055 -30.19 -8.98 29.54
CA PHE C 1055 -30.38 -7.56 29.78
C PHE C 1055 -29.19 -6.86 29.17
N PRO C 1056 -29.44 -5.84 28.34
CA PRO C 1056 -28.38 -5.10 27.66
C PRO C 1056 -28.10 -3.76 28.31
N GLN C 1057 -26.82 -3.45 28.51
CA GLN C 1057 -26.40 -2.17 29.06
C GLN C 1057 -25.44 -1.49 28.11
N SER C 1058 -25.71 -0.22 27.80
CA SER C 1058 -24.86 0.53 26.89
C SER C 1058 -23.49 0.78 27.49
N ALA C 1059 -22.48 0.68 26.63
CA ALA C 1059 -21.11 0.98 27.00
C ALA C 1059 -20.53 1.89 25.92
N PRO C 1060 -19.49 2.68 26.28
CA PRO C 1060 -18.90 3.51 25.24
C PRO C 1060 -18.25 2.61 24.20
N HIS C 1061 -18.69 2.80 22.95
CA HIS C 1061 -18.24 2.05 21.76
C HIS C 1061 -18.64 0.57 21.72
N GLY C 1062 -19.59 0.17 22.54
CA GLY C 1062 -19.94 -1.24 22.67
C GLY C 1062 -21.19 -1.39 23.48
N VAL C 1063 -21.76 -2.59 23.46
CA VAL C 1063 -22.94 -2.92 24.22
C VAL C 1063 -22.54 -4.07 25.14
N VAL C 1064 -22.88 -3.96 26.40
CA VAL C 1064 -22.58 -5.02 27.37
C VAL C 1064 -23.87 -5.76 27.67
N PHE C 1065 -23.83 -7.09 27.54
CA PHE C 1065 -25.00 -7.93 27.78
C PHE C 1065 -24.85 -8.70 29.09
N LEU C 1066 -25.90 -8.66 29.91
CA LEU C 1066 -25.91 -9.47 31.11
C LEU C 1066 -26.78 -10.65 30.79
N HIS C 1067 -26.24 -11.84 30.95
CA HIS C 1067 -26.98 -13.04 30.60
C HIS C 1067 -27.43 -13.78 31.85
N VAL C 1068 -28.69 -14.17 31.86
CA VAL C 1068 -29.23 -14.93 32.97
C VAL C 1068 -29.34 -16.34 32.43
N THR C 1069 -28.74 -17.28 33.14
CA THR C 1069 -28.71 -18.66 32.67
C THR C 1069 -29.01 -19.65 33.79
N TYR C 1070 -29.46 -20.83 33.41
CA TYR C 1070 -29.80 -21.90 34.33
C TYR C 1070 -28.79 -23.01 34.20
N VAL C 1071 -28.13 -23.36 35.29
CA VAL C 1071 -27.16 -24.46 35.28
C VAL C 1071 -27.56 -25.46 36.34
N PRO C 1072 -27.79 -26.71 35.94
CA PRO C 1072 -28.13 -27.69 36.97
C PRO C 1072 -26.96 -27.89 37.91
N ALA C 1073 -27.22 -27.87 39.21
CA ALA C 1073 -26.14 -27.92 40.20
C ALA C 1073 -25.92 -29.27 40.89
N GLN C 1074 -26.98 -29.92 41.38
CA GLN C 1074 -26.82 -31.12 42.21
C GLN C 1074 -27.54 -32.34 41.62
N GLU C 1075 -26.87 -33.49 41.64
CA GLU C 1075 -27.40 -34.69 40.98
C GLU C 1075 -27.16 -35.93 41.81
N LYS C 1076 -28.06 -36.90 41.68
CA LYS C 1076 -28.01 -38.15 42.44
C LYS C 1076 -28.11 -39.30 41.46
N ASN C 1077 -27.22 -40.29 41.60
CA ASN C 1077 -27.27 -41.46 40.71
C ASN C 1077 -28.58 -42.21 40.83
N PHE C 1078 -29.16 -42.56 39.69
CA PHE C 1078 -30.42 -43.29 39.67
C PHE C 1078 -30.38 -44.44 38.66
N THR C 1079 -30.99 -45.56 39.03
CA THR C 1079 -31.12 -46.67 38.08
C THR C 1079 -32.13 -46.26 37.03
N THR C 1080 -31.88 -46.62 35.79
CA THR C 1080 -32.78 -46.22 34.70
C THR C 1080 -33.00 -47.30 33.64
N ALA C 1081 -34.15 -47.21 32.97
CA ALA C 1081 -34.50 -48.15 31.91
C ALA C 1081 -35.19 -47.40 30.78
N PRO C 1082 -34.94 -47.82 29.52
CA PRO C 1082 -35.58 -47.19 28.37
C PRO C 1082 -37.09 -47.23 28.39
N ALA C 1083 -37.65 -48.38 28.70
CA ALA C 1083 -39.09 -48.58 28.66
C ALA C 1083 -39.57 -49.52 29.75
N ILE C 1084 -40.85 -49.38 30.11
CA ILE C 1084 -41.47 -50.21 31.12
C ILE C 1084 -42.57 -51.05 30.51
N CYS C 1085 -42.53 -52.34 30.78
CA CYS C 1085 -43.55 -53.23 30.27
C CYS C 1085 -44.68 -53.38 31.25
N HIS C 1086 -45.74 -52.60 31.04
CA HIS C 1086 -46.88 -52.59 31.98
C HIS C 1086 -47.73 -53.87 31.93
N ASP C 1087 -48.18 -54.26 30.74
CA ASP C 1087 -49.03 -55.45 30.59
C ASP C 1087 -48.57 -56.31 29.44
N GLY C 1088 -47.27 -56.27 29.14
CA GLY C 1088 -46.78 -56.97 27.96
C GLY C 1088 -46.72 -56.06 26.75
N LYS C 1089 -47.19 -54.82 26.91
CA LYS C 1089 -47.22 -53.86 25.84
C LYS C 1089 -46.22 -52.79 26.26
N ALA C 1090 -45.27 -52.53 25.37
CA ALA C 1090 -44.19 -51.57 25.63
C ALA C 1090 -44.70 -50.20 26.10
N HIS C 1091 -44.02 -49.60 27.08
CA HIS C 1091 -44.38 -48.27 27.58
C HIS C 1091 -43.21 -47.30 27.51
N PHE C 1092 -43.48 -46.08 27.03
CA PHE C 1092 -42.44 -45.08 26.86
C PHE C 1092 -42.85 -43.76 27.47
N PRO C 1093 -41.92 -43.08 28.15
CA PRO C 1093 -42.14 -41.79 28.82
C PRO C 1093 -42.43 -40.63 27.88
N ARG C 1094 -43.38 -39.79 28.24
CA ARG C 1094 -43.64 -38.56 27.51
C ARG C 1094 -42.89 -37.49 28.29
N GLU C 1095 -41.93 -36.85 27.62
CA GLU C 1095 -41.13 -35.70 28.11
C GLU C 1095 -39.91 -36.01 29.04
N GLY C 1096 -39.58 -37.29 29.26
CA GLY C 1096 -38.42 -37.63 30.06
C GLY C 1096 -38.25 -39.08 30.44
N VAL C 1097 -36.99 -39.45 30.71
CA VAL C 1097 -36.60 -40.80 31.11
C VAL C 1097 -37.13 -41.26 32.47
N PHE C 1098 -37.42 -42.55 32.54
CA PHE C 1098 -37.85 -43.21 33.77
C PHE C 1098 -36.69 -43.37 34.73
N VAL C 1099 -36.90 -42.97 35.99
CA VAL C 1099 -35.85 -43.06 37.01
C VAL C 1099 -36.36 -43.80 38.22
N SER C 1100 -35.58 -44.75 38.73
CA SER C 1100 -36.02 -45.53 39.89
C SER C 1100 -35.03 -45.53 41.03
N ASN C 1101 -35.56 -45.32 42.23
CA ASN C 1101 -34.81 -45.43 43.49
C ASN C 1101 -34.34 -46.87 43.67
N GLY C 1102 -35.24 -47.80 43.35
CA GLY C 1102 -35.00 -49.24 43.49
C GLY C 1102 -36.25 -49.91 44.04
N THR C 1103 -36.84 -49.27 45.04
CA THR C 1103 -38.10 -49.72 45.63
C THR C 1103 -39.25 -49.68 44.62
N HIS C 1104 -39.32 -48.62 43.84
CA HIS C 1104 -40.36 -48.46 42.81
C HIS C 1104 -39.90 -47.62 41.64
N TRP C 1105 -40.61 -47.72 40.52
CA TRP C 1105 -40.26 -46.96 39.32
C TRP C 1105 -41.08 -45.70 39.14
N PHE C 1106 -40.39 -44.63 38.76
CA PHE C 1106 -40.96 -43.28 38.56
C PHE C 1106 -40.55 -42.66 37.21
N VAL C 1107 -41.29 -41.64 36.79
CA VAL C 1107 -41.08 -40.96 35.50
C VAL C 1107 -40.81 -39.47 35.76
N THR C 1108 -39.70 -38.94 35.25
CA THR C 1108 -39.32 -37.54 35.53
C THR C 1108 -38.64 -36.82 34.36
N GLN C 1109 -38.78 -35.51 34.38
CA GLN C 1109 -38.09 -34.63 33.43
C GLN C 1109 -36.59 -34.64 33.68
N ARG C 1110 -35.81 -34.43 32.63
CA ARG C 1110 -34.35 -34.51 32.77
C ARG C 1110 -33.69 -33.41 33.61
N ASN C 1111 -34.11 -32.16 33.45
CA ASN C 1111 -33.44 -31.02 34.10
C ASN C 1111 -33.65 -30.87 35.61
N PHE C 1112 -34.83 -31.20 36.13
CA PHE C 1112 -35.11 -31.07 37.56
C PHE C 1112 -35.72 -32.35 38.08
N TYR C 1113 -35.58 -32.61 39.37
CA TYR C 1113 -36.07 -33.89 39.91
C TYR C 1113 -37.44 -33.76 40.57
N GLU C 1114 -38.46 -34.17 39.83
CA GLU C 1114 -39.83 -34.24 40.33
C GLU C 1114 -40.28 -35.63 39.94
N PRO C 1115 -40.59 -36.48 40.93
CA PRO C 1115 -41.03 -37.83 40.60
C PRO C 1115 -42.56 -37.99 40.60
N GLN C 1116 -43.09 -38.55 39.52
CA GLN C 1116 -44.52 -38.81 39.41
C GLN C 1116 -44.76 -40.30 39.20
N ILE C 1117 -45.77 -40.83 39.84
CA ILE C 1117 -46.07 -42.25 39.72
C ILE C 1117 -46.45 -42.54 38.28
N ILE C 1118 -45.95 -43.64 37.73
CA ILE C 1118 -46.20 -43.95 36.32
C ILE C 1118 -47.70 -44.13 36.11
N THR C 1119 -48.21 -43.52 35.05
CA THR C 1119 -49.63 -43.57 34.72
C THR C 1119 -49.78 -43.63 33.22
N THR C 1120 -50.99 -43.96 32.77
CA THR C 1120 -51.29 -44.03 31.34
C THR C 1120 -51.03 -42.72 30.59
N ASP C 1121 -51.36 -41.59 31.21
CA ASP C 1121 -51.16 -40.29 30.57
C ASP C 1121 -49.68 -39.98 30.29
N ASN C 1122 -48.79 -40.40 31.19
CA ASN C 1122 -47.36 -40.13 31.07
C ASN C 1122 -46.63 -40.79 29.90
N THR C 1123 -46.92 -42.06 29.62
CA THR C 1123 -46.19 -42.77 28.58
C THR C 1123 -47.10 -43.49 27.59
N PHE C 1124 -46.93 -43.20 26.29
CA PHE C 1124 -47.69 -43.89 25.26
C PHE C 1124 -47.17 -45.31 25.12
N VAL C 1125 -48.01 -46.24 24.72
CA VAL C 1125 -47.60 -47.61 24.54
C VAL C 1125 -47.57 -47.90 23.06
N SER C 1126 -46.41 -48.26 22.56
CA SER C 1126 -46.26 -48.49 21.12
C SER C 1126 -45.36 -49.68 20.83
N GLY C 1127 -45.84 -50.89 21.10
CA GLY C 1127 -45.14 -52.09 20.67
C GLY C 1127 -45.31 -53.34 21.50
N ASN C 1128 -44.35 -54.23 21.33
CA ASN C 1128 -44.30 -55.47 22.07
C ASN C 1128 -43.09 -55.39 22.97
N CYS C 1129 -43.19 -56.00 24.14
CA CYS C 1129 -42.15 -55.89 25.14
C CYS C 1129 -40.82 -56.50 24.70
N ASP C 1130 -40.86 -57.54 23.88
CA ASP C 1130 -39.65 -58.22 23.40
C ASP C 1130 -38.71 -57.36 22.54
N VAL C 1131 -39.28 -56.45 21.74
CA VAL C 1131 -38.49 -55.65 20.77
C VAL C 1131 -37.47 -54.70 21.41
N VAL C 1132 -37.87 -54.01 22.47
CA VAL C 1132 -37.03 -53.02 23.14
C VAL C 1132 -35.95 -53.72 23.96
N ILE C 1133 -34.82 -53.06 24.16
CA ILE C 1133 -33.70 -53.62 24.93
C ILE C 1133 -33.52 -52.89 26.26
N GLY C 1134 -33.38 -53.66 27.33
CA GLY C 1134 -33.18 -53.13 28.68
C GLY C 1134 -34.44 -52.75 29.41
N ILE C 1135 -35.60 -53.03 28.81
CA ILE C 1135 -36.90 -52.79 29.42
C ILE C 1135 -37.04 -53.59 30.72
N VAL C 1136 -37.60 -52.97 31.75
CA VAL C 1136 -37.70 -53.66 33.05
C VAL C 1136 -39.15 -53.86 33.43
N ASN C 1137 -39.45 -55.08 33.87
CA ASN C 1137 -40.79 -55.45 34.30
C ASN C 1137 -41.21 -54.52 35.45
N ASN C 1138 -42.37 -53.88 35.31
CA ASN C 1138 -42.90 -53.01 36.34
C ASN C 1138 -44.41 -52.88 36.17
N THR C 1139 -45.05 -52.27 37.15
CA THR C 1139 -46.50 -52.07 37.09
C THR C 1139 -46.84 -50.62 36.81
N VAL C 1140 -47.71 -50.40 35.83
CA VAL C 1140 -48.18 -49.05 35.49
C VAL C 1140 -49.57 -48.88 36.02
N TYR C 1141 -49.79 -47.76 36.72
CA TYR C 1141 -51.06 -47.53 37.39
C TYR C 1141 -51.98 -46.58 36.61
N ASP C 1142 -53.24 -46.98 36.50
CA ASP C 1142 -54.24 -46.19 35.81
C ASP C 1142 -55.18 -45.58 36.85
N PRO C 1143 -55.33 -44.24 36.83
CA PRO C 1143 -56.20 -43.49 37.74
C PRO C 1143 -57.69 -43.81 37.56
N LEU C 1144 -58.09 -44.02 36.31
CA LEU C 1144 -59.49 -44.27 35.94
C LEU C 1144 -60.12 -45.55 36.51
N GLN C 1145 -59.38 -46.66 36.58
CA GLN C 1145 -59.95 -47.92 37.02
C GLN C 1145 -60.53 -47.90 38.46
N PRO C 1146 -59.80 -47.28 39.40
CA PRO C 1146 -60.25 -47.16 40.78
C PRO C 1146 -61.60 -46.46 40.92
N GLU C 1147 -61.74 -45.32 40.25
CA GLU C 1147 -62.98 -44.57 40.27
C GLU C 1147 -64.15 -45.35 39.71
N LEU C 1148 -63.90 -46.08 38.62
CA LEU C 1148 -64.92 -46.91 37.98
C LEU C 1148 -65.42 -47.99 38.93
N ASP C 1149 -64.50 -48.61 39.67
CA ASP C 1149 -64.85 -49.68 40.60
C ASP C 1149 -65.43 -49.09 41.89
C1 NAG D . -35.01 -49.95 5.91
C2 NAG D . -35.49 -51.35 5.66
C3 NAG D . -34.50 -52.36 6.17
C4 NAG D . -33.16 -51.99 5.57
C5 NAG D . -32.78 -50.54 5.88
C6 NAG D . -31.43 -50.13 5.34
C7 NAG D . -37.31 -51.39 7.43
C8 NAG D . -36.55 -51.41 8.74
N2 NAG D . -36.83 -51.40 6.18
O3 NAG D . -34.92 -53.62 5.69
O4 NAG D . -32.15 -52.85 6.12
O5 NAG D . -33.76 -49.69 5.31
O6 NAG D . -31.43 -50.16 3.91
O7 NAG D . -38.50 -51.39 7.48
C1 NAG D . -31.72 -53.84 5.17
C2 NAG D . -30.47 -54.57 5.70
C3 NAG D . -30.01 -55.67 4.77
C4 NAG D . -31.19 -56.56 4.43
C5 NAG D . -32.33 -55.72 3.86
C6 NAG D . -33.54 -56.56 3.46
C7 NAG D . -29.16 -52.72 4.96
C8 NAG D . -28.19 -51.66 5.32
N2 NAG D . -29.48 -53.55 5.94
O3 NAG D . -28.98 -56.41 5.42
O4 NAG D . -30.78 -57.56 3.50
O5 NAG D . -32.74 -54.77 4.85
O6 NAG D . -34.13 -57.09 4.65
O7 NAG D . -29.60 -52.78 3.82
C1 NAG E . 23.29 28.87 -43.05
C2 NAG E . 22.34 27.90 -43.70
C3 NAG E . 22.95 26.53 -43.88
C4 NAG E . 24.30 26.72 -44.53
C5 NAG E . 25.17 27.71 -43.77
C6 NAG E . 26.55 27.91 -44.37
C7 NAG E . 20.79 27.54 -41.73
C8 NAG E . 21.64 26.78 -40.74
N2 NAG E . 21.11 27.97 -42.95
O3 NAG E . 22.08 25.79 -44.71
O4 NAG E . 24.96 25.45 -44.55
O5 NAG E . 24.51 28.97 -43.75
O6 NAG E . 26.43 28.48 -45.69
O7 NAG E . 19.68 27.81 -41.42
C1 NAG E . 24.98 24.86 -45.86
C2 NAG E . 25.94 23.65 -45.89
C3 NAG E . 25.93 22.96 -47.23
C4 NAG E . 24.50 22.67 -47.64
C5 NAG E . 23.68 23.96 -47.64
C6 NAG E . 22.24 23.74 -48.08
C7 NAG E . 27.76 25.19 -46.14
C8 NAG E . 29.04 25.67 -45.62
N2 NAG E . 27.23 24.15 -45.50
O3 NAG E . 26.69 21.76 -47.12
O4 NAG E . 24.48 22.06 -48.94
O5 NAG E . 23.68 24.48 -46.31
O6 NAG E . 21.56 22.97 -47.07
O7 NAG E . 27.25 25.73 -47.11
C1 NAG F . 47.94 -9.59 -39.16
C2 NAG F . 47.39 -8.43 -38.38
C3 NAG F . 46.38 -7.66 -39.18
C4 NAG F . 47.02 -7.35 -40.51
C5 NAG F . 47.55 -8.61 -41.19
C6 NAG F . 48.17 -8.35 -42.56
C7 NAG F . 46.04 -9.72 -36.68
C8 NAG F . 44.90 -10.27 -37.50
N2 NAG F . 47.04 -8.92 -37.08
O3 NAG F . 46.09 -6.48 -38.48
O4 NAG F . 46.04 -6.75 -41.37
O5 NAG F . 48.56 -9.19 -40.36
O6 NAG F . 49.35 -7.54 -42.42
O7 NAG F . 46.07 -9.99 -35.52
C1 NAG F . 46.26 -5.32 -41.51
C2 NAG F . 45.37 -4.77 -42.63
C3 NAG F . 45.52 -3.26 -42.78
C4 NAG F . 45.36 -2.62 -41.41
C5 NAG F . 46.35 -3.22 -40.43
C6 NAG F . 46.27 -2.57 -39.04
C7 NAG F . 46.96 -5.58 -44.22
C8 NAG F . 47.20 -6.42 -45.41
N2 NAG F . 45.69 -5.50 -43.82
O3 NAG F . 44.52 -2.81 -43.70
O4 NAG F . 45.55 -1.20 -41.55
O5 NAG F . 46.07 -4.61 -40.30
O6 NAG F . 45.00 -2.92 -38.45
O7 NAG F . 47.88 -4.99 -43.69
C1 NAG G . -59.55 -9.75 11.80
C2 NAG G . -61.00 -9.44 12.05
C3 NAG G . -61.79 -9.56 10.78
C4 NAG G . -61.10 -8.64 9.79
C5 NAG G . -59.61 -8.98 9.65
C6 NAG G . -58.89 -8.09 8.65
C7 NAG G . -61.57 -11.55 13.35
C8 NAG G . -61.50 -12.63 12.29
N2 NAG G . -61.40 -10.23 13.19
O3 NAG G . -63.10 -9.08 11.05
O4 NAG G . -61.72 -8.79 8.51
O5 NAG G . -58.97 -8.82 10.89
O6 NAG G . -58.89 -6.74 9.09
O7 NAG G . -61.84 -11.86 14.47
C1 NAG G . -62.56 -7.67 8.17
C2 NAG G . -62.99 -7.74 6.69
C3 NAG G . -63.92 -6.61 6.32
C4 NAG G . -65.05 -6.54 7.32
C5 NAG G . -64.49 -6.41 8.74
C6 NAG G . -65.58 -6.29 9.80
C7 NAG G . -60.86 -6.82 6.10
C8 NAG G . -59.61 -6.98 5.32
N2 NAG G . -61.77 -7.77 5.92
O3 NAG G . -64.42 -6.86 5.00
O4 NAG G . -65.92 -5.45 7.00
O5 NAG G . -63.70 -7.57 9.01
O6 NAG G . -66.28 -7.54 9.89
O7 NAG G . -60.99 -5.86 6.85
C1 NAG H . 15.55 45.21 22.96
C2 NAG H . 14.53 45.04 24.06
C3 NAG H . 14.45 46.27 24.91
C4 NAG H . 15.85 46.61 25.33
C5 NAG H . 16.80 46.74 24.15
C6 NAG H . 18.23 47.11 24.52
C7 NAG H . 12.46 45.18 22.61
C8 NAG H . 12.43 46.63 22.17
N2 NAG H . 13.34 44.57 23.42
O3 NAG H . 13.65 45.97 26.04
O4 NAG H . 15.83 47.87 26.02
O5 NAG H . 16.84 45.49 23.47
O6 NAG H . 18.82 46.08 25.31
O7 NAG H . 11.59 44.48 22.22
C1 NAG H . 15.99 47.72 27.45
C2 NAG H . 16.23 49.08 28.11
C3 NAG H . 16.34 48.96 29.63
C4 NAG H . 15.15 48.17 30.15
C5 NAG H . 15.07 46.82 29.44
C6 NAG H . 13.92 45.96 29.96
C7 NAG H . 18.52 48.93 27.46
C8 NAG H . 19.64 49.56 26.73
N2 NAG H . 17.40 49.64 27.50
O3 NAG H . 16.36 50.28 30.17
O4 NAG H . 15.27 48.02 31.56
O5 NAG H . 14.89 47.05 28.05
O6 NAG H . 12.69 46.57 29.57
O7 NAG H . 18.67 47.83 27.98
C1 NAG I . -60.82 -19.27 47.99
C2 NAG I . -60.17 -18.22 48.83
C3 NAG I . -59.23 -18.83 49.83
C4 NAG I . -60.01 -19.91 50.55
C5 NAG I . -60.64 -20.90 49.59
C6 NAG I . -61.38 -22.05 50.26
C7 NAG I . -58.67 -17.20 47.08
C8 NAG I . -57.65 -18.27 46.84
N2 NAG I . -59.69 -17.21 47.95
O3 NAG I . -58.84 -17.81 50.73
O4 NAG I . -59.11 -20.61 51.41
O5 NAG I . -61.56 -20.20 48.75
O6 NAG I . -62.51 -21.53 50.96
O7 NAG I . -58.60 -16.19 46.43
C1 NAG I . -59.31 -20.28 52.80
C2 NAG I . -58.52 -21.24 53.71
C3 NAG I . -58.65 -20.86 55.18
C4 NAG I . -58.34 -19.39 55.35
C5 NAG I . -59.25 -18.55 54.44
C6 NAG I . -59.01 -17.06 54.60
C7 NAG I . -60.28 -22.83 53.44
C8 NAG I . -60.66 -24.20 53.03
N2 NAG I . -58.98 -22.56 53.40
O3 NAG I . -57.75 -21.67 55.91
O4 NAG I . -58.53 -19.03 56.72
O5 NAG I . -58.97 -18.93 53.09
O6 NAG I . -57.71 -16.74 54.11
O7 NAG I . -61.14 -22.04 53.81
C1 NAG J . 36.12 45.11 0.45
C2 NAG J . 35.06 46.15 0.67
C3 NAG J . 34.76 46.92 -0.59
C4 NAG J . 36.08 47.36 -1.17
C5 NAG J . 37.02 46.18 -1.38
C6 NAG J . 38.33 46.55 -2.06
C7 NAG J . 33.07 44.58 0.85
C8 NAG J . 32.90 44.07 -0.56
N2 NAG J . 33.95 45.48 1.31
O3 NAG J . 33.96 48.03 -0.20
O4 NAG J . 35.81 47.98 -2.43
O5 NAG J . 37.31 45.63 -0.10
O6 NAG J . 39.10 47.41 -1.20
O7 NAG J . 32.32 44.20 1.68
C1 NAG J . 35.96 49.41 -2.36
C2 NAG J . 35.92 50.02 -3.78
C3 NAG J . 36.01 51.53 -3.76
C4 NAG J . 34.98 52.08 -2.78
C5 NAG J . 35.18 51.43 -1.40
C6 NAG J . 34.20 51.96 -0.36
C7 NAG J . 38.22 49.39 -4.04
C8 NAG J . 39.21 48.64 -4.83
N2 NAG J . 36.98 49.39 -4.53
O3 NAG J . 35.78 52.01 -5.07
O4 NAG J . 35.11 53.50 -2.71
O5 NAG J . 34.99 50.02 -1.53
O6 NAG J . 32.87 51.53 -0.72
O7 NAG J . 38.54 49.97 -3.02
C1 NAG K . -30.81 -25.65 46.72
C2 NAG K . -31.04 -26.04 48.16
C3 NAG K . -31.45 -24.83 48.96
C4 NAG K . -30.41 -23.76 48.72
C5 NAG K . -30.22 -23.49 47.23
C6 NAG K . -29.18 -22.42 46.94
C7 NAG K . -33.22 -27.28 47.82
C8 NAG K . -34.22 -26.19 47.47
N2 NAG K . -31.93 -27.17 48.12
O3 NAG K . -31.45 -25.21 50.33
O4 NAG K . -30.85 -22.55 49.34
O5 NAG K . -29.79 -24.68 46.60
O6 NAG K . -27.89 -22.84 47.40
O7 NAG K . -33.62 -28.40 47.85
C1 NAG K . -30.12 -22.25 50.55
C2 NAG K . -30.42 -20.82 51.02
C3 NAG K . -29.73 -20.49 52.32
C4 NAG K . -30.02 -21.59 53.33
C5 NAG K . -29.61 -22.94 52.76
C6 NAG K . -29.84 -24.08 53.75
C7 NAG K . -28.83 -20.03 49.41
C8 NAG K . -28.57 -19.15 48.26
N2 NAG K . -30.05 -19.95 49.93
O3 NAG K . -30.20 -19.23 52.78
O4 NAG K . -29.32 -21.31 54.55
O5 NAG K . -30.39 -23.19 51.58
O6 NAG K . -31.25 -24.26 53.92
O7 NAG K . -27.95 -20.76 49.83
C1 NAG L . 5.27 22.60 40.13
C2 NAG L . 4.29 22.02 41.13
C3 NAG L . 3.27 23.04 41.53
C4 NAG L . 4.03 24.27 41.97
C5 NAG L . 5.03 24.75 40.91
C6 NAG L . 5.80 25.99 41.29
C7 NAG L . 3.04 20.49 39.54
C8 NAG L . 2.27 21.46 38.66
N2 NAG L . 3.84 20.77 40.58
O3 NAG L . 2.53 22.52 42.61
O4 NAG L . 3.08 25.33 42.19
O5 NAG L . 5.97 23.70 40.68
O6 NAG L . 6.60 25.72 42.44
O7 NAG L . 2.92 19.33 39.33
C1 NAG L . 2.88 25.59 43.59
C2 NAG L . 2.10 26.90 43.79
C3 NAG L . 1.80 27.17 45.25
C4 NAG L . 1.19 25.93 45.87
C5 NAG L . 2.11 24.73 45.67
C6 NAG L . 1.56 23.45 46.31
C7 NAG L . 4.14 28.10 43.47
C8 NAG L . 4.85 29.14 42.71
N2 NAG L . 2.86 27.93 43.15
O3 NAG L . 0.91 28.29 45.32
O4 NAG L . 0.95 26.17 47.26
O5 NAG L . 2.24 24.52 44.26
O6 NAG L . 0.39 23.04 45.60
O7 NAG L . 4.71 27.47 44.34
C1 NAG M . 54.60 4.09 -17.31
C2 NAG M . 55.84 3.44 -16.76
C3 NAG M . 55.78 3.36 -15.27
C4 NAG M . 55.48 4.76 -14.77
C5 NAG M . 54.24 5.36 -15.43
C6 NAG M . 53.91 6.76 -14.96
C7 NAG M . 55.33 1.08 -17.53
C8 NAG M . 54.20 0.64 -16.62
N2 NAG M . 56.01 2.24 -17.52
O3 NAG M . 57.06 2.96 -14.83
O4 NAG M . 55.25 4.70 -13.35
O5 NAG M . 54.42 5.42 -16.84
O6 NAG M . 54.95 7.66 -15.30
O7 NAG M . 55.74 0.32 -18.34
C1 NAG M . 56.36 5.22 -12.59
C2 NAG M . 55.97 5.39 -11.12
C3 NAG M . 57.12 5.88 -10.28
C4 NAG M . 58.33 4.98 -10.53
C5 NAG M . 58.66 4.96 -12.02
C6 NAG M . 59.89 4.12 -12.34
C7 NAG M . 54.92 7.46 -11.72
C8 NAG M . 53.69 8.26 -11.73
N2 NAG M . 54.83 6.28 -11.10
O3 NAG M . 56.74 5.83 -8.91
O4 NAG M . 59.44 5.43 -9.76
O5 NAG M . 57.53 4.41 -12.72
O6 NAG M . 59.57 2.73 -12.10
O7 NAG M . 55.93 7.89 -12.25
C1 NAG N . 29.58 -10.48 -38.74
C2 NAG N . 29.37 -8.97 -38.76
C3 NAG N . 28.31 -8.57 -39.79
C4 NAG N . 28.60 -9.21 -41.13
C5 NAG N . 28.85 -10.72 -40.99
C6 NAG N . 29.15 -11.38 -42.32
C7 NAG N . 29.86 -8.20 -36.51
C8 NAG N . 29.29 -7.73 -35.21
N2 NAG N . 28.97 -8.50 -37.45
O3 NAG N . 28.31 -7.14 -39.93
O4 NAG N . 27.47 -8.98 -41.98
O5 NAG N . 29.91 -10.94 -40.04
O6 NAG N . 27.97 -11.48 -43.12
O7 NAG N . 31.05 -8.30 -36.70
C1 NAG O . -70.40 -36.48 5.43
C2 NAG O . -71.17 -36.97 4.21
C3 NAG O . -72.07 -35.87 3.66
C4 NAG O . -72.93 -35.28 4.77
C5 NAG O . -72.11 -34.93 6.00
C6 NAG O . -73.01 -34.48 7.16
C7 NAG O . -69.77 -38.64 3.15
C8 NAG O . -68.81 -38.93 2.03
N2 NAG O . -70.25 -37.40 3.19
O3 NAG O . -72.90 -36.38 2.63
O4 NAG O . -73.59 -34.11 4.27
O5 NAG O . -71.32 -36.04 6.42
O6 NAG O . -73.53 -33.17 6.90
O7 NAG O . -70.07 -39.47 3.98
C1 NAG P . -59.11 -30.70 -4.69
C2 NAG P . -60.54 -30.38 -4.27
C3 NAG P . -61.52 -30.77 -5.36
C4 NAG P . -61.11 -30.17 -6.70
C5 NAG P . -59.64 -30.44 -7.00
C6 NAG P . -59.20 -29.74 -8.28
C7 NAG P . -60.55 -30.59 -1.86
C8 NAG P . -60.94 -31.44 -0.69
N2 NAG P . -60.86 -31.09 -3.05
O3 NAG P . -62.83 -30.31 -5.01
O4 NAG P . -61.94 -30.73 -7.73
O5 NAG P . -58.82 -30.01 -5.91
O6 NAG P . -59.74 -30.43 -9.42
O7 NAG P . -59.99 -29.52 -1.73
C1 NAG Q . -15.08 -51.69 16.31
C2 NAG Q . -15.44 -53.16 16.15
C3 NAG Q . -14.23 -54.02 16.53
C4 NAG Q . -13.06 -53.65 15.63
C5 NAG Q . -12.83 -52.14 15.67
C6 NAG Q . -11.80 -51.70 14.64
C7 NAG Q . -16.78 -53.83 18.14
C8 NAG Q . -18.16 -54.20 18.59
N2 NAG Q . -16.67 -53.55 16.84
O3 NAG Q . -14.54 -55.40 16.43
O4 NAG Q . -11.89 -54.32 16.07
O5 NAG Q . -14.03 -51.43 15.39
O6 NAG Q . -12.34 -51.86 13.33
O7 NAG Q . -15.85 -53.79 18.93
C1 NAG R . 10.39 -30.41 -41.10
C2 NAG R . 8.97 -29.84 -40.99
C3 NAG R . 7.98 -30.71 -41.72
C4 NAG R . 8.43 -30.92 -43.16
C5 NAG R . 9.90 -31.35 -43.23
C6 NAG R . 10.39 -31.42 -44.68
C7 NAG R . 8.89 -28.65 -38.87
C8 NAG R . 8.43 -28.68 -37.45
N2 NAG R . 8.59 -29.72 -39.59
O3 NAG R . 6.68 -30.11 -41.73
O4 NAG R . 7.61 -31.93 -43.77
O5 NAG R . 10.72 -30.43 -42.48
O6 NAG R . 9.86 -32.61 -45.30
O7 NAG R . 9.53 -27.72 -39.34
C1 NAG S . -46.57 -40.75 -5.66
C2 NAG S . -45.64 -41.87 -6.09
C3 NAG S . -46.45 -42.90 -6.90
C4 NAG S . -47.51 -42.20 -7.75
C5 NAG S . -47.10 -40.75 -8.03
C6 NAG S . -48.12 -40.13 -8.99
C7 NAG S . -43.90 -40.20 -6.93
C8 NAG S . -44.25 -38.99 -6.12
N2 NAG S . -44.50 -41.40 -6.87
O3 NAG S . -47.07 -43.84 -6.03
O4 NAG S . -47.67 -42.90 -8.96
O5 NAG S . -47.06 -40.02 -6.80
O6 NAG S . -47.87 -40.59 -10.32
O7 NAG S . -42.99 -40.09 -7.72
C1 NAG T . -54.27 -49.47 5.04
C2 NAG T . -54.74 -50.76 5.75
C3 NAG T . -53.63 -51.82 5.79
C4 NAG T . -53.22 -52.11 4.35
C5 NAG T . -52.88 -50.81 3.63
C6 NAG T . -52.60 -51.00 2.15
C7 NAG T . -56.03 -51.53 7.68
C8 NAG T . -56.46 -51.26 9.08
N2 NAG T . -55.25 -50.59 7.12
O3 NAG T . -54.03 -53.05 6.39
O4 NAG T . -52.06 -52.96 4.33
O5 NAG T . -53.97 -49.89 3.72
O6 NAG T . -53.75 -51.57 1.51
O7 NAG T . -56.37 -52.54 7.09
C1 NAG U . 22.54 -39.37 -6.67
C2 NAG U . 23.48 -40.33 -7.38
C3 NAG U . 23.21 -41.77 -6.97
C4 NAG U . 23.21 -41.90 -5.45
C5 NAG U . 22.33 -40.82 -4.79
C6 NAG U . 22.44 -40.88 -3.26
C7 NAG U . 24.00 -39.28 -9.50
C8 NAG U . 23.73 -39.24 -10.97
N2 NAG U . 23.33 -40.19 -8.81
O3 NAG U . 24.19 -42.64 -7.52
O4 NAG U . 22.73 -43.20 -5.10
O5 NAG U . 22.71 -39.52 -5.25
O6 NAG U . 21.70 -42.02 -2.78
O7 NAG U . 24.77 -38.49 -8.96
C1 NAG V . -17.36 -11.90 -34.60
C2 NAG V . -18.68 -11.34 -34.08
C3 NAG V . -19.79 -11.79 -35.04
C4 NAG V . -19.45 -11.30 -36.45
C5 NAG V . -18.00 -11.63 -36.85
C6 NAG V . -17.60 -10.90 -38.12
C7 NAG V . -18.34 -11.16 -31.70
C8 NAG V . -18.73 -11.64 -30.32
N2 NAG V . -18.97 -11.72 -32.72
O3 NAG V . -21.07 -11.28 -34.68
O4 NAG V . -20.36 -11.89 -37.40
O5 NAG V . -17.10 -11.23 -35.82
O6 NAG V . -18.42 -11.34 -39.21
O7 NAG V . -17.49 -10.30 -31.88
NA NA W . 11.12 32.68 -58.17
NA NA X . 23.52 31.09 -57.91
C1 NAG Y . 2.61 44.52 -19.00
C2 NAG Y . 3.85 44.02 -18.26
C3 NAG Y . 3.90 44.55 -16.84
C4 NAG Y . 3.86 46.07 -16.87
C5 NAG Y . 2.75 46.61 -17.78
C6 NAG Y . 2.87 48.14 -17.87
C7 NAG Y . 4.99 41.89 -18.37
C8 NAG Y . 4.87 40.40 -18.34
N2 NAG Y . 3.88 42.57 -18.24
O3 NAG Y . 5.10 44.12 -16.20
O4 NAG Y . 3.67 46.54 -15.53
O5 NAG Y . 2.76 45.96 -19.07
O6 NAG Y . 2.18 48.74 -16.76
O7 NAG Y . 6.05 42.46 -18.50
C1 NAG Z . -16.06 29.83 21.43
C2 NAG Z . -15.64 30.66 22.66
C3 NAG Z . -15.04 29.70 23.68
C4 NAG Z . -16.04 28.60 24.03
C5 NAG Z . -16.60 27.96 22.77
C6 NAG Z . -17.70 26.93 23.08
C7 NAG Z . -14.84 32.84 21.86
C8 NAG Z . -13.64 33.61 21.43
N2 NAG Z . -14.59 31.59 22.24
O3 NAG Z . -14.63 30.39 24.88
O4 NAG Z . -15.39 27.62 24.86
O5 NAG Z . -17.12 28.96 21.93
O6 NAG Z . -17.13 25.77 23.70
O7 NAG Z . -15.94 33.31 21.86
C1 NAG AA . -50.12 -8.36 43.45
C2 NAG AA . -51.56 -8.06 43.91
C3 NAG AA . -52.18 -9.17 44.76
C4 NAG AA . -51.89 -10.55 44.21
C5 NAG AA . -50.42 -10.73 43.87
C6 NAG AA . -50.15 -12.07 43.20
C7 NAG AA . -51.50 -5.66 44.09
C8 NAG AA . -51.58 -4.46 44.99
N2 NAG AA . -51.62 -6.84 44.68
O3 NAG AA . -53.60 -8.99 44.85
O4 NAG AA . -52.27 -11.53 45.18
O5 NAG AA . -50.00 -9.70 42.97
O6 NAG AA . -48.74 -12.26 43.08
O7 NAG AA . -51.32 -5.55 42.88
C1 NAG BA . -67.50 -14.30 29.47
C2 NAG BA . -68.27 -13.95 28.21
C3 NAG BA . -69.70 -14.47 28.27
C4 NAG BA . -69.79 -15.92 28.71
C5 NAG BA . -68.88 -16.24 29.91
C6 NAG BA . -68.77 -17.76 30.16
C7 NAG BA . -68.51 -11.90 26.91
C8 NAG BA . -68.53 -10.41 26.99
N2 NAG BA . -68.32 -12.51 28.08
O3 NAG BA . -70.30 -14.36 26.97
O4 NAG BA . -71.16 -16.17 29.04
O5 NAG BA . -67.56 -15.72 29.70
O6 NAG BA . -69.93 -18.29 30.80
O7 NAG BA . -68.67 -12.49 25.85
C1 NAG CA . 11.32 51.92 -35.69
C2 NAG CA . 12.35 51.70 -36.79
C3 NAG CA . 13.66 51.21 -36.18
C4 NAG CA . 14.18 52.23 -35.16
C5 NAG CA . 13.09 52.67 -34.19
C6 NAG CA . 13.57 53.86 -33.34
C7 NAG CA . 12.22 50.91 -39.06
C8 NAG CA . 11.71 49.89 -40.02
N2 NAG CA . 11.88 50.76 -37.77
O3 NAG CA . 14.66 50.98 -37.17
O4 NAG CA . 15.26 51.64 -34.44
O5 NAG CA . 11.86 52.99 -34.88
O6 NAG CA . 14.38 53.39 -32.27
O7 NAG CA . 12.90 51.86 -39.43
C1 NAG DA . -29.02 16.73 -32.61
C2 NAG DA . -30.26 17.11 -31.83
C3 NAG DA . -31.54 16.73 -32.57
C4 NAG DA . -31.54 17.24 -34.01
C5 NAG DA . -30.24 16.84 -34.73
C6 NAG DA . -30.16 17.41 -36.16
C7 NAG DA . -30.18 17.17 -29.44
C8 NAG DA . -30.14 16.42 -28.15
N2 NAG DA . -30.22 16.45 -30.54
O3 NAG DA . -32.61 17.32 -31.81
O4 NAG DA . -32.70 16.70 -34.66
O5 NAG DA . -29.08 17.25 -33.96
O6 NAG DA . -29.88 18.82 -36.11
O7 NAG DA . -30.17 18.39 -29.52
C1 NAG EA . -36.97 26.34 22.82
C2 NAG EA . -36.27 26.33 24.20
C3 NAG EA . -35.82 27.74 24.60
C4 NAG EA . -35.12 28.47 23.44
C5 NAG EA . -35.89 28.34 22.13
C6 NAG EA . -35.14 28.94 20.93
C7 NAG EA . -36.98 24.69 25.99
C8 NAG EA . -38.16 24.33 26.86
N2 NAG EA . -37.20 25.75 25.16
O3 NAG EA . -34.95 27.67 25.74
O4 NAG EA . -34.95 29.85 23.80
O5 NAG EA . -36.14 26.95 21.84
O6 NAG EA . -36.07 29.31 19.90
O7 NAG EA . -35.94 24.06 26.12
C1 NAG FA . -53.94 -14.88 -9.37
C2 NAG FA . -55.15 -15.55 -10.00
C3 NAG FA . -55.14 -15.28 -11.50
C4 NAG FA . -54.96 -13.81 -11.79
C5 NAG FA . -53.70 -13.29 -11.09
C6 NAG FA . -53.41 -11.81 -11.34
C7 NAG FA . -55.33 -17.64 -8.61
C8 NAG FA . -56.09 -17.05 -7.44
N2 NAG FA . -54.99 -16.95 -9.73
O3 NAG FA . -56.35 -15.76 -12.07
O4 NAG FA . -54.85 -13.62 -13.20
O5 NAG FA . -53.87 -13.49 -9.68
O6 NAG FA . -54.57 -11.16 -11.86
O7 NAG FA . -55.06 -18.81 -8.58
C1 NAG GA . -56.42 -1.93 29.54
C2 NAG GA . -56.77 -0.68 28.69
C3 NAG GA . -56.37 0.55 29.52
C4 NAG GA . -57.26 0.58 30.75
C5 NAG GA . -57.19 -0.72 31.53
C6 NAG GA . -58.29 -0.85 32.57
C7 NAG GA . -54.96 -0.49 26.99
C8 NAG GA . -54.70 -0.61 25.52
N2 NAG GA . -56.23 -0.73 27.33
O3 NAG GA . -56.52 1.73 28.75
O4 NAG GA . -56.85 1.63 31.62
O5 NAG GA . -57.30 -1.87 30.64
O6 NAG GA . -59.56 -0.91 31.91
O7 NAG GA . -54.08 -0.19 27.76
C1 NAG HA . -39.84 -60.18 33.26
C2 NAG HA . -40.93 -60.88 32.45
C3 NAG HA . -40.39 -62.22 31.98
C4 NAG HA . -39.11 -62.03 31.20
C5 NAG HA . -38.09 -61.18 31.97
C6 NAG HA . -36.85 -60.86 31.12
C7 NAG HA . -43.38 -60.93 32.87
C8 NAG HA . -43.75 -60.55 31.47
N2 NAG HA . -42.09 -61.05 33.27
O3 NAG HA . -41.38 -62.85 31.15
O4 NAG HA . -38.55 -63.32 30.90
O5 NAG HA . -38.70 -59.97 32.43
O6 NAG HA . -35.93 -61.95 31.13
O7 NAG HA . -44.25 -61.12 33.70
C1 NAG IA . -38.02 -43.51 46.55
C2 NAG IA . -37.35 -43.86 47.88
C3 NAG IA . -38.45 -44.14 48.90
C4 NAG IA . -39.41 -42.95 49.00
C5 NAG IA . -39.92 -42.50 47.62
C6 NAG IA . -40.74 -41.22 47.71
C7 NAG IA . -35.38 -45.33 48.26
C8 NAG IA . -34.69 -44.35 49.19
N2 NAG IA . -36.56 -45.04 47.70
O3 NAG IA . -37.86 -44.41 50.17
O4 NAG IA . -40.51 -43.34 49.83
O5 NAG IA . -38.82 -42.33 46.74
O6 NAG IA . -42.09 -41.51 48.12
O7 NAG IA . -34.86 -46.39 47.99
C1 NAG JA . -22.05 -41.56 41.24
C2 NAG JA . -21.02 -40.54 41.92
C3 NAG JA . -19.55 -40.89 41.72
C4 NAG JA . -19.21 -42.33 42.00
C5 NAG JA . -20.13 -43.36 41.34
C6 NAG JA . -20.34 -44.55 42.29
C7 NAG JA . -22.20 -38.28 41.63
C8 NAG JA . -22.16 -37.05 40.78
N2 NAG JA . -21.25 -39.20 41.31
O3 NAG JA . -18.78 -40.10 42.61
O4 NAG JA . -17.87 -42.55 41.54
O5 NAG JA . -21.43 -42.85 40.90
O6 NAG JA . -21.24 -45.52 41.72
O7 NAG JA . -22.92 -38.40 42.58
C1 NAG KA . -26.11 -53.59 31.07
C2 NAG KA . -26.47 -54.65 30.03
C3 NAG KA . -26.38 -56.02 30.66
C4 NAG KA . -25.00 -56.22 31.27
C5 NAG KA . -24.61 -55.08 32.21
C6 NAG KA . -23.17 -55.21 32.71
C7 NAG KA . -28.22 -54.53 28.26
C8 NAG KA . -27.31 -54.96 27.13
N2 NAG KA . -27.80 -54.41 29.53
O3 NAG KA . -26.62 -57.02 29.65
O4 NAG KA . -25.00 -57.46 31.99
O5 NAG KA . -24.77 -53.82 31.52
O6 NAG KA . -23.12 -56.11 33.83
O7 NAG KA . -29.38 -54.29 28.01
C1 NAG LA . -33.31 -3.21 45.70
C2 NAG LA . -33.90 -3.31 47.11
C3 NAG LA . -33.65 -2.08 47.97
C4 NAG LA . -32.24 -1.61 47.86
C5 NAG LA . -31.85 -1.44 46.38
C6 NAG LA . -30.43 -0.91 46.18
C7 NAG LA . -36.16 -2.58 46.72
C8 NAG LA . -37.60 -2.97 46.74
N2 NAG LA . -35.33 -3.55 47.07
O3 NAG LA . -34.00 -2.40 49.32
O4 NAG LA . -32.11 -0.35 48.53
O5 NAG LA . -31.97 -2.73 45.75
O6 NAG LA . -30.39 0.52 46.24
O7 NAG LA . -35.81 -1.47 46.35
C1 NAG MA . 21.43 -28.07 19.56
C2 NAG MA . 22.80 -28.65 19.89
C3 NAG MA . 22.84 -30.08 19.34
C4 NAG MA . 21.70 -30.90 19.91
C5 NAG MA . 20.34 -30.20 19.72
C6 NAG MA . 19.20 -30.94 20.43
C7 NAG MA . 25.04 -27.57 19.71
C8 NAG MA . 25.54 -28.04 21.05
N2 NAG MA . 23.81 -27.85 19.25
O3 NAG MA . 24.10 -30.69 19.67
O4 NAG MA . 21.67 -32.17 19.27
O5 NAG MA . 20.42 -28.84 20.22
O6 NAG MA . 18.73 -32.02 19.61
O7 NAG MA . 25.75 -26.88 19.01
C10 XIO NA . 11.77 31.95 -53.98
C12 XIO NA . 11.74 34.49 -53.61
C13 XIO NA . 10.77 35.40 -54.04
C16 XIO NA . 8.85 38.05 -53.42
C18 XIO NA . 6.98 39.41 -54.07
C22 XIO NA . 6.34 38.29 -54.58
C23 XIO NA . 6.96 37.05 -54.51
C25 XIO NA . 12.75 36.26 -54.45
C26 XIO NA . 12.99 35.04 -53.87
C28 XIO NA . 15.36 35.54 -53.76
C29 XIO NA . 15.13 36.78 -54.35
C17 XIO NA . 8.23 39.30 -53.48
N19 XIO NA . 6.33 40.72 -54.16
O21 XIO NA . 6.82 41.65 -53.63
O20 XIO NA . 5.14 40.87 -54.87
C15 XIO NA . 8.22 36.93 -53.93
S14 XIO NA . 8.98 35.28 -53.74
N24 XIO NA . 11.40 36.45 -54.53
C30 XIO NA . 13.83 37.15 -54.70
C27 XIO NA . 14.30 34.67 -53.52
C11 XIO NA . 11.47 33.10 -53.00
C31 XIO NA . 12.55 32.50 -55.16
O34 XIO NA . 13.62 32.94 -55.00
O32 XIO NA . 11.95 32.56 -56.42
N09 XIO NA . 12.56 30.91 -53.31
C08 XIO NA . 13.80 30.40 -53.95
O35 XIO NA . 14.23 30.93 -54.93
C07 XIO NA . 14.51 29.12 -53.37
C06 XIO NA . 16.05 29.13 -53.65
C05 XIO NA . 16.77 27.85 -53.07
C41 XIO NA . 15.92 26.59 -53.39
C42 XIO NA . 16.51 25.29 -52.75
C43 XIO NA . 16.35 24.05 -53.68
O70 XIO NA . 15.82 24.17 -54.74
N44 XIO NA . 16.78 22.72 -53.21
C45 XIO NA . 17.23 21.71 -54.17
C66 XIO NA . 16.39 20.46 -54.01
O69 XIO NA . 16.25 19.98 -52.95
O67 XIO NA . 15.84 19.84 -55.14
C46 XIO NA . 18.70 21.37 -53.91
C47 XIO NA . 19.40 20.83 -55.16
C61 XIO NA . 19.48 21.48 -56.42
C62 XIO NA . 18.94 22.67 -56.94
C63 XIO NA . 19.28 23.08 -58.23
C64 XIO NA . 20.17 22.32 -59.00
C65 XIO NA . 20.71 21.15 -58.48
C60 XIO NA . 20.36 20.73 -57.17
N59 XIO NA . 20.79 19.67 -56.42
C48 XIO NA . 20.23 19.71 -55.22
S49 XIO NA . 20.56 18.55 -53.84
C50 XIO NA . 22.24 17.83 -54.05
C51 XIO NA . 23.36 18.64 -53.93
C52 XIO NA . 24.62 18.09 -54.12
C53 XIO NA . 24.76 16.74 -54.43
N54 XIO NA . 26.08 16.19 -54.70
O56 XIO NA . 26.61 16.42 -55.73
O55 XIO NA . 26.73 15.40 -53.73
C57 XIO NA . 23.64 15.94 -54.54
C58 XIO NA . 22.37 16.48 -54.35
N36 XIO NA . 16.90 27.97 -51.64
C37 XIO NA . 16.30 29.10 -50.94
O40 XIO NA . 15.73 29.93 -51.56
C38 XIO NA . 16.46 29.24 -49.44
N39 XIO NA . 15.26 29.80 -48.85
C04 XIO NA . 18.18 27.71 -53.71
C03 XIO NA . 19.18 28.74 -53.17
C02 XIO NA . 20.66 28.23 -53.26
O01 XIO NA . 21.13 27.62 -52.37
N71 XIO NA . 21.45 28.51 -54.48
C72 XIO NA . 22.90 28.69 -54.38
C93 XIO NA . 23.53 28.52 -55.74
O96 XIO NA . 24.02 27.49 -56.04
O94 XIO NA . 23.52 29.58 -56.65
C73 XIO NA . 23.49 27.65 -53.41
C74 XIO NA . 24.98 27.91 -53.09
C88 XIO NA . 26.06 27.04 -53.38
C89 XIO NA . 26.12 25.68 -53.75
C90 XIO NA . 27.32 25.00 -53.67
C91 XIO NA . 28.48 25.64 -53.22
C92 XIO NA . 28.43 26.98 -52.86
C87 XIO NA . 27.19 27.69 -52.94
N86 XIO NA . 26.82 28.90 -52.42
C75 XIO NA . 25.50 29.05 -52.50
S76 XIO NA . 24.54 30.39 -51.73
C77 XIO NA . 24.96 30.50 -49.97
C78 XIO NA . 24.32 29.68 -49.05
C79 XIO NA . 24.70 29.72 -47.70
C80 XIO NA . 25.71 30.58 -47.28
N81 XIO NA . 26.13 30.59 -45.89
O83 XIO NA . 25.58 29.90 -45.11
O82 XIO NA . 27.21 31.38 -45.49
C84 XIO NA . 26.34 31.40 -48.22
C85 XIO NA . 25.97 31.36 -49.55
NA NA OA . 15.09 19.03 -56.69
#